data_7D4Q
#
_entry.id   7D4Q
#
loop_
_entity.id
_entity.type
_entity.pdbx_description
1 polymer 'Short transient receptor potential channel 5'
2 non-polymer PHOSPHATIDYLETHANOLAMINE
3 non-polymer '(2S)-3-(hexadecanoyloxy)-2-[(9Z)-octadec-9-enoyloxy]propyl 2-(trimethylammonio)ethyl phosphate'
4 non-polymer 'CHOLESTEROL HEMISUCCINATE'
5 non-polymer 'ZINC ION'
6 non-polymer 'CALCIUM ION'
7 non-polymer 8-(3-chloranylphenoxy)-7-[(4-chlorophenyl)methyl]-3-methyl-1-(3-oxidanylpropyl)purine-2,6-dione
#
_entity_poly.entity_id   1
_entity_poly.type   'polypeptide(L)'
_entity_poly.pdbx_seq_one_letter_code
;MAQLYYKKVNYSPYRDRIPLQIVRAETELSAEEKAFLNAVEKGDYATVKQALQEAEIYYNVNINCMDPLGRSALLIAIEN
ENLEIMELLLNHSVYVGDALLYAIRKEVVGAVELLLSYRRPSGEKQVPTLMMDTQFSEFTPDITPIMLAAHTNNYEIIKL
LVQKRVTIPRPHQIRCNCVECVSSSEVDSLRHSRSRLNIYKALASPSLIALSSEDPILTAFRLGWELKELSKVENEFKAE
YEELSQQCKLFAKDLLDQARSSRELEIILNHRDDHSEELDPQKYHDLAKLKVAIKYHQKEFVAQPNCQQLLATLWYDGFP
GWRRKHWVVKLLTCMTIGFLFPMLSIAYLISPRSNLGLFIKKPFIKFICHTASYLTFLFMLLLASQHIVRTDLHVQGPPP
TVVEWMILPWVLGFIWGEIKEMWDGGFTEYIHDWWNLMDFAMNSLYLATISLKIVAYVKYNGSRPREEWEMWHPTLIAEA
LFAISNILSSLRLISLFTANSHLGPLQISLGRMLLDILKFLFIYCLVLLAFANGLNQLYFYYETRAIDEPNNCKGIRCEK
QNNAFSTLFETLQSLFWSVFGLLNLYVTNVKARHEFTEFVGATMFGTYNVISLVVLLNMLIAMMNNSYQLIADHADIEWK
FARTKLWMSYFDEGGTLPPPFNIIPSPKSFLYLGNWFNNTFCPKRDPDGRRRRRNLRSFTERNADSLIQNQHYQEVIRNL
VKRYVAAMIRNSKTHEGLTEENFKELKQDISSFRYEVLDLLGNR
;
_entity_poly.pdbx_strand_id   A,B,C,D
#
# COMPACT_ATOMS: atom_id res chain seq x y z
N ARG A 17 44.61 8.01 15.71
CA ARG A 17 44.49 6.55 15.73
C ARG A 17 43.70 6.09 16.92
N ILE A 18 42.96 5.01 16.74
CA ILE A 18 42.16 4.41 17.79
C ILE A 18 42.73 3.03 18.06
N PRO A 19 43.26 2.79 19.26
CA PRO A 19 43.81 1.46 19.52
C PRO A 19 42.70 0.48 19.71
N LEU A 20 42.80 -0.71 19.15
CA LEU A 20 41.74 -1.67 19.32
C LEU A 20 42.27 -2.87 20.05
N GLN A 21 41.67 -3.22 21.18
CA GLN A 21 42.15 -4.40 21.87
C GLN A 21 40.96 -5.17 22.41
N ILE A 22 41.22 -6.15 23.28
CA ILE A 22 40.15 -6.94 23.87
C ILE A 22 39.83 -6.46 25.28
N VAL A 23 38.78 -5.64 25.40
CA VAL A 23 38.38 -5.09 26.69
C VAL A 23 38.03 -6.18 27.71
N ARG A 24 37.16 -7.11 27.31
CA ARG A 24 36.75 -8.18 28.18
C ARG A 24 37.54 -9.35 27.68
N ALA A 25 38.60 -9.71 28.38
CA ALA A 25 39.44 -10.80 27.91
C ALA A 25 38.94 -12.14 28.38
N GLU A 26 39.42 -13.19 27.73
CA GLU A 26 39.07 -14.55 28.14
C GLU A 26 40.31 -15.42 28.18
N THR A 27 40.10 -16.71 28.36
CA THR A 27 41.19 -17.66 28.41
C THR A 27 41.36 -18.30 27.05
N GLU A 28 42.50 -18.04 26.42
CA GLU A 28 42.77 -18.60 25.10
C GLU A 28 43.06 -20.09 25.09
N LEU A 29 42.70 -20.73 23.98
CA LEU A 29 42.96 -22.14 23.81
C LEU A 29 44.44 -22.36 23.56
N SER A 30 44.93 -23.57 23.86
CA SER A 30 46.32 -23.92 23.63
C SER A 30 46.50 -24.37 22.18
N ALA A 31 47.72 -24.62 21.74
CA ALA A 31 47.88 -25.01 20.35
C ALA A 31 47.20 -26.34 20.08
N GLU A 32 47.34 -27.31 20.99
CA GLU A 32 46.65 -28.59 20.85
C GLU A 32 45.13 -28.46 20.97
N GLU A 33 44.69 -27.67 21.95
CA GLU A 33 43.27 -27.50 22.18
C GLU A 33 42.62 -26.91 20.96
N LYS A 34 43.38 -26.22 20.15
CA LYS A 34 42.84 -25.67 18.91
C LYS A 34 42.85 -26.70 17.80
N ALA A 35 43.93 -27.49 17.70
CA ALA A 35 43.99 -28.54 16.69
C ALA A 35 42.91 -29.60 16.94
N PHE A 36 42.68 -29.96 18.20
CA PHE A 36 41.64 -30.92 18.54
C PHE A 36 40.26 -30.39 18.17
N LEU A 37 39.98 -29.12 18.47
CA LEU A 37 38.70 -28.53 18.11
C LEU A 37 38.53 -28.44 16.60
N ASN A 38 39.60 -28.12 15.88
CA ASN A 38 39.55 -28.09 14.42
C ASN A 38 39.26 -29.49 13.86
N ALA A 39 39.88 -30.51 14.45
CA ALA A 39 39.62 -31.88 14.02
C ALA A 39 38.16 -32.26 14.26
N VAL A 40 37.61 -31.85 15.41
CA VAL A 40 36.20 -32.11 15.70
C VAL A 40 35.32 -31.39 14.68
N GLU A 41 35.64 -30.14 14.36
CA GLU A 41 34.85 -29.38 13.39
C GLU A 41 34.89 -30.03 12.01
N LYS A 42 36.06 -30.47 11.58
CA LYS A 42 36.19 -31.11 10.26
C LYS A 42 35.60 -32.51 10.23
N GLY A 43 35.31 -33.11 11.39
CA GLY A 43 34.71 -34.41 11.42
C GLY A 43 35.66 -35.58 11.28
N ASP A 44 36.96 -35.35 11.39
CA ASP A 44 37.94 -36.42 11.27
C ASP A 44 37.87 -37.29 12.52
N TYR A 45 37.21 -38.44 12.39
CA TYR A 45 36.98 -39.31 13.54
C TYR A 45 38.29 -39.86 14.10
N ALA A 46 39.24 -40.21 13.21
CA ALA A 46 40.47 -40.85 13.65
C ALA A 46 41.30 -39.93 14.54
N THR A 47 41.48 -38.68 14.11
CA THR A 47 42.30 -37.75 14.88
C THR A 47 41.63 -37.40 16.21
N VAL A 48 40.31 -37.24 16.20
CA VAL A 48 39.59 -36.95 17.44
C VAL A 48 39.74 -38.12 18.42
N LYS A 49 39.60 -39.35 17.92
CA LYS A 49 39.76 -40.52 18.77
C LYS A 49 41.18 -40.60 19.33
N GLN A 50 42.18 -40.32 18.48
CA GLN A 50 43.57 -40.33 18.95
C GLN A 50 43.80 -39.28 20.02
N ALA A 51 43.25 -38.08 19.84
CA ALA A 51 43.40 -37.03 20.84
C ALA A 51 42.73 -37.42 22.14
N LEU A 52 41.52 -38.01 22.07
CA LEU A 52 40.83 -38.44 23.28
C LEU A 52 41.62 -39.51 24.01
N GLN A 53 42.19 -40.47 23.28
CA GLN A 53 42.98 -41.52 23.91
C GLN A 53 44.28 -40.97 24.49
N GLU A 54 44.87 -39.97 23.85
CA GLU A 54 46.12 -39.39 24.36
C GLU A 54 45.88 -38.51 25.57
N ALA A 55 44.70 -37.89 25.66
CA ALA A 55 44.40 -37.03 26.80
C ALA A 55 44.28 -37.83 28.10
N GLU A 56 43.84 -39.09 28.02
CA GLU A 56 43.74 -39.91 29.21
C GLU A 56 45.11 -40.24 29.79
N ILE A 57 46.11 -40.36 28.94
CA ILE A 57 47.46 -40.76 29.38
C ILE A 57 48.31 -39.55 29.73
N TYR A 58 48.33 -38.54 28.87
CA TYR A 58 49.23 -37.40 29.05
C TYR A 58 48.57 -36.19 29.70
N TYR A 59 47.24 -36.09 29.66
CA TYR A 59 46.50 -34.97 30.25
C TYR A 59 46.98 -33.63 29.68
N ASN A 60 47.24 -33.60 28.38
CA ASN A 60 47.74 -32.41 27.72
C ASN A 60 46.63 -31.58 27.07
N VAL A 61 45.48 -32.16 26.78
CA VAL A 61 44.38 -31.48 26.13
C VAL A 61 43.15 -31.54 27.05
N ASN A 62 42.54 -30.38 27.28
CA ASN A 62 41.30 -30.31 28.05
C ASN A 62 40.14 -30.59 27.12
N ILE A 63 39.48 -31.74 27.31
CA ILE A 63 38.40 -32.15 26.42
C ILE A 63 37.18 -31.26 26.54
N ASN A 64 37.08 -30.46 27.61
CA ASN A 64 35.94 -29.60 27.83
C ASN A 64 36.23 -28.14 27.46
N CYS A 65 37.33 -27.88 26.76
CA CYS A 65 37.69 -26.52 26.40
C CYS A 65 36.68 -25.92 25.43
N MET A 66 36.44 -24.62 25.57
CA MET A 66 35.54 -23.92 24.68
C MET A 66 36.28 -23.46 23.43
N ASP A 67 35.58 -22.70 22.59
CA ASP A 67 36.18 -22.10 21.40
C ASP A 67 35.98 -20.58 21.51
N PRO A 68 36.49 -19.77 20.59
CA PRO A 68 36.21 -18.33 20.65
C PRO A 68 34.72 -18.00 20.61
N LEU A 69 33.88 -18.92 20.14
CA LEU A 69 32.43 -18.72 20.14
C LEU A 69 31.75 -19.34 21.36
N GLY A 70 32.50 -19.96 22.26
CA GLY A 70 31.93 -20.55 23.46
C GLY A 70 31.52 -22.00 23.34
N ARG A 71 31.53 -22.57 22.13
CA ARG A 71 31.13 -23.95 21.94
C ARG A 71 32.25 -24.91 22.34
N SER A 72 31.87 -26.00 23.01
CA SER A 72 32.81 -27.04 23.37
C SER A 72 32.86 -28.07 22.24
N ALA A 73 33.59 -29.16 22.45
CA ALA A 73 33.66 -30.22 21.43
C ALA A 73 32.30 -30.87 21.23
N LEU A 74 31.58 -31.13 22.33
CA LEU A 74 30.27 -31.76 22.21
C LEU A 74 29.28 -30.85 21.48
N LEU A 75 29.31 -29.55 21.77
CA LEU A 75 28.43 -28.62 21.08
C LEU A 75 28.75 -28.54 19.59
N ILE A 76 30.05 -28.58 19.25
CA ILE A 76 30.44 -28.60 17.83
C ILE A 76 29.92 -29.86 17.16
N ALA A 77 30.07 -31.02 17.82
CA ALA A 77 29.60 -32.27 17.24
C ALA A 77 28.08 -32.25 17.06
N ILE A 78 27.35 -31.72 18.04
CA ILE A 78 25.90 -31.63 17.93
C ILE A 78 25.51 -30.71 16.77
N GLU A 79 26.19 -29.57 16.65
CA GLU A 79 25.82 -28.61 15.63
C GLU A 79 26.08 -29.14 14.22
N ASN A 80 27.02 -30.05 14.07
CA ASN A 80 27.34 -30.63 12.76
C ASN A 80 26.58 -31.91 12.47
N GLU A 81 25.68 -32.33 13.37
CA GLU A 81 24.91 -33.57 13.22
C GLU A 81 25.84 -34.77 13.01
N ASN A 82 26.96 -34.77 13.71
CA ASN A 82 27.94 -35.86 13.62
C ASN A 82 27.67 -36.79 14.80
N LEU A 83 26.84 -37.81 14.56
CA LEU A 83 26.47 -38.73 15.62
C LEU A 83 27.64 -39.60 16.07
N GLU A 84 28.54 -39.95 15.15
CA GLU A 84 29.67 -40.80 15.51
C GLU A 84 30.61 -40.08 16.46
N ILE A 85 31.02 -38.86 16.12
CA ILE A 85 31.91 -38.10 16.98
C ILE A 85 31.22 -37.74 18.29
N MET A 86 29.92 -37.49 18.23
CA MET A 86 29.17 -37.17 19.44
C MET A 86 29.22 -38.33 20.38
N GLU A 87 28.89 -39.50 19.86
CA GLU A 87 28.88 -40.69 20.69
C GLU A 87 30.29 -41.01 21.21
N LEU A 88 31.31 -40.77 20.39
CA LEU A 88 32.68 -40.96 20.85
C LEU A 88 33.00 -40.05 22.03
N LEU A 89 32.57 -38.78 21.95
CA LEU A 89 32.79 -37.86 23.06
C LEU A 89 32.01 -38.28 24.29
N LEU A 90 30.78 -38.76 24.11
CA LEU A 90 29.99 -39.22 25.24
C LEU A 90 30.63 -40.42 25.92
N ASN A 91 31.19 -41.35 25.14
CA ASN A 91 31.86 -42.51 25.72
C ASN A 91 33.10 -42.14 26.50
N HIS A 92 33.67 -40.96 26.25
CA HIS A 92 34.84 -40.48 26.98
C HIS A 92 34.47 -39.58 28.14
N SER A 93 33.18 -39.47 28.46
CA SER A 93 32.69 -38.74 29.63
C SER A 93 33.11 -37.27 29.60
N VAL A 94 32.62 -36.57 28.58
CA VAL A 94 32.81 -35.13 28.49
C VAL A 94 31.67 -34.44 29.23
N TYR A 95 31.87 -33.17 29.56
CA TYR A 95 30.82 -32.39 30.20
C TYR A 95 29.61 -32.30 29.28
N VAL A 96 28.43 -32.59 29.82
CA VAL A 96 27.21 -32.70 29.03
C VAL A 96 26.15 -31.71 29.46
N GLY A 97 26.45 -30.83 30.41
CA GLY A 97 25.48 -29.86 30.89
C GLY A 97 24.89 -28.98 29.81
N ASP A 98 23.55 -28.93 29.75
CA ASP A 98 22.78 -28.15 28.79
C ASP A 98 23.00 -28.57 27.34
N ALA A 99 23.71 -29.68 27.10
CA ALA A 99 23.85 -30.17 25.73
C ALA A 99 22.51 -30.66 25.18
N LEU A 100 21.65 -31.20 26.05
CA LEU A 100 20.33 -31.65 25.61
C LEU A 100 19.52 -30.49 25.03
N LEU A 101 19.63 -29.31 25.65
CA LEU A 101 18.90 -28.15 25.14
C LEU A 101 19.37 -27.76 23.74
N TYR A 102 20.69 -27.79 23.51
CA TYR A 102 21.21 -27.50 22.17
C TYR A 102 20.76 -28.56 21.17
N ALA A 103 20.76 -29.84 21.58
CA ALA A 103 20.30 -30.89 20.68
C ALA A 103 18.82 -30.71 20.33
N ILE A 104 18.00 -30.35 21.31
CA ILE A 104 16.58 -30.15 21.07
C ILE A 104 16.35 -28.94 20.17
N ARG A 105 17.06 -27.84 20.41
CA ARG A 105 16.90 -26.65 19.58
C ARG A 105 17.34 -26.92 18.15
N LYS A 106 18.41 -27.69 17.98
CA LYS A 106 18.89 -28.05 16.65
C LYS A 106 17.87 -28.90 15.89
N GLU A 107 16.89 -29.48 16.59
CA GLU A 107 15.84 -30.31 15.98
C GLU A 107 16.45 -31.51 15.24
N VAL A 108 17.42 -32.13 15.90
CA VAL A 108 18.08 -33.32 15.38
C VAL A 108 17.66 -34.51 16.24
N VAL A 109 17.04 -35.51 15.62
CA VAL A 109 16.56 -36.69 16.34
C VAL A 109 17.66 -37.51 17.01
N GLY A 110 18.79 -37.65 16.34
CA GLY A 110 19.90 -38.44 16.85
C GLY A 110 20.53 -37.93 18.14
N ALA A 111 20.67 -36.62 18.26
CA ALA A 111 21.28 -36.01 19.43
C ALA A 111 20.50 -36.25 20.74
N VAL A 112 19.18 -36.17 20.65
CA VAL A 112 18.33 -36.37 21.83
C VAL A 112 18.38 -37.79 22.40
N GLU A 113 18.06 -38.74 21.54
CA GLU A 113 18.08 -40.14 21.87
C GLU A 113 19.45 -40.52 22.38
N LEU A 114 20.48 -40.02 21.72
CA LEU A 114 21.81 -40.31 22.18
C LEU A 114 22.00 -39.72 23.55
N LEU A 115 21.64 -38.46 23.71
CA LEU A 115 21.81 -37.77 24.98
C LEU A 115 20.85 -38.25 26.04
N LEU A 116 19.66 -38.64 25.64
CA LEU A 116 18.65 -39.15 26.55
C LEU A 116 19.09 -40.44 27.20
N SER A 117 19.77 -41.28 26.44
CA SER A 117 20.29 -42.54 26.95
C SER A 117 21.64 -42.40 27.64
N TYR A 118 22.22 -41.19 27.61
CA TYR A 118 23.50 -40.90 28.25
C TYR A 118 24.63 -41.82 27.83
N THR A 134 28.62 -21.52 37.29
CA THR A 134 27.55 -21.22 36.33
C THR A 134 28.13 -20.76 35.00
N GLN A 135 28.29 -21.71 34.07
CA GLN A 135 28.84 -21.39 32.77
C GLN A 135 27.81 -20.62 31.93
N PHE A 136 28.31 -20.02 30.86
CA PHE A 136 27.44 -19.31 29.93
C PHE A 136 26.56 -20.29 29.16
N SER A 137 25.29 -19.91 29.01
CA SER A 137 24.32 -20.73 28.28
C SER A 137 23.45 -19.82 27.42
N GLU A 138 23.01 -20.36 26.29
CA GLU A 138 22.10 -19.64 25.40
C GLU A 138 20.65 -19.77 25.83
N PHE A 139 20.37 -20.54 26.88
CA PHE A 139 19.02 -20.79 27.36
C PHE A 139 18.88 -20.27 28.78
N THR A 140 17.74 -19.64 29.07
CA THR A 140 17.48 -19.13 30.39
C THR A 140 17.33 -20.28 31.39
N PRO A 141 17.59 -20.02 32.68
CA PRO A 141 17.54 -21.12 33.67
C PRO A 141 16.18 -21.78 33.79
N ASP A 142 15.09 -21.10 33.43
CA ASP A 142 13.76 -21.69 33.57
C ASP A 142 13.42 -22.62 32.41
N ILE A 143 14.24 -22.70 31.38
CA ILE A 143 13.97 -23.59 30.25
C ILE A 143 14.26 -25.02 30.66
N THR A 144 13.31 -25.91 30.44
CA THR A 144 13.44 -27.34 30.66
C THR A 144 13.38 -28.07 29.31
N PRO A 145 13.86 -29.31 29.25
CA PRO A 145 13.86 -30.01 27.95
C PRO A 145 12.48 -30.11 27.30
N ILE A 146 11.44 -30.42 28.08
CA ILE A 146 10.11 -30.53 27.51
C ILE A 146 9.60 -29.15 27.07
N MET A 147 9.90 -28.12 27.86
CA MET A 147 9.49 -26.77 27.49
C MET A 147 10.16 -26.32 26.20
N LEU A 148 11.46 -26.57 26.06
CA LEU A 148 12.16 -26.20 24.84
C LEU A 148 11.64 -27.01 23.65
N ALA A 149 11.39 -28.29 23.84
CA ALA A 149 10.85 -29.11 22.76
C ALA A 149 9.49 -28.59 22.32
N ALA A 150 8.65 -28.18 23.28
CA ALA A 150 7.36 -27.59 22.93
C ALA A 150 7.56 -26.26 22.19
N HIS A 151 8.58 -25.49 22.57
CA HIS A 151 8.87 -24.26 21.86
C HIS A 151 9.24 -24.55 20.40
N THR A 152 10.02 -25.60 20.17
CA THR A 152 10.39 -25.94 18.79
C THR A 152 9.22 -26.51 18.00
N ASN A 153 8.18 -26.99 18.67
CA ASN A 153 7.01 -27.58 18.03
C ASN A 153 7.42 -28.74 17.11
N ASN A 154 8.35 -29.56 17.58
CA ASN A 154 8.84 -30.70 16.84
C ASN A 154 8.16 -31.95 17.40
N TYR A 155 7.30 -32.59 16.58
CA TYR A 155 6.46 -33.66 17.08
C TYR A 155 7.29 -34.86 17.56
N GLU A 156 8.37 -35.18 16.85
CA GLU A 156 9.17 -36.35 17.19
C GLU A 156 9.82 -36.19 18.56
N ILE A 157 10.50 -35.06 18.78
CA ILE A 157 11.20 -34.85 20.05
C ILE A 157 10.21 -34.65 21.19
N ILE A 158 9.11 -33.94 20.93
CA ILE A 158 8.08 -33.77 21.95
C ILE A 158 7.52 -35.13 22.35
N LYS A 159 7.25 -36.00 21.38
CA LYS A 159 6.75 -37.33 21.69
C LYS A 159 7.78 -38.14 22.47
N LEU A 160 9.06 -38.03 22.10
CA LEU A 160 10.11 -38.73 22.82
C LEU A 160 10.16 -38.30 24.28
N LEU A 161 10.02 -37.00 24.54
CA LEU A 161 10.07 -36.51 25.91
C LEU A 161 8.81 -36.84 26.69
N VAL A 162 7.65 -36.84 26.02
CA VAL A 162 6.41 -37.20 26.70
C VAL A 162 6.33 -38.70 26.96
N GLN A 163 7.12 -39.50 26.23
CA GLN A 163 7.19 -40.94 26.53
C GLN A 163 7.64 -41.18 27.97
N LYS A 164 8.47 -40.31 28.52
CA LYS A 164 8.88 -40.39 29.91
C LYS A 164 7.82 -39.70 30.78
N ARG A 165 8.14 -39.48 32.05
CA ARG A 165 7.24 -38.79 32.96
C ARG A 165 7.74 -37.36 33.13
N VAL A 166 7.26 -36.47 32.26
CA VAL A 166 7.65 -35.07 32.29
C VAL A 166 6.42 -34.23 32.59
N THR A 167 6.65 -33.08 33.22
CA THR A 167 5.58 -32.17 33.61
C THR A 167 5.98 -30.75 33.29
N ILE A 168 4.97 -29.90 33.13
CA ILE A 168 5.14 -28.47 32.90
C ILE A 168 4.42 -27.73 34.01
N PRO A 169 5.05 -26.76 34.67
CA PRO A 169 4.39 -26.07 35.79
C PRO A 169 3.11 -25.37 35.35
N ARG A 170 2.11 -25.41 36.22
CA ARG A 170 0.83 -24.77 35.94
C ARG A 170 0.93 -23.27 36.19
N PRO A 171 0.67 -22.44 35.19
CA PRO A 171 0.61 -20.99 35.45
C PRO A 171 -0.59 -20.65 36.32
N HIS A 172 -0.41 -19.64 37.16
CA HIS A 172 -1.47 -19.21 38.07
C HIS A 172 -2.53 -18.42 37.30
N GLN A 173 -3.49 -17.86 38.02
CA GLN A 173 -4.54 -17.07 37.39
C GLN A 173 -3.95 -15.80 36.77
N ILE A 174 -4.62 -15.30 35.73
CA ILE A 174 -4.19 -14.07 35.07
C ILE A 174 -4.13 -12.93 36.06
N ARG A 175 -5.12 -12.83 36.96
CA ARG A 175 -5.17 -11.82 38.00
C ARG A 175 -5.00 -12.44 39.38
N CYS A 176 -4.09 -13.41 39.48
CA CYS A 176 -3.82 -14.07 40.75
C CYS A 176 -3.15 -13.12 41.72
N ASN A 177 -3.52 -13.24 43.00
CA ASN A 177 -2.97 -12.36 44.05
C ASN A 177 -2.45 -13.18 45.22
N CYS A 178 -1.95 -14.40 44.96
CA CYS A 178 -1.41 -15.21 46.04
C CYS A 178 -0.04 -14.68 46.45
N VAL A 179 0.45 -15.20 47.58
CA VAL A 179 1.71 -14.71 48.14
C VAL A 179 2.87 -15.04 47.21
N GLU A 180 2.84 -16.22 46.59
CA GLU A 180 3.95 -16.63 45.73
C GLU A 180 4.08 -15.72 44.50
N CYS A 181 2.95 -15.39 43.88
CA CYS A 181 2.99 -14.57 42.66
C CYS A 181 3.52 -13.18 42.96
N VAL A 182 3.01 -12.53 44.01
CA VAL A 182 3.46 -11.19 44.34
C VAL A 182 4.91 -11.20 44.81
N SER A 183 5.31 -12.23 45.55
CA SER A 183 6.69 -12.34 46.00
C SER A 183 7.64 -12.46 44.81
N SER A 184 7.30 -13.33 43.84
CA SER A 184 8.14 -13.48 42.66
C SER A 184 8.16 -12.21 41.82
N SER A 185 7.01 -11.53 41.70
CA SER A 185 6.96 -10.29 40.93
C SER A 185 7.82 -9.20 41.56
N GLU A 186 7.79 -9.08 42.89
CA GLU A 186 8.57 -8.04 43.56
C GLU A 186 10.05 -8.39 43.56
N VAL A 187 10.39 -9.66 43.79
CA VAL A 187 11.80 -10.04 43.84
C VAL A 187 12.45 -9.89 42.48
N ASP A 188 11.80 -10.39 41.43
CA ASP A 188 12.34 -10.29 40.07
C ASP A 188 11.17 -10.29 39.10
N SER A 189 10.78 -9.11 38.63
CA SER A 189 9.68 -9.02 37.67
C SER A 189 10.07 -9.56 36.31
N LEU A 190 11.31 -9.29 35.88
CA LEU A 190 11.76 -9.76 34.57
C LEU A 190 11.77 -11.28 34.52
N ARG A 191 12.33 -11.92 35.55
CA ARG A 191 12.41 -13.37 35.57
C ARG A 191 11.02 -13.99 35.62
N HIS A 192 10.12 -13.45 36.43
CA HIS A 192 8.77 -13.99 36.54
C HIS A 192 8.01 -13.85 35.22
N SER A 193 8.11 -12.68 34.59
CA SER A 193 7.44 -12.48 33.31
C SER A 193 8.00 -13.42 32.25
N ARG A 194 9.32 -13.58 32.21
CA ARG A 194 9.94 -14.48 31.23
C ARG A 194 9.49 -15.92 31.46
N SER A 195 9.44 -16.35 32.72
CA SER A 195 9.01 -17.71 33.02
C SER A 195 7.56 -17.94 32.60
N ARG A 196 6.69 -16.98 32.89
CA ARG A 196 5.30 -17.13 32.49
C ARG A 196 5.16 -17.20 30.97
N LEU A 197 5.87 -16.34 30.26
CA LEU A 197 5.81 -16.36 28.80
C LEU A 197 6.33 -17.67 28.24
N ASN A 198 7.43 -18.19 28.80
CA ASN A 198 7.96 -19.47 28.34
C ASN A 198 6.97 -20.60 28.59
N ILE A 199 6.32 -20.61 29.76
CA ILE A 199 5.34 -21.65 30.05
C ILE A 199 4.19 -21.59 29.05
N TYR A 200 3.68 -20.39 28.76
CA TYR A 200 2.57 -20.29 27.83
C TYR A 200 3.00 -20.60 26.40
N LYS A 201 4.25 -20.33 26.05
CA LYS A 201 4.77 -20.76 24.75
C LYS A 201 4.81 -22.29 24.66
N ALA A 202 5.21 -22.95 25.76
CA ALA A 202 5.23 -24.41 25.79
C ALA A 202 3.82 -24.97 25.64
N LEU A 203 2.86 -24.43 26.41
CA LEU A 203 1.52 -24.99 26.41
C LEU A 203 0.79 -24.75 25.10
N ALA A 204 1.04 -23.61 24.45
CA ALA A 204 0.38 -23.28 23.19
C ALA A 204 1.03 -23.95 21.98
N SER A 205 1.83 -24.98 22.19
CA SER A 205 2.45 -25.69 21.08
C SER A 205 1.42 -26.59 20.40
N PRO A 206 1.20 -26.46 19.09
CA PRO A 206 0.23 -27.34 18.43
C PRO A 206 0.54 -28.82 18.57
N SER A 207 1.83 -29.20 18.56
CA SER A 207 2.17 -30.60 18.75
C SER A 207 1.90 -31.05 20.17
N LEU A 208 2.25 -30.22 21.16
CA LEU A 208 2.00 -30.60 22.55
C LEU A 208 0.51 -30.63 22.88
N ILE A 209 -0.32 -29.94 22.09
CA ILE A 209 -1.76 -30.07 22.26
C ILE A 209 -2.28 -31.30 21.51
N ALA A 210 -1.67 -31.63 20.37
CA ALA A 210 -2.06 -32.83 19.64
C ALA A 210 -1.85 -34.08 20.51
N LEU A 211 -0.73 -34.15 21.21
CA LEU A 211 -0.54 -35.16 22.24
C LEU A 211 -1.03 -34.62 23.58
N SER A 212 -1.13 -35.51 24.57
CA SER A 212 -1.30 -35.13 25.97
C SER A 212 -2.42 -34.11 26.16
N SER A 213 -3.55 -34.34 25.51
CA SER A 213 -4.70 -33.45 25.65
C SER A 213 -5.96 -34.24 25.32
N GLU A 214 -6.91 -34.29 26.26
CA GLU A 214 -8.13 -35.05 26.05
C GLU A 214 -8.91 -34.51 24.85
N ASP A 215 -9.18 -33.20 24.85
CA ASP A 215 -9.94 -32.55 23.79
C ASP A 215 -9.08 -31.44 23.21
N PRO A 216 -8.34 -31.70 22.13
CA PRO A 216 -7.49 -30.67 21.54
C PRO A 216 -8.24 -29.42 21.10
N ILE A 217 -9.47 -29.56 20.60
CA ILE A 217 -10.21 -28.41 20.11
C ILE A 217 -10.59 -27.49 21.26
N LEU A 218 -11.17 -28.06 22.33
CA LEU A 218 -11.54 -27.26 23.48
C LEU A 218 -10.31 -26.67 24.16
N THR A 219 -9.23 -27.45 24.26
CA THR A 219 -7.99 -26.95 24.83
C THR A 219 -7.47 -25.75 24.04
N ALA A 220 -7.49 -25.85 22.71
CA ALA A 220 -7.05 -24.75 21.88
C ALA A 220 -7.94 -23.53 22.08
N PHE A 221 -9.26 -23.74 22.13
CA PHE A 221 -10.17 -22.60 22.33
C PHE A 221 -9.87 -21.87 23.63
N ARG A 222 -9.83 -22.61 24.75
CA ARG A 222 -9.67 -21.95 26.04
C ARG A 222 -8.27 -21.38 26.21
N LEU A 223 -7.26 -22.07 25.67
CA LEU A 223 -5.89 -21.57 25.74
C LEU A 223 -5.75 -20.27 24.94
N GLY A 224 -6.33 -20.22 23.74
CA GLY A 224 -6.31 -18.99 22.98
C GLY A 224 -7.04 -17.85 23.67
N TRP A 225 -8.18 -18.17 24.30
CA TRP A 225 -8.91 -17.15 25.04
C TRP A 225 -8.05 -16.60 26.19
N GLU A 226 -7.41 -17.49 26.95
CA GLU A 226 -6.57 -17.06 28.05
C GLU A 226 -5.38 -16.25 27.56
N LEU A 227 -4.80 -16.64 26.42
CA LEU A 227 -3.69 -15.88 25.86
C LEU A 227 -4.12 -14.49 25.42
N LYS A 228 -5.31 -14.37 24.85
CA LYS A 228 -5.84 -13.04 24.50
C LYS A 228 -6.05 -12.19 25.76
N GLU A 229 -6.58 -12.81 26.82
CA GLU A 229 -6.76 -12.07 28.07
C GLU A 229 -5.42 -11.61 28.64
N LEU A 230 -4.40 -12.48 28.57
CA LEU A 230 -3.06 -12.09 29.02
C LEU A 230 -2.51 -10.96 28.17
N SER A 231 -2.73 -11.02 26.86
CA SER A 231 -2.29 -9.93 25.98
C SER A 231 -2.94 -8.61 26.39
N LYS A 232 -4.22 -8.64 26.74
CA LYS A 232 -4.87 -7.44 27.26
C LYS A 232 -4.21 -6.98 28.55
N VAL A 233 -4.02 -7.90 29.50
CA VAL A 233 -3.51 -7.53 30.82
C VAL A 233 -2.06 -7.07 30.73
N GLU A 234 -1.22 -7.84 30.03
CA GLU A 234 0.21 -7.55 29.93
C GLU A 234 0.41 -6.48 28.86
N ASN A 235 0.62 -5.23 29.31
CA ASN A 235 0.84 -4.14 28.37
C ASN A 235 2.08 -4.39 27.53
N GLU A 236 3.16 -4.84 28.17
CA GLU A 236 4.32 -5.34 27.46
C GLU A 236 4.12 -6.82 27.15
N PHE A 237 4.91 -7.33 26.20
CA PHE A 237 4.76 -8.69 25.69
C PHE A 237 3.40 -8.93 25.04
N LYS A 238 2.71 -7.84 24.66
CA LYS A 238 1.38 -7.97 24.07
C LYS A 238 1.42 -8.70 22.74
N ALA A 239 2.41 -8.39 21.91
CA ALA A 239 2.50 -9.00 20.58
C ALA A 239 2.73 -10.50 20.68
N GLU A 240 3.55 -10.95 21.63
CA GLU A 240 3.85 -12.37 21.75
C GLU A 240 2.61 -13.15 22.19
N TYR A 241 1.86 -12.63 23.16
CA TYR A 241 0.64 -13.32 23.56
C TYR A 241 -0.40 -13.28 22.45
N GLU A 242 -0.47 -12.18 21.70
CA GLU A 242 -1.37 -12.12 20.56
C GLU A 242 -1.04 -13.19 19.53
N GLU A 243 0.25 -13.36 19.22
CA GLU A 243 0.62 -14.34 18.21
C GLU A 243 0.43 -15.76 18.73
N LEU A 244 0.64 -16.00 20.03
CA LEU A 244 0.36 -17.32 20.59
C LEU A 244 -1.13 -17.65 20.50
N SER A 245 -1.98 -16.69 20.84
CA SER A 245 -3.42 -16.90 20.72
C SER A 245 -3.82 -17.17 19.28
N GLN A 246 -3.27 -16.39 18.34
CA GLN A 246 -3.58 -16.60 16.94
C GLN A 246 -3.13 -17.98 16.47
N GLN A 247 -1.97 -18.43 16.97
CA GLN A 247 -1.47 -19.76 16.64
C GLN A 247 -2.41 -20.84 17.13
N CYS A 248 -2.94 -20.70 18.35
CA CYS A 248 -3.90 -21.67 18.85
C CYS A 248 -5.18 -21.67 18.01
N LYS A 249 -5.65 -20.48 17.62
CA LYS A 249 -6.84 -20.40 16.77
C LYS A 249 -6.61 -21.10 15.44
N LEU A 250 -5.44 -20.88 14.84
CA LEU A 250 -5.12 -21.53 13.58
C LEU A 250 -5.01 -23.04 13.75
N PHE A 251 -4.49 -23.50 14.89
CA PHE A 251 -4.42 -24.94 15.13
C PHE A 251 -5.82 -25.55 15.18
N ALA A 252 -6.75 -24.89 15.88
CA ALA A 252 -8.13 -25.37 15.90
C ALA A 252 -8.73 -25.40 14.49
N LYS A 253 -8.50 -24.34 13.72
CA LYS A 253 -9.04 -24.28 12.36
C LYS A 253 -8.46 -25.40 11.48
N ASP A 254 -7.17 -25.71 11.64
CA ASP A 254 -6.54 -26.76 10.84
C ASP A 254 -7.04 -28.14 11.26
N LEU A 255 -7.21 -28.37 12.56
CA LEU A 255 -7.84 -29.60 13.01
C LEU A 255 -9.20 -29.79 12.37
N LEU A 256 -10.00 -28.72 12.31
CA LEU A 256 -11.29 -28.82 11.62
C LEU A 256 -11.09 -29.08 10.13
N ASP A 257 -10.07 -28.47 9.52
CA ASP A 257 -9.78 -28.68 8.11
C ASP A 257 -9.48 -30.14 7.80
N GLN A 258 -8.95 -30.89 8.76
CA GLN A 258 -8.61 -32.28 8.45
C GLN A 258 -9.84 -33.20 8.37
N ALA A 259 -11.04 -32.71 8.61
CA ALA A 259 -12.23 -33.54 8.51
C ALA A 259 -12.48 -33.95 7.05
N ARG A 260 -12.85 -35.21 6.85
CA ARG A 260 -12.99 -35.76 5.50
C ARG A 260 -14.41 -36.20 5.14
N SER A 261 -15.36 -36.14 6.07
CA SER A 261 -16.72 -36.53 5.77
C SER A 261 -17.67 -35.69 6.62
N SER A 262 -18.94 -35.63 6.18
CA SER A 262 -19.94 -34.87 6.92
C SER A 262 -20.26 -35.51 8.26
N ARG A 263 -20.16 -36.84 8.36
CA ARG A 263 -20.39 -37.50 9.63
C ARG A 263 -19.38 -37.03 10.68
N GLU A 264 -18.11 -36.96 10.30
CA GLU A 264 -17.08 -36.48 11.22
C GLU A 264 -17.34 -35.05 11.64
N LEU A 265 -17.68 -34.18 10.68
CA LEU A 265 -17.92 -32.78 10.99
C LEU A 265 -19.10 -32.61 11.94
N GLU A 266 -20.18 -33.36 11.70
CA GLU A 266 -21.32 -33.32 12.61
C GLU A 266 -20.94 -33.80 14.00
N ILE A 267 -20.17 -34.90 14.08
CA ILE A 267 -19.75 -35.40 15.38
C ILE A 267 -18.93 -34.36 16.12
N ILE A 268 -18.05 -33.67 15.40
CA ILE A 268 -17.20 -32.66 16.03
C ILE A 268 -18.03 -31.49 16.53
N LEU A 269 -18.91 -30.96 15.67
CA LEU A 269 -19.63 -29.75 16.02
C LEU A 269 -20.71 -30.00 17.07
N ASN A 270 -21.24 -31.22 17.14
CA ASN A 270 -22.31 -31.55 18.06
C ASN A 270 -21.83 -32.10 19.40
N HIS A 271 -20.51 -32.17 19.61
CA HIS A 271 -20.00 -32.76 20.84
C HIS A 271 -20.27 -31.87 22.04
N ARG A 272 -20.66 -32.49 23.15
CA ARG A 272 -20.93 -31.79 24.40
C ARG A 272 -19.86 -32.16 25.41
N ASP A 273 -19.19 -31.15 25.96
CA ASP A 273 -18.16 -31.36 26.96
C ASP A 273 -18.77 -31.67 28.32
N ASP A 286 -28.45 -28.62 19.48
CA ASP A 286 -27.33 -29.23 18.79
C ASP A 286 -26.27 -28.17 18.49
N LEU A 287 -25.20 -28.58 17.80
CA LEU A 287 -24.06 -27.71 17.49
C LEU A 287 -23.48 -27.11 18.77
N ALA A 288 -23.32 -27.95 19.80
CA ALA A 288 -22.83 -27.45 21.08
C ALA A 288 -21.41 -26.91 20.96
N LYS A 289 -20.52 -27.67 20.33
CA LYS A 289 -19.14 -27.21 20.21
C LYS A 289 -19.03 -25.99 19.30
N LEU A 290 -19.92 -25.87 18.31
CA LEU A 290 -19.96 -24.65 17.52
C LEU A 290 -20.32 -23.45 18.37
N LYS A 291 -21.28 -23.62 19.29
CA LYS A 291 -21.63 -22.56 20.21
C LYS A 291 -20.46 -22.20 21.12
N VAL A 292 -19.72 -23.22 21.58
CA VAL A 292 -18.55 -22.97 22.41
C VAL A 292 -17.50 -22.19 21.62
N ALA A 293 -17.31 -22.54 20.34
CA ALA A 293 -16.38 -21.79 19.50
C ALA A 293 -16.82 -20.35 19.34
N ILE A 294 -18.13 -20.12 19.13
CA ILE A 294 -18.63 -18.76 18.99
C ILE A 294 -18.40 -17.98 20.28
N LYS A 295 -18.56 -18.65 21.43
CA LYS A 295 -18.35 -17.99 22.71
C LYS A 295 -16.92 -17.48 22.85
N TYR A 296 -15.95 -18.28 22.42
CA TYR A 296 -14.54 -17.92 22.53
C TYR A 296 -14.04 -17.08 21.37
N HIS A 297 -14.94 -16.59 20.52
CA HIS A 297 -14.57 -15.74 19.38
C HIS A 297 -13.54 -16.42 18.47
N GLN A 298 -13.84 -17.66 18.11
CA GLN A 298 -12.99 -18.43 17.20
C GLN A 298 -13.49 -18.20 15.78
N LYS A 299 -13.14 -17.03 15.24
CA LYS A 299 -13.71 -16.59 13.97
C LYS A 299 -13.28 -17.50 12.82
N GLU A 300 -12.00 -17.87 12.77
CA GLU A 300 -11.53 -18.74 11.69
C GLU A 300 -12.17 -20.12 11.76
N PHE A 301 -12.34 -20.65 12.97
CA PHE A 301 -12.98 -21.95 13.14
C PHE A 301 -14.44 -21.91 12.67
N VAL A 302 -15.15 -20.81 12.99
CA VAL A 302 -16.55 -20.70 12.60
C VAL A 302 -16.66 -20.50 11.08
N ALA A 303 -15.76 -19.70 10.50
CA ALA A 303 -15.79 -19.40 9.07
C ALA A 303 -15.19 -20.52 8.22
N GLN A 304 -15.01 -21.71 8.79
CA GLN A 304 -14.53 -22.85 8.03
C GLN A 304 -15.51 -23.16 6.89
N PRO A 305 -15.03 -23.40 5.67
CA PRO A 305 -15.95 -23.65 4.56
C PRO A 305 -16.88 -24.83 4.78
N ASN A 306 -16.41 -25.91 5.41
CA ASN A 306 -17.30 -27.04 5.69
C ASN A 306 -18.30 -26.69 6.79
N CYS A 307 -17.84 -25.96 7.80
CA CYS A 307 -18.75 -25.49 8.84
C CYS A 307 -19.83 -24.59 8.23
N GLN A 308 -19.42 -23.67 7.34
CA GLN A 308 -20.38 -22.79 6.69
C GLN A 308 -21.34 -23.57 5.79
N GLN A 309 -20.85 -24.61 5.11
CA GLN A 309 -21.71 -25.41 4.26
C GLN A 309 -22.76 -26.14 5.09
N LEU A 310 -22.36 -26.72 6.22
CA LEU A 310 -23.33 -27.36 7.11
C LEU A 310 -24.33 -26.36 7.66
N LEU A 311 -23.86 -25.19 8.07
CA LEU A 311 -24.76 -24.16 8.59
C LEU A 311 -25.72 -23.69 7.51
N ALA A 312 -25.28 -23.66 6.25
CA ALA A 312 -26.17 -23.26 5.16
C ALA A 312 -27.22 -24.33 4.89
N THR A 313 -26.82 -25.60 4.94
CA THR A 313 -27.82 -26.67 4.78
C THR A 313 -28.86 -26.61 5.90
N LEU A 314 -28.44 -26.24 7.12
CA LEU A 314 -29.41 -26.04 8.18
C LEU A 314 -30.25 -24.78 7.96
N TRP A 315 -29.65 -23.74 7.39
CA TRP A 315 -30.33 -22.45 7.20
C TRP A 315 -31.49 -22.57 6.21
N TYR A 316 -31.27 -23.27 5.09
CA TYR A 316 -32.33 -23.50 4.12
C TYR A 316 -32.95 -24.88 4.34
N ASP A 317 -33.64 -25.01 5.47
CA ASP A 317 -34.29 -26.27 5.79
C ASP A 317 -35.39 -26.60 4.79
N GLY A 318 -36.24 -25.62 4.48
CA GLY A 318 -37.36 -25.87 3.58
C GLY A 318 -36.93 -26.09 2.13
N PHE A 319 -36.03 -25.24 1.64
CA PHE A 319 -35.66 -25.27 0.23
C PHE A 319 -34.41 -26.11 0.04
N PRO A 320 -34.48 -27.24 -0.66
CA PRO A 320 -33.28 -28.08 -0.81
C PRO A 320 -32.32 -27.56 -1.87
N GLY A 321 -32.84 -26.83 -2.85
CA GLY A 321 -32.01 -26.37 -3.95
C GLY A 321 -31.90 -24.86 -4.07
N TRP A 322 -31.84 -24.17 -2.92
CA TRP A 322 -31.67 -22.72 -2.94
C TRP A 322 -30.30 -22.30 -3.45
N ARG A 323 -29.30 -23.18 -3.36
CA ARG A 323 -27.96 -22.84 -3.80
C ARG A 323 -27.92 -22.56 -5.30
N ARG A 324 -28.65 -23.36 -6.08
CA ARG A 324 -28.68 -23.23 -7.54
C ARG A 324 -30.05 -22.70 -7.96
N LYS A 325 -30.21 -21.38 -7.93
CA LYS A 325 -31.43 -20.73 -8.36
C LYS A 325 -31.08 -19.37 -8.95
N HIS A 326 -31.98 -18.85 -9.78
CA HIS A 326 -31.77 -17.55 -10.39
C HIS A 326 -32.14 -16.43 -9.41
N TRP A 327 -31.65 -15.23 -9.72
CA TRP A 327 -31.94 -14.07 -8.87
C TRP A 327 -33.43 -13.77 -8.83
N VAL A 328 -34.11 -13.84 -9.98
CA VAL A 328 -35.54 -13.54 -10.03
C VAL A 328 -36.33 -14.55 -9.22
N VAL A 329 -35.96 -15.83 -9.29
CA VAL A 329 -36.69 -16.86 -8.56
C VAL A 329 -36.53 -16.64 -7.06
N LYS A 330 -35.31 -16.36 -6.61
CA LYS A 330 -35.09 -16.11 -5.19
C LYS A 330 -35.85 -14.87 -4.72
N LEU A 331 -35.82 -13.80 -5.51
CA LEU A 331 -36.53 -12.58 -5.11
C LEU A 331 -38.03 -12.81 -5.04
N LEU A 332 -38.59 -13.52 -6.02
CA LEU A 332 -40.03 -13.80 -6.00
C LEU A 332 -40.40 -14.68 -4.82
N THR A 333 -39.59 -15.70 -4.52
CA THR A 333 -39.86 -16.56 -3.38
C THR A 333 -39.81 -15.76 -2.08
N CYS A 334 -38.81 -14.89 -1.93
CA CYS A 334 -38.72 -14.08 -0.72
C CYS A 334 -39.92 -13.15 -0.58
N MET A 335 -40.33 -12.51 -1.68
CA MET A 335 -41.49 -11.63 -1.63
C MET A 335 -42.75 -12.40 -1.27
N THR A 336 -42.95 -13.58 -1.86
CA THR A 336 -44.13 -14.38 -1.57
C THR A 336 -44.16 -14.83 -0.12
N ILE A 337 -43.03 -15.27 0.41
CA ILE A 337 -42.99 -15.69 1.81
C ILE A 337 -43.21 -14.50 2.74
N GLY A 338 -42.62 -13.36 2.42
CA GLY A 338 -42.79 -12.18 3.27
C GLY A 338 -44.21 -11.68 3.29
N PHE A 339 -44.87 -11.65 2.13
CA PHE A 339 -46.26 -11.19 2.07
C PHE A 339 -47.22 -12.12 2.80
N LEU A 340 -46.81 -13.35 3.10
CA LEU A 340 -47.65 -14.33 3.77
C LEU A 340 -47.25 -14.53 5.23
N PHE A 341 -46.45 -13.63 5.80
CA PHE A 341 -46.03 -13.80 7.18
C PHE A 341 -47.19 -13.83 8.19
N PRO A 342 -48.24 -12.99 8.08
CA PRO A 342 -49.34 -13.14 9.04
C PRO A 342 -50.01 -14.50 8.97
N MET A 343 -50.13 -15.06 7.76
CA MET A 343 -50.75 -16.38 7.61
C MET A 343 -49.91 -17.45 8.30
N LEU A 344 -48.59 -17.41 8.12
CA LEU A 344 -47.72 -18.39 8.78
C LEU A 344 -47.75 -18.23 10.29
N SER A 345 -47.76 -16.98 10.77
CA SER A 345 -47.82 -16.76 12.21
C SER A 345 -49.13 -17.28 12.79
N ILE A 346 -50.25 -17.04 12.11
CA ILE A 346 -51.54 -17.53 12.59
C ILE A 346 -51.59 -19.06 12.55
N ALA A 347 -51.02 -19.65 11.50
CA ALA A 347 -51.00 -21.12 11.40
C ALA A 347 -50.18 -21.72 12.53
N TYR A 348 -49.04 -21.11 12.86
CA TYR A 348 -48.25 -21.59 13.99
C TYR A 348 -49.03 -21.43 15.30
N LEU A 349 -49.74 -20.30 15.46
CA LEU A 349 -50.52 -20.08 16.67
C LEU A 349 -51.61 -21.12 16.84
N ILE A 350 -52.32 -21.45 15.75
CA ILE A 350 -53.47 -22.35 15.84
C ILE A 350 -53.02 -23.80 15.98
N SER A 351 -52.32 -24.32 14.98
CA SER A 351 -51.86 -25.70 14.97
C SER A 351 -50.40 -25.75 14.52
N PRO A 352 -49.47 -25.85 15.47
CA PRO A 352 -48.04 -25.92 15.08
C PRO A 352 -47.69 -27.14 14.24
N ARG A 353 -48.50 -28.21 14.30
CA ARG A 353 -48.20 -29.45 13.59
C ARG A 353 -49.04 -29.49 12.32
N SER A 354 -48.53 -28.86 11.27
CA SER A 354 -49.19 -28.83 9.98
C SER A 354 -48.19 -28.37 8.93
N ASN A 355 -48.60 -28.44 7.66
CA ASN A 355 -47.72 -27.99 6.58
C ASN A 355 -47.41 -26.50 6.69
N LEU A 356 -48.30 -25.74 7.32
CA LEU A 356 -48.06 -24.32 7.55
C LEU A 356 -47.72 -23.98 8.99
N GLY A 357 -48.11 -24.81 9.95
CA GLY A 357 -47.82 -24.51 11.35
C GLY A 357 -46.33 -24.55 11.66
N LEU A 358 -45.64 -25.60 11.18
CA LEU A 358 -44.21 -25.74 11.42
C LEU A 358 -43.37 -25.21 10.27
N PHE A 359 -43.99 -24.64 9.23
CA PHE A 359 -43.23 -24.05 8.13
C PHE A 359 -42.53 -22.77 8.57
N ILE A 360 -42.98 -22.13 9.65
CA ILE A 360 -42.33 -20.91 10.12
C ILE A 360 -41.13 -21.22 11.02
N LYS A 361 -41.06 -22.42 11.60
CA LYS A 361 -39.92 -22.78 12.45
C LYS A 361 -38.63 -22.95 11.65
N LYS A 362 -38.71 -23.03 10.33
CA LYS A 362 -37.51 -23.11 9.52
C LYS A 362 -36.73 -21.80 9.60
N PRO A 363 -35.41 -21.86 9.70
CA PRO A 363 -34.64 -20.64 10.02
C PRO A 363 -34.77 -19.54 8.99
N PHE A 364 -34.59 -19.86 7.71
CA PHE A 364 -34.71 -18.84 6.66
C PHE A 364 -36.13 -18.28 6.60
N ILE A 365 -37.13 -19.16 6.72
CA ILE A 365 -38.53 -18.70 6.71
C ILE A 365 -38.81 -17.81 7.91
N LYS A 366 -38.32 -18.20 9.09
CA LYS A 366 -38.50 -17.38 10.27
C LYS A 366 -37.86 -16.00 10.11
N PHE A 367 -36.64 -15.98 9.55
CA PHE A 367 -35.98 -14.70 9.31
C PHE A 367 -36.79 -13.84 8.34
N ILE A 368 -37.32 -14.45 7.28
CA ILE A 368 -38.12 -13.70 6.31
C ILE A 368 -39.37 -13.14 6.97
N CYS A 369 -40.03 -13.94 7.81
CA CYS A 369 -41.24 -13.48 8.48
C CYS A 369 -40.95 -12.32 9.42
N HIS A 370 -39.87 -12.42 10.20
CA HIS A 370 -39.53 -11.32 11.10
C HIS A 370 -39.16 -10.06 10.33
N THR A 371 -38.41 -10.21 9.23
CA THR A 371 -38.05 -9.05 8.42
C THR A 371 -39.28 -8.41 7.80
N ALA A 372 -40.22 -9.22 7.30
CA ALA A 372 -41.44 -8.69 6.74
C ALA A 372 -42.28 -7.98 7.80
N SER A 373 -42.34 -8.54 9.00
CA SER A 373 -43.06 -7.89 10.09
C SER A 373 -42.45 -6.53 10.41
N TYR A 374 -41.12 -6.45 10.48
CA TYR A 374 -40.48 -5.18 10.77
C TYR A 374 -40.70 -4.19 9.63
N LEU A 375 -40.70 -4.67 8.38
CA LEU A 375 -40.94 -3.79 7.24
C LEU A 375 -42.36 -3.24 7.26
N THR A 376 -43.34 -4.07 7.62
CA THR A 376 -44.70 -3.56 7.75
C THR A 376 -44.81 -2.55 8.88
N PHE A 377 -44.08 -2.79 9.97
CA PHE A 377 -44.06 -1.81 11.07
C PHE A 377 -43.50 -0.47 10.60
N LEU A 378 -42.40 -0.51 9.84
CA LEU A 378 -41.83 0.73 9.31
C LEU A 378 -42.77 1.41 8.31
N PHE A 379 -43.48 0.60 7.51
CA PHE A 379 -44.45 1.16 6.58
C PHE A 379 -45.57 1.88 7.33
N MET A 380 -46.04 1.30 8.43
CA MET A 380 -47.06 1.96 9.24
C MET A 380 -46.50 3.22 9.90
N LEU A 381 -45.23 3.18 10.32
CA LEU A 381 -44.61 4.38 10.86
C LEU A 381 -44.58 5.51 9.82
N LEU A 382 -44.25 5.17 8.58
CA LEU A 382 -44.29 6.16 7.50
C LEU A 382 -45.70 6.67 7.28
N LEU A 383 -46.69 5.77 7.28
CA LEU A 383 -48.07 6.19 7.07
C LEU A 383 -48.61 7.03 8.22
N ALA A 384 -48.02 6.93 9.41
CA ALA A 384 -48.52 7.66 10.57
C ALA A 384 -48.36 9.17 10.47
N SER A 385 -47.78 9.68 9.39
CA SER A 385 -47.59 11.12 9.21
C SER A 385 -48.29 11.64 7.95
N GLN A 386 -49.35 10.98 7.53
CA GLN A 386 -50.08 11.35 6.33
C GLN A 386 -51.32 12.17 6.70
N ASP A 392 -57.20 16.71 12.26
CA ASP A 392 -57.19 17.87 13.15
C ASP A 392 -55.98 17.77 14.09
N LEU A 393 -55.19 18.84 14.15
CA LEU A 393 -53.99 18.87 14.95
C LEU A 393 -54.09 19.83 16.14
N HIS A 394 -55.22 20.50 16.32
CA HIS A 394 -55.39 21.45 17.41
C HIS A 394 -55.87 20.81 18.70
N VAL A 395 -56.19 19.51 18.69
CA VAL A 395 -56.69 18.84 19.87
C VAL A 395 -55.53 18.59 20.82
N GLN A 396 -55.70 19.03 22.07
CA GLN A 396 -54.68 18.81 23.10
C GLN A 396 -54.88 17.43 23.71
N GLY A 397 -53.93 16.54 23.47
CA GLY A 397 -54.04 15.16 23.91
C GLY A 397 -55.15 14.42 23.19
N PRO A 398 -55.01 14.23 21.89
CA PRO A 398 -56.06 13.55 21.12
C PRO A 398 -56.02 12.05 21.36
N PRO A 399 -57.15 11.37 21.13
CA PRO A 399 -57.14 9.91 21.22
C PRO A 399 -56.29 9.33 20.09
N PRO A 400 -55.66 8.18 20.31
CA PRO A 400 -54.84 7.57 19.26
C PRO A 400 -55.68 7.23 18.03
N THR A 401 -55.07 7.43 16.85
CA THR A 401 -55.75 7.18 15.59
C THR A 401 -55.69 5.70 15.24
N VAL A 402 -56.24 5.35 14.08
CA VAL A 402 -56.24 3.95 13.64
C VAL A 402 -54.82 3.47 13.39
N VAL A 403 -53.99 4.32 12.77
CA VAL A 403 -52.60 3.94 12.51
C VAL A 403 -51.85 3.75 13.82
N GLU A 404 -52.07 4.64 14.79
CA GLU A 404 -51.43 4.47 16.10
C GLU A 404 -51.95 3.22 16.81
N TRP A 405 -53.24 2.92 16.66
CA TRP A 405 -53.79 1.71 17.26
C TRP A 405 -53.19 0.46 16.64
N MET A 406 -52.86 0.50 15.34
CA MET A 406 -52.16 -0.61 14.71
C MET A 406 -50.70 -0.66 15.09
N ILE A 407 -50.09 0.49 15.37
CA ILE A 407 -48.67 0.54 15.75
C ILE A 407 -48.49 -0.02 17.16
N LEU A 408 -49.43 0.24 18.05
CA LEU A 408 -49.29 -0.15 19.46
C LEU A 408 -48.96 -1.63 19.67
N PRO A 409 -49.66 -2.59 19.04
CA PRO A 409 -49.28 -4.00 19.26
C PRO A 409 -47.85 -4.33 18.84
N TRP A 410 -47.34 -3.69 17.80
CA TRP A 410 -45.95 -3.92 17.40
C TRP A 410 -44.99 -3.45 18.49
N VAL A 411 -45.25 -2.28 19.09
CA VAL A 411 -44.41 -1.79 20.18
C VAL A 411 -44.49 -2.72 21.38
N LEU A 412 -45.69 -3.17 21.71
CA LEU A 412 -45.84 -4.11 22.82
C LEU A 412 -45.10 -5.41 22.54
N GLY A 413 -45.15 -5.90 21.30
CA GLY A 413 -44.41 -7.10 20.95
C GLY A 413 -42.91 -6.90 21.03
N PHE A 414 -42.43 -5.72 20.62
CA PHE A 414 -41.01 -5.42 20.74
C PHE A 414 -40.57 -5.46 22.20
N ILE A 415 -41.34 -4.80 23.08
CA ILE A 415 -40.97 -4.76 24.49
C ILE A 415 -41.02 -6.16 25.10
N TRP A 416 -42.07 -6.92 24.78
CA TRP A 416 -42.20 -8.27 25.33
C TRP A 416 -41.07 -9.17 24.82
N GLY A 417 -40.69 -9.05 23.55
CA GLY A 417 -39.59 -9.84 23.04
C GLY A 417 -38.27 -9.48 23.69
N GLU A 418 -38.03 -8.19 23.92
CA GLU A 418 -36.79 -7.78 24.58
C GLU A 418 -36.73 -8.32 26.01
N ILE A 419 -37.81 -8.20 26.76
CA ILE A 419 -37.78 -8.69 28.14
C ILE A 419 -37.73 -10.22 28.17
N LYS A 420 -38.34 -10.89 27.20
CA LYS A 420 -38.25 -12.35 27.13
C LYS A 420 -36.83 -12.80 26.82
N GLU A 421 -36.15 -12.10 25.91
CA GLU A 421 -34.75 -12.40 25.63
C GLU A 421 -33.89 -12.17 26.86
N MET A 422 -34.15 -11.08 27.59
CA MET A 422 -33.42 -10.83 28.83
C MET A 422 -33.65 -11.95 29.85
N TRP A 423 -34.90 -12.41 29.97
CA TRP A 423 -35.22 -13.44 30.95
C TRP A 423 -34.63 -14.79 30.57
N ASP A 424 -34.59 -15.11 29.28
CA ASP A 424 -34.15 -16.43 28.83
C ASP A 424 -32.63 -16.50 28.66
N GLY A 425 -32.08 -15.65 27.79
CA GLY A 425 -30.65 -15.73 27.49
C GLY A 425 -29.77 -15.41 28.69
N GLY A 426 -30.10 -14.35 29.43
CA GLY A 426 -29.34 -13.93 30.58
C GLY A 426 -29.01 -12.45 30.48
N PHE A 427 -28.05 -12.02 31.30
CA PHE A 427 -27.64 -10.63 31.35
C PHE A 427 -26.38 -10.35 30.53
N THR A 428 -25.34 -11.18 30.68
CA THR A 428 -24.11 -10.96 29.93
C THR A 428 -24.34 -11.15 28.43
N GLU A 429 -25.12 -12.17 28.06
CA GLU A 429 -25.43 -12.38 26.64
C GLU A 429 -26.25 -11.23 26.09
N TYR A 430 -27.16 -10.68 26.90
CA TYR A 430 -27.99 -9.56 26.44
C TYR A 430 -27.15 -8.32 26.17
N ILE A 431 -26.16 -8.04 27.03
CA ILE A 431 -25.34 -6.85 26.87
C ILE A 431 -24.16 -7.06 25.93
N HIS A 432 -23.83 -8.29 25.57
CA HIS A 432 -22.77 -8.54 24.60
C HIS A 432 -23.20 -8.27 23.16
N ASP A 433 -24.52 -8.19 22.91
CA ASP A 433 -25.00 -7.98 21.56
C ASP A 433 -24.56 -6.62 21.01
N TRP A 434 -24.67 -5.56 21.83
CA TRP A 434 -24.36 -4.18 21.47
C TRP A 434 -25.38 -3.61 20.50
N TRP A 435 -26.29 -4.45 20.02
CA TRP A 435 -27.47 -3.98 19.29
C TRP A 435 -28.69 -3.83 20.19
N ASN A 436 -28.68 -4.47 21.35
CA ASN A 436 -29.75 -4.32 22.33
C ASN A 436 -29.77 -2.94 22.96
N LEU A 437 -28.69 -2.17 22.83
CA LEU A 437 -28.71 -0.80 23.32
C LEU A 437 -29.67 0.07 22.54
N MET A 438 -29.63 -0.02 21.21
CA MET A 438 -30.58 0.73 20.39
C MET A 438 -32.00 0.23 20.61
N ASP A 439 -32.18 -1.09 20.78
CA ASP A 439 -33.51 -1.62 21.07
C ASP A 439 -34.03 -1.08 22.40
N PHE A 440 -33.18 -1.03 23.42
CA PHE A 440 -33.58 -0.47 24.70
C PHE A 440 -33.95 1.00 24.57
N ALA A 441 -33.15 1.76 23.81
CA ALA A 441 -33.46 3.17 23.60
C ALA A 441 -34.79 3.34 22.89
N MET A 442 -35.05 2.52 21.86
CA MET A 442 -36.32 2.58 21.14
C MET A 442 -37.49 2.27 22.07
N ASN A 443 -37.35 1.20 22.87
CA ASN A 443 -38.44 0.81 23.75
C ASN A 443 -38.70 1.87 24.82
N SER A 444 -37.63 2.45 25.38
CA SER A 444 -37.80 3.50 26.37
C SER A 444 -38.47 4.73 25.77
N LEU A 445 -38.05 5.12 24.56
CA LEU A 445 -38.66 6.27 23.91
C LEU A 445 -40.12 6.02 23.57
N TYR A 446 -40.45 4.81 23.12
CA TYR A 446 -41.85 4.48 22.85
C TYR A 446 -42.68 4.48 24.12
N LEU A 447 -42.13 3.95 25.22
CA LEU A 447 -42.85 3.96 26.49
C LEU A 447 -43.07 5.38 26.98
N ALA A 448 -42.07 6.24 26.84
CA ALA A 448 -42.22 7.65 27.19
C ALA A 448 -43.27 8.32 26.31
N THR A 449 -43.28 7.98 25.02
CA THR A 449 -44.30 8.53 24.12
C THR A 449 -45.70 8.13 24.57
N ILE A 450 -45.88 6.86 24.92
CA ILE A 450 -47.19 6.39 25.37
C ILE A 450 -47.59 7.08 26.67
N SER A 451 -46.64 7.20 27.61
CA SER A 451 -46.94 7.86 28.88
C SER A 451 -47.35 9.30 28.67
N LEU A 452 -46.63 10.02 27.81
CA LEU A 452 -46.95 11.42 27.56
C LEU A 452 -48.27 11.57 26.82
N LYS A 453 -48.57 10.64 25.91
CA LYS A 453 -49.88 10.65 25.25
C LYS A 453 -51.00 10.46 26.27
N ILE A 454 -50.82 9.53 27.20
CA ILE A 454 -51.82 9.30 28.24
C ILE A 454 -51.98 10.54 29.11
N VAL A 455 -50.86 11.17 29.48
CA VAL A 455 -50.90 12.36 30.33
C VAL A 455 -51.65 13.47 29.63
N ALA A 456 -51.33 13.72 28.36
CA ALA A 456 -52.01 14.76 27.60
C ALA A 456 -53.47 14.45 27.37
N TYR A 457 -53.82 13.16 27.27
CA TYR A 457 -55.22 12.79 27.09
C TYR A 457 -56.03 13.01 28.35
N VAL A 458 -55.46 12.68 29.52
CA VAL A 458 -56.20 12.77 30.78
C VAL A 458 -55.97 14.08 31.52
N LYS A 459 -55.18 15.00 30.94
CA LYS A 459 -54.97 16.31 31.55
C LYS A 459 -55.44 17.47 30.67
N TYR A 460 -55.84 17.21 29.42
CA TYR A 460 -56.31 18.26 28.54
C TYR A 460 -57.55 17.77 27.81
N ASN A 461 -58.54 18.67 27.67
CA ASN A 461 -59.77 18.33 26.97
C ASN A 461 -60.07 19.34 25.87
N GLY A 462 -59.71 20.60 26.10
CA GLY A 462 -60.01 21.64 25.14
C GLY A 462 -59.16 21.54 23.89
N SER A 463 -59.60 22.23 22.85
CA SER A 463 -58.91 22.25 21.55
C SER A 463 -58.36 23.67 21.35
N ARG A 464 -57.13 23.89 21.83
CA ARG A 464 -56.41 25.14 21.71
C ARG A 464 -55.41 25.07 20.55
N PRO A 465 -55.31 26.11 19.73
CA PRO A 465 -54.37 26.08 18.60
C PRO A 465 -52.93 25.93 19.07
N ARG A 466 -52.15 25.20 18.26
CA ARG A 466 -50.77 24.88 18.63
C ARG A 466 -49.89 26.11 18.74
N GLU A 467 -50.29 27.23 18.12
CA GLU A 467 -49.44 28.42 18.15
C GLU A 467 -49.24 28.94 19.57
N GLU A 468 -50.26 28.84 20.41
CA GLU A 468 -50.21 29.34 21.78
C GLU A 468 -50.00 28.25 22.81
N TRP A 469 -49.61 27.05 22.39
CA TRP A 469 -49.29 26.00 23.34
C TRP A 469 -48.02 26.33 24.10
N GLU A 470 -47.86 25.71 25.27
CA GLU A 470 -46.64 25.86 26.03
C GLU A 470 -45.46 25.23 25.30
N MET A 471 -44.27 25.74 25.57
CA MET A 471 -43.06 25.16 24.97
C MET A 471 -42.89 23.71 25.40
N TRP A 472 -43.14 23.41 26.67
CA TRP A 472 -43.02 22.06 27.22
C TRP A 472 -44.36 21.37 27.33
N HIS A 473 -45.26 21.61 26.38
CA HIS A 473 -46.55 20.93 26.37
C HIS A 473 -46.33 19.43 26.19
N PRO A 474 -47.10 18.59 26.89
CA PRO A 474 -46.87 17.13 26.78
C PRO A 474 -46.99 16.58 25.38
N THR A 475 -47.91 17.12 24.57
CA THR A 475 -48.08 16.62 23.20
C THR A 475 -46.83 16.87 22.36
N LEU A 476 -46.23 18.05 22.49
CA LEU A 476 -45.03 18.37 21.71
C LEU A 476 -43.87 17.46 22.08
N ILE A 477 -43.67 17.23 23.38
CA ILE A 477 -42.59 16.34 23.82
C ILE A 477 -42.85 14.91 23.35
N ALA A 478 -44.12 14.47 23.43
CA ALA A 478 -44.46 13.13 22.97
C ALA A 478 -44.18 12.98 21.48
N GLU A 479 -44.55 13.99 20.69
CA GLU A 479 -44.30 13.92 19.24
C GLU A 479 -42.80 13.92 18.93
N ALA A 480 -42.02 14.73 19.65
CA ALA A 480 -40.57 14.72 19.44
C ALA A 480 -39.97 13.36 19.77
N LEU A 481 -40.40 12.76 20.88
CA LEU A 481 -39.90 11.45 21.26
C LEU A 481 -40.31 10.40 20.23
N PHE A 482 -41.54 10.48 19.73
CA PHE A 482 -41.99 9.53 18.71
C PHE A 482 -41.19 9.68 17.42
N ALA A 483 -40.86 10.91 17.03
CA ALA A 483 -40.05 11.12 15.84
C ALA A 483 -38.64 10.53 16.02
N ILE A 484 -38.03 10.77 17.19
CA ILE A 484 -36.72 10.18 17.46
C ILE A 484 -36.79 8.66 17.42
N SER A 485 -37.87 8.10 17.98
CA SER A 485 -38.06 6.65 17.96
C SER A 485 -38.20 6.14 16.54
N ASN A 486 -38.91 6.89 15.69
CA ASN A 486 -39.03 6.49 14.28
C ASN A 486 -37.67 6.47 13.60
N ILE A 487 -36.85 7.48 13.86
CA ILE A 487 -35.49 7.51 13.31
C ILE A 487 -34.72 6.26 13.74
N LEU A 488 -34.76 5.96 15.05
CA LEU A 488 -34.02 4.81 15.56
C LEU A 488 -34.56 3.50 15.00
N SER A 489 -35.87 3.37 14.89
CA SER A 489 -36.48 2.16 14.35
C SER A 489 -36.04 1.93 12.91
N SER A 490 -36.09 2.98 12.09
CA SER A 490 -35.67 2.82 10.70
C SER A 490 -34.18 2.56 10.60
N LEU A 491 -33.38 3.13 11.50
CA LEU A 491 -31.94 2.87 11.49
C LEU A 491 -31.61 1.47 12.00
N ARG A 492 -32.53 0.83 12.71
CA ARG A 492 -32.30 -0.52 13.23
C ARG A 492 -32.13 -1.54 12.10
N LEU A 493 -32.52 -1.20 10.87
CA LEU A 493 -32.39 -2.13 9.75
C LEU A 493 -30.94 -2.38 9.34
N ILE A 494 -29.99 -1.63 9.90
CA ILE A 494 -28.58 -1.84 9.55
C ILE A 494 -28.15 -3.25 9.90
N SER A 495 -28.66 -3.78 11.02
CA SER A 495 -28.24 -5.10 11.50
C SER A 495 -28.61 -6.22 10.52
N LEU A 496 -29.52 -5.96 9.59
CA LEU A 496 -29.90 -6.97 8.61
C LEU A 496 -28.98 -7.01 7.40
N PHE A 497 -28.05 -6.07 7.28
CA PHE A 497 -27.05 -6.14 6.21
C PHE A 497 -26.15 -7.35 6.37
N THR A 498 -26.11 -7.95 7.57
CA THR A 498 -25.27 -9.12 7.80
C THR A 498 -25.73 -10.30 6.95
N ALA A 499 -27.04 -10.46 6.75
CA ALA A 499 -27.57 -11.59 6.01
C ALA A 499 -27.18 -11.58 4.54
N ASN A 500 -26.72 -10.44 4.02
CA ASN A 500 -26.42 -10.29 2.60
C ASN A 500 -24.93 -10.50 2.34
N SER A 501 -24.63 -11.09 1.17
CA SER A 501 -23.25 -11.32 0.79
C SER A 501 -22.54 -10.02 0.41
N HIS A 502 -23.24 -9.13 -0.28
CA HIS A 502 -22.66 -7.87 -0.75
C HIS A 502 -22.68 -6.78 0.31
N LEU A 503 -23.63 -6.81 1.23
CA LEU A 503 -23.76 -5.77 2.24
C LEU A 503 -23.13 -6.13 3.58
N GLY A 504 -22.81 -7.41 3.81
CA GLY A 504 -22.28 -7.84 5.08
C GLY A 504 -20.88 -7.36 5.39
N PRO A 505 -19.91 -7.73 4.56
CA PRO A 505 -18.54 -7.26 4.78
C PRO A 505 -18.40 -5.75 4.75
N LEU A 506 -19.20 -5.07 3.94
CA LEU A 506 -19.20 -3.61 3.96
C LEU A 506 -19.65 -3.07 5.32
N GLN A 507 -20.70 -3.66 5.89
CA GLN A 507 -21.15 -3.25 7.21
C GLN A 507 -20.07 -3.52 8.25
N ILE A 508 -19.37 -4.65 8.14
CA ILE A 508 -18.28 -4.95 9.07
C ILE A 508 -17.20 -3.88 8.97
N SER A 509 -16.83 -3.51 7.75
CA SER A 509 -15.78 -2.50 7.55
C SER A 509 -16.20 -1.15 8.13
N LEU A 510 -17.44 -0.74 7.88
CA LEU A 510 -17.90 0.54 8.40
C LEU A 510 -17.96 0.52 9.92
N GLY A 511 -18.42 -0.59 10.51
CA GLY A 511 -18.46 -0.70 11.95
C GLY A 511 -17.09 -0.62 12.57
N ARG A 512 -16.09 -1.24 11.94
CA ARG A 512 -14.74 -1.19 12.50
C ARG A 512 -14.05 0.15 12.25
N MET A 513 -14.47 0.91 11.24
CA MET A 513 -13.98 2.29 11.08
C MET A 513 -14.66 3.27 12.04
N LEU A 514 -15.83 2.90 12.55
CA LEU A 514 -16.45 3.73 13.59
C LEU A 514 -15.54 3.90 14.80
N LEU A 515 -14.65 2.93 15.05
CA LEU A 515 -13.70 3.07 16.16
C LEU A 515 -12.71 4.20 15.91
N ASP A 516 -12.17 4.30 14.69
CA ASP A 516 -11.30 5.42 14.35
C ASP A 516 -12.07 6.73 14.44
N ILE A 517 -13.33 6.73 14.00
CA ILE A 517 -14.15 7.94 14.13
C ILE A 517 -14.27 8.34 15.60
N LEU A 518 -14.53 7.37 16.47
CA LEU A 518 -14.66 7.65 17.90
C LEU A 518 -13.35 8.20 18.47
N LYS A 519 -12.22 7.65 18.05
CA LYS A 519 -10.93 8.13 18.54
C LYS A 519 -10.71 9.58 18.13
N PHE A 520 -11.04 9.93 16.88
CA PHE A 520 -10.93 11.31 16.41
C PHE A 520 -11.94 12.24 17.10
N LEU A 521 -13.03 11.68 17.61
CA LEU A 521 -14.05 12.49 18.27
C LEU A 521 -13.51 13.24 19.48
N PHE A 522 -12.64 12.59 20.27
CA PHE A 522 -12.12 13.23 21.47
C PHE A 522 -11.30 14.47 21.15
N ILE A 523 -10.37 14.37 20.20
CA ILE A 523 -9.54 15.51 19.85
C ILE A 523 -10.39 16.61 19.22
N TYR A 524 -11.35 16.23 18.36
CA TYR A 524 -12.23 17.26 17.81
C TYR A 524 -13.00 17.97 18.91
N CYS A 525 -13.52 17.23 19.89
CA CYS A 525 -14.31 17.85 20.94
C CYS A 525 -13.45 18.76 21.80
N LEU A 526 -12.21 18.38 22.06
CA LEU A 526 -11.32 19.26 22.82
C LEU A 526 -11.11 20.57 22.08
N VAL A 527 -10.82 20.50 20.77
CA VAL A 527 -10.62 21.72 20.00
C VAL A 527 -11.89 22.57 19.97
N LEU A 528 -13.03 21.92 19.78
CA LEU A 528 -14.31 22.61 19.73
C LEU A 528 -14.60 23.34 21.03
N LEU A 529 -14.39 22.67 22.16
CA LEU A 529 -14.63 23.30 23.45
C LEU A 529 -13.68 24.46 23.69
N ALA A 530 -12.41 24.30 23.31
CA ALA A 530 -11.44 25.38 23.48
C ALA A 530 -11.88 26.64 22.72
N PHE A 531 -12.18 26.48 21.44
CA PHE A 531 -12.53 27.66 20.66
C PHE A 531 -13.91 28.20 21.05
N ALA A 532 -14.82 27.33 21.52
CA ALA A 532 -16.09 27.82 22.03
C ALA A 532 -15.87 28.68 23.26
N ASN A 533 -14.99 28.25 24.16
CA ASN A 533 -14.68 29.05 25.34
C ASN A 533 -14.10 30.41 24.94
N GLY A 534 -13.17 30.42 23.99
CA GLY A 534 -12.58 31.68 23.56
C GLY A 534 -13.58 32.62 22.92
N LEU A 535 -14.39 32.10 22.00
CA LEU A 535 -15.37 32.93 21.30
C LEU A 535 -16.44 33.45 22.25
N ASN A 536 -16.91 32.61 23.18
CA ASN A 536 -17.89 33.07 24.15
C ASN A 536 -17.30 34.15 25.05
N GLN A 537 -16.07 33.93 25.54
CA GLN A 537 -15.42 34.94 26.36
C GLN A 537 -15.32 36.26 25.62
N LEU A 538 -15.04 36.21 24.32
CA LEU A 538 -14.89 37.45 23.56
C LEU A 538 -16.24 38.12 23.31
N TYR A 539 -17.28 37.35 23.00
CA TYR A 539 -18.51 37.92 22.44
C TYR A 539 -19.66 38.05 23.43
N PHE A 540 -19.54 37.55 24.66
CA PHE A 540 -20.70 37.56 25.54
C PHE A 540 -21.08 38.97 26.01
N TYR A 541 -20.23 39.97 25.79
CA TYR A 541 -20.56 41.32 26.22
C TYR A 541 -21.63 41.97 25.35
N TYR A 542 -21.70 41.60 24.06
CA TYR A 542 -22.58 42.24 23.10
C TYR A 542 -23.88 41.47 22.90
N GLU A 543 -24.31 40.70 23.89
CA GLU A 543 -25.56 39.95 23.78
C GLU A 543 -26.74 40.90 23.65
N THR A 544 -27.65 40.59 22.74
CA THR A 544 -28.80 41.44 22.44
C THR A 544 -30.09 40.67 22.69
N ARG A 545 -31.11 41.40 23.12
CA ARG A 545 -32.42 40.80 23.35
C ARG A 545 -33.09 40.42 22.04
N ALA A 546 -34.01 39.46 22.13
CA ALA A 546 -34.72 39.00 20.94
C ALA A 546 -35.60 40.09 20.34
N ILE A 547 -36.07 41.02 21.18
CA ILE A 547 -36.92 42.11 20.68
C ILE A 547 -36.14 43.00 19.73
N ASP A 548 -34.86 43.24 20.03
CA ASP A 548 -34.03 44.08 19.17
C ASP A 548 -33.78 43.45 17.80
N GLU A 549 -33.98 42.15 17.66
CA GLU A 549 -33.74 41.49 16.38
C GLU A 549 -34.83 41.90 15.37
N PRO A 550 -34.50 41.87 14.08
CA PRO A 550 -35.45 42.38 13.07
C PRO A 550 -36.78 41.63 13.04
N ASN A 551 -36.78 40.33 13.33
CA ASN A 551 -38.00 39.53 13.29
C ASN A 551 -38.33 38.89 14.63
N ASN A 552 -37.81 39.46 15.72
CA ASN A 552 -37.98 38.92 17.07
C ASN A 552 -37.44 37.49 17.18
N CYS A 553 -36.47 37.15 16.35
CA CYS A 553 -35.86 35.83 16.32
C CYS A 553 -34.40 35.98 16.75
N LYS A 554 -34.01 35.23 17.78
CA LYS A 554 -32.66 35.27 18.33
C LYS A 554 -31.99 33.91 18.14
N GLY A 555 -30.72 33.93 17.77
CA GLY A 555 -29.95 32.72 17.58
C GLY A 555 -29.49 32.56 16.14
N ILE A 556 -28.96 31.38 15.85
CA ILE A 556 -28.40 31.13 14.52
C ILE A 556 -29.39 30.45 13.58
N ARG A 557 -30.53 29.99 14.08
CA ARG A 557 -31.54 29.34 13.24
C ARG A 557 -32.55 30.34 12.69
N CYS A 558 -32.21 31.62 12.67
CA CYS A 558 -33.05 32.66 12.07
C CYS A 558 -32.57 32.97 10.67
N GLU A 559 -33.42 33.66 9.90
CA GLU A 559 -33.06 34.01 8.53
C GLU A 559 -31.81 34.89 8.50
N LYS A 560 -31.74 35.86 9.40
CA LYS A 560 -30.52 36.62 9.64
C LYS A 560 -29.93 36.13 10.95
N GLN A 561 -28.81 35.40 10.85
CA GLN A 561 -28.17 34.85 12.05
C GLN A 561 -27.66 35.95 12.96
N ASN A 562 -27.85 35.75 14.26
CA ASN A 562 -27.41 36.73 15.26
C ASN A 562 -27.12 36.01 16.57
N ASN A 563 -26.35 36.67 17.43
CA ASN A 563 -25.99 36.13 18.73
C ASN A 563 -25.37 34.74 18.61
N ALA A 564 -24.48 34.58 17.63
CA ALA A 564 -23.89 33.27 17.39
C ALA A 564 -23.03 32.82 18.56
N PHE A 565 -22.31 33.75 19.19
CA PHE A 565 -21.36 33.41 20.25
C PHE A 565 -21.71 34.06 21.58
N SER A 566 -22.97 34.47 21.77
CA SER A 566 -23.35 35.21 22.97
C SER A 566 -23.31 34.31 24.20
N THR A 567 -23.77 33.07 24.08
CA THR A 567 -23.76 32.11 25.17
C THR A 567 -22.96 30.88 24.76
N LEU A 568 -22.51 30.14 25.78
CA LEU A 568 -21.66 28.98 25.52
C LEU A 568 -22.41 27.90 24.74
N PHE A 569 -23.67 27.67 25.08
CA PHE A 569 -24.49 26.69 24.36
C PHE A 569 -24.66 27.10 22.90
N GLU A 570 -25.01 28.36 22.67
CA GLU A 570 -25.13 28.86 21.30
C GLU A 570 -23.80 28.86 20.59
N THR A 571 -22.71 29.17 21.30
CA THR A 571 -21.38 29.13 20.69
C THR A 571 -21.02 27.72 20.24
N LEU A 572 -21.33 26.73 21.06
CA LEU A 572 -21.08 25.34 20.68
C LEU A 572 -21.87 24.97 19.43
N GLN A 573 -23.16 25.35 19.40
CA GLN A 573 -23.96 25.05 18.22
C GLN A 573 -23.42 25.77 16.97
N SER A 574 -22.99 27.02 17.12
CA SER A 574 -22.46 27.78 16.00
C SER A 574 -21.18 27.15 15.46
N LEU A 575 -20.28 26.73 16.36
CA LEU A 575 -19.07 26.08 15.89
C LEU A 575 -19.38 24.73 15.26
N PHE A 576 -20.43 24.05 15.73
CA PHE A 576 -20.85 22.82 15.07
C PHE A 576 -21.31 23.09 13.64
N TRP A 577 -22.19 24.08 13.46
CA TRP A 577 -22.77 24.31 12.14
C TRP A 577 -21.78 24.94 11.16
N SER A 578 -20.70 25.55 11.66
CA SER A 578 -19.69 26.09 10.77
C SER A 578 -18.90 24.98 10.08
N VAL A 579 -18.92 23.76 10.64
CA VAL A 579 -18.28 22.62 9.99
C VAL A 579 -18.94 22.35 8.65
N PHE A 580 -20.27 22.51 8.58
CA PHE A 580 -21.02 22.26 7.37
C PHE A 580 -21.26 23.53 6.55
N GLY A 581 -20.67 24.65 6.97
CA GLY A 581 -20.77 25.88 6.22
C GLY A 581 -22.06 26.63 6.36
N LEU A 582 -22.92 26.26 7.32
CA LEU A 582 -24.22 26.90 7.47
C LEU A 582 -24.17 28.13 8.36
N LEU A 583 -23.03 28.42 8.97
CA LEU A 583 -22.87 29.63 9.77
C LEU A 583 -22.31 30.73 8.88
N ASN A 584 -23.03 31.84 8.75
CA ASN A 584 -22.60 32.93 7.90
C ASN A 584 -21.53 33.76 8.59
N LEU A 585 -20.77 34.51 7.79
CA LEU A 585 -19.61 35.22 8.33
C LEU A 585 -20.00 36.44 9.14
N TYR A 586 -21.11 37.10 8.78
CA TYR A 586 -21.48 38.34 9.45
C TYR A 586 -21.82 38.13 10.93
N VAL A 587 -21.95 36.88 11.37
CA VAL A 587 -22.16 36.62 12.79
C VAL A 587 -20.96 37.05 13.62
N THR A 588 -19.80 37.25 12.98
CA THR A 588 -18.63 37.76 13.68
C THR A 588 -18.62 39.29 13.77
N ASN A 589 -19.77 39.93 13.61
CA ASN A 589 -19.87 41.39 13.59
C ASN A 589 -20.74 41.85 14.75
N VAL A 590 -20.39 43.00 15.32
CA VAL A 590 -21.13 43.57 16.44
C VAL A 590 -21.59 44.98 16.07
N LYS A 591 -22.63 45.43 16.77
CA LYS A 591 -23.22 46.74 16.48
C LYS A 591 -22.25 47.86 16.80
N ALA A 592 -21.49 47.73 17.89
CA ALA A 592 -20.51 48.75 18.23
C ALA A 592 -19.37 48.76 17.22
N ARG A 593 -18.69 49.90 17.12
CA ARG A 593 -17.56 50.05 16.20
C ARG A 593 -16.25 49.56 16.81
N HIS A 594 -16.27 48.34 17.34
CA HIS A 594 -15.09 47.72 17.94
C HIS A 594 -14.45 46.82 16.88
N GLU A 595 -13.74 47.46 15.94
CA GLU A 595 -13.18 46.72 14.82
C GLU A 595 -12.09 45.75 15.27
N PHE A 596 -11.33 46.10 16.30
CA PHE A 596 -10.33 45.16 16.81
C PHE A 596 -10.99 43.91 17.38
N THR A 597 -12.06 44.10 18.16
CA THR A 597 -12.78 42.94 18.72
C THR A 597 -13.37 42.09 17.61
N GLU A 598 -13.97 42.72 16.61
CA GLU A 598 -14.54 41.97 15.49
C GLU A 598 -13.48 41.20 14.74
N PHE A 599 -12.32 41.82 14.51
CA PHE A 599 -11.24 41.13 13.80
C PHE A 599 -10.70 39.97 14.62
N VAL A 600 -10.56 40.15 15.93
CA VAL A 600 -10.05 39.06 16.78
C VAL A 600 -11.03 37.90 16.80
N GLY A 601 -12.33 38.19 16.93
CA GLY A 601 -13.32 37.13 16.86
C GLY A 601 -13.33 36.43 15.52
N ALA A 602 -13.20 37.21 14.43
CA ALA A 602 -13.13 36.61 13.11
C ALA A 602 -11.90 35.75 12.94
N THR A 603 -10.78 36.15 13.54
CA THR A 603 -9.56 35.36 13.45
C THR A 603 -9.68 34.06 14.25
N MET A 604 -10.31 34.13 15.43
CA MET A 604 -10.58 32.90 16.18
C MET A 604 -11.46 31.96 15.37
N PHE A 605 -12.51 32.51 14.76
CA PHE A 605 -13.41 31.70 13.94
C PHE A 605 -12.68 31.11 12.73
N GLY A 606 -11.80 31.90 12.11
CA GLY A 606 -11.04 31.40 10.97
C GLY A 606 -10.05 30.32 11.36
N THR A 607 -9.39 30.47 12.52
CA THR A 607 -8.49 29.43 12.99
C THR A 607 -9.24 28.15 13.32
N TYR A 608 -10.42 28.29 13.93
CA TYR A 608 -11.25 27.11 14.17
C TYR A 608 -11.62 26.43 12.86
N ASN A 609 -12.00 27.22 11.85
CA ASN A 609 -12.30 26.65 10.54
C ASN A 609 -11.10 25.91 9.98
N VAL A 610 -9.93 26.56 10.02
CA VAL A 610 -8.72 25.95 9.46
C VAL A 610 -8.44 24.62 10.13
N ILE A 611 -8.43 24.60 11.45
CA ILE A 611 -8.15 23.35 12.16
C ILE A 611 -9.20 22.33 11.77
N SER A 612 -10.46 22.59 12.14
CA SER A 612 -11.50 21.57 12.08
C SER A 612 -11.70 21.02 10.67
N LEU A 613 -11.46 21.84 9.63
CA LEU A 613 -11.69 21.37 8.27
C LEU A 613 -10.40 20.96 7.57
N VAL A 614 -9.42 21.86 7.47
CA VAL A 614 -8.22 21.55 6.71
C VAL A 614 -7.39 20.49 7.42
N VAL A 615 -7.19 20.63 8.73
CA VAL A 615 -6.25 19.77 9.44
C VAL A 615 -6.94 18.53 9.98
N LEU A 616 -8.03 18.70 10.73
CA LEU A 616 -8.64 17.58 11.42
C LEU A 616 -9.39 16.66 10.46
N LEU A 617 -10.11 17.21 9.49
CA LEU A 617 -10.92 16.38 8.61
C LEU A 617 -10.05 15.56 7.67
N ASN A 618 -8.96 16.14 7.17
CA ASN A 618 -8.05 15.39 6.32
C ASN A 618 -7.31 14.32 7.10
N MET A 619 -6.96 14.61 8.36
CA MET A 619 -6.36 13.59 9.21
C MET A 619 -7.34 12.45 9.47
N LEU A 620 -8.62 12.78 9.65
CA LEU A 620 -9.64 11.75 9.78
C LEU A 620 -9.73 10.89 8.52
N ILE A 621 -9.66 11.53 7.34
CA ILE A 621 -9.68 10.78 6.09
C ILE A 621 -8.49 9.84 6.00
N ALA A 622 -7.30 10.32 6.38
CA ALA A 622 -6.11 9.47 6.35
C ALA A 622 -6.23 8.29 7.31
N MET A 623 -6.73 8.54 8.51
CA MET A 623 -6.93 7.46 9.47
C MET A 623 -7.91 6.43 8.94
N MET A 624 -9.01 6.89 8.33
CA MET A 624 -10.00 5.96 7.78
C MET A 624 -9.39 5.15 6.64
N ASN A 625 -8.60 5.78 5.78
CA ASN A 625 -7.94 5.04 4.70
C ASN A 625 -7.07 3.93 5.26
N ASN A 626 -6.22 4.26 6.24
CA ASN A 626 -5.33 3.26 6.80
C ASN A 626 -6.11 2.13 7.47
N SER A 627 -7.13 2.48 8.26
CA SER A 627 -7.88 1.45 8.97
C SER A 627 -8.65 0.55 8.00
N TYR A 628 -9.24 1.13 6.95
CA TYR A 628 -9.98 0.33 5.98
C TYR A 628 -9.04 -0.59 5.21
N GLN A 629 -7.85 -0.11 4.85
CA GLN A 629 -6.88 -0.99 4.22
C GLN A 629 -6.46 -2.12 5.16
N LEU A 630 -6.31 -1.81 6.44
CA LEU A 630 -5.93 -2.83 7.41
C LEU A 630 -7.02 -3.89 7.56
N ILE A 631 -8.29 -3.47 7.59
CA ILE A 631 -9.38 -4.40 7.89
C ILE A 631 -10.01 -5.01 6.65
N ALA A 632 -9.49 -4.69 5.46
CA ALA A 632 -10.02 -5.28 4.24
C ALA A 632 -9.61 -6.74 4.05
N ASP A 633 -8.50 -7.16 4.65
CA ASP A 633 -8.05 -8.53 4.49
C ASP A 633 -8.94 -9.52 5.24
N HIS A 634 -9.39 -9.14 6.44
CA HIS A 634 -10.16 -10.03 7.30
C HIS A 634 -11.65 -9.76 7.25
N ALA A 635 -12.12 -9.02 6.25
CA ALA A 635 -13.54 -8.68 6.18
C ALA A 635 -14.41 -9.92 6.02
N ASP A 636 -13.97 -10.87 5.18
CA ASP A 636 -14.79 -12.05 4.91
C ASP A 636 -14.97 -12.90 6.16
N ILE A 637 -13.89 -13.12 6.90
CA ILE A 637 -13.99 -13.97 8.10
C ILE A 637 -14.88 -13.33 9.15
N GLU A 638 -14.71 -12.02 9.37
CA GLU A 638 -15.55 -11.33 10.34
C GLU A 638 -17.01 -11.35 9.91
N TRP A 639 -17.27 -11.14 8.62
CA TRP A 639 -18.64 -11.18 8.14
C TRP A 639 -19.25 -12.57 8.31
N LYS A 640 -18.48 -13.61 8.02
CA LYS A 640 -19.02 -14.96 8.17
C LYS A 640 -19.29 -15.28 9.63
N PHE A 641 -18.45 -14.78 10.54
CA PHE A 641 -18.72 -14.97 11.96
C PHE A 641 -20.02 -14.27 12.37
N ALA A 642 -20.19 -13.02 11.94
CA ALA A 642 -21.40 -12.27 12.27
C ALA A 642 -22.63 -12.93 11.67
N ARG A 643 -22.54 -13.40 10.43
CA ARG A 643 -23.68 -14.07 9.80
C ARG A 643 -23.98 -15.40 10.45
N THR A 644 -22.96 -16.12 10.91
CA THR A 644 -23.23 -17.34 11.67
C THR A 644 -23.98 -17.04 12.94
N LYS A 645 -23.58 -15.97 13.64
CA LYS A 645 -24.32 -15.59 14.84
C LYS A 645 -25.77 -15.25 14.50
N LEU A 646 -25.99 -14.52 13.40
CA LEU A 646 -27.34 -14.18 12.99
C LEU A 646 -28.16 -15.42 12.67
N TRP A 647 -27.58 -16.36 11.91
CA TRP A 647 -28.28 -17.59 11.56
C TRP A 647 -28.62 -18.41 12.79
N MET A 648 -27.67 -18.51 13.73
CA MET A 648 -27.91 -19.30 14.93
C MET A 648 -28.95 -18.64 15.83
N SER A 649 -29.09 -17.32 15.77
CA SER A 649 -30.13 -16.66 16.54
C SER A 649 -31.53 -17.12 16.12
N TYR A 650 -31.68 -17.65 14.90
CA TYR A 650 -32.96 -18.14 14.41
C TYR A 650 -33.06 -19.67 14.48
N PHE A 651 -32.13 -20.33 15.15
CA PHE A 651 -32.21 -21.78 15.33
C PHE A 651 -33.04 -22.18 16.54
N ASP A 652 -33.31 -21.25 17.46
CA ASP A 652 -33.95 -21.57 18.72
C ASP A 652 -35.47 -21.56 18.59
N GLU A 653 -36.13 -22.36 19.42
CA GLU A 653 -37.58 -22.40 19.43
C GLU A 653 -38.16 -21.06 19.91
N GLY A 654 -37.55 -20.46 20.92
CA GLY A 654 -38.08 -19.21 21.45
C GLY A 654 -37.96 -18.07 20.46
N GLY A 655 -38.96 -17.19 20.50
CA GLY A 655 -38.99 -16.05 19.59
C GLY A 655 -39.37 -16.40 18.16
N THR A 656 -40.05 -17.53 17.96
CA THR A 656 -40.44 -17.92 16.61
C THR A 656 -41.41 -16.91 15.99
N LEU A 657 -42.41 -16.49 16.75
CA LEU A 657 -43.42 -15.57 16.25
C LEU A 657 -42.90 -14.15 16.30
N PRO A 658 -42.87 -13.42 15.18
CA PRO A 658 -42.47 -12.01 15.22
C PRO A 658 -43.58 -11.16 15.82
N PRO A 659 -43.28 -9.93 16.23
CA PRO A 659 -44.33 -9.05 16.71
C PRO A 659 -45.30 -8.71 15.60
N PRO A 660 -46.58 -8.49 15.92
CA PRO A 660 -47.14 -8.47 17.26
C PRO A 660 -47.66 -9.84 17.73
N PHE A 661 -47.39 -10.89 16.94
CA PHE A 661 -47.93 -12.21 17.27
C PHE A 661 -47.27 -12.87 18.47
N ASN A 662 -46.15 -12.31 18.98
CA ASN A 662 -45.48 -12.89 20.13
C ASN A 662 -46.23 -12.63 21.44
N ILE A 663 -47.13 -11.65 21.48
CA ILE A 663 -47.86 -11.35 22.71
C ILE A 663 -49.22 -12.04 22.77
N ILE A 664 -49.71 -12.58 21.67
CA ILE A 664 -50.99 -13.28 21.66
C ILE A 664 -50.85 -14.59 22.41
N SER A 706 -23.98 -40.40 26.46
CA SER A 706 -22.83 -39.54 26.63
C SER A 706 -21.53 -40.31 26.42
N LEU A 707 -21.47 -41.55 26.92
CA LEU A 707 -20.25 -42.34 26.76
C LEU A 707 -19.97 -42.68 25.30
N ILE A 708 -21.01 -43.08 24.55
CA ILE A 708 -20.80 -43.42 23.15
C ILE A 708 -20.48 -42.16 22.35
N GLN A 709 -21.10 -41.03 22.70
CA GLN A 709 -20.74 -39.76 22.05
C GLN A 709 -19.29 -39.41 22.30
N ASN A 710 -18.82 -39.59 23.54
CA ASN A 710 -17.42 -39.33 23.87
C ASN A 710 -16.49 -40.26 23.10
N GLN A 711 -16.86 -41.53 22.97
CA GLN A 711 -16.02 -42.47 22.23
C GLN A 711 -15.94 -42.08 20.75
N HIS A 712 -17.08 -41.72 20.15
CA HIS A 712 -17.07 -41.30 18.75
C HIS A 712 -16.24 -40.04 18.58
N TYR A 713 -16.38 -39.07 19.49
CA TYR A 713 -15.59 -37.87 19.41
C TYR A 713 -14.10 -38.17 19.56
N GLN A 714 -13.76 -39.11 20.44
CA GLN A 714 -12.36 -39.46 20.64
C GLN A 714 -11.76 -40.09 19.40
N GLU A 715 -12.50 -41.00 18.74
CA GLU A 715 -11.95 -41.63 17.54
C GLU A 715 -11.83 -40.61 16.41
N VAL A 716 -12.81 -39.73 16.25
CA VAL A 716 -12.72 -38.69 15.24
C VAL A 716 -11.53 -37.77 15.52
N ILE A 717 -11.32 -37.43 16.80
CA ILE A 717 -10.21 -36.55 17.16
C ILE A 717 -8.87 -37.25 16.91
N ARG A 718 -8.79 -38.55 17.18
CA ARG A 718 -7.56 -39.29 16.88
C ARG A 718 -7.25 -39.26 15.40
N ASN A 719 -8.27 -39.49 14.55
CA ASN A 719 -8.06 -39.41 13.12
C ASN A 719 -7.62 -38.01 12.69
N LEU A 720 -8.27 -36.97 13.25
CA LEU A 720 -7.92 -35.60 12.91
C LEU A 720 -6.49 -35.28 13.31
N VAL A 721 -6.07 -35.73 14.48
CA VAL A 721 -4.71 -35.45 14.95
C VAL A 721 -3.68 -36.14 14.07
N LYS A 722 -3.93 -37.41 13.71
CA LYS A 722 -3.02 -38.10 12.79
C LYS A 722 -2.90 -37.34 11.48
N ARG A 723 -4.04 -36.96 10.89
CA ARG A 723 -4.02 -36.28 9.61
C ARG A 723 -3.32 -34.93 9.72
N TYR A 724 -3.58 -34.19 10.80
CA TYR A 724 -2.96 -32.88 10.98
C TYR A 724 -1.45 -32.99 11.14
N VAL A 725 -1.00 -33.97 11.92
CA VAL A 725 0.45 -34.16 12.11
C VAL A 725 1.11 -34.50 10.78
N ALA A 726 0.53 -35.43 10.03
CA ALA A 726 1.09 -35.78 8.74
C ALA A 726 1.13 -34.58 7.79
N ALA A 727 0.02 -33.83 7.74
CA ALA A 727 -0.05 -32.68 6.84
C ALA A 727 0.95 -31.61 7.20
N MET A 728 1.12 -31.34 8.50
CA MET A 728 2.04 -30.29 8.92
C MET A 728 3.50 -30.70 8.73
N ILE A 729 3.81 -31.98 8.96
CA ILE A 729 5.15 -32.47 8.65
C ILE A 729 5.43 -32.34 7.16
N ARG A 730 4.45 -32.72 6.33
CA ARG A 730 4.60 -32.57 4.88
C ARG A 730 4.81 -31.12 4.49
N ASN A 731 4.04 -30.20 5.09
CA ASN A 731 4.17 -28.79 4.77
C ASN A 731 5.54 -28.24 5.17
N SER A 732 6.02 -28.63 6.36
CA SER A 732 7.34 -28.19 6.79
C SER A 732 8.44 -28.73 5.89
N LYS A 733 8.33 -30.00 5.47
CA LYS A 733 9.34 -30.57 4.58
C LYS A 733 9.30 -29.91 3.21
N THR A 734 8.11 -29.63 2.69
CA THR A 734 7.96 -29.02 1.37
C THR A 734 8.08 -27.50 1.41
N THR A 739 18.69 -23.32 4.81
CA THR A 739 19.50 -22.74 5.87
C THR A 739 20.98 -22.98 5.59
N GLU A 740 21.80 -22.10 6.16
CA GLU A 740 23.26 -22.29 6.12
C GLU A 740 23.68 -23.54 6.88
N GLU A 741 22.95 -23.88 7.94
CA GLU A 741 23.28 -25.07 8.71
C GLU A 741 23.13 -26.33 7.89
N ASN A 742 22.21 -26.35 6.92
CA ASN A 742 22.09 -27.51 6.03
C ASN A 742 23.36 -27.69 5.20
N PHE A 743 23.89 -26.59 4.65
CA PHE A 743 25.14 -26.69 3.89
C PHE A 743 26.30 -27.06 4.80
N LYS A 744 26.30 -26.57 6.03
CA LYS A 744 27.34 -26.97 6.98
C LYS A 744 27.28 -28.46 7.26
N GLU A 745 26.07 -29.01 7.42
CA GLU A 745 25.92 -30.45 7.63
C GLU A 745 26.36 -31.24 6.40
N LEU A 746 26.04 -30.74 5.20
CA LEU A 746 26.50 -31.40 3.98
C LEU A 746 28.02 -31.42 3.90
N LYS A 747 28.66 -30.29 4.20
CA LYS A 747 30.12 -30.23 4.22
C LYS A 747 30.68 -31.19 5.26
N GLN A 748 30.04 -31.26 6.43
CA GLN A 748 30.50 -32.16 7.48
C GLN A 748 30.41 -33.62 7.04
N ASP A 749 29.30 -33.99 6.39
CA ASP A 749 29.16 -35.36 5.91
C ASP A 749 30.22 -35.69 4.86
N ILE A 750 30.44 -34.76 3.92
CA ILE A 750 31.43 -35.00 2.87
C ILE A 750 32.82 -35.13 3.47
N SER A 751 33.17 -34.26 4.41
CA SER A 751 34.49 -34.31 5.03
C SER A 751 34.68 -35.58 5.85
N SER A 752 33.65 -36.01 6.58
CA SER A 752 33.76 -37.24 7.35
C SER A 752 33.94 -38.44 6.43
N PHE A 753 33.18 -38.49 5.33
CA PHE A 753 33.36 -39.56 4.35
C PHE A 753 34.77 -39.53 3.76
N ARG A 754 35.27 -38.33 3.46
CA ARG A 754 36.60 -38.18 2.88
C ARG A 754 37.67 -38.70 3.84
N TYR A 755 37.57 -38.32 5.12
CA TYR A 755 38.56 -38.76 6.11
C TYR A 755 38.49 -40.27 6.29
N GLU A 756 37.28 -40.85 6.34
CA GLU A 756 37.17 -42.30 6.46
C GLU A 756 37.80 -43.01 5.27
N VAL A 757 37.54 -42.54 4.06
CA VAL A 757 38.11 -43.16 2.87
C VAL A 757 39.62 -43.04 2.86
N LEU A 758 40.13 -41.85 3.21
CA LEU A 758 41.58 -41.65 3.23
C LEU A 758 42.25 -42.55 4.25
N ASP A 759 41.65 -42.67 5.44
CA ASP A 759 42.21 -43.57 6.45
C ASP A 759 42.20 -45.02 5.98
N LEU A 760 41.08 -45.46 5.39
CA LEU A 760 40.99 -46.84 4.93
C LEU A 760 42.01 -47.13 3.84
N LEU A 761 42.19 -46.20 2.90
CA LEU A 761 43.15 -46.41 1.82
C LEU A 761 44.60 -46.27 2.29
N ARG B 17 25.36 -4.92 -40.42
CA ARG B 17 26.10 -5.72 -39.45
C ARG B 17 26.91 -4.85 -38.54
N ILE B 18 27.05 -5.29 -37.29
CA ILE B 18 27.83 -4.59 -36.29
C ILE B 18 28.99 -5.50 -35.92
N PRO B 19 30.24 -5.09 -36.20
CA PRO B 19 31.35 -5.96 -35.84
C PRO B 19 31.57 -5.93 -34.35
N LEU B 20 31.82 -7.06 -33.72
CA LEU B 20 32.02 -7.04 -32.30
C LEU B 20 33.41 -7.52 -32.00
N GLN B 21 34.21 -6.71 -31.30
CA GLN B 21 35.54 -7.18 -30.98
C GLN B 21 35.88 -6.75 -29.55
N ILE B 22 37.15 -6.87 -29.18
CA ILE B 22 37.59 -6.48 -27.85
C ILE B 22 38.26 -5.11 -27.88
N VAL B 23 37.50 -4.07 -27.53
CA VAL B 23 38.02 -2.70 -27.54
C VAL B 23 39.21 -2.53 -26.61
N ARG B 24 39.06 -2.96 -25.36
CA ARG B 24 40.11 -2.84 -24.38
C ARG B 24 40.67 -4.23 -24.31
N ALA B 25 41.80 -4.46 -24.94
CA ALA B 25 42.37 -5.80 -24.95
C ALA B 25 43.23 -6.07 -23.75
N GLU B 26 43.49 -7.34 -23.50
CA GLU B 26 44.36 -7.72 -22.40
C GLU B 26 45.35 -8.78 -22.87
N THR B 27 46.08 -9.35 -21.92
CA THR B 27 47.06 -10.37 -22.21
C THR B 27 46.44 -11.73 -21.97
N GLU B 28 46.29 -12.51 -23.04
CA GLU B 28 45.70 -13.83 -22.92
C GLU B 28 46.59 -14.87 -22.25
N LEU B 29 45.95 -15.81 -21.59
CA LEU B 29 46.67 -16.89 -20.94
C LEU B 29 47.19 -17.87 -21.99
N SER B 30 48.25 -18.60 -21.66
CA SER B 30 48.82 -19.60 -22.55
C SER B 30 48.04 -20.91 -22.43
N ALA B 31 48.33 -21.90 -23.26
CA ALA B 31 47.55 -23.12 -23.15
C ALA B 31 47.78 -23.80 -21.80
N GLU B 32 49.04 -23.83 -21.33
CA GLU B 32 49.33 -24.38 -20.01
C GLU B 32 48.75 -23.54 -18.87
N GLU B 33 48.89 -22.22 -19.00
CA GLU B 33 48.40 -21.32 -17.97
C GLU B 33 46.93 -21.48 -17.80
N LYS B 34 46.25 -21.95 -18.83
CA LYS B 34 44.82 -22.19 -18.72
C LYS B 34 44.53 -23.56 -18.12
N ALA B 35 45.30 -24.58 -18.51
CA ALA B 35 45.12 -25.90 -17.92
C ALA B 35 45.43 -25.89 -16.43
N PHE B 36 46.48 -25.17 -16.02
CA PHE B 36 46.83 -25.05 -14.61
C PHE B 36 45.71 -24.36 -13.82
N LEU B 37 45.16 -23.27 -14.37
CA LEU B 37 44.07 -22.58 -13.70
C LEU B 37 42.82 -23.44 -13.63
N ASN B 38 42.54 -24.22 -14.67
CA ASN B 38 41.41 -25.14 -14.65
C ASN B 38 41.61 -26.22 -13.58
N ALA B 39 42.84 -26.72 -13.45
CA ALA B 39 43.13 -27.71 -12.42
C ALA B 39 42.93 -27.11 -11.03
N VAL B 40 43.36 -25.86 -10.84
CA VAL B 40 43.15 -25.19 -9.55
C VAL B 40 41.66 -25.04 -9.28
N GLU B 41 40.89 -24.65 -10.30
CA GLU B 41 39.44 -24.48 -10.12
C GLU B 41 38.76 -25.80 -9.76
N LYS B 42 39.14 -26.88 -10.44
CA LYS B 42 38.55 -28.17 -10.16
C LYS B 42 39.02 -28.78 -8.84
N GLY B 43 40.09 -28.24 -8.25
CA GLY B 43 40.56 -28.73 -6.98
C GLY B 43 41.45 -29.95 -7.04
N ASP B 44 41.93 -30.33 -8.22
CA ASP B 44 42.80 -31.49 -8.37
C ASP B 44 44.16 -31.15 -7.77
N TYR B 45 44.41 -31.63 -6.55
CA TYR B 45 45.64 -31.29 -5.85
C TYR B 45 46.87 -31.84 -6.56
N ALA B 46 46.77 -33.06 -7.11
CA ALA B 46 47.93 -33.71 -7.71
C ALA B 46 48.44 -32.95 -8.92
N THR B 47 47.53 -32.56 -9.82
CA THR B 47 47.96 -31.86 -11.03
C THR B 47 48.49 -30.48 -10.71
N VAL B 48 47.87 -29.79 -9.75
CA VAL B 48 48.37 -28.47 -9.35
C VAL B 48 49.77 -28.59 -8.76
N LYS B 49 49.98 -29.60 -7.91
CA LYS B 49 51.31 -29.81 -7.33
C LYS B 49 52.34 -30.13 -8.41
N GLN B 50 51.96 -30.96 -9.38
CA GLN B 50 52.86 -31.29 -10.49
C GLN B 50 53.20 -30.06 -11.30
N ALA B 51 52.22 -29.21 -11.58
CA ALA B 51 52.48 -27.99 -12.34
C ALA B 51 53.39 -27.05 -11.56
N LEU B 52 53.16 -26.92 -10.25
CA LEU B 52 54.03 -26.06 -9.44
C LEU B 52 55.45 -26.57 -9.41
N GLN B 53 55.63 -27.89 -9.30
CA GLN B 53 56.98 -28.46 -9.29
C GLN B 53 57.64 -28.33 -10.66
N GLU B 54 56.87 -28.43 -11.73
CA GLU B 54 57.44 -28.31 -13.08
C GLU B 54 57.79 -26.87 -13.41
N ALA B 55 57.06 -25.90 -12.85
CA ALA B 55 57.35 -24.50 -13.12
C ALA B 55 58.70 -24.07 -12.55
N GLU B 56 59.12 -24.67 -11.43
CA GLU B 56 60.41 -24.33 -10.86
C GLU B 56 61.56 -24.77 -11.75
N ILE B 57 61.39 -25.85 -12.50
CA ILE B 57 62.47 -26.40 -13.31
C ILE B 57 62.43 -25.83 -14.73
N TYR B 58 61.26 -25.80 -15.36
CA TYR B 58 61.15 -25.41 -16.75
C TYR B 58 60.74 -23.95 -16.96
N TYR B 59 60.13 -23.33 -15.95
CA TYR B 59 59.68 -21.93 -16.04
C TYR B 59 58.75 -21.71 -17.23
N ASN B 60 57.86 -22.68 -17.46
CA ASN B 60 56.93 -22.62 -18.57
C ASN B 60 55.56 -22.06 -18.20
N VAL B 61 55.19 -22.07 -16.92
CA VAL B 61 53.91 -21.60 -16.45
C VAL B 61 54.14 -20.48 -15.44
N ASN B 62 53.46 -19.36 -15.64
CA ASN B 62 53.51 -18.24 -14.70
C ASN B 62 52.49 -18.51 -13.59
N ILE B 63 52.97 -18.76 -12.38
CA ILE B 63 52.10 -19.12 -11.27
C ILE B 63 51.23 -17.95 -10.83
N ASN B 64 51.57 -16.73 -11.23
CA ASN B 64 50.82 -15.55 -10.84
C ASN B 64 49.89 -15.05 -11.95
N CYS B 65 49.67 -15.85 -12.98
CA CYS B 65 48.83 -15.43 -14.10
C CYS B 65 47.38 -15.26 -13.65
N MET B 66 46.70 -14.28 -14.24
CA MET B 66 45.30 -14.04 -13.94
C MET B 66 44.42 -14.93 -14.82
N ASP B 67 43.11 -14.72 -14.71
CA ASP B 67 42.14 -15.41 -15.56
C ASP B 67 41.35 -14.34 -16.31
N PRO B 68 40.43 -14.69 -17.21
CA PRO B 68 39.60 -13.66 -17.85
C PRO B 68 38.80 -12.82 -16.86
N LEU B 69 38.60 -13.30 -15.63
CA LEU B 69 37.92 -12.53 -14.60
C LEU B 69 38.88 -11.79 -13.68
N GLY B 70 40.19 -11.90 -13.91
CA GLY B 70 41.18 -11.20 -13.10
C GLY B 70 41.69 -11.97 -11.89
N ARG B 71 41.09 -13.11 -11.56
CA ARG B 71 41.51 -13.89 -10.41
C ARG B 71 42.76 -14.70 -10.73
N SER B 72 43.68 -14.75 -9.77
CA SER B 72 44.88 -15.56 -9.89
C SER B 72 44.59 -16.94 -9.31
N ALA B 73 45.62 -17.79 -9.24
CA ALA B 73 45.44 -19.13 -8.66
C ALA B 73 45.09 -19.03 -7.17
N LEU B 74 45.77 -18.14 -6.45
CA LEU B 74 45.49 -18.00 -5.01
C LEU B 74 44.07 -17.49 -4.77
N LEU B 75 43.60 -16.54 -5.59
CA LEU B 75 42.25 -16.04 -5.44
C LEU B 75 41.22 -17.12 -5.75
N ILE B 76 41.50 -17.96 -6.76
CA ILE B 76 40.61 -19.08 -7.06
C ILE B 76 40.55 -20.05 -5.89
N ALA B 77 41.72 -20.37 -5.31
CA ALA B 77 41.76 -21.29 -4.18
C ALA B 77 41.01 -20.72 -2.99
N ILE B 78 41.18 -19.42 -2.72
CA ILE B 78 40.46 -18.79 -1.61
C ILE B 78 38.95 -18.82 -1.85
N GLU B 79 38.54 -18.52 -3.09
CA GLU B 79 37.11 -18.46 -3.38
C GLU B 79 36.44 -19.83 -3.27
N ASN B 80 37.18 -20.90 -3.48
CA ASN B 80 36.64 -22.25 -3.37
C ASN B 80 36.78 -22.87 -1.99
N GLU B 81 37.32 -22.12 -1.03
CA GLU B 81 37.56 -22.62 0.33
C GLU B 81 38.40 -23.89 0.32
N ASN B 82 39.38 -23.94 -0.58
CA ASN B 82 40.27 -25.09 -0.70
C ASN B 82 41.55 -24.75 0.08
N LEU B 83 41.57 -25.14 1.35
CA LEU B 83 42.70 -24.83 2.21
C LEU B 83 43.96 -25.57 1.79
N GLU B 84 43.82 -26.81 1.29
CA GLU B 84 44.99 -27.59 0.89
C GLU B 84 45.70 -26.95 -0.29
N ILE B 85 44.95 -26.62 -1.35
CA ILE B 85 45.57 -26.00 -2.52
C ILE B 85 46.07 -24.61 -2.19
N MET B 86 45.38 -23.91 -1.30
CA MET B 86 45.82 -22.59 -0.89
C MET B 86 47.15 -22.68 -0.23
N GLU B 87 47.25 -23.57 0.74
CA GLU B 87 48.50 -23.74 1.46
C GLU B 87 49.62 -24.22 0.53
N LEU B 88 49.29 -25.07 -0.43
CA LEU B 88 50.28 -25.51 -1.41
C LEU B 88 50.81 -24.33 -2.22
N LEU B 89 49.91 -23.42 -2.63
CA LEU B 89 50.34 -22.23 -3.36
C LEU B 89 51.18 -21.33 -2.48
N LEU B 90 50.80 -21.18 -1.21
CA LEU B 90 51.58 -20.34 -0.30
C LEU B 90 52.98 -20.90 -0.09
N ASN B 91 53.11 -22.23 0.01
CA ASN B 91 54.42 -22.84 0.19
C ASN B 91 55.31 -22.66 -1.03
N HIS B 92 54.72 -22.39 -2.19
CA HIS B 92 55.49 -22.14 -3.41
C HIS B 92 55.73 -20.66 -3.66
N SER B 93 55.40 -19.81 -2.69
CA SER B 93 55.70 -18.37 -2.74
C SER B 93 55.07 -17.70 -3.96
N VAL B 94 53.74 -17.74 -3.99
CA VAL B 94 52.99 -17.01 -5.01
C VAL B 94 52.72 -15.60 -4.51
N TYR B 95 52.38 -14.71 -5.44
CA TYR B 95 52.03 -13.35 -5.07
C TYR B 95 50.81 -13.36 -4.16
N VAL B 96 50.90 -12.64 -3.04
CA VAL B 96 49.88 -12.68 -2.00
C VAL B 96 49.26 -11.32 -1.75
N GLY B 97 49.62 -10.30 -2.52
CA GLY B 97 49.09 -8.96 -2.33
C GLY B 97 47.57 -8.89 -2.38
N ASP B 98 46.97 -8.29 -1.35
CA ASP B 98 45.52 -8.11 -1.21
C ASP B 98 44.75 -9.42 -1.13
N ALA B 99 45.45 -10.56 -1.02
CA ALA B 99 44.73 -11.83 -0.83
C ALA B 99 44.04 -11.87 0.52
N LEU B 100 44.63 -11.24 1.53
CA LEU B 100 44.01 -11.21 2.86
C LEU B 100 42.65 -10.52 2.80
N LEU B 101 42.52 -9.47 2.00
CA LEU B 101 41.24 -8.78 1.89
C LEU B 101 40.17 -9.68 1.27
N TYR B 102 40.54 -10.45 0.24
CA TYR B 102 39.59 -11.39 -0.35
C TYR B 102 39.22 -12.48 0.65
N ALA B 103 40.20 -12.98 1.41
CA ALA B 103 39.90 -14.00 2.41
C ALA B 103 38.95 -13.46 3.49
N ILE B 104 39.17 -12.22 3.92
CA ILE B 104 38.32 -11.62 4.94
C ILE B 104 36.91 -11.39 4.40
N ARG B 105 36.80 -10.89 3.17
CA ARG B 105 35.48 -10.65 2.58
C ARG B 105 34.73 -11.96 2.39
N LYS B 106 35.44 -13.01 1.99
CA LYS B 106 34.81 -14.33 1.83
C LYS B 106 34.29 -14.88 3.15
N GLU B 107 34.73 -14.32 4.28
CA GLU B 107 34.29 -14.75 5.62
C GLU B 107 34.62 -16.22 5.85
N VAL B 108 35.82 -16.60 5.45
CA VAL B 108 36.32 -17.96 5.64
C VAL B 108 37.42 -17.91 6.69
N VAL B 109 37.24 -18.64 7.78
CA VAL B 109 38.21 -18.66 8.89
C VAL B 109 39.59 -19.21 8.50
N GLY B 110 39.61 -20.25 7.68
CA GLY B 110 40.85 -20.88 7.27
C GLY B 110 41.80 -20.00 6.47
N ALA B 111 41.25 -19.20 5.56
CA ALA B 111 42.06 -18.34 4.71
C ALA B 111 42.85 -17.26 5.48
N VAL B 112 42.22 -16.68 6.49
CA VAL B 112 42.87 -15.63 7.29
C VAL B 112 44.06 -16.13 8.10
N GLU B 113 43.79 -17.13 8.93
CA GLU B 113 44.79 -17.75 9.76
C GLU B 113 45.91 -18.26 8.89
N LEU B 114 45.57 -18.86 7.77
CA LEU B 114 46.61 -19.33 6.88
C LEU B 114 47.40 -18.16 6.37
N LEU B 115 46.70 -17.14 5.91
CA LEU B 115 47.35 -15.96 5.36
C LEU B 115 48.03 -15.12 6.41
N LEU B 116 47.45 -15.08 7.60
CA LEU B 116 48.00 -14.32 8.71
C LEU B 116 49.35 -14.87 9.14
N SER B 117 49.49 -16.18 9.10
CA SER B 117 50.74 -16.84 9.45
C SER B 117 51.72 -16.90 8.28
N TYR B 118 51.30 -16.46 7.10
CA TYR B 118 52.13 -16.44 5.89
C TYR B 118 52.76 -17.77 5.55
N THR B 134 50.74 -1.15 -9.84
CA THR B 134 49.44 -1.12 -9.17
C THR B 134 48.42 -1.99 -9.92
N GLN B 135 48.29 -3.24 -9.47
CA GLN B 135 47.36 -4.16 -10.10
C GLN B 135 45.92 -3.79 -9.75
N PHE B 136 44.99 -4.36 -10.51
CA PHE B 136 43.58 -4.15 -10.25
C PHE B 136 43.17 -4.85 -8.96
N SER B 137 42.35 -4.16 -8.16
CA SER B 137 41.85 -4.70 -6.90
C SER B 137 40.38 -4.33 -6.75
N GLU B 138 39.63 -5.20 -6.08
CA GLU B 138 38.23 -4.94 -5.79
C GLU B 138 38.04 -4.09 -4.55
N PHE B 139 39.12 -3.73 -3.87
CA PHE B 139 39.07 -2.95 -2.63
C PHE B 139 39.81 -1.64 -2.83
N THR B 140 39.24 -0.56 -2.30
CA THR B 140 39.86 0.75 -2.40
C THR B 140 41.15 0.79 -1.59
N PRO B 141 42.09 1.66 -1.94
CA PRO B 141 43.39 1.69 -1.25
C PRO B 141 43.28 1.99 0.24
N ASP B 142 42.23 2.65 0.70
CA ASP B 142 42.11 2.99 2.12
C ASP B 142 41.60 1.82 2.95
N ILE B 143 41.19 0.72 2.33
CA ILE B 143 40.71 -0.44 3.09
C ILE B 143 41.89 -1.16 3.72
N THR B 144 41.81 -1.41 5.02
CA THR B 144 42.77 -2.18 5.77
C THR B 144 42.13 -3.48 6.26
N PRO B 145 42.93 -4.48 6.62
CA PRO B 145 42.32 -5.76 7.04
C PRO B 145 41.34 -5.64 8.20
N ILE B 146 41.68 -4.83 9.22
CA ILE B 146 40.77 -4.67 10.35
C ILE B 146 39.51 -3.91 9.92
N MET B 147 39.68 -2.90 9.07
CA MET B 147 38.53 -2.15 8.58
C MET B 147 37.59 -3.03 7.77
N LEU B 148 38.13 -3.86 6.88
CA LEU B 148 37.30 -4.77 6.10
C LEU B 148 36.63 -5.80 6.99
N ALA B 149 37.36 -6.34 7.97
CA ALA B 149 36.75 -7.30 8.89
C ALA B 149 35.60 -6.66 9.67
N ALA B 150 35.77 -5.40 10.10
CA ALA B 150 34.68 -4.70 10.76
C ALA B 150 33.51 -4.48 9.81
N HIS B 151 33.80 -4.22 8.53
CA HIS B 151 32.73 -4.09 7.55
C HIS B 151 31.93 -5.39 7.43
N THR B 152 32.62 -6.53 7.43
CA THR B 152 31.92 -7.81 7.34
C THR B 152 31.16 -8.15 8.62
N ASN B 153 31.50 -7.52 9.74
CA ASN B 153 30.86 -7.78 11.03
C ASN B 153 30.95 -9.26 11.40
N ASN B 154 32.11 -9.87 11.15
CA ASN B 154 32.35 -11.26 11.45
C ASN B 154 33.16 -11.33 12.74
N TYR B 155 32.55 -11.86 13.81
CA TYR B 155 33.14 -11.80 15.13
C TYR B 155 34.46 -12.58 15.19
N GLU B 156 34.53 -13.73 14.52
CA GLU B 156 35.73 -14.56 14.58
C GLU B 156 36.93 -13.85 13.97
N ILE B 157 36.77 -13.34 12.75
CA ILE B 157 37.89 -12.69 12.06
C ILE B 157 38.24 -11.37 12.74
N ILE B 158 37.23 -10.62 13.19
CA ILE B 158 37.50 -9.37 13.91
C ILE B 158 38.29 -9.67 15.18
N LYS B 159 37.91 -10.71 15.91
CA LYS B 159 38.65 -11.09 17.11
C LYS B 159 40.07 -11.52 16.78
N LEU B 160 40.24 -12.27 15.69
CA LEU B 160 41.57 -12.69 15.27
C LEU B 160 42.46 -11.49 14.98
N LEU B 161 41.92 -10.48 14.31
CA LEU B 161 42.71 -9.31 13.97
C LEU B 161 42.96 -8.42 15.18
N VAL B 162 42.00 -8.33 16.10
CA VAL B 162 42.20 -7.54 17.32
C VAL B 162 43.15 -8.23 18.27
N GLN B 163 43.35 -9.55 18.14
CA GLN B 163 44.36 -10.24 18.94
C GLN B 163 45.75 -9.64 18.74
N LYS B 164 46.03 -9.13 17.54
CA LYS B 164 47.28 -8.44 17.26
C LYS B 164 47.14 -6.98 17.70
N ARG B 165 48.10 -6.15 17.31
CA ARG B 165 48.07 -4.72 17.62
C ARG B 165 47.64 -3.99 16.36
N VAL B 166 46.33 -3.81 16.20
CA VAL B 166 45.77 -3.13 15.05
C VAL B 166 45.06 -1.87 15.52
N THR B 167 45.02 -0.86 14.65
CA THR B 167 44.41 0.42 14.97
C THR B 167 43.58 0.88 13.78
N ILE B 168 42.61 1.74 14.08
CA ILE B 168 41.74 2.37 13.08
C ILE B 168 41.90 3.87 13.21
N PRO B 169 42.13 4.60 12.13
CA PRO B 169 42.35 6.05 12.24
C PRO B 169 41.14 6.76 12.84
N ARG B 170 41.41 7.76 13.66
CA ARG B 170 40.36 8.54 14.30
C ARG B 170 39.79 9.56 13.33
N PRO B 171 38.50 9.51 13.02
CA PRO B 171 37.91 10.58 12.20
C PRO B 171 37.90 11.90 12.95
N HIS B 172 38.06 12.98 12.20
CA HIS B 172 38.10 14.32 12.80
C HIS B 172 36.68 14.75 13.16
N GLN B 173 36.55 16.00 13.60
CA GLN B 173 35.24 16.53 13.95
C GLN B 173 34.34 16.62 12.72
N ILE B 174 33.03 16.54 12.96
CA ILE B 174 32.06 16.64 11.88
C ILE B 174 32.22 17.96 11.13
N ARG B 175 32.45 19.05 11.87
CA ARG B 175 32.67 20.37 11.30
C ARG B 175 34.11 20.83 11.54
N CYS B 176 35.06 19.91 11.40
CA CYS B 176 36.46 20.23 11.58
C CYS B 176 36.96 21.14 10.47
N ASN B 177 37.83 22.08 10.84
CA ASN B 177 38.39 23.05 9.89
C ASN B 177 39.90 23.10 9.96
N CYS B 178 40.54 21.98 10.29
CA CYS B 178 42.00 21.96 10.35
C CYS B 178 42.57 21.94 8.93
N VAL B 179 43.90 22.15 8.86
CA VAL B 179 44.56 22.24 7.56
C VAL B 179 44.49 20.91 6.83
N GLU B 180 44.64 19.79 7.56
CA GLU B 180 44.65 18.48 6.92
C GLU B 180 43.31 18.16 6.27
N CYS B 181 42.21 18.45 6.97
CA CYS B 181 40.88 18.12 6.44
C CYS B 181 40.58 18.92 5.18
N VAL B 182 40.83 20.23 5.20
CA VAL B 182 40.54 21.05 4.03
C VAL B 182 41.48 20.70 2.89
N SER B 183 42.74 20.39 3.19
CA SER B 183 43.68 20.00 2.15
C SER B 183 43.23 18.71 1.47
N SER B 184 42.83 17.71 2.26
CA SER B 184 42.36 16.46 1.69
C SER B 184 41.06 16.66 0.90
N SER B 185 40.16 17.50 1.40
CA SER B 185 38.91 17.75 0.70
C SER B 185 39.15 18.44 -0.64
N GLU B 186 40.07 19.40 -0.69
CA GLU B 186 40.33 20.12 -1.94
C GLU B 186 41.11 19.24 -2.91
N VAL B 187 42.09 18.48 -2.42
CA VAL B 187 42.89 17.65 -3.31
C VAL B 187 42.05 16.54 -3.93
N ASP B 188 41.26 15.84 -3.10
CA ASP B 188 40.41 14.76 -3.60
C ASP B 188 39.21 14.64 -2.67
N SER B 189 38.08 15.22 -3.07
CA SER B 189 36.88 15.14 -2.25
C SER B 189 36.30 13.74 -2.23
N LEU B 190 36.32 13.06 -3.38
CA LEU B 190 35.77 11.71 -3.46
C LEU B 190 36.54 10.75 -2.55
N ARG B 191 37.88 10.80 -2.62
CA ARG B 191 38.69 9.91 -1.80
C ARG B 191 38.49 10.19 -0.32
N HIS B 192 38.46 11.46 0.06
CA HIS B 192 38.29 11.82 1.47
C HIS B 192 36.92 11.37 1.99
N SER B 193 35.88 11.61 1.22
CA SER B 193 34.54 11.18 1.63
C SER B 193 34.46 9.67 1.74
N ARG B 194 35.04 8.95 0.78
CA ARG B 194 35.03 7.49 0.82
C ARG B 194 35.78 6.97 2.05
N SER B 195 36.94 7.58 2.35
CA SER B 195 37.71 7.15 3.52
C SER B 195 36.94 7.40 4.81
N ARG B 196 36.30 8.56 4.93
CA ARG B 196 35.52 8.83 6.14
C ARG B 196 34.37 7.84 6.28
N LEU B 197 33.65 7.56 5.19
CA LEU B 197 32.55 6.62 5.25
C LEU B 197 33.03 5.22 5.62
N ASN B 198 34.16 4.79 5.06
CA ASN B 198 34.71 3.48 5.41
C ASN B 198 35.09 3.41 6.88
N ILE B 199 35.71 4.47 7.40
CA ILE B 199 36.09 4.49 8.81
C ILE B 199 34.85 4.38 9.69
N TYR B 200 33.80 5.14 9.37
CA TYR B 200 32.61 5.08 10.20
C TYR B 200 31.86 3.76 10.04
N LYS B 201 31.96 3.12 8.88
CA LYS B 201 31.43 1.76 8.73
C LYS B 201 32.18 0.78 9.61
N ALA B 202 33.50 0.93 9.69
CA ALA B 202 34.30 0.06 10.56
C ALA B 202 33.92 0.26 12.02
N LEU B 203 33.84 1.53 12.46
CA LEU B 203 33.61 1.80 13.87
C LEU B 203 32.20 1.40 14.30
N ALA B 204 31.20 1.54 13.42
CA ALA B 204 29.83 1.21 13.74
C ALA B 204 29.53 -0.29 13.62
N SER B 205 30.55 -1.13 13.61
CA SER B 205 30.35 -2.57 13.55
C SER B 205 29.89 -3.09 14.90
N PRO B 206 28.75 -3.78 14.99
CA PRO B 206 28.33 -4.31 16.30
C PRO B 206 29.34 -5.24 16.94
N SER B 207 30.05 -6.06 16.14
CA SER B 207 31.07 -6.93 16.71
C SER B 207 32.26 -6.14 17.20
N LEU B 208 32.71 -5.14 16.43
CA LEU B 208 33.85 -4.34 16.86
C LEU B 208 33.52 -3.47 18.06
N ILE B 209 32.23 -3.20 18.31
CA ILE B 209 31.85 -2.52 19.54
C ILE B 209 31.73 -3.52 20.69
N ALA B 210 31.30 -4.74 20.40
CA ALA B 210 31.23 -5.77 21.43
C ALA B 210 32.61 -6.04 22.02
N LEU B 211 33.63 -6.12 21.17
CA LEU B 211 35.01 -6.13 21.63
C LEU B 211 35.53 -4.70 21.70
N SER B 212 36.70 -4.54 22.31
CA SER B 212 37.49 -3.31 22.23
C SER B 212 36.65 -2.06 22.51
N SER B 213 35.83 -2.12 23.56
CA SER B 213 35.00 -0.98 23.93
C SER B 213 34.67 -1.11 25.41
N GLU B 214 35.03 -0.09 26.20
CA GLU B 214 34.78 -0.13 27.63
C GLU B 214 33.29 -0.24 27.93
N ASP B 215 32.49 0.66 27.35
CA ASP B 215 31.05 0.70 27.56
C ASP B 215 30.37 0.59 26.20
N PRO B 216 29.99 -0.62 25.78
CA PRO B 216 29.35 -0.76 24.47
C PRO B 216 28.06 0.02 24.32
N ILE B 217 27.27 0.15 25.39
CA ILE B 217 25.99 0.86 25.28
C ILE B 217 26.22 2.35 25.04
N LEU B 218 27.10 2.96 25.84
CA LEU B 218 27.39 4.38 25.66
C LEU B 218 28.08 4.64 24.32
N THR B 219 28.99 3.74 23.94
CA THR B 219 29.65 3.86 22.64
C THR B 219 28.64 3.83 21.51
N ALA B 220 27.69 2.88 21.57
CA ALA B 220 26.65 2.81 20.55
C ALA B 220 25.80 4.07 20.53
N PHE B 221 25.42 4.58 21.71
CA PHE B 221 24.61 5.80 21.77
C PHE B 221 25.33 6.97 21.09
N ARG B 222 26.57 7.24 21.50
CA ARG B 222 27.26 8.41 20.97
C ARG B 222 27.64 8.23 19.52
N LEU B 223 28.00 7.01 19.12
CA LEU B 223 28.33 6.75 17.72
C LEU B 223 27.11 6.92 16.83
N GLY B 224 25.95 6.43 17.27
CA GLY B 224 24.73 6.65 16.50
C GLY B 224 24.36 8.12 16.40
N TRP B 225 24.55 8.86 17.51
CA TRP B 225 24.27 10.29 17.47
C TRP B 225 25.18 11.00 16.46
N GLU B 226 26.48 10.67 16.49
CA GLU B 226 27.42 11.29 15.56
C GLU B 226 27.10 10.91 14.12
N LEU B 227 26.68 9.65 13.89
CA LEU B 227 26.30 9.24 12.54
C LEU B 227 25.07 9.98 12.05
N LYS B 228 24.10 10.21 12.93
CA LYS B 228 22.93 11.02 12.56
C LYS B 228 23.33 12.45 12.21
N GLU B 229 24.25 13.02 13.01
CA GLU B 229 24.72 14.37 12.70
C GLU B 229 25.44 14.42 11.36
N LEU B 230 26.26 13.39 11.07
CA LEU B 230 26.93 13.32 9.76
C LEU B 230 25.91 13.19 8.64
N SER B 231 24.87 12.38 8.85
CA SER B 231 23.82 12.27 7.84
C SER B 231 23.17 13.61 7.57
N LYS B 232 22.93 14.40 8.61
CA LYS B 232 22.43 15.76 8.41
C LYS B 232 23.41 16.59 7.60
N VAL B 233 24.69 16.58 8.01
CA VAL B 233 25.69 17.45 7.38
C VAL B 233 25.96 17.01 5.94
N GLU B 234 26.18 15.71 5.74
CA GLU B 234 26.52 15.17 4.42
C GLU B 234 25.23 15.02 3.62
N ASN B 235 24.99 15.96 2.70
CA ASN B 235 23.80 15.89 1.86
C ASN B 235 23.80 14.63 1.02
N GLU B 236 24.94 14.30 0.43
CA GLU B 236 25.14 13.01 -0.20
C GLU B 236 25.61 12.01 0.85
N PHE B 237 25.48 10.72 0.53
CA PHE B 237 25.75 9.63 1.47
C PHE B 237 24.85 9.67 2.69
N LYS B 238 23.72 10.39 2.60
CA LYS B 238 22.81 10.52 3.74
C LYS B 238 22.21 9.18 4.14
N ALA B 239 21.82 8.37 3.15
CA ALA B 239 21.18 7.08 3.46
C ALA B 239 22.14 6.15 4.18
N GLU B 240 23.41 6.14 3.78
CA GLU B 240 24.37 5.23 4.40
C GLU B 240 24.62 5.61 5.87
N TYR B 241 24.78 6.90 6.15
CA TYR B 241 24.95 7.31 7.54
C TYR B 241 23.69 7.06 8.35
N GLU B 242 22.51 7.26 7.74
CA GLU B 242 21.27 6.95 8.43
C GLU B 242 21.19 5.47 8.79
N GLU B 243 21.56 4.59 7.87
CA GLU B 243 21.48 3.16 8.17
C GLU B 243 22.53 2.74 9.17
N LEU B 244 23.71 3.36 9.15
CA LEU B 244 24.72 3.06 10.17
C LEU B 244 24.25 3.49 11.56
N SER B 245 23.64 4.67 11.66
CA SER B 245 23.09 5.11 12.94
C SER B 245 21.99 4.17 13.42
N GLN B 246 21.10 3.78 12.50
CA GLN B 246 20.03 2.86 12.87
C GLN B 246 20.59 1.52 13.34
N GLN B 247 21.66 1.06 12.69
CA GLN B 247 22.31 -0.18 13.09
C GLN B 247 22.88 -0.08 14.50
N CYS B 248 23.51 1.05 14.83
CA CYS B 248 24.01 1.23 16.19
C CYS B 248 22.88 1.25 17.21
N LYS B 249 21.77 1.91 16.87
CA LYS B 249 20.61 1.94 17.76
C LYS B 249 20.07 0.54 18.00
N LEU B 250 19.97 -0.25 16.93
CA LEU B 250 19.50 -1.62 17.07
C LEU B 250 20.46 -2.47 17.89
N PHE B 251 21.77 -2.22 17.75
CA PHE B 251 22.74 -2.96 18.56
C PHE B 251 22.55 -2.65 20.05
N ALA B 252 22.34 -1.38 20.39
CA ALA B 252 22.07 -1.04 21.79
C ALA B 252 20.78 -1.71 22.29
N LYS B 253 19.74 -1.69 21.46
CA LYS B 253 18.47 -2.31 21.85
C LYS B 253 18.64 -3.81 22.06
N ASP B 254 19.43 -4.48 21.22
CA ASP B 254 19.64 -5.92 21.35
C ASP B 254 20.47 -6.26 22.58
N LEU B 255 21.51 -5.45 22.86
CA LEU B 255 22.24 -5.61 24.09
C LEU B 255 21.31 -5.54 25.29
N LEU B 256 20.39 -4.57 25.29
CA LEU B 256 19.42 -4.50 26.37
C LEU B 256 18.51 -5.74 26.38
N ASP B 257 18.15 -6.23 25.19
CA ASP B 257 17.31 -7.42 25.09
C ASP B 257 17.96 -8.64 25.72
N GLN B 258 19.29 -8.70 25.75
CA GLN B 258 19.93 -9.88 26.32
C GLN B 258 19.86 -9.94 27.85
N ALA B 259 19.30 -8.94 28.52
CA ALA B 259 19.19 -8.97 29.97
C ALA B 259 18.21 -10.07 30.41
N ARG B 260 18.58 -10.79 31.47
CA ARG B 260 17.80 -11.95 31.91
C ARG B 260 17.20 -11.82 33.30
N SER B 261 17.49 -10.73 34.03
CA SER B 261 16.92 -10.55 35.36
C SER B 261 16.73 -9.06 35.61
N SER B 262 15.87 -8.74 36.58
CA SER B 262 15.62 -7.34 36.92
C SER B 262 16.85 -6.70 37.57
N ARG B 263 17.65 -7.47 38.28
CA ARG B 263 18.87 -6.92 38.87
C ARG B 263 19.81 -6.40 37.78
N GLU B 264 19.99 -7.19 36.72
CA GLU B 264 20.85 -6.76 35.61
C GLU B 264 20.29 -5.50 34.96
N LEU B 265 18.99 -5.46 34.72
CA LEU B 265 18.38 -4.31 34.06
C LEU B 265 18.53 -3.05 34.90
N GLU B 266 18.32 -3.17 36.22
CA GLU B 266 18.53 -2.03 37.11
C GLU B 266 19.98 -1.57 37.09
N ILE B 267 20.91 -2.52 37.13
CA ILE B 267 22.33 -2.15 37.10
C ILE B 267 22.67 -1.41 35.82
N ILE B 268 22.11 -1.88 34.70
CA ILE B 268 22.39 -1.23 33.41
C ILE B 268 21.81 0.18 33.38
N LEU B 269 20.54 0.33 33.76
CA LEU B 269 19.88 1.61 33.61
C LEU B 269 20.38 2.64 34.62
N ASN B 270 20.85 2.19 35.77
CA ASN B 270 21.28 3.09 36.83
C ASN B 270 22.77 3.42 36.78
N HIS B 271 23.49 2.93 35.77
CA HIS B 271 24.93 3.15 35.72
C HIS B 271 25.26 4.61 35.40
N ARG B 272 26.27 5.14 36.08
CA ARG B 272 26.72 6.51 35.89
C ARG B 272 28.10 6.48 35.25
N ASP B 273 28.24 7.14 34.11
CA ASP B 273 29.52 7.20 33.41
C ASP B 273 30.46 8.20 34.09
N ASP B 286 18.36 8.54 39.97
CA ASP B 286 18.60 7.22 39.44
C ASP B 286 18.24 7.18 37.96
N LEU B 287 18.37 5.99 37.35
CA LEU B 287 18.14 5.80 35.93
C LEU B 287 19.02 6.74 35.09
N ALA B 288 20.29 6.85 35.47
CA ALA B 288 21.19 7.77 34.78
C ALA B 288 21.38 7.38 33.32
N LYS B 289 21.66 6.10 33.07
CA LYS B 289 21.88 5.66 31.69
C LYS B 289 20.59 5.75 30.87
N LEU B 290 19.44 5.57 31.51
CA LEU B 290 18.18 5.79 30.80
C LEU B 290 18.04 7.25 30.37
N LYS B 291 18.44 8.18 31.24
CA LYS B 291 18.43 9.59 30.88
C LYS B 291 19.39 9.87 29.74
N VAL B 292 20.57 9.24 29.76
CA VAL B 292 21.53 9.41 28.67
C VAL B 292 20.94 8.88 27.36
N ALA B 293 20.24 7.74 27.42
CA ALA B 293 19.59 7.21 26.24
C ALA B 293 18.53 8.17 25.71
N ILE B 294 17.74 8.74 26.61
CA ILE B 294 16.71 9.71 26.20
C ILE B 294 17.35 10.93 25.56
N LYS B 295 18.51 11.35 26.07
CA LYS B 295 19.20 12.50 25.52
C LYS B 295 19.61 12.26 24.07
N TYR B 296 20.09 11.05 23.77
CA TYR B 296 20.55 10.71 22.43
C TYR B 296 19.44 10.22 21.52
N HIS B 297 18.18 10.35 21.94
CA HIS B 297 17.02 9.94 21.14
C HIS B 297 17.11 8.48 20.73
N GLN B 298 17.38 7.62 21.71
CA GLN B 298 17.44 6.18 21.49
C GLN B 298 16.06 5.60 21.75
N LYS B 299 15.17 5.79 20.76
CA LYS B 299 13.76 5.47 20.96
C LYS B 299 13.55 3.97 21.16
N GLU B 300 14.22 3.14 20.37
CA GLU B 300 14.05 1.69 20.51
C GLU B 300 14.57 1.20 21.85
N PHE B 301 15.70 1.76 22.30
CA PHE B 301 16.25 1.38 23.61
C PHE B 301 15.30 1.75 24.73
N VAL B 302 14.68 2.93 24.64
CA VAL B 302 13.76 3.38 25.69
C VAL B 302 12.47 2.55 25.66
N ALA B 303 11.97 2.24 24.46
CA ALA B 303 10.74 1.49 24.30
C ALA B 303 10.93 -0.02 24.49
N GLN B 304 12.06 -0.44 25.07
CA GLN B 304 12.28 -1.85 25.37
C GLN B 304 11.20 -2.34 26.34
N PRO B 305 10.61 -3.52 26.09
CA PRO B 305 9.53 -3.98 26.99
C PRO B 305 9.94 -4.12 28.44
N ASN B 306 11.17 -4.56 28.71
CA ASN B 306 11.63 -4.66 30.09
C ASN B 306 11.87 -3.28 30.69
N CYS B 307 12.43 -2.37 29.88
CA CYS B 307 12.59 -0.99 30.33
C CYS B 307 11.24 -0.36 30.64
N GLN B 308 10.24 -0.58 29.77
CA GLN B 308 8.91 -0.06 30.00
C GLN B 308 8.26 -0.68 31.24
N GLN B 309 8.49 -1.98 31.47
CA GLN B 309 7.94 -2.63 32.64
C GLN B 309 8.53 -2.05 33.92
N LEU B 310 9.84 -1.83 33.95
CA LEU B 310 10.46 -1.20 35.11
C LEU B 310 9.94 0.23 35.31
N LEU B 311 9.82 0.99 34.23
CA LEU B 311 9.31 2.34 34.33
C LEU B 311 7.87 2.36 34.81
N ALA B 312 7.08 1.34 34.44
CA ALA B 312 5.70 1.27 34.90
C ALA B 312 5.64 0.91 36.38
N THR B 313 6.51 0.02 36.84
CA THR B 313 6.55 -0.28 38.27
C THR B 313 6.94 0.95 39.07
N LEU B 314 7.83 1.79 38.52
CA LEU B 314 8.14 3.06 39.17
C LEU B 314 6.97 4.04 39.09
N TRP B 315 6.24 4.02 37.98
CA TRP B 315 5.15 4.97 37.75
C TRP B 315 4.01 4.76 38.74
N TYR B 316 3.62 3.51 38.98
CA TYR B 316 2.58 3.20 39.97
C TYR B 316 3.24 2.79 41.29
N ASP B 317 3.87 3.78 41.93
CA ASP B 317 4.53 3.53 43.21
C ASP B 317 3.50 3.17 44.29
N GLY B 318 2.41 3.93 44.36
CA GLY B 318 1.43 3.69 45.41
C GLY B 318 0.63 2.42 45.20
N PHE B 319 0.16 2.19 43.97
CA PHE B 319 -0.73 1.07 43.69
C PHE B 319 0.08 -0.11 43.19
N PRO B 320 0.11 -1.23 43.92
CA PRO B 320 0.92 -2.37 43.49
C PRO B 320 0.24 -3.19 42.41
N GLY B 321 -1.09 -3.18 42.37
CA GLY B 321 -1.83 -3.99 41.42
C GLY B 321 -2.66 -3.22 40.43
N TRP B 322 -2.15 -2.08 39.97
CA TRP B 322 -2.86 -1.29 38.97
C TRP B 322 -2.91 -2.00 37.62
N ARG B 323 -1.98 -2.92 37.35
CA ARG B 323 -1.96 -3.60 36.06
C ARG B 323 -3.21 -4.45 35.86
N ARG B 324 -3.68 -5.11 36.93
CA ARG B 324 -4.85 -5.99 36.87
C ARG B 324 -5.98 -5.33 37.65
N LYS B 325 -6.73 -4.45 36.98
CA LYS B 325 -7.88 -3.79 37.56
C LYS B 325 -8.89 -3.52 36.46
N HIS B 326 -10.15 -3.35 36.87
CA HIS B 326 -11.21 -3.07 35.92
C HIS B 326 -11.22 -1.59 35.54
N TRP B 327 -11.89 -1.29 34.43
CA TRP B 327 -11.98 0.10 33.96
C TRP B 327 -12.70 0.98 34.98
N VAL B 328 -13.79 0.47 35.56
CA VAL B 328 -14.56 1.28 36.51
C VAL B 328 -13.74 1.56 37.76
N VAL B 329 -12.97 0.57 38.23
CA VAL B 329 -12.17 0.77 39.44
C VAL B 329 -11.09 1.82 39.19
N LYS B 330 -10.42 1.74 38.04
CA LYS B 330 -9.40 2.73 37.71
C LYS B 330 -10.00 4.13 37.57
N LEU B 331 -11.15 4.23 36.91
CA LEU B 331 -11.77 5.54 36.74
C LEU B 331 -12.20 6.13 38.07
N LEU B 332 -12.78 5.31 38.96
CA LEU B 332 -13.20 5.80 40.27
C LEU B 332 -11.99 6.23 41.10
N THR B 333 -10.91 5.44 41.05
CA THR B 333 -9.71 5.81 41.79
C THR B 333 -9.13 7.12 41.27
N CYS B 334 -9.08 7.29 39.95
CA CYS B 334 -8.57 8.54 39.39
C CYS B 334 -9.43 9.73 39.79
N MET B 335 -10.75 9.56 39.74
CA MET B 335 -11.64 10.65 40.13
C MET B 335 -11.47 11.00 41.61
N THR B 336 -11.37 9.99 42.46
CA THR B 336 -11.20 10.23 43.89
C THR B 336 -9.89 10.94 44.19
N ILE B 337 -8.80 10.51 43.55
CA ILE B 337 -7.52 11.16 43.77
C ILE B 337 -7.53 12.59 43.24
N GLY B 338 -8.14 12.80 42.07
CA GLY B 338 -8.19 14.14 41.50
C GLY B 338 -9.01 15.10 42.33
N PHE B 339 -10.15 14.65 42.86
CA PHE B 339 -11.00 15.51 43.68
C PHE B 339 -10.34 15.88 45.00
N LEU B 340 -9.31 15.14 45.41
CA LEU B 340 -8.63 15.39 46.68
C LEU B 340 -7.26 16.05 46.49
N PHE B 341 -6.98 16.60 45.30
CA PHE B 341 -5.69 17.21 45.07
C PHE B 341 -5.39 18.39 46.01
N PRO B 342 -6.33 19.29 46.35
CA PRO B 342 -5.98 20.34 47.32
C PRO B 342 -5.58 19.78 48.67
N MET B 343 -6.23 18.70 49.12
CA MET B 343 -5.89 18.09 50.39
C MET B 343 -4.48 17.53 50.37
N LEU B 344 -4.11 16.83 49.29
CA LEU B 344 -2.75 16.29 49.18
C LEU B 344 -1.72 17.40 49.12
N SER B 345 -2.02 18.47 48.37
CA SER B 345 -1.08 19.59 48.29
C SER B 345 -0.88 20.24 49.66
N ILE B 346 -1.98 20.44 50.40
CA ILE B 346 -1.87 21.05 51.72
C ILE B 346 -1.12 20.13 52.68
N ALA B 347 -1.37 18.82 52.60
CA ALA B 347 -0.66 17.87 53.45
C ALA B 347 0.84 17.88 53.16
N TYR B 348 1.22 17.95 51.88
CA TYR B 348 2.64 18.07 51.54
C TYR B 348 3.22 19.37 52.07
N LEU B 349 2.46 20.47 51.96
CA LEU B 349 2.94 21.76 52.46
C LEU B 349 3.18 21.74 53.96
N ILE B 350 2.25 21.14 54.72
CA ILE B 350 2.34 21.18 56.17
C ILE B 350 3.39 20.19 56.69
N SER B 351 3.19 18.91 56.43
CA SER B 351 4.09 17.87 56.91
C SER B 351 4.37 16.88 55.77
N PRO B 352 5.51 17.02 55.09
CA PRO B 352 5.81 16.08 53.99
C PRO B 352 5.97 14.64 54.45
N ARG B 353 6.26 14.40 55.73
CA ARG B 353 6.50 13.06 56.24
C ARG B 353 5.23 12.57 56.94
N SER B 354 4.31 12.03 56.13
CA SER B 354 3.06 11.49 56.65
C SER B 354 2.45 10.61 55.57
N ASN B 355 1.35 9.92 55.93
CA ASN B 355 0.67 9.09 54.96
C ASN B 355 0.08 9.91 53.82
N LEU B 356 -0.21 11.18 54.07
CA LEU B 356 -0.69 12.08 53.03
C LEU B 356 0.35 13.08 52.55
N GLY B 357 1.35 13.39 53.37
CA GLY B 357 2.36 14.36 52.95
C GLY B 357 3.21 13.87 51.79
N LEU B 358 3.68 12.62 51.87
CA LEU B 358 4.50 12.04 50.81
C LEU B 358 3.69 11.23 49.82
N PHE B 359 2.37 11.16 49.99
CA PHE B 359 1.54 10.46 49.02
C PHE B 359 1.47 11.19 47.68
N ILE B 360 1.77 12.48 47.65
CA ILE B 360 1.75 13.23 46.41
C ILE B 360 3.05 13.11 45.63
N LYS B 361 4.14 12.74 46.30
CA LYS B 361 5.42 12.57 45.61
C LYS B 361 5.43 11.36 44.68
N LYS B 362 4.46 10.47 44.79
CA LYS B 362 4.37 9.35 43.88
C LYS B 362 4.04 9.84 42.47
N PRO B 363 4.69 9.27 41.44
CA PRO B 363 4.59 9.87 40.10
C PRO B 363 3.18 9.90 39.54
N PHE B 364 2.46 8.78 39.59
CA PHE B 364 1.09 8.76 39.06
C PHE B 364 0.18 9.68 39.87
N ILE B 365 0.33 9.70 41.19
CA ILE B 365 -0.47 10.58 42.03
C ILE B 365 -0.16 12.05 41.72
N LYS B 366 1.13 12.37 41.56
CA LYS B 366 1.51 13.73 41.23
C LYS B 366 0.92 14.16 39.88
N PHE B 367 0.98 13.26 38.89
CA PHE B 367 0.38 13.56 37.60
C PHE B 367 -1.12 13.80 37.72
N ILE B 368 -1.81 12.97 38.51
CA ILE B 368 -3.25 13.14 38.69
C ILE B 368 -3.55 14.48 39.36
N CYS B 369 -2.76 14.85 40.37
CA CYS B 369 -2.99 16.12 41.06
C CYS B 369 -2.77 17.31 40.13
N HIS B 370 -1.70 17.28 39.32
CA HIS B 370 -1.47 18.37 38.39
C HIS B 370 -2.56 18.45 37.34
N THR B 371 -3.01 17.30 36.83
CA THR B 371 -4.09 17.29 35.84
C THR B 371 -5.39 17.82 36.44
N ALA B 372 -5.70 17.43 37.67
CA ALA B 372 -6.90 17.93 38.33
C ALA B 372 -6.81 19.43 38.58
N SER B 373 -5.64 19.92 38.97
CA SER B 373 -5.45 21.35 39.15
C SER B 373 -5.68 22.11 37.85
N TYR B 374 -5.14 21.60 36.75
CA TYR B 374 -5.34 22.26 35.46
C TYR B 374 -6.80 22.20 35.03
N LEU B 375 -7.48 21.09 35.32
CA LEU B 375 -8.90 20.97 34.99
C LEU B 375 -9.75 21.95 35.78
N THR B 376 -9.43 22.14 37.07
CA THR B 376 -10.15 23.14 37.86
C THR B 376 -9.87 24.55 37.33
N PHE B 377 -8.63 24.80 36.90
CA PHE B 377 -8.32 26.09 36.29
C PHE B 377 -9.15 26.33 35.03
N LEU B 378 -9.27 25.32 34.18
CA LEU B 378 -10.10 25.45 32.97
C LEU B 378 -11.57 25.62 33.32
N PHE B 379 -12.03 24.93 34.36
CA PHE B 379 -13.41 25.08 34.80
C PHE B 379 -13.67 26.52 35.27
N MET B 380 -12.72 27.10 36.01
CA MET B 380 -12.87 28.49 36.41
C MET B 380 -12.82 29.44 35.21
N LEU B 381 -11.98 29.12 34.22
CA LEU B 381 -11.96 29.92 33.00
C LEU B 381 -13.31 29.89 32.30
N LEU B 382 -13.94 28.71 32.23
CA LEU B 382 -15.29 28.62 31.67
C LEU B 382 -16.29 29.41 32.49
N LEU B 383 -16.20 29.33 33.82
CA LEU B 383 -17.14 30.06 34.68
C LEU B 383 -16.94 31.57 34.59
N ALA B 384 -15.76 32.03 34.19
CA ALA B 384 -15.45 33.46 34.14
C ALA B 384 -16.27 34.22 33.11
N SER B 385 -17.13 33.55 32.34
CA SER B 385 -17.94 34.21 31.32
C SER B 385 -19.43 34.00 31.56
N GLN B 386 -19.83 33.81 32.82
CA GLN B 386 -21.22 33.57 33.18
C GLN B 386 -21.87 34.86 33.67
N ASP B 392 -22.42 43.91 35.64
CA ASP B 392 -22.37 45.19 34.93
C ASP B 392 -21.13 45.21 34.03
N LEU B 393 -21.34 45.53 32.75
CA LEU B 393 -20.28 45.54 31.77
C LEU B 393 -19.92 46.94 31.28
N HIS B 394 -20.60 47.98 31.78
CA HIS B 394 -20.35 49.34 31.34
C HIS B 394 -19.24 50.03 32.12
N VAL B 395 -18.69 49.39 33.15
CA VAL B 395 -17.64 49.99 33.96
C VAL B 395 -16.33 49.96 33.19
N GLN B 396 -15.70 51.11 33.05
CA GLN B 396 -14.40 51.21 32.38
C GLN B 396 -13.30 50.87 33.38
N GLY B 397 -12.63 49.75 33.15
CA GLY B 397 -11.62 49.26 34.07
C GLY B 397 -12.19 48.84 35.40
N PRO B 398 -13.03 47.80 35.39
CA PRO B 398 -13.67 47.36 36.63
C PRO B 398 -12.69 46.61 37.52
N PRO B 399 -12.94 46.55 38.83
CA PRO B 399 -12.10 45.72 39.68
C PRO B 399 -12.30 44.26 39.36
N PRO B 400 -11.28 43.43 39.55
CA PRO B 400 -11.42 42.00 39.26
C PRO B 400 -12.50 41.35 40.13
N THR B 401 -13.23 40.43 39.53
CA THR B 401 -14.33 39.75 40.21
C THR B 401 -13.78 38.59 41.06
N VAL B 402 -14.70 37.88 41.72
CA VAL B 402 -14.29 36.74 42.55
C VAL B 402 -13.66 35.65 41.70
N VAL B 403 -14.24 35.38 40.53
CA VAL B 403 -13.68 34.36 39.65
C VAL B 403 -12.29 34.76 39.16
N GLU B 404 -12.13 36.04 38.80
CA GLU B 404 -10.80 36.51 38.40
C GLU B 404 -9.81 36.46 39.56
N TRP B 405 -10.28 36.77 40.78
CA TRP B 405 -9.41 36.69 41.94
C TRP B 405 -8.98 35.26 42.22
N MET B 406 -9.85 34.28 41.93
CA MET B 406 -9.46 32.88 42.04
C MET B 406 -8.56 32.44 40.90
N ILE B 407 -8.72 33.04 39.72
CA ILE B 407 -7.89 32.69 38.57
C ILE B 407 -6.46 33.18 38.76
N LEU B 408 -6.30 34.37 39.35
CA LEU B 408 -4.98 35.00 39.47
C LEU B 408 -3.91 34.11 40.10
N PRO B 409 -4.15 33.42 41.23
CA PRO B 409 -3.10 32.56 41.78
C PRO B 409 -2.68 31.44 40.85
N TRP B 410 -3.59 30.90 40.05
CA TRP B 410 -3.21 29.87 39.07
C TRP B 410 -2.26 30.44 38.03
N VAL B 411 -2.53 31.66 37.53
CA VAL B 411 -1.64 32.29 36.57
C VAL B 411 -0.27 32.56 37.19
N LEU B 412 -0.27 33.06 38.44
CA LEU B 412 0.99 33.29 39.12
C LEU B 412 1.78 32.00 39.30
N GLY B 413 1.08 30.91 39.64
CA GLY B 413 1.74 29.62 39.77
C GLY B 413 2.30 29.12 38.45
N PHE B 414 1.56 29.33 37.35
CA PHE B 414 2.06 28.95 36.04
C PHE B 414 3.35 29.70 35.71
N ILE B 415 3.36 31.01 35.93
CA ILE B 415 4.54 31.81 35.62
C ILE B 415 5.72 31.40 36.49
N TRP B 416 5.46 31.20 37.80
CA TRP B 416 6.53 30.80 38.71
C TRP B 416 7.08 29.44 38.35
N GLY B 417 6.21 28.50 37.98
CA GLY B 417 6.68 27.18 37.57
C GLY B 417 7.50 27.23 36.30
N GLU B 418 7.09 28.05 35.33
CA GLU B 418 7.86 28.18 34.10
C GLU B 418 9.25 28.76 34.37
N ILE B 419 9.31 29.83 35.18
CA ILE B 419 10.62 30.43 35.44
C ILE B 419 11.48 29.52 36.32
N LYS B 420 10.85 28.74 37.21
CA LYS B 420 11.60 27.78 38.02
C LYS B 420 12.17 26.66 37.15
N GLU B 421 11.39 26.18 36.19
CA GLU B 421 11.90 25.18 35.26
C GLU B 421 13.05 25.74 34.43
N MET B 422 12.92 26.99 33.98
CA MET B 422 14.01 27.63 33.25
C MET B 422 15.27 27.75 34.11
N TRP B 423 15.10 28.10 35.38
CA TRP B 423 16.25 28.29 36.27
C TRP B 423 16.91 26.95 36.60
N ASP B 424 16.13 25.89 36.77
CA ASP B 424 16.67 24.61 37.20
C ASP B 424 17.19 23.77 36.03
N GLY B 425 16.30 23.46 35.07
CA GLY B 425 16.69 22.56 33.98
C GLY B 425 17.77 23.15 33.09
N GLY B 426 17.64 24.43 32.72
CA GLY B 426 18.58 25.10 31.85
C GLY B 426 17.86 25.77 30.71
N PHE B 427 18.62 26.13 29.68
CA PHE B 427 18.10 26.82 28.51
C PHE B 427 17.83 25.88 27.34
N THR B 428 18.80 25.01 27.01
CA THR B 428 18.61 24.09 25.89
C THR B 428 17.49 23.09 26.19
N GLU B 429 17.44 22.58 27.42
CA GLU B 429 16.37 21.66 27.79
C GLU B 429 15.02 22.36 27.76
N TYR B 430 14.97 23.63 28.16
CA TYR B 430 13.71 24.37 28.15
C TYR B 430 13.19 24.55 26.72
N ILE B 431 14.08 24.84 25.78
CA ILE B 431 13.66 25.08 24.39
C ILE B 431 13.53 23.81 23.58
N HIS B 432 14.06 22.67 24.06
CA HIS B 432 13.87 21.41 23.36
C HIS B 432 12.48 20.82 23.54
N ASP B 433 11.73 21.30 24.54
CA ASP B 433 10.40 20.74 24.80
C ASP B 433 9.46 21.00 23.63
N TRP B 434 9.47 22.21 23.08
CA TRP B 434 8.60 22.66 21.99
C TRP B 434 7.16 22.83 22.47
N TRP B 435 6.87 22.42 23.70
CA TRP B 435 5.61 22.76 24.36
C TRP B 435 5.72 23.98 25.24
N ASN B 436 6.94 24.37 25.62
CA ASN B 436 7.16 25.58 26.39
C ASN B 436 6.89 26.84 25.57
N LEU B 437 6.82 26.73 24.24
CA LEU B 437 6.46 27.89 23.44
C LEU B 437 5.04 28.32 23.69
N MET B 438 4.10 27.37 23.70
CA MET B 438 2.71 27.70 24.01
C MET B 438 2.57 28.19 25.45
N ASP B 439 3.32 27.60 26.38
CA ASP B 439 3.29 28.07 27.76
C ASP B 439 3.80 29.51 27.86
N PHE B 440 4.87 29.83 27.15
CA PHE B 440 5.39 31.19 27.13
C PHE B 440 4.37 32.16 26.53
N ALA B 441 3.71 31.74 25.44
CA ALA B 441 2.69 32.59 24.84
C ALA B 441 1.53 32.82 25.81
N MET B 442 1.08 31.77 26.50
CA MET B 442 0.01 31.90 27.48
C MET B 442 0.41 32.86 28.60
N ASN B 443 1.62 32.68 29.13
CA ASN B 443 2.06 33.52 30.25
C ASN B 443 2.19 34.98 29.81
N SER B 444 2.73 35.22 28.61
CA SER B 444 2.85 36.58 28.12
C SER B 444 1.49 37.21 27.90
N LEU B 445 0.54 36.46 27.33
CA LEU B 445 -0.80 37.00 27.13
C LEU B 445 -1.50 37.28 28.45
N TYR B 446 -1.33 36.41 29.45
CA TYR B 446 -1.91 36.65 30.75
C TYR B 446 -1.29 37.88 31.43
N LEU B 447 0.03 38.03 31.30
CA LEU B 447 0.69 39.21 31.87
C LEU B 447 0.22 40.49 31.19
N ALA B 448 0.06 40.45 29.87
CA ALA B 448 -0.48 41.60 29.16
C ALA B 448 -1.91 41.89 29.58
N THR B 449 -2.71 40.84 29.80
CA THR B 449 -4.07 41.03 30.28
C THR B 449 -4.09 41.72 31.63
N ILE B 450 -3.23 41.28 32.54
CA ILE B 450 -3.17 41.88 33.87
C ILE B 450 -2.71 43.33 33.79
N SER B 451 -1.69 43.60 32.96
CA SER B 451 -1.20 44.96 32.79
C SER B 451 -2.29 45.88 32.25
N LEU B 452 -3.03 45.42 31.24
CA LEU B 452 -4.08 46.24 30.66
C LEU B 452 -5.24 46.44 31.63
N LYS B 453 -5.55 45.41 32.43
CA LYS B 453 -6.57 45.57 33.45
C LYS B 453 -6.16 46.63 34.47
N ILE B 454 -4.90 46.61 34.89
CA ILE B 454 -4.40 47.61 35.83
C ILE B 454 -4.46 49.00 35.20
N VAL B 455 -4.05 49.11 33.94
CA VAL B 455 -4.06 50.42 33.26
C VAL B 455 -5.48 50.96 33.17
N ALA B 456 -6.43 50.11 32.78
CA ALA B 456 -7.83 50.55 32.68
C ALA B 456 -8.42 50.87 34.04
N TYR B 457 -7.95 50.19 35.09
CA TYR B 457 -8.46 50.47 36.43
C TYR B 457 -7.94 51.81 36.95
N VAL B 458 -6.67 52.13 36.70
CA VAL B 458 -6.07 53.35 37.24
C VAL B 458 -6.11 54.51 36.26
N LYS B 459 -6.71 54.33 35.08
CA LYS B 459 -6.87 55.42 34.12
C LYS B 459 -8.32 55.75 33.81
N TYR B 460 -9.28 54.95 34.27
CA TYR B 460 -10.68 55.20 34.02
C TYR B 460 -11.47 54.99 35.30
N ASN B 461 -12.44 55.87 35.54
CA ASN B 461 -13.28 55.77 36.73
C ASN B 461 -14.76 55.78 36.36
N GLY B 462 -15.11 56.53 35.32
CA GLY B 462 -16.49 56.65 34.92
C GLY B 462 -17.03 55.37 34.30
N SER B 463 -18.36 55.30 34.24
CA SER B 463 -19.07 54.15 33.68
C SER B 463 -19.75 54.61 32.39
N ARG B 464 -19.02 54.51 31.28
CA ARG B 464 -19.48 54.86 29.94
C ARG B 464 -19.90 53.61 29.19
N PRO B 465 -21.03 53.64 28.48
CA PRO B 465 -21.49 52.45 27.75
C PRO B 465 -20.48 52.01 26.69
N ARG B 466 -20.40 50.69 26.50
CA ARG B 466 -19.40 50.13 25.60
C ARG B 466 -19.61 50.54 24.15
N GLU B 467 -20.82 50.98 23.79
CA GLU B 467 -21.09 51.33 22.40
C GLU B 467 -20.23 52.49 21.92
N GLU B 468 -19.95 53.45 22.81
CA GLU B 468 -19.17 54.63 22.46
C GLU B 468 -17.73 54.56 22.96
N TRP B 469 -17.26 53.39 23.38
CA TRP B 469 -15.87 53.24 23.76
C TRP B 469 -14.96 53.37 22.53
N GLU B 470 -13.69 53.69 22.78
CA GLU B 470 -12.71 53.75 21.72
C GLU B 470 -12.46 52.35 21.16
N MET B 471 -12.06 52.29 19.89
CA MET B 471 -11.71 51.01 19.28
C MET B 471 -10.56 50.34 20.02
N TRP B 472 -9.55 51.12 20.40
CA TRP B 472 -8.37 50.62 21.11
C TRP B 472 -8.45 50.87 22.61
N HIS B 473 -9.66 50.81 23.17
CA HIS B 473 -9.82 50.97 24.60
C HIS B 473 -9.08 49.85 25.34
N PRO B 474 -8.42 50.16 26.46
CA PRO B 474 -7.64 49.11 27.15
C PRO B 474 -8.45 47.90 27.57
N THR B 475 -9.71 48.11 27.98
CA THR B 475 -10.54 46.99 28.42
C THR B 475 -10.81 46.01 27.28
N LEU B 476 -11.09 46.54 26.08
CA LEU B 476 -11.37 45.67 24.94
C LEU B 476 -10.14 44.84 24.55
N ILE B 477 -8.96 45.47 24.53
CA ILE B 477 -7.75 44.75 24.21
C ILE B 477 -7.45 43.70 25.28
N ALA B 478 -7.66 44.06 26.55
CA ALA B 478 -7.43 43.10 27.63
C ALA B 478 -8.36 41.90 27.50
N GLU B 479 -9.63 42.15 27.18
CA GLU B 479 -10.58 41.04 27.03
C GLU B 479 -10.21 40.16 25.83
N ALA B 480 -9.79 40.77 24.72
CA ALA B 480 -9.37 39.97 23.57
C ALA B 480 -8.16 39.10 23.91
N LEU B 481 -7.18 39.67 24.60
CA LEU B 481 -6.01 38.91 25.00
C LEU B 481 -6.38 37.78 25.95
N PHE B 482 -7.30 38.05 26.89
CA PHE B 482 -7.74 37.02 27.82
C PHE B 482 -8.46 35.89 27.09
N ALA B 483 -9.28 36.23 26.09
CA ALA B 483 -9.95 35.19 25.31
C ALA B 483 -8.95 34.33 24.54
N ILE B 484 -7.95 34.96 23.91
CA ILE B 484 -6.92 34.20 23.22
C ILE B 484 -6.17 33.30 24.19
N SER B 485 -5.89 33.82 25.38
CA SER B 485 -5.22 33.02 26.41
C SER B 485 -6.07 31.84 26.83
N ASN B 486 -7.39 32.04 26.94
CA ASN B 486 -8.28 30.93 27.28
C ASN B 486 -8.24 29.86 26.21
N ILE B 487 -8.25 30.26 24.94
CA ILE B 487 -8.13 29.30 23.85
C ILE B 487 -6.85 28.50 23.99
N LEU B 488 -5.72 29.20 24.19
CA LEU B 488 -4.43 28.51 24.29
C LEU B 488 -4.38 27.59 25.51
N SER B 489 -4.92 28.04 26.64
CA SER B 489 -4.92 27.22 27.85
C SER B 489 -5.71 25.95 27.64
N SER B 490 -6.90 26.05 27.04
CA SER B 490 -7.70 24.85 26.80
C SER B 490 -7.04 23.95 25.77
N LEU B 491 -6.34 24.53 24.79
CA LEU B 491 -5.64 23.72 23.79
C LEU B 491 -4.39 23.07 24.37
N ARG B 492 -3.87 23.58 25.50
CA ARG B 492 -2.69 22.99 26.12
C ARG B 492 -2.92 21.56 26.60
N LEU B 493 -4.19 21.13 26.71
CA LEU B 493 -4.49 19.77 27.16
C LEU B 493 -4.08 18.70 26.15
N ILE B 494 -3.67 19.08 24.94
CA ILE B 494 -3.27 18.09 23.94
C ILE B 494 -2.08 17.29 24.45
N SER B 495 -1.17 17.94 25.18
CA SER B 495 0.05 17.28 25.63
C SER B 495 -0.24 16.13 26.60
N LEU B 496 -1.43 16.07 27.17
CA LEU B 496 -1.80 14.99 28.08
C LEU B 496 -2.31 13.75 27.38
N PHE B 497 -2.53 13.82 26.06
CA PHE B 497 -2.89 12.62 25.31
C PHE B 497 -1.78 11.59 25.31
N THR B 498 -0.55 12.01 25.65
CA THR B 498 0.58 11.08 25.68
C THR B 498 0.38 10.01 26.75
N ALA B 499 -0.20 10.39 27.89
CA ALA B 499 -0.37 9.46 29.00
C ALA B 499 -1.33 8.32 28.68
N ASN B 500 -2.13 8.44 27.63
CA ASN B 500 -3.16 7.46 27.30
C ASN B 500 -2.66 6.49 26.23
N SER B 501 -3.10 5.23 26.35
CA SER B 501 -2.72 4.21 25.37
C SER B 501 -3.40 4.43 24.04
N HIS B 502 -4.67 4.81 24.05
CA HIS B 502 -5.45 5.00 22.83
C HIS B 502 -5.23 6.36 22.19
N LEU B 503 -4.91 7.39 22.97
CA LEU B 503 -4.75 8.74 22.45
C LEU B 503 -3.30 9.12 22.16
N GLY B 504 -2.34 8.36 22.67
CA GLY B 504 -0.94 8.71 22.53
C GLY B 504 -0.41 8.57 21.11
N PRO B 505 -0.45 7.36 20.55
CA PRO B 505 0.03 7.17 19.18
C PRO B 505 -0.74 7.99 18.16
N LEU B 506 -2.03 8.23 18.39
CA LEU B 506 -2.79 9.11 17.51
C LEU B 506 -2.23 10.53 17.55
N GLN B 507 -1.91 11.03 18.75
CA GLN B 507 -1.31 12.36 18.86
C GLN B 507 0.05 12.40 18.16
N ILE B 508 0.83 11.33 18.28
CA ILE B 508 2.12 11.27 17.59
C ILE B 508 1.91 11.36 16.08
N SER B 509 0.95 10.60 15.56
CA SER B 509 0.69 10.61 14.13
C SER B 509 0.25 11.99 13.64
N LEU B 510 -0.66 12.63 14.38
CA LEU B 510 -1.13 13.95 13.98
C LEU B 510 0.00 14.97 14.04
N GLY B 511 0.85 14.90 15.09
CA GLY B 511 1.97 15.81 15.18
C GLY B 511 2.94 15.65 14.04
N ARG B 512 3.19 14.41 13.61
CA ARG B 512 4.12 14.20 12.51
C ARG B 512 3.50 14.52 11.15
N MET B 513 2.17 14.50 11.02
CA MET B 513 1.53 15.00 9.81
C MET B 513 1.46 16.53 9.76
N LEU B 514 1.57 17.18 10.91
CA LEU B 514 1.66 18.64 10.92
C LEU B 514 2.85 19.13 10.08
N LEU B 515 3.90 18.31 9.95
CA LEU B 515 5.04 18.70 9.12
C LEU B 515 4.65 18.77 7.64
N ASP B 516 3.90 17.78 7.15
CA ASP B 516 3.40 17.84 5.79
C ASP B 516 2.47 19.03 5.60
N ILE B 517 1.64 19.31 6.61
CA ILE B 517 0.77 20.49 6.54
C ILE B 517 1.61 21.75 6.39
N LEU B 518 2.67 21.86 7.19
CA LEU B 518 3.55 23.04 7.12
C LEU B 518 4.20 23.15 5.76
N LYS B 519 4.63 22.03 5.19
CA LYS B 519 5.26 22.06 3.86
C LYS B 519 4.27 22.56 2.81
N PHE B 520 3.02 22.09 2.86
CA PHE B 520 1.99 22.56 1.95
C PHE B 520 1.61 24.03 2.19
N LEU B 521 1.86 24.52 3.41
CA LEU B 521 1.51 25.91 3.74
C LEU B 521 2.25 26.91 2.84
N PHE B 522 3.52 26.65 2.54
CA PHE B 522 4.30 27.59 1.74
C PHE B 522 3.72 27.76 0.34
N ILE B 523 3.44 26.65 -0.34
CA ILE B 523 2.90 26.72 -1.69
C ILE B 523 1.51 27.35 -1.67
N TYR B 524 0.69 26.99 -0.67
CA TYR B 524 -0.62 27.63 -0.60
C TYR B 524 -0.48 29.14 -0.41
N CYS B 525 0.44 29.57 0.45
CA CYS B 525 0.59 31.00 0.71
C CYS B 525 1.09 31.73 -0.51
N LEU B 526 1.99 31.12 -1.28
CA LEU B 526 2.45 31.74 -2.52
C LEU B 526 1.28 31.94 -3.48
N VAL B 527 0.46 30.90 -3.67
CA VAL B 527 -0.69 31.03 -4.57
C VAL B 527 -1.66 32.10 -4.07
N LEU B 528 -1.92 32.09 -2.75
CA LEU B 528 -2.83 33.05 -2.16
C LEU B 528 -2.36 34.48 -2.37
N LEU B 529 -1.07 34.73 -2.12
CA LEU B 529 -0.53 36.07 -2.31
C LEU B 529 -0.59 36.50 -3.77
N ALA B 530 -0.28 35.58 -4.69
CA ALA B 530 -0.34 35.90 -6.11
C ALA B 530 -1.74 36.35 -6.52
N PHE B 531 -2.74 35.54 -6.19
CA PHE B 531 -4.09 35.90 -6.61
C PHE B 531 -4.63 37.10 -5.84
N ALA B 532 -4.19 37.30 -4.59
CA ALA B 532 -4.56 38.50 -3.87
C ALA B 532 -4.01 39.74 -4.56
N ASN B 533 -2.75 39.67 -5.01
CA ASN B 533 -2.17 40.79 -5.74
C ASN B 533 -2.96 41.08 -7.01
N GLY B 534 -3.30 40.03 -7.76
CA GLY B 534 -4.05 40.24 -8.99
C GLY B 534 -5.43 40.84 -8.75
N LEU B 535 -6.17 40.28 -7.79
CA LEU B 535 -7.52 40.76 -7.51
C LEU B 535 -7.51 42.18 -6.97
N ASN B 536 -6.55 42.50 -6.08
CA ASN B 536 -6.46 43.86 -5.58
C ASN B 536 -6.12 44.84 -6.70
N GLN B 537 -5.15 44.47 -7.56
CA GLN B 537 -4.80 45.33 -8.69
C GLN B 537 -6.01 45.59 -9.56
N LEU B 538 -6.85 44.58 -9.75
CA LEU B 538 -8.02 44.75 -10.61
C LEU B 538 -9.09 45.59 -9.95
N TYR B 539 -9.34 45.40 -8.65
CA TYR B 539 -10.54 45.92 -8.02
C TYR B 539 -10.33 47.17 -7.17
N PHE B 540 -9.09 47.63 -6.97
CA PHE B 540 -8.91 48.74 -6.04
C PHE B 540 -9.45 50.07 -6.58
N TYR B 541 -9.81 50.14 -7.87
CA TYR B 541 -10.32 51.39 -8.42
C TYR B 541 -11.75 51.67 -7.96
N TYR B 542 -12.54 50.64 -7.68
CA TYR B 542 -13.95 50.79 -7.36
C TYR B 542 -14.22 50.77 -5.86
N GLU B 543 -13.24 51.17 -5.05
CA GLU B 543 -13.43 51.20 -3.61
C GLU B 543 -14.49 52.23 -3.24
N THR B 544 -15.38 51.84 -2.32
CA THR B 544 -16.51 52.67 -1.91
C THR B 544 -16.43 52.95 -0.42
N ARG B 545 -16.90 54.14 -0.04
CA ARG B 545 -16.92 54.53 1.37
C ARG B 545 -17.98 53.72 2.12
N ALA B 546 -17.77 53.62 3.44
CA ALA B 546 -18.71 52.88 4.28
C ALA B 546 -20.08 53.54 4.32
N ILE B 547 -20.13 54.86 4.15
CA ILE B 547 -21.42 55.57 4.17
C ILE B 547 -22.29 55.12 3.01
N ASP B 548 -21.69 54.89 1.84
CA ASP B 548 -22.44 54.45 0.67
C ASP B 548 -23.04 53.06 0.85
N GLU B 549 -22.54 52.27 1.79
CA GLU B 549 -23.05 50.92 2.00
C GLU B 549 -24.46 50.99 2.62
N PRO B 550 -25.29 49.97 2.36
CA PRO B 550 -26.68 50.04 2.83
C PRO B 550 -26.84 50.17 4.34
N ASN B 551 -25.94 49.58 5.12
CA ASN B 551 -26.04 49.62 6.58
C ASN B 551 -24.83 50.28 7.21
N ASN B 552 -24.09 51.11 6.46
CA ASN B 552 -22.86 51.75 6.93
C ASN B 552 -21.82 50.72 7.36
N CYS B 553 -21.88 49.53 6.79
CA CYS B 553 -20.96 48.44 7.09
C CYS B 553 -20.13 48.16 5.84
N LYS B 554 -18.81 48.21 5.98
CA LYS B 554 -17.88 47.99 4.88
C LYS B 554 -17.04 46.75 5.17
N GLY B 555 -16.82 45.95 4.13
CA GLY B 555 -16.01 44.75 4.24
C GLY B 555 -16.83 43.49 3.96
N ILE B 556 -16.21 42.35 4.25
CA ILE B 556 -16.86 41.07 3.96
C ILE B 556 -17.60 40.48 5.15
N ARG B 557 -17.43 41.06 6.35
CA ARG B 557 -18.12 40.57 7.53
C ARG B 557 -19.47 41.26 7.74
N CYS B 558 -20.02 41.86 6.70
CA CYS B 558 -21.35 42.47 6.75
C CYS B 558 -22.38 41.50 6.17
N GLU B 559 -23.65 41.79 6.44
CA GLU B 559 -24.72 40.93 5.94
C GLU B 559 -24.72 40.88 4.42
N LYS B 560 -24.53 42.03 3.77
CA LYS B 560 -24.26 42.09 2.34
C LYS B 560 -22.78 42.39 2.16
N GLN B 561 -22.02 41.39 1.71
CA GLN B 561 -20.58 41.56 1.55
C GLN B 561 -20.27 42.60 0.47
N ASN B 562 -19.26 43.42 0.74
CA ASN B 562 -18.86 44.47 -0.19
C ASN B 562 -17.38 44.77 0.01
N ASN B 563 -16.78 45.39 -1.00
CA ASN B 563 -15.37 45.77 -0.97
C ASN B 563 -14.48 44.57 -0.62
N ALA B 564 -14.78 43.43 -1.25
CA ALA B 564 -14.03 42.22 -0.93
C ALA B 564 -12.58 42.33 -1.34
N PHE B 565 -12.30 42.98 -2.47
CA PHE B 565 -10.95 43.05 -3.01
C PHE B 565 -10.44 44.48 -3.13
N SER B 566 -11.02 45.42 -2.37
CA SER B 566 -10.65 46.83 -2.52
C SER B 566 -9.24 47.09 -2.00
N THR B 567 -8.86 46.46 -0.89
CA THR B 567 -7.53 46.61 -0.32
C THR B 567 -6.87 45.25 -0.22
N LEU B 568 -5.53 45.26 -0.14
CA LEU B 568 -4.78 44.02 -0.11
C LEU B 568 -5.10 43.19 1.13
N PHE B 569 -5.22 43.85 2.29
CA PHE B 569 -5.58 43.15 3.52
C PHE B 569 -6.95 42.51 3.41
N GLU B 570 -7.93 43.27 2.93
CA GLU B 570 -9.27 42.72 2.73
C GLU B 570 -9.27 41.65 1.65
N THR B 571 -8.46 41.82 0.61
CA THR B 571 -8.38 40.79 -0.43
C THR B 571 -7.83 39.48 0.13
N LEU B 572 -6.81 39.57 0.97
CA LEU B 572 -6.26 38.37 1.61
C LEU B 572 -7.32 37.68 2.47
N GLN B 573 -8.06 38.46 3.26
CA GLN B 573 -9.10 37.87 4.08
C GLN B 573 -10.20 37.23 3.22
N SER B 574 -10.57 37.89 2.12
CA SER B 574 -11.61 37.36 1.24
C SER B 574 -11.17 36.05 0.59
N LEU B 575 -9.92 35.99 0.12
CA LEU B 575 -9.44 34.74 -0.45
C LEU B 575 -9.32 33.65 0.61
N PHE B 576 -9.04 34.03 1.85
CA PHE B 576 -9.05 33.05 2.93
C PHE B 576 -10.45 32.47 3.14
N TRP B 577 -11.45 33.34 3.25
CA TRP B 577 -12.80 32.87 3.56
C TRP B 577 -13.46 32.16 2.39
N SER B 578 -12.99 32.36 1.17
CA SER B 578 -13.53 31.64 0.03
C SER B 578 -13.15 30.17 0.07
N VAL B 579 -12.10 29.81 0.82
CA VAL B 579 -11.73 28.41 0.99
C VAL B 579 -12.85 27.65 1.69
N PHE B 580 -13.52 28.31 2.65
CA PHE B 580 -14.60 27.70 3.41
C PHE B 580 -15.97 28.03 2.83
N GLY B 581 -16.01 28.71 1.69
CA GLY B 581 -17.27 29.00 1.01
C GLY B 581 -18.07 30.12 1.60
N LEU B 582 -17.50 30.91 2.51
CA LEU B 582 -18.24 31.98 3.15
C LEU B 582 -18.20 33.29 2.38
N LEU B 583 -17.44 33.36 1.29
CA LEU B 583 -17.42 34.54 0.44
C LEU B 583 -18.45 34.36 -0.68
N ASN B 584 -19.41 35.26 -0.75
CA ASN B 584 -20.46 35.16 -1.76
C ASN B 584 -19.94 35.63 -3.12
N LEU B 585 -20.64 35.20 -4.17
CA LEU B 585 -20.15 35.47 -5.53
C LEU B 585 -20.34 36.91 -5.95
N TYR B 586 -21.39 37.57 -5.47
CA TYR B 586 -21.70 38.92 -5.91
C TYR B 586 -20.62 39.93 -5.51
N VAL B 587 -19.67 39.54 -4.65
CA VAL B 587 -18.56 40.41 -4.32
C VAL B 587 -17.68 40.67 -5.55
N THR B 588 -17.80 39.85 -6.58
CA THR B 588 -17.08 40.08 -7.83
C THR B 588 -17.82 41.05 -8.76
N ASN B 589 -18.74 41.85 -8.24
CA ASN B 589 -19.56 42.76 -9.03
C ASN B 589 -19.28 44.19 -8.61
N VAL B 590 -19.32 45.11 -9.58
CA VAL B 590 -19.08 46.52 -9.33
C VAL B 590 -20.28 47.33 -9.81
N LYS B 591 -20.41 48.53 -9.25
CA LYS B 591 -21.55 49.39 -9.57
C LYS B 591 -21.51 49.84 -11.03
N ALA B 592 -20.33 50.13 -11.55
CA ALA B 592 -20.21 50.53 -12.95
C ALA B 592 -20.52 49.35 -13.86
N ARG B 593 -20.93 49.67 -15.08
CA ARG B 593 -21.25 48.64 -16.08
C ARG B 593 -20.01 48.16 -16.83
N HIS B 594 -18.98 47.78 -16.08
CA HIS B 594 -17.73 47.27 -16.65
C HIS B 594 -17.79 45.75 -16.62
N GLU B 595 -18.55 45.19 -17.57
CA GLU B 595 -18.78 43.75 -17.58
C GLU B 595 -17.50 42.98 -17.86
N PHE B 596 -16.61 43.53 -18.68
CA PHE B 596 -15.33 42.85 -18.91
C PHE B 596 -14.50 42.78 -17.63
N THR B 597 -14.43 43.89 -16.88
CA THR B 597 -13.70 43.88 -15.62
C THR B 597 -14.31 42.91 -14.63
N GLU B 598 -15.64 42.89 -14.54
CA GLU B 598 -16.31 41.97 -13.63
C GLU B 598 -16.05 40.52 -14.02
N PHE B 599 -16.08 40.22 -15.32
CA PHE B 599 -15.82 38.86 -15.75
C PHE B 599 -14.38 38.45 -15.49
N VAL B 600 -13.44 39.37 -15.72
CA VAL B 600 -12.03 39.04 -15.47
C VAL B 600 -11.78 38.81 -13.98
N GLY B 601 -12.36 39.65 -13.12
CA GLY B 601 -12.25 39.41 -11.69
C GLY B 601 -12.89 38.11 -11.27
N ALA B 602 -14.06 37.80 -11.83
CA ALA B 602 -14.72 36.54 -11.54
C ALA B 602 -13.89 35.35 -12.00
N THR B 603 -13.21 35.49 -13.14
CA THR B 603 -12.37 34.40 -13.63
C THR B 603 -11.14 34.21 -12.76
N MET B 604 -10.53 35.31 -12.29
CA MET B 604 -9.43 35.19 -11.33
C MET B 604 -9.90 34.50 -10.07
N PHE B 605 -11.06 34.89 -9.55
CA PHE B 605 -11.61 34.27 -8.35
C PHE B 605 -11.91 32.79 -8.59
N GLY B 606 -12.45 32.45 -9.76
CA GLY B 606 -12.73 31.06 -10.06
C GLY B 606 -11.48 30.22 -10.20
N THR B 607 -10.43 30.78 -10.82
CA THR B 607 -9.16 30.06 -10.92
C THR B 607 -8.54 29.85 -9.55
N TYR B 608 -8.62 30.87 -8.68
CA TYR B 608 -8.15 30.70 -7.32
C TYR B 608 -8.93 29.59 -6.61
N ASN B 609 -10.25 29.57 -6.79
CA ASN B 609 -11.05 28.49 -6.20
C ASN B 609 -10.61 27.14 -6.72
N VAL B 610 -10.45 27.02 -8.04
CA VAL B 610 -10.07 25.75 -8.65
C VAL B 610 -8.76 25.27 -8.06
N ILE B 611 -7.74 26.12 -8.06
CA ILE B 611 -6.44 25.72 -7.53
C ILE B 611 -6.62 25.32 -6.07
N SER B 612 -6.98 26.29 -5.22
CA SER B 612 -6.90 26.10 -3.78
C SER B 612 -7.75 24.94 -3.30
N LEU B 613 -8.86 24.63 -3.97
CA LEU B 613 -9.73 23.55 -3.52
C LEU B 613 -9.52 22.26 -4.30
N VAL B 614 -9.68 22.29 -5.63
CA VAL B 614 -9.61 21.07 -6.40
C VAL B 614 -8.19 20.52 -6.43
N VAL B 615 -7.20 21.38 -6.66
CA VAL B 615 -5.84 20.91 -6.89
C VAL B 615 -5.05 20.84 -5.60
N LEU B 616 -5.02 21.93 -4.83
CA LEU B 616 -4.15 21.99 -3.66
C LEU B 616 -4.68 21.14 -2.51
N LEU B 617 -5.99 21.16 -2.27
CA LEU B 617 -6.53 20.44 -1.12
C LEU B 617 -6.46 18.93 -1.33
N ASN B 618 -6.71 18.46 -2.55
CA ASN B 618 -6.59 17.04 -2.83
C ASN B 618 -5.14 16.58 -2.77
N MET B 619 -4.21 17.42 -3.23
CA MET B 619 -2.79 17.10 -3.09
C MET B 619 -2.39 17.03 -1.62
N LEU B 620 -2.94 17.93 -0.80
CA LEU B 620 -2.70 17.86 0.64
C LEU B 620 -3.24 16.55 1.22
N ILE B 621 -4.42 16.13 0.79
CA ILE B 621 -4.98 14.85 1.25
C ILE B 621 -4.07 13.69 0.86
N ALA B 622 -3.57 13.70 -0.37
CA ALA B 622 -2.67 12.63 -0.81
C ALA B 622 -1.38 12.62 -0.01
N MET B 623 -0.79 13.79 0.24
CA MET B 623 0.41 13.86 1.06
C MET B 623 0.16 13.33 2.47
N MET B 624 -0.98 13.70 3.06
CA MET B 624 -1.30 13.22 4.40
C MET B 624 -1.47 11.71 4.42
N ASN B 625 -2.14 11.17 3.39
CA ASN B 625 -2.29 9.71 3.32
C ASN B 625 -0.94 9.02 3.28
N ASN B 626 -0.04 9.49 2.42
CA ASN B 626 1.27 8.86 2.30
C ASN B 626 2.04 8.97 3.61
N SER B 627 2.05 10.17 4.21
CA SER B 627 2.82 10.36 5.44
C SER B 627 2.26 9.52 6.59
N TYR B 628 0.93 9.44 6.71
CA TYR B 628 0.33 8.65 7.77
C TYR B 628 0.61 7.17 7.58
N GLN B 629 0.56 6.68 6.34
CA GLN B 629 0.94 5.29 6.10
C GLN B 629 2.41 5.05 6.45
N LEU B 630 3.27 6.02 6.13
CA LEU B 630 4.69 5.88 6.45
C LEU B 630 4.92 5.83 7.95
N ILE B 631 4.22 6.67 8.73
CA ILE B 631 4.50 6.81 10.15
C ILE B 631 3.63 5.90 11.01
N ALA B 632 2.78 5.07 10.42
CA ALA B 632 1.96 4.16 11.19
C ALA B 632 2.76 2.97 11.74
N ASP B 633 3.87 2.62 11.10
CA ASP B 633 4.66 1.48 11.57
C ASP B 633 5.39 1.79 12.87
N HIS B 634 5.90 3.01 13.01
CA HIS B 634 6.71 3.39 14.16
C HIS B 634 5.94 4.19 15.19
N ALA B 635 4.61 4.18 15.12
CA ALA B 635 3.81 4.99 16.04
C ALA B 635 4.00 4.52 17.48
N ASP B 636 4.04 3.20 17.71
CA ASP B 636 4.14 2.69 19.07
C ASP B 636 5.45 3.08 19.73
N ILE B 637 6.57 2.97 19.01
CA ILE B 637 7.87 3.28 19.59
C ILE B 637 7.96 4.77 19.92
N GLU B 638 7.50 5.62 19.00
CA GLU B 638 7.53 7.06 19.26
C GLU B 638 6.64 7.41 20.44
N TRP B 639 5.45 6.80 20.51
CA TRP B 639 4.56 7.08 21.63
C TRP B 639 5.18 6.64 22.95
N LYS B 640 5.82 5.47 22.96
CA LYS B 640 6.43 5.00 24.20
C LYS B 640 7.59 5.90 24.62
N PHE B 641 8.34 6.42 23.65
CA PHE B 641 9.40 7.37 23.97
C PHE B 641 8.82 8.65 24.59
N ALA B 642 7.77 9.19 23.97
CA ALA B 642 7.14 10.40 24.49
C ALA B 642 6.55 10.17 25.88
N ARG B 643 5.90 9.03 26.09
CA ARG B 643 5.32 8.72 27.39
C ARG B 643 6.40 8.48 28.44
N THR B 644 7.53 7.90 28.06
CA THR B 644 8.64 7.78 29.00
C THR B 644 9.13 9.15 29.42
N LYS B 645 9.26 10.07 28.47
CA LYS B 645 9.65 11.43 28.83
C LYS B 645 8.63 12.07 29.78
N LEU B 646 7.35 11.87 29.51
CA LEU B 646 6.31 12.41 30.39
C LEU B 646 6.40 11.82 31.79
N TRP B 647 6.55 10.50 31.89
CA TRP B 647 6.66 9.85 33.18
C TRP B 647 7.88 10.33 33.95
N MET B 648 9.02 10.45 33.26
CA MET B 648 10.24 10.89 33.92
C MET B 648 10.15 12.34 34.36
N SER B 649 9.36 13.16 33.67
CA SER B 649 9.17 14.53 34.11
C SER B 649 8.55 14.60 35.50
N TYR B 650 7.84 13.56 35.94
CA TYR B 650 7.23 13.51 37.26
C TYR B 650 8.04 12.68 38.26
N PHE B 651 9.27 12.31 37.92
CA PHE B 651 10.13 11.60 38.85
C PHE B 651 10.93 12.53 39.75
N ASP B 652 11.02 13.82 39.41
CA ASP B 652 11.87 14.75 40.12
C ASP B 652 11.16 15.35 41.33
N GLU B 653 11.95 15.71 42.34
CA GLU B 653 11.39 16.36 43.52
C GLU B 653 10.81 17.74 43.18
N GLY B 654 11.50 18.50 42.33
CA GLY B 654 11.03 19.83 42.01
C GLY B 654 9.73 19.81 41.22
N GLY B 655 8.90 20.82 41.49
CA GLY B 655 7.60 20.91 40.82
C GLY B 655 6.56 19.93 41.33
N THR B 656 6.74 19.42 42.55
CA THR B 656 5.78 18.46 43.10
C THR B 656 4.40 19.10 43.27
N LEU B 657 4.35 20.31 43.82
CA LEU B 657 3.08 20.98 44.07
C LEU B 657 2.57 21.64 42.79
N PRO B 658 1.37 21.32 42.34
CA PRO B 658 0.80 22.01 41.17
C PRO B 658 0.36 23.41 41.54
N PRO B 659 0.15 24.28 40.55
CA PRO B 659 -0.37 25.61 40.87
C PRO B 659 -1.77 25.51 41.44
N PRO B 660 -2.17 26.43 42.33
CA PRO B 660 -1.38 27.58 42.78
C PRO B 660 -0.52 27.31 44.00
N PHE B 661 -0.44 26.04 44.42
CA PHE B 661 0.27 25.70 45.65
C PHE B 661 1.78 25.81 45.51
N ASN B 662 2.31 25.97 44.29
CA ASN B 662 3.76 26.09 44.11
C ASN B 662 4.31 27.44 44.55
N ILE B 663 3.46 28.47 44.69
CA ILE B 663 3.93 29.79 45.08
C ILE B 663 3.79 30.03 46.58
N ILE B 664 3.06 29.20 47.31
CA ILE B 664 2.90 29.35 48.74
C ILE B 664 4.23 28.99 49.43
N SER B 706 31.58 4.08 43.52
CA SER B 706 31.71 4.20 42.07
C SER B 706 32.48 3.01 41.49
N LEU B 707 33.54 2.57 42.19
CA LEU B 707 34.33 1.44 41.70
C LEU B 707 33.52 0.15 41.68
N ILE B 708 32.76 -0.13 42.74
CA ILE B 708 31.96 -1.34 42.78
C ILE B 708 30.82 -1.27 41.76
N GLN B 709 30.24 -0.08 41.58
CA GLN B 709 29.23 0.09 40.53
C GLN B 709 29.82 -0.18 39.16
N ASN B 710 31.03 0.31 38.91
CA ASN B 710 31.69 0.06 37.62
C ASN B 710 31.98 -1.43 37.44
N GLN B 711 32.41 -2.11 38.50
CA GLN B 711 32.68 -3.55 38.39
C GLN B 711 31.40 -4.33 38.09
N HIS B 712 30.31 -4.00 38.78
CA HIS B 712 29.04 -4.67 38.51
C HIS B 712 28.57 -4.40 37.10
N TYR B 713 28.69 -3.16 36.63
CA TYR B 713 28.31 -2.84 35.27
C TYR B 713 29.18 -3.59 34.27
N GLN B 714 30.48 -3.72 34.56
CA GLN B 714 31.37 -4.44 33.65
C GLN B 714 31.00 -5.91 33.56
N GLU B 715 30.70 -6.56 34.69
CA GLU B 715 30.35 -7.98 34.62
C GLU B 715 29.01 -8.18 33.91
N VAL B 716 28.04 -7.29 34.17
CA VAL B 716 26.76 -7.39 33.47
C VAL B 716 26.96 -7.19 31.97
N ILE B 717 27.82 -6.23 31.59
CA ILE B 717 28.08 -5.97 30.18
C ILE B 717 28.79 -7.16 29.53
N ARG B 718 29.71 -7.80 30.25
CA ARG B 718 30.37 -8.99 29.72
C ARG B 718 29.36 -10.09 29.44
N ASN B 719 28.46 -10.33 30.40
CA ASN B 719 27.41 -11.33 30.18
C ASN B 719 26.53 -10.96 28.98
N LEU B 720 26.14 -9.68 28.89
CA LEU B 720 25.31 -9.25 27.77
C LEU B 720 26.00 -9.43 26.44
N VAL B 721 27.30 -9.11 26.38
CA VAL B 721 28.03 -9.24 25.12
C VAL B 721 28.15 -10.72 24.72
N LYS B 722 28.45 -11.59 25.68
CA LYS B 722 28.48 -13.02 25.37
C LYS B 722 27.15 -13.48 24.80
N ARG B 723 26.06 -13.15 25.50
CA ARG B 723 24.73 -13.59 25.06
C ARG B 723 24.39 -13.02 23.69
N TYR B 724 24.70 -11.75 23.45
CA TYR B 724 24.40 -11.12 22.17
C TYR B 724 25.18 -11.77 21.03
N VAL B 725 26.47 -12.04 21.26
CA VAL B 725 27.28 -12.68 20.22
C VAL B 725 26.72 -14.06 19.89
N ALA B 726 26.42 -14.85 20.92
CA ALA B 726 25.86 -16.17 20.68
C ALA B 726 24.53 -16.09 19.93
N ALA B 727 23.66 -15.17 20.36
CA ALA B 727 22.34 -15.05 19.74
C ALA B 727 22.45 -14.62 18.28
N MET B 728 23.35 -13.68 17.98
CA MET B 728 23.48 -13.18 16.61
C MET B 728 24.13 -14.21 15.70
N ILE B 729 25.11 -14.97 16.22
CA ILE B 729 25.66 -16.07 15.44
C ILE B 729 24.59 -17.11 15.14
N ARG B 730 23.78 -17.44 16.15
CA ARG B 730 22.67 -18.38 15.95
C ARG B 730 21.70 -17.86 14.89
N ASN B 731 21.36 -16.56 14.96
CA ASN B 731 20.42 -15.99 14.00
C ASN B 731 20.99 -16.01 12.59
N SER B 732 22.27 -15.68 12.44
CA SER B 732 22.89 -15.72 11.11
C SER B 732 22.93 -17.14 10.56
N LYS B 733 23.25 -18.12 11.41
CA LYS B 733 23.28 -19.51 10.95
C LYS B 733 21.89 -20.01 10.59
N THR B 734 20.88 -19.64 11.37
CA THR B 734 19.50 -20.08 11.11
C THR B 734 18.78 -19.20 10.11
N THR B 739 23.36 -19.22 -0.88
CA THR B 739 24.18 -18.54 -1.88
C THR B 739 24.68 -19.54 -2.91
N GLU B 740 24.97 -19.01 -4.10
CA GLU B 740 25.62 -19.80 -5.15
C GLU B 740 27.02 -20.24 -4.73
N GLU B 741 27.70 -19.42 -3.94
CA GLU B 741 29.04 -19.77 -3.48
C GLU B 741 29.03 -21.01 -2.61
N ASN B 742 27.95 -21.24 -1.87
CA ASN B 742 27.84 -22.46 -1.07
C ASN B 742 27.82 -23.69 -1.98
N PHE B 743 27.04 -23.64 -3.06
CA PHE B 743 27.02 -24.76 -4.00
C PHE B 743 28.36 -24.91 -4.71
N LYS B 744 29.03 -23.80 -5.00
CA LYS B 744 30.36 -23.88 -5.59
C LYS B 744 31.34 -24.56 -4.64
N GLU B 745 31.26 -24.24 -3.34
CA GLU B 745 32.12 -24.89 -2.36
C GLU B 745 31.79 -26.38 -2.23
N LEU B 746 30.50 -26.73 -2.29
CA LEU B 746 30.12 -28.15 -2.25
C LEU B 746 30.67 -28.90 -3.45
N LYS B 747 30.56 -28.30 -4.66
CA LYS B 747 31.12 -28.92 -5.85
C LYS B 747 32.64 -29.06 -5.72
N GLN B 748 33.29 -28.03 -5.17
CA GLN B 748 34.74 -28.09 -4.98
C GLN B 748 35.14 -29.22 -4.04
N ASP B 749 34.40 -29.37 -2.93
CA ASP B 749 34.71 -30.44 -1.99
C ASP B 749 34.52 -31.81 -2.64
N ILE B 750 33.41 -31.98 -3.37
CA ILE B 750 33.15 -33.26 -4.02
C ILE B 750 34.22 -33.57 -5.05
N SER B 751 34.62 -32.57 -5.85
CA SER B 751 35.63 -32.80 -6.88
C SER B 751 36.99 -33.10 -6.27
N SER B 752 37.35 -32.41 -5.18
CA SER B 752 38.62 -32.69 -4.53
C SER B 752 38.64 -34.10 -3.95
N PHE B 753 37.54 -34.51 -3.32
CA PHE B 753 37.43 -35.88 -2.82
C PHE B 753 37.54 -36.89 -3.97
N ARG B 754 36.88 -36.59 -5.09
CA ARG B 754 36.90 -37.49 -6.24
C ARG B 754 38.32 -37.64 -6.78
N TYR B 755 39.04 -36.52 -6.93
CA TYR B 755 40.40 -36.59 -7.45
C TYR B 755 41.31 -37.34 -6.48
N GLU B 756 41.17 -37.11 -5.17
CA GLU B 756 41.99 -37.84 -4.21
C GLU B 756 41.72 -39.35 -4.29
N VAL B 757 40.45 -39.74 -4.37
CA VAL B 757 40.12 -41.16 -4.44
C VAL B 757 40.65 -41.78 -5.73
N LEU B 758 40.49 -41.07 -6.85
CA LEU B 758 40.97 -41.59 -8.13
C LEU B 758 42.48 -41.75 -8.11
N ASP B 759 43.20 -40.77 -7.56
CA ASP B 759 44.65 -40.89 -7.47
C ASP B 759 45.06 -42.06 -6.59
N LEU B 760 44.40 -42.22 -5.43
CA LEU B 760 44.76 -43.30 -4.53
C LEU B 760 44.49 -44.66 -5.17
N LEU B 761 43.38 -44.80 -5.88
CA LEU B 761 43.06 -46.08 -6.51
C LEU B 761 43.91 -46.34 -7.75
N ARG C 17 -17.61 -41.11 -17.35
CA ARG C 17 -16.17 -41.28 -17.45
C ARG C 17 -15.61 -40.53 -18.63
N ILE C 18 -14.39 -40.03 -18.47
CA ILE C 18 -13.70 -39.30 -19.52
C ILE C 18 -12.48 -40.12 -19.89
N PRO C 19 -12.41 -40.62 -21.14
CA PRO C 19 -11.23 -41.41 -21.50
C PRO C 19 -10.04 -40.50 -21.69
N LEU C 20 -8.88 -40.88 -21.21
CA LEU C 20 -7.74 -40.01 -21.38
C LEU C 20 -6.71 -40.73 -22.20
N GLN C 21 -6.30 -40.15 -23.32
CA GLN C 21 -5.28 -40.81 -24.11
C GLN C 21 -4.30 -39.77 -24.63
N ILE C 22 -3.45 -40.16 -25.57
CA ILE C 22 -2.48 -39.24 -26.16
C ILE C 22 -2.96 -38.75 -27.52
N VAL C 23 -3.55 -37.55 -27.54
CA VAL C 23 -4.07 -36.97 -28.78
C VAL C 23 -2.98 -36.77 -29.83
N ARG C 24 -1.88 -36.15 -29.45
CA ARG C 24 -0.80 -35.91 -30.36
C ARG C 24 0.22 -36.94 -29.96
N ALA C 25 0.32 -38.01 -30.73
CA ALA C 25 1.24 -39.08 -30.38
C ALA C 25 2.63 -38.83 -30.90
N GLU C 26 3.59 -39.54 -30.34
CA GLU C 26 4.96 -39.44 -30.81
C GLU C 26 5.56 -40.83 -30.96
N THR C 27 6.87 -40.88 -31.20
CA THR C 27 7.58 -42.12 -31.36
C THR C 27 8.24 -42.50 -30.06
N GLU C 28 7.79 -43.59 -29.47
CA GLU C 28 8.33 -44.05 -28.20
C GLU C 28 9.73 -44.63 -28.29
N LEU C 29 10.48 -44.47 -27.21
CA LEU C 29 11.82 -45.02 -27.13
C LEU C 29 11.75 -46.53 -26.96
N SER C 30 12.82 -47.23 -27.36
CA SER C 30 12.89 -48.67 -27.22
C SER C 30 13.36 -49.03 -25.80
N ALA C 31 13.38 -50.30 -25.45
CA ALA C 31 13.80 -50.61 -24.09
C ALA C 31 15.26 -50.23 -23.86
N GLU C 32 16.13 -50.50 -24.83
CA GLU C 32 17.52 -50.09 -24.74
C GLU C 32 17.70 -48.57 -24.79
N GLU C 33 16.97 -47.93 -25.69
CA GLU C 33 17.08 -46.49 -25.84
C GLU C 33 16.69 -45.81 -24.57
N LYS C 34 15.90 -46.46 -23.75
CA LYS C 34 15.54 -45.90 -22.46
C LYS C 34 16.60 -46.18 -21.40
N ALA C 35 17.15 -47.40 -21.40
CA ALA C 35 18.22 -47.72 -20.46
C ALA C 35 19.46 -46.86 -20.72
N PHE C 36 19.80 -46.64 -21.99
CA PHE C 36 20.93 -45.79 -22.33
C PHE C 36 20.71 -44.35 -21.86
N LEU C 37 19.51 -43.81 -22.08
CA LEU C 37 19.21 -42.47 -21.62
C LEU C 37 19.22 -42.37 -20.10
N ASN C 38 18.73 -43.40 -19.41
CA ASN C 38 18.78 -43.43 -17.96
C ASN C 38 20.23 -43.46 -17.47
N ALA C 39 21.09 -44.23 -18.14
CA ALA C 39 22.50 -44.27 -17.78
C ALA C 39 23.15 -42.90 -17.98
N VAL C 40 22.81 -42.22 -19.07
CA VAL C 40 23.33 -40.87 -19.30
C VAL C 40 22.86 -39.93 -18.20
N GLU C 41 21.58 -40.01 -17.83
CA GLU C 41 21.05 -39.15 -16.78
C GLU C 41 21.74 -39.40 -15.44
N LYS C 42 21.96 -40.66 -15.09
CA LYS C 42 22.61 -40.99 -13.84
C LYS C 42 24.11 -40.70 -13.85
N GLY C 43 24.69 -40.45 -15.02
CA GLY C 43 26.09 -40.13 -15.11
C GLY C 43 27.05 -41.30 -15.08
N ASP C 44 26.55 -42.52 -15.24
CA ASP C 44 27.40 -43.71 -15.23
C ASP C 44 28.22 -43.73 -16.52
N TYR C 45 29.48 -43.32 -16.43
CA TYR C 45 30.32 -43.21 -17.62
C TYR C 45 30.57 -44.56 -18.27
N ALA C 46 30.76 -45.61 -17.46
CA ALA C 46 31.12 -46.92 -17.99
C ALA C 46 30.01 -47.49 -18.86
N THR C 47 28.77 -47.45 -18.36
CA THR C 47 27.66 -48.02 -19.12
C THR C 47 27.38 -47.21 -20.39
N VAL C 48 27.49 -45.89 -20.31
CA VAL C 48 27.30 -45.06 -21.50
C VAL C 48 28.36 -45.37 -22.55
N LYS C 49 29.62 -45.51 -22.11
CA LYS C 49 30.69 -45.86 -23.05
C LYS C 49 30.46 -47.23 -23.67
N GLN C 50 30.02 -48.19 -22.86
CA GLN C 50 29.73 -49.53 -23.39
C GLN C 50 28.60 -49.48 -24.41
N ALA C 51 27.54 -48.71 -24.13
CA ALA C 51 26.44 -48.60 -25.07
C ALA C 51 26.89 -47.94 -26.36
N LEU C 52 27.71 -46.88 -26.26
CA LEU C 52 28.22 -46.22 -27.47
C LEU C 52 29.08 -47.16 -28.30
N GLN C 53 29.93 -47.95 -27.65
CA GLN C 53 30.77 -48.89 -28.38
C GLN C 53 29.94 -50.02 -28.99
N GLU C 54 28.88 -50.44 -28.32
CA GLU C 54 28.03 -51.52 -28.85
C GLU C 54 27.16 -51.03 -30.00
N ALA C 55 26.79 -49.75 -29.99
CA ALA C 55 25.95 -49.22 -31.06
C ALA C 55 26.70 -49.19 -32.40
N GLU C 56 28.02 -49.01 -32.37
CA GLU C 56 28.79 -49.00 -33.61
C GLU C 56 28.80 -50.38 -34.26
N ILE C 57 28.76 -51.43 -33.48
CA ILE C 57 28.85 -52.79 -34.01
C ILE C 57 27.48 -53.37 -34.33
N TYR C 58 26.52 -53.24 -33.41
CA TYR C 58 25.23 -53.88 -33.56
C TYR C 58 24.14 -52.96 -34.11
N TYR C 59 24.32 -51.64 -34.00
CA TYR C 59 23.34 -50.66 -34.48
C TYR C 59 21.96 -50.90 -33.87
N ASN C 60 21.94 -51.23 -32.58
CA ASN C 60 20.71 -51.51 -31.87
C ASN C 60 20.15 -50.30 -31.12
N VAL C 61 20.97 -49.31 -30.81
CA VAL C 61 20.55 -48.12 -30.07
C VAL C 61 20.82 -46.89 -30.92
N ASN C 62 19.79 -46.04 -31.06
CA ASN C 62 19.94 -44.78 -31.76
C ASN C 62 20.50 -43.75 -30.79
N ILE C 63 21.75 -43.31 -31.03
CA ILE C 63 22.41 -42.41 -30.11
C ILE C 63 21.78 -41.02 -30.11
N ASN C 64 20.97 -40.70 -31.13
CA ASN C 64 20.33 -39.39 -31.24
C ASN C 64 18.88 -39.42 -30.80
N CYS C 65 18.43 -40.48 -30.14
CA CYS C 65 17.04 -40.58 -29.72
C CYS C 65 16.70 -39.54 -28.67
N MET C 66 15.48 -39.03 -28.72
CA MET C 66 15.01 -38.06 -27.74
C MET C 66 14.48 -38.77 -26.51
N ASP C 67 13.92 -37.99 -25.59
CA ASP C 67 13.27 -38.52 -24.40
C ASP C 67 11.82 -38.02 -24.41
N PRO C 68 10.97 -38.42 -23.46
CA PRO C 68 9.61 -37.84 -23.43
C PRO C 68 9.59 -36.33 -23.29
N LEU C 69 10.68 -35.71 -22.84
CA LEU C 69 10.78 -34.26 -22.76
C LEU C 69 11.47 -33.64 -23.97
N GLY C 70 11.88 -34.44 -24.95
CA GLY C 70 12.51 -33.94 -26.16
C GLY C 70 14.02 -33.83 -26.10
N ARG C 71 14.63 -34.03 -24.94
CA ARG C 71 16.08 -33.92 -24.80
C ARG C 71 16.76 -35.18 -25.31
N SER C 72 17.87 -34.98 -26.02
CA SER C 72 18.69 -36.10 -26.49
C SER C 72 19.74 -36.42 -25.42
N ALA C 73 20.65 -37.34 -25.73
CA ALA C 73 21.71 -37.67 -24.78
C ALA C 73 22.64 -36.48 -24.55
N LEU C 74 22.98 -35.77 -25.63
CA LEU C 74 23.88 -34.62 -25.50
C LEU C 74 23.22 -33.51 -24.66
N LEU C 75 21.93 -33.27 -24.87
CA LEU C 75 21.23 -32.26 -24.08
C LEU C 75 21.16 -32.65 -22.61
N ILE C 76 20.95 -33.94 -22.34
CA ILE C 76 20.96 -34.42 -20.96
C ILE C 76 22.33 -34.19 -20.32
N ALA C 77 23.40 -34.54 -21.06
CA ALA C 77 24.75 -34.36 -20.53
C ALA C 77 25.05 -32.89 -20.28
N ILE C 78 24.63 -32.01 -21.19
CA ILE C 78 24.84 -30.57 -21.00
C ILE C 78 24.08 -30.08 -19.78
N GLU C 79 22.82 -30.52 -19.62
CA GLU C 79 22.00 -30.03 -18.52
C GLU C 79 22.53 -30.47 -17.16
N ASN C 80 23.25 -31.59 -17.11
CA ASN C 80 23.82 -32.09 -15.86
C ASN C 80 25.23 -31.61 -15.62
N GLU C 81 25.78 -30.77 -16.49
CA GLU C 81 27.16 -30.27 -16.38
C GLU C 81 28.16 -31.43 -16.28
N ASN C 82 27.90 -32.49 -17.04
CA ASN C 82 28.77 -33.66 -17.06
C ASN C 82 29.69 -33.52 -18.28
N LEU C 83 30.86 -32.92 -18.05
CA LEU C 83 31.78 -32.68 -19.15
C LEU C 83 32.37 -33.97 -19.71
N GLU C 84 32.58 -34.98 -18.85
CA GLU C 84 33.16 -36.23 -19.32
C GLU C 84 32.22 -36.95 -20.27
N ILE C 85 30.97 -37.12 -19.87
CA ILE C 85 30.00 -37.80 -20.73
C ILE C 85 29.72 -36.97 -21.99
N MET C 86 29.74 -35.66 -21.85
CA MET C 86 29.52 -34.78 -22.99
C MET C 86 30.60 -35.01 -24.00
N GLU C 87 31.84 -34.95 -23.54
CA GLU C 87 32.96 -35.13 -24.44
C GLU C 87 32.97 -36.54 -25.04
N LEU C 88 32.56 -37.54 -24.26
CA LEU C 88 32.45 -38.89 -24.80
C LEU C 88 31.43 -38.96 -25.93
N LEU C 89 30.29 -38.29 -25.76
CA LEU C 89 29.29 -38.25 -26.82
C LEU C 89 29.80 -37.50 -28.03
N LEU C 90 30.53 -36.40 -27.82
CA LEU C 90 31.08 -35.65 -28.95
C LEU C 90 32.09 -36.48 -29.72
N ASN C 91 32.92 -37.25 -29.03
CA ASN C 91 33.90 -38.11 -29.70
C ASN C 91 33.24 -39.21 -30.52
N HIS C 92 31.99 -39.54 -30.22
CA HIS C 92 31.25 -40.55 -30.99
C HIS C 92 30.38 -39.94 -32.08
N SER C 93 30.53 -38.63 -32.33
CA SER C 93 29.86 -37.93 -33.42
C SER C 93 28.33 -38.06 -33.32
N VAL C 94 27.79 -37.50 -32.24
CA VAL C 94 26.35 -37.40 -32.08
C VAL C 94 25.88 -36.10 -32.72
N TYR C 95 24.57 -36.03 -32.98
CA TYR C 95 23.99 -34.81 -33.52
C TYR C 95 24.19 -33.66 -32.54
N VAL C 96 24.69 -32.53 -33.04
CA VAL C 96 25.09 -31.41 -32.20
C VAL C 96 24.31 -30.15 -32.53
N GLY C 97 23.33 -30.21 -33.42
CA GLY C 97 22.56 -29.04 -33.80
C GLY C 97 21.88 -28.35 -32.64
N ASP C 98 22.10 -27.04 -32.52
CA ASP C 98 21.53 -26.19 -31.47
C ASP C 98 21.97 -26.57 -30.07
N ALA C 99 22.93 -27.50 -29.92
CA ALA C 99 23.46 -27.81 -28.60
C ALA C 99 24.22 -26.63 -28.01
N LEU C 100 24.88 -25.85 -28.87
CA LEU C 100 25.61 -24.67 -28.39
C LEU C 100 24.67 -23.69 -27.72
N LEU C 101 23.46 -23.52 -28.26
CA LEU C 101 22.50 -22.61 -27.65
C LEU C 101 22.09 -23.07 -26.25
N TYR C 102 21.86 -24.38 -26.08
CA TYR C 102 21.54 -24.91 -24.76
C TYR C 102 22.71 -24.74 -23.80
N ALA C 103 23.95 -24.97 -24.28
CA ALA C 103 25.11 -24.79 -23.43
C ALA C 103 25.25 -23.32 -23.00
N ILE C 104 25.01 -22.39 -23.91
CA ILE C 104 25.12 -20.98 -23.60
C ILE C 104 24.03 -20.56 -22.62
N ARG C 105 22.80 -21.02 -22.83
CA ARG C 105 21.70 -20.67 -21.92
C ARG C 105 21.95 -21.25 -20.53
N LYS C 106 22.50 -22.46 -20.46
CA LYS C 106 22.82 -23.07 -19.17
C LYS C 106 23.89 -22.30 -18.42
N GLU C 107 24.62 -21.41 -19.11
CA GLU C 107 25.67 -20.59 -18.50
C GLU C 107 26.76 -21.46 -17.87
N VAL C 108 27.14 -22.50 -18.60
CA VAL C 108 28.20 -23.41 -18.18
C VAL C 108 29.40 -23.19 -19.09
N VAL C 109 30.53 -22.82 -18.51
CA VAL C 109 31.75 -22.54 -19.27
C VAL C 109 32.30 -23.74 -20.04
N GLY C 110 32.24 -24.92 -19.43
CA GLY C 110 32.76 -26.13 -20.04
C GLY C 110 32.07 -26.56 -21.33
N ALA C 111 30.76 -26.43 -21.37
CA ALA C 111 29.98 -26.84 -22.54
C ALA C 111 30.31 -26.05 -23.81
N VAL C 112 30.51 -24.74 -23.67
CA VAL C 112 30.81 -23.88 -24.81
C VAL C 112 32.16 -24.18 -25.47
N GLU C 113 33.20 -24.11 -24.65
CA GLU C 113 34.55 -24.38 -25.06
C GLU C 113 34.62 -25.77 -25.66
N LEU C 114 33.95 -26.72 -25.03
CA LEU C 114 33.95 -28.05 -25.57
C LEU C 114 33.26 -28.04 -26.91
N LEU C 115 32.10 -27.42 -26.96
CA LEU C 115 31.33 -27.37 -28.20
C LEU C 115 31.94 -26.47 -29.24
N LEU C 116 32.58 -25.41 -28.80
CA LEU C 116 33.24 -24.46 -29.70
C LEU C 116 34.39 -25.12 -30.44
N SER C 117 35.10 -26.00 -29.77
CA SER C 117 36.21 -26.72 -30.37
C SER C 117 35.76 -27.98 -31.11
N TYR C 118 34.47 -28.30 -31.04
CA TYR C 118 33.89 -29.46 -31.73
C TYR C 118 34.58 -30.77 -31.42
N THR C 134 13.47 -30.07 -39.84
CA THR C 134 13.43 -29.02 -38.82
C THR C 134 12.93 -29.57 -37.49
N GLN C 135 13.87 -29.98 -36.63
CA GLN C 135 13.50 -30.52 -35.33
C GLN C 135 13.00 -29.42 -34.40
N PHE C 136 12.36 -29.85 -33.32
CA PHE C 136 11.89 -28.91 -32.31
C PHE C 136 13.07 -28.29 -31.57
N SER C 137 12.96 -26.98 -31.33
CA SER C 137 13.99 -26.25 -30.60
C SER C 137 13.33 -25.26 -29.65
N GLU C 138 13.99 -25.01 -28.53
CA GLU C 138 13.51 -24.03 -27.56
C GLU C 138 13.92 -22.60 -27.92
N PHE C 139 14.68 -22.42 -29.00
CA PHE C 139 15.17 -21.12 -29.43
C PHE C 139 14.62 -20.80 -30.81
N THR C 140 14.22 -19.55 -31.00
CA THR C 140 13.70 -19.10 -32.28
C THR C 140 14.81 -19.13 -33.34
N PRO C 141 14.45 -19.26 -34.62
CA PRO C 141 15.48 -19.37 -35.67
C PRO C 141 16.40 -18.16 -35.76
N ASP C 142 15.96 -16.98 -35.32
CA ASP C 142 16.81 -15.79 -35.42
C ASP C 142 17.85 -15.71 -34.31
N ILE C 143 17.81 -16.60 -33.32
CA ILE C 143 18.79 -16.57 -32.24
C ILE C 143 20.11 -17.12 -32.75
N THR C 144 21.18 -16.37 -32.53
CA THR C 144 22.54 -16.77 -32.84
C THR C 144 23.33 -16.94 -31.54
N PRO C 145 24.46 -17.66 -31.57
CA PRO C 145 25.20 -17.88 -30.32
C PRO C 145 25.61 -16.59 -29.61
N ILE C 146 26.09 -15.59 -30.36
CA ILE C 146 26.49 -14.34 -29.73
C ILE C 146 25.27 -13.59 -29.18
N MET C 147 24.15 -13.63 -29.92
CA MET C 147 22.93 -12.98 -29.46
C MET C 147 22.43 -13.62 -28.18
N LEU C 148 22.41 -14.96 -28.12
CA LEU C 148 21.96 -15.64 -26.91
C LEU C 148 22.92 -15.37 -25.75
N ALA C 149 24.23 -15.36 -26.00
CA ALA C 149 25.19 -15.06 -24.94
C ALA C 149 24.96 -13.65 -24.41
N ALA C 150 24.69 -12.69 -25.30
CA ALA C 150 24.39 -11.34 -24.85
C ALA C 150 23.09 -11.31 -24.05
N HIS C 151 22.11 -12.13 -24.43
CA HIS C 151 20.88 -12.22 -23.66
C HIS C 151 21.16 -12.72 -22.24
N THR C 152 22.04 -13.71 -22.11
CA THR C 152 22.36 -14.22 -20.78
C THR C 152 23.19 -13.24 -19.97
N ASN C 153 23.84 -12.28 -20.61
CA ASN C 153 24.69 -11.28 -19.95
C ASN C 153 25.78 -11.97 -19.12
N ASN C 154 26.37 -13.02 -19.68
CA ASN C 154 27.43 -13.76 -19.03
C ASN C 154 28.76 -13.32 -19.64
N TYR C 155 29.60 -12.65 -18.82
CA TYR C 155 30.79 -12.01 -19.34
C TYR C 155 31.77 -13.03 -19.93
N GLU C 156 31.91 -14.20 -19.29
CA GLU C 156 32.87 -15.19 -19.74
C GLU C 156 32.51 -15.72 -21.13
N ILE C 157 31.26 -16.14 -21.31
CA ILE C 157 30.85 -16.71 -22.60
C ILE C 157 30.81 -15.64 -23.68
N ILE C 158 30.35 -14.43 -23.32
CA ILE C 158 30.34 -13.33 -24.28
C ILE C 158 31.76 -13.03 -24.73
N LYS C 159 32.71 -12.99 -23.80
CA LYS C 159 34.10 -12.76 -24.16
C LYS C 159 34.65 -13.88 -25.04
N LEU C 160 34.29 -15.13 -24.72
CA LEU C 160 34.73 -16.25 -25.54
C LEU C 160 34.24 -16.13 -26.97
N LEU C 161 32.98 -15.72 -27.14
CA LEU C 161 32.42 -15.59 -28.48
C LEU C 161 32.96 -14.38 -29.22
N VAL C 162 33.23 -13.28 -28.50
CA VAL C 162 33.80 -12.09 -29.13
C VAL C 162 35.27 -12.30 -29.48
N GLN C 163 35.94 -13.27 -28.84
CA GLN C 163 37.30 -13.61 -29.23
C GLN C 163 37.39 -14.01 -30.70
N LYS C 164 36.34 -14.63 -31.23
CA LYS C 164 36.27 -14.96 -32.65
C LYS C 164 35.76 -13.73 -33.42
N ARG C 165 35.42 -13.93 -34.69
CA ARG C 165 34.88 -12.85 -35.52
C ARG C 165 33.38 -13.05 -35.62
N VAL C 166 32.64 -12.46 -34.68
CA VAL C 166 31.20 -12.56 -34.64
C VAL C 166 30.61 -11.17 -34.84
N THR C 167 29.41 -11.12 -35.41
CA THR C 167 28.72 -9.87 -35.69
C THR C 167 27.26 -10.00 -35.31
N ILE C 168 26.64 -8.85 -35.05
CA ILE C 168 25.21 -8.75 -34.74
C ILE C 168 24.59 -7.83 -35.77
N PRO C 169 23.48 -8.22 -36.40
CA PRO C 169 22.89 -7.37 -37.44
C PRO C 169 22.47 -6.00 -36.90
N ARG C 170 22.67 -4.98 -37.72
CA ARG C 170 22.33 -3.62 -37.34
C ARG C 170 20.83 -3.40 -37.51
N PRO C 171 20.11 -3.05 -36.45
CA PRO C 171 18.70 -2.68 -36.62
C PRO C 171 18.56 -1.38 -37.41
N HIS C 172 17.49 -1.30 -38.19
CA HIS C 172 17.25 -0.13 -39.03
C HIS C 172 16.73 1.01 -38.16
N GLN C 173 16.34 2.11 -38.80
CA GLN C 173 15.81 3.25 -38.07
C GLN C 173 14.48 2.90 -37.41
N ILE C 174 14.17 3.59 -36.31
CA ILE C 174 12.92 3.37 -35.60
C ILE C 174 11.73 3.60 -36.52
N ARG C 175 11.81 4.64 -37.35
CA ARG C 175 10.77 4.96 -38.34
C ARG C 175 11.28 4.74 -39.76
N CYS C 176 12.04 3.67 -39.96
CA CYS C 176 12.57 3.36 -41.28
C CYS C 176 11.45 2.94 -42.23
N ASN C 177 11.58 3.35 -43.49
CA ASN C 177 10.57 3.06 -44.51
C ASN C 177 11.20 2.45 -45.75
N CYS C 178 12.30 1.71 -45.59
CA CYS C 178 12.94 1.08 -46.74
C CYS C 178 12.12 -0.13 -47.19
N VAL C 179 12.47 -0.65 -48.37
CA VAL C 179 11.72 -1.75 -48.96
C VAL C 179 11.85 -3.01 -48.10
N GLU C 180 13.04 -3.25 -47.55
CA GLU C 180 13.25 -4.47 -46.77
C GLU C 180 12.40 -4.48 -45.50
N CYS C 181 12.34 -3.35 -44.80
CA CYS C 181 11.58 -3.30 -43.54
C CYS C 181 10.10 -3.52 -43.79
N VAL C 182 9.52 -2.83 -44.77
CA VAL C 182 8.10 -2.98 -45.04
C VAL C 182 7.79 -4.37 -45.57
N SER C 183 8.69 -4.93 -46.40
CA SER C 183 8.49 -6.28 -46.91
C SER C 183 8.48 -7.30 -45.78
N SER C 184 9.45 -7.19 -44.86
CA SER C 184 9.48 -8.11 -43.73
C SER C 184 8.27 -7.93 -42.82
N SER C 185 7.84 -6.69 -42.60
CA SER C 185 6.69 -6.43 -41.76
C SER C 185 5.41 -7.02 -42.36
N GLU C 186 5.24 -6.87 -43.68
CA GLU C 186 4.03 -7.40 -44.32
C GLU C 186 4.07 -8.92 -44.42
N VAL C 187 5.23 -9.49 -44.74
CA VAL C 187 5.32 -10.94 -44.88
C VAL C 187 5.11 -11.64 -43.54
N ASP C 188 5.78 -11.16 -42.49
CA ASP C 188 5.63 -11.75 -41.16
C ASP C 188 5.93 -10.66 -40.14
N SER C 189 4.86 -10.07 -39.57
CA SER C 189 5.04 -9.03 -38.57
C SER C 189 5.56 -9.60 -37.26
N LEU C 190 5.07 -10.79 -36.87
CA LEU C 190 5.51 -11.39 -35.62
C LEU C 190 6.99 -11.71 -35.66
N ARG C 191 7.45 -12.33 -36.75
CA ARG C 191 8.86 -12.69 -36.86
C ARG C 191 9.75 -11.45 -36.87
N HIS C 192 9.34 -10.42 -37.61
CA HIS C 192 10.13 -9.19 -37.69
C HIS C 192 10.23 -8.51 -36.33
N SER C 193 9.10 -8.41 -35.63
CA SER C 193 9.10 -7.79 -34.31
C SER C 193 9.96 -8.59 -33.33
N ARG C 194 9.84 -9.92 -33.36
CA ARG C 194 10.65 -10.75 -32.48
C ARG C 194 12.13 -10.59 -32.77
N SER C 195 12.50 -10.55 -34.05
CA SER C 195 13.91 -10.38 -34.41
C SER C 195 14.45 -9.04 -33.94
N ARG C 196 13.66 -7.98 -34.13
CA ARG C 196 14.12 -6.66 -33.67
C ARG C 196 14.28 -6.64 -32.16
N LEU C 197 13.33 -7.21 -31.42
CA LEU C 197 13.43 -7.24 -29.97
C LEU C 197 14.64 -8.04 -29.51
N ASN C 198 14.90 -9.18 -30.16
CA ASN C 198 16.07 -9.99 -29.80
C ASN C 198 17.36 -9.23 -30.07
N ILE C 199 17.44 -8.53 -31.20
CA ILE C 199 18.64 -7.75 -31.51
C ILE C 199 18.86 -6.68 -30.45
N TYR C 200 17.81 -5.96 -30.07
CA TYR C 200 17.98 -4.91 -29.08
C TYR C 200 18.26 -5.47 -27.69
N LYS C 201 17.76 -6.67 -27.38
CA LYS C 201 18.15 -7.33 -26.14
C LYS C 201 19.64 -7.68 -26.15
N ALA C 202 20.14 -8.14 -27.30
CA ALA C 202 21.57 -8.45 -27.41
C ALA C 202 22.41 -7.19 -27.23
N LEU C 203 22.04 -6.10 -27.92
CA LEU C 203 22.86 -4.90 -27.90
C LEU C 203 22.83 -4.22 -26.53
N ALA C 204 21.70 -4.27 -25.82
CA ALA C 204 21.57 -3.64 -24.52
C ALA C 204 22.16 -4.47 -23.39
N SER C 205 22.99 -5.45 -23.69
CA SER C 205 23.62 -6.26 -22.66
C SER C 205 24.73 -5.47 -21.98
N PRO C 206 24.71 -5.31 -20.67
CA PRO C 206 25.81 -4.58 -20.00
C PRO C 206 27.18 -5.17 -20.25
N SER C 207 27.29 -6.51 -20.32
CA SER C 207 28.59 -7.11 -20.61
C SER C 207 29.01 -6.85 -22.05
N LEU C 208 28.08 -6.97 -23.00
CA LEU C 208 28.44 -6.71 -24.39
C LEU C 208 28.75 -5.25 -24.65
N ILE C 209 28.28 -4.34 -23.78
CA ILE C 209 28.69 -2.95 -23.89
C ILE C 209 30.03 -2.73 -23.19
N ALA C 210 30.29 -3.46 -22.10
CA ALA C 210 31.58 -3.37 -21.43
C ALA C 210 32.71 -3.76 -22.38
N LEU C 211 32.53 -4.83 -23.14
CA LEU C 211 33.42 -5.16 -24.24
C LEU C 211 32.93 -4.49 -25.51
N SER C 212 33.77 -4.52 -26.54
CA SER C 212 33.38 -4.19 -27.92
C SER C 212 32.60 -2.87 -27.99
N SER C 213 33.08 -1.85 -27.30
CA SER C 213 32.44 -0.54 -27.33
C SER C 213 33.48 0.51 -26.98
N GLU C 214 33.67 1.49 -27.89
CA GLU C 214 34.68 2.52 -27.66
C GLU C 214 34.35 3.32 -26.40
N ASP C 215 33.14 3.84 -26.31
CA ASP C 215 32.69 4.65 -25.17
C ASP C 215 31.46 3.99 -24.57
N PRO C 216 31.63 3.16 -23.54
CA PRO C 216 30.47 2.49 -22.93
C PRO C 216 29.42 3.45 -22.38
N ILE C 217 29.84 4.59 -21.83
CA ILE C 217 28.88 5.52 -21.24
C ILE C 217 28.01 6.15 -22.32
N LEU C 218 28.63 6.66 -23.39
CA LEU C 218 27.86 7.25 -24.47
C LEU C 218 27.00 6.20 -25.18
N THR C 219 27.55 5.00 -25.37
CA THR C 219 26.78 3.92 -25.97
C THR C 219 25.55 3.61 -25.13
N ALA C 220 25.70 3.52 -23.81
CA ALA C 220 24.57 3.26 -22.94
C ALA C 220 23.55 4.38 -23.02
N PHE C 221 24.02 5.64 -23.03
CA PHE C 221 23.09 6.78 -23.11
C PHE C 221 22.25 6.71 -24.38
N ARG C 222 22.91 6.58 -25.54
CA ARG C 222 22.17 6.64 -26.80
C ARG C 222 21.32 5.38 -27.00
N LEU C 223 21.81 4.22 -26.55
CA LEU C 223 21.04 2.99 -26.66
C LEU C 223 19.79 3.07 -25.79
N GLY C 224 19.92 3.58 -24.56
CA GLY C 224 18.74 3.75 -23.73
C GLY C 224 17.74 4.73 -24.32
N TRP C 225 18.25 5.82 -24.91
CA TRP C 225 17.36 6.78 -25.56
C TRP C 225 16.59 6.12 -26.71
N GLU C 226 17.30 5.36 -27.55
CA GLU C 226 16.66 4.69 -28.66
C GLU C 226 15.65 3.66 -28.19
N LEU C 227 15.97 2.95 -27.10
CA LEU C 227 15.03 1.97 -26.55
C LEU C 227 13.77 2.65 -26.01
N LYS C 228 13.93 3.81 -25.37
CA LYS C 228 12.76 4.57 -24.93
C LYS C 228 11.90 5.02 -26.11
N GLU C 229 12.56 5.48 -27.18
CA GLU C 229 11.81 5.87 -28.37
C GLU C 229 11.07 4.69 -28.98
N LEU C 230 11.72 3.51 -29.02
CA LEU C 230 11.05 2.31 -29.51
C LEU C 230 9.86 1.94 -28.62
N SER C 231 10.02 2.07 -27.30
CA SER C 231 8.91 1.81 -26.38
C SER C 231 7.74 2.72 -26.68
N LYS C 232 8.01 3.99 -26.97
CA LYS C 232 6.94 4.90 -27.38
C LYS C 232 6.30 4.42 -28.68
N VAL C 233 7.11 4.11 -29.68
CA VAL C 233 6.58 3.77 -31.00
C VAL C 233 5.85 2.42 -30.95
N GLU C 234 6.47 1.41 -30.35
CA GLU C 234 5.89 0.07 -30.30
C GLU C 234 4.86 0.02 -29.19
N ASN C 235 3.58 0.09 -29.56
CA ASN C 235 2.52 0.04 -28.57
C ASN C 235 2.54 -1.28 -27.81
N GLU C 236 2.73 -2.39 -28.53
CA GLU C 236 3.02 -3.66 -27.89
C GLU C 236 4.52 -3.78 -27.67
N PHE C 237 4.91 -4.71 -26.80
CA PHE C 237 6.29 -4.87 -26.36
C PHE C 237 6.83 -3.61 -25.65
N LYS C 238 5.94 -2.75 -25.18
CA LYS C 238 6.36 -1.50 -24.54
C LYS C 238 7.12 -1.77 -23.26
N ALA C 239 6.66 -2.73 -22.45
CA ALA C 239 7.30 -3.01 -21.18
C ALA C 239 8.73 -3.53 -21.37
N GLU C 240 8.94 -4.38 -22.38
CA GLU C 240 10.27 -4.94 -22.61
C GLU C 240 11.26 -3.86 -23.03
N TYR C 241 10.86 -2.97 -23.93
CA TYR C 241 11.76 -1.88 -24.31
C TYR C 241 11.99 -0.92 -23.15
N GLU C 242 10.96 -0.68 -22.34
CA GLU C 242 11.15 0.15 -21.16
C GLU C 242 12.17 -0.45 -20.21
N GLU C 243 12.08 -1.76 -19.96
CA GLU C 243 13.02 -2.39 -19.04
C GLU C 243 14.43 -2.45 -19.63
N LEU C 244 14.55 -2.62 -20.95
CA LEU C 244 15.87 -2.59 -21.57
C LEU C 244 16.50 -1.20 -21.43
N SER C 245 15.72 -0.15 -21.67
CA SER C 245 16.22 1.21 -21.50
C SER C 245 16.64 1.47 -20.05
N GLN C 246 15.81 1.03 -19.11
CA GLN C 246 16.14 1.20 -17.70
C GLN C 246 17.42 0.45 -17.34
N GLN C 247 17.60 -0.74 -17.92
CA GLN C 247 18.82 -1.51 -17.69
C GLN C 247 20.05 -0.78 -18.20
N CYS C 248 19.95 -0.17 -19.39
CA CYS C 248 21.07 0.62 -19.89
C CYS C 248 21.37 1.81 -19.00
N LYS C 249 20.32 2.50 -18.51
CA LYS C 249 20.52 3.62 -17.60
C LYS C 249 21.22 3.17 -16.33
N LEU C 250 20.80 2.04 -15.77
CA LEU C 250 21.44 1.52 -14.57
C LEU C 250 22.89 1.13 -14.83
N PHE C 251 23.17 0.59 -16.02
CA PHE C 251 24.56 0.26 -16.36
C PHE C 251 25.44 1.50 -16.37
N ALA C 252 24.94 2.58 -16.98
CA ALA C 252 25.69 3.84 -16.96
C ALA C 252 25.91 4.34 -15.53
N LYS C 253 24.86 4.28 -14.71
CA LYS C 253 24.98 4.74 -13.32
C LYS C 253 26.00 3.90 -12.55
N ASP C 254 26.03 2.58 -12.79
CA ASP C 254 26.98 1.72 -12.08
C ASP C 254 28.40 1.95 -12.55
N LEU C 255 28.60 2.15 -13.86
CA LEU C 255 29.91 2.54 -14.35
C LEU C 255 30.40 3.80 -13.65
N LEU C 256 29.52 4.79 -13.49
CA LEU C 256 29.91 5.99 -12.75
C LEU C 256 30.20 5.66 -11.29
N ASP C 257 29.42 4.74 -10.70
CA ASP C 257 29.64 4.33 -9.32
C ASP C 257 31.02 3.73 -9.10
N GLN C 258 31.60 3.12 -10.13
CA GLN C 258 32.90 2.49 -9.93
C GLN C 258 34.05 3.50 -9.84
N ALA C 259 33.81 4.80 -9.99
CA ALA C 259 34.87 5.79 -9.88
C ALA C 259 35.38 5.86 -8.43
N ARG C 260 36.71 5.97 -8.28
CA ARG C 260 37.34 5.91 -6.98
C ARG C 260 38.08 7.18 -6.58
N SER C 261 38.16 8.18 -7.45
CA SER C 261 38.84 9.43 -7.11
C SER C 261 38.16 10.57 -7.86
N SER C 262 38.38 11.80 -7.35
CA SER C 262 37.81 12.97 -8.00
C SER C 262 38.43 13.23 -9.36
N ARG C 263 39.71 12.88 -9.54
CA ARG C 263 40.33 13.04 -10.84
C ARG C 263 39.62 12.21 -11.91
N GLU C 264 39.32 10.96 -11.58
CA GLU C 264 38.59 10.10 -12.53
C GLU C 264 37.22 10.66 -12.84
N LEU C 265 36.50 11.13 -11.82
CA LEU C 265 35.15 11.65 -12.04
C LEU C 265 35.18 12.90 -12.91
N GLU C 266 36.15 13.79 -12.67
CA GLU C 266 36.30 14.97 -13.52
C GLU C 266 36.62 14.58 -14.94
N ILE C 267 37.53 13.61 -15.13
CA ILE C 267 37.89 13.18 -16.48
C ILE C 267 36.66 12.62 -17.20
N ILE C 268 35.84 11.86 -16.48
CA ILE C 268 34.64 11.27 -17.09
C ILE C 268 33.65 12.34 -17.48
N LEU C 269 33.35 13.26 -16.54
CA LEU C 269 32.29 14.23 -16.79
C LEU C 269 32.70 15.29 -17.80
N ASN C 270 34.00 15.58 -17.92
CA ASN C 270 34.49 16.61 -18.80
C ASN C 270 34.87 16.11 -20.19
N HIS C 271 34.66 14.82 -20.47
CA HIS C 271 35.08 14.27 -21.75
C HIS C 271 34.20 14.78 -22.89
N ARG C 272 34.84 15.11 -24.01
CA ARG C 272 34.15 15.59 -25.20
C ARG C 272 34.24 14.53 -26.29
N ASP C 273 33.09 14.11 -26.80
CA ASP C 273 33.04 13.11 -27.86
C ASP C 273 33.40 13.73 -29.21
N ASP C 286 32.80 23.28 -19.75
CA ASP C 286 33.20 22.02 -19.14
C ASP C 286 31.96 21.18 -18.84
N LEU C 287 32.20 20.02 -18.22
CA LEU C 287 31.13 19.06 -17.92
C LEU C 287 30.36 18.67 -19.18
N ALA C 288 31.09 18.42 -20.28
CA ALA C 288 30.45 18.11 -21.55
C ALA C 288 29.63 16.82 -21.46
N LYS C 289 30.23 15.76 -20.92
CA LYS C 289 29.52 14.49 -20.83
C LYS C 289 28.34 14.58 -19.87
N LEU C 290 28.45 15.41 -18.83
CA LEU C 290 27.30 15.65 -17.96
C LEU C 290 26.16 16.29 -18.73
N LYS C 291 26.48 17.25 -19.60
CA LYS C 291 25.46 17.86 -20.44
C LYS C 291 24.84 16.85 -21.38
N VAL C 292 25.66 15.95 -21.94
CA VAL C 292 25.13 14.89 -22.81
C VAL C 292 24.20 13.98 -22.03
N ALA C 293 24.56 13.65 -20.78
CA ALA C 293 23.69 12.84 -19.94
C ALA C 293 22.37 13.55 -19.68
N ILE C 294 22.43 14.85 -19.39
CA ILE C 294 21.20 15.61 -19.15
C ILE C 294 20.33 15.63 -20.40
N LYS C 295 20.96 15.71 -21.58
CA LYS C 295 20.21 15.71 -22.82
C LYS C 295 19.42 14.43 -23.01
N TYR C 296 20.02 13.29 -22.66
CA TYR C 296 19.38 11.99 -22.83
C TYR C 296 18.51 11.59 -21.64
N HIS C 297 18.25 12.52 -20.71
CA HIS C 297 17.40 12.27 -19.55
C HIS C 297 17.91 11.07 -18.74
N GLN C 298 19.19 11.09 -18.43
CA GLN C 298 19.82 10.05 -17.62
C GLN C 298 19.77 10.50 -16.16
N LYS C 299 18.57 10.36 -15.57
CA LYS C 299 18.33 10.94 -14.25
C LYS C 299 19.18 10.26 -13.18
N GLU C 300 19.30 8.94 -13.22
CA GLU C 300 20.10 8.24 -12.21
C GLU C 300 21.57 8.60 -12.33
N PHE C 301 22.07 8.72 -13.56
CA PHE C 301 23.46 9.11 -13.77
C PHE C 301 23.73 10.51 -13.23
N VAL C 302 22.80 11.43 -13.46
CA VAL C 302 22.98 12.81 -12.99
C VAL C 302 22.88 12.87 -11.46
N ALA C 303 21.95 12.12 -10.88
CA ALA C 303 21.74 12.13 -9.44
C ALA C 303 22.74 11.25 -8.68
N GLN C 304 23.85 10.88 -9.33
CA GLN C 304 24.91 10.14 -8.66
C GLN C 304 25.46 10.96 -7.50
N PRO C 305 25.66 10.36 -6.32
CA PRO C 305 26.14 11.17 -5.17
C PRO C 305 27.47 11.85 -5.42
N ASN C 306 28.40 11.21 -6.13
CA ASN C 306 29.67 11.86 -6.44
C ASN C 306 29.48 12.98 -7.46
N CYS C 307 28.63 12.74 -8.46
CA CYS C 307 28.29 13.79 -9.41
C CYS C 307 27.66 14.98 -8.70
N GLN C 308 26.73 14.72 -7.79
CA GLN C 308 26.10 15.80 -7.04
C GLN C 308 27.09 16.52 -6.14
N GLN C 309 28.03 15.79 -5.55
CA GLN C 309 29.05 16.43 -4.71
C GLN C 309 29.93 17.36 -5.53
N LEU C 310 30.35 16.91 -6.71
CA LEU C 310 31.14 17.78 -7.58
C LEU C 310 30.33 19.00 -8.02
N LEU C 311 29.07 18.79 -8.39
CA LEU C 311 28.23 19.91 -8.80
C LEU C 311 28.01 20.88 -7.64
N ALA C 312 27.95 20.39 -6.41
CA ALA C 312 27.78 21.27 -5.26
C ALA C 312 29.06 22.06 -5.00
N THR C 313 30.22 21.43 -5.15
CA THR C 313 31.47 22.18 -5.01
C THR C 313 31.57 23.27 -6.06
N LEU C 314 31.07 23.01 -7.28
CA LEU C 314 31.02 24.07 -8.28
C LEU C 314 29.98 25.13 -7.94
N TRP C 315 28.86 24.71 -7.34
CA TRP C 315 27.75 25.61 -7.05
C TRP C 315 28.15 26.66 -6.01
N TYR C 316 28.83 26.25 -4.95
CA TYR C 316 29.32 27.18 -3.93
C TYR C 316 30.79 27.52 -4.21
N ASP C 317 31.00 28.25 -5.31
CA ASP C 317 32.36 28.65 -5.68
C ASP C 317 32.95 29.61 -4.64
N GLY C 318 32.17 30.60 -4.23
CA GLY C 318 32.68 31.60 -3.30
C GLY C 318 32.88 31.05 -1.89
N PHE C 319 31.89 30.31 -1.39
CA PHE C 319 31.92 29.86 0.00
C PHE C 319 32.49 28.45 0.08
N PRO C 320 33.64 28.26 0.71
CA PRO C 320 34.24 26.92 0.76
C PRO C 320 33.59 26.02 1.79
N GLY C 321 33.02 26.60 2.84
CA GLY C 321 32.46 25.83 3.92
C GLY C 321 30.96 26.00 4.12
N TRP C 322 30.22 26.15 3.02
CA TRP C 322 28.77 26.28 3.12
C TRP C 322 28.12 24.99 3.58
N ARG C 323 28.77 23.84 3.39
CA ARG C 323 28.17 22.57 3.79
C ARG C 323 27.97 22.50 5.29
N ARG C 324 28.93 23.01 6.06
CA ARG C 324 28.88 22.98 7.53
C ARG C 324 28.68 24.40 8.04
N LYS C 325 27.41 24.81 8.10
CA LYS C 325 27.03 26.11 8.63
C LYS C 325 25.66 26.01 9.27
N HIS C 326 25.38 26.95 10.17
CA HIS C 326 24.09 26.96 10.85
C HIS C 326 23.03 27.61 9.96
N TRP C 327 21.77 27.36 10.32
CA TRP C 327 20.65 27.91 9.56
C TRP C 327 20.65 29.44 9.60
N VAL C 328 20.92 30.01 10.78
CA VAL C 328 20.91 31.47 10.92
C VAL C 328 22.02 32.09 10.08
N VAL C 329 23.20 31.47 10.07
CA VAL C 329 24.33 32.01 9.31
C VAL C 329 24.01 32.01 7.81
N LYS C 330 23.47 30.89 7.33
CA LYS C 330 23.10 30.80 5.91
C LYS C 330 22.02 31.83 5.55
N LEU C 331 21.01 31.97 6.41
CA LEU C 331 19.94 32.92 6.13
C LEU C 331 20.46 34.35 6.11
N LEU C 332 21.32 34.71 7.07
CA LEU C 332 21.88 36.05 7.10
C LEU C 332 22.77 36.32 5.90
N THR C 333 23.58 35.32 5.49
CA THR C 333 24.41 35.49 4.31
C THR C 333 23.56 35.68 3.06
N CYS C 334 22.50 34.88 2.91
CA CYS C 334 21.63 35.02 1.76
C CYS C 334 20.96 36.39 1.74
N MET C 335 20.48 36.86 2.88
CA MET C 335 19.85 38.18 2.94
C MET C 335 20.83 39.28 2.60
N THR C 336 22.06 39.18 3.13
CA THR C 336 23.06 40.21 2.86
C THR C 336 23.44 40.24 1.37
N ILE C 337 23.61 39.07 0.76
CA ILE C 337 23.95 39.03 -0.66
C ILE C 337 22.79 39.53 -1.50
N GLY C 338 21.56 39.17 -1.14
CA GLY C 338 20.41 39.61 -1.91
C GLY C 338 20.20 41.11 -1.84
N PHE C 339 20.37 41.70 -0.64
CA PHE C 339 20.20 43.14 -0.49
C PHE C 339 21.26 43.94 -1.22
N LEU C 340 22.37 43.30 -1.62
CA LEU C 340 23.46 43.98 -2.31
C LEU C 340 23.52 43.63 -3.79
N PHE C 341 22.44 43.06 -4.34
CA PHE C 341 22.46 42.69 -5.76
C PHE C 341 22.67 43.88 -6.70
N PRO C 342 22.07 45.07 -6.49
CA PRO C 342 22.38 46.18 -7.41
C PRO C 342 23.86 46.56 -7.38
N MET C 343 24.50 46.50 -6.20
CA MET C 343 25.91 46.83 -6.11
C MET C 343 26.76 45.83 -6.90
N LEU C 344 26.46 44.54 -6.78
CA LEU C 344 27.21 43.54 -7.53
C LEU C 344 26.99 43.69 -9.03
N SER C 345 25.74 43.97 -9.44
CA SER C 345 25.46 44.16 -10.86
C SER C 345 26.23 45.37 -11.41
N ILE C 346 26.24 46.48 -10.66
CA ILE C 346 26.96 47.67 -11.10
C ILE C 346 28.46 47.41 -11.15
N ALA C 347 28.99 46.68 -10.16
CA ALA C 347 30.41 46.35 -10.15
C ALA C 347 30.79 45.50 -11.35
N TYR C 348 29.95 44.53 -11.70
CA TYR C 348 30.19 43.73 -12.90
C TYR C 348 30.13 44.59 -14.15
N LEU C 349 29.17 45.53 -14.20
CA LEU C 349 29.05 46.41 -15.37
C LEU C 349 30.29 47.28 -15.54
N ILE C 350 30.80 47.84 -14.44
CA ILE C 350 31.90 48.78 -14.53
C ILE C 350 33.22 48.06 -14.78
N SER C 351 33.63 47.22 -13.84
CA SER C 351 34.90 46.50 -13.94
C SER C 351 34.68 45.03 -13.57
N PRO C 352 34.54 44.15 -14.56
CA PRO C 352 34.34 42.72 -14.25
C PRO C 352 35.50 42.09 -13.51
N ARG C 353 36.71 42.66 -13.59
CA ARG C 353 37.89 42.09 -12.97
C ARG C 353 38.17 42.83 -11.66
N SER C 354 37.49 42.39 -10.61
CA SER C 354 37.66 42.96 -9.28
C SER C 354 37.06 42.00 -8.25
N ASN C 355 37.27 42.32 -6.97
CA ASN C 355 36.71 41.49 -5.91
C ASN C 355 35.18 41.49 -5.95
N LEU C 356 34.58 42.55 -6.49
CA LEU C 356 33.13 42.62 -6.64
C LEU C 356 32.66 42.43 -8.08
N GLY C 357 33.51 42.71 -9.06
CA GLY C 357 33.09 42.56 -10.46
C GLY C 357 32.82 41.12 -10.84
N LEU C 358 33.72 40.21 -10.46
CA LEU C 358 33.57 38.80 -10.77
C LEU C 358 32.92 38.01 -9.64
N PHE C 359 32.56 38.68 -8.54
CA PHE C 359 31.87 37.99 -7.45
C PHE C 359 30.45 37.57 -7.84
N ILE C 360 29.87 38.19 -8.86
CA ILE C 360 28.53 37.83 -9.29
C ILE C 360 28.54 36.66 -10.26
N LYS C 361 29.67 36.39 -10.91
CA LYS C 361 29.74 35.25 -11.83
C LYS C 361 29.69 33.91 -11.11
N LYS C 362 29.85 33.89 -9.79
CA LYS C 362 29.73 32.65 -9.04
C LYS C 362 28.28 32.15 -9.09
N PRO C 363 28.07 30.84 -9.26
CA PRO C 363 26.71 30.36 -9.54
C PRO C 363 25.71 30.64 -8.44
N PHE C 364 26.05 30.33 -7.18
CA PHE C 364 25.12 30.59 -6.08
C PHE C 364 24.87 32.08 -5.92
N ILE C 365 25.91 32.90 -6.04
CA ILE C 365 25.76 34.35 -5.94
C ILE C 365 24.88 34.88 -7.06
N LYS C 366 25.10 34.39 -8.29
CA LYS C 366 24.29 34.82 -9.41
C LYS C 366 22.81 34.44 -9.20
N PHE C 367 22.57 33.23 -8.70
CA PHE C 367 21.21 32.82 -8.41
C PHE C 367 20.57 33.72 -7.36
N ILE C 368 21.33 34.06 -6.31
CA ILE C 368 20.80 34.93 -5.26
C ILE C 368 20.48 36.31 -5.82
N CYS C 369 21.35 36.85 -6.68
CA CYS C 369 21.11 38.16 -7.25
C CYS C 369 19.87 38.16 -8.15
N HIS C 370 19.72 37.14 -8.98
CA HIS C 370 18.53 37.06 -9.83
C HIS C 370 17.26 36.91 -9.00
N THR C 371 17.30 36.08 -7.96
CA THR C 371 16.13 35.91 -7.09
C THR C 371 15.78 37.21 -6.37
N ALA C 372 16.80 37.93 -5.88
CA ALA C 372 16.54 39.21 -5.23
C ALA C 372 15.98 40.24 -6.20
N SER C 373 16.48 40.26 -7.44
CA SER C 373 15.93 41.15 -8.45
C SER C 373 14.47 40.85 -8.71
N TYR C 374 14.12 39.57 -8.85
CA TYR C 374 12.73 39.20 -9.09
C TYR C 374 11.86 39.54 -7.88
N LEU C 375 12.39 39.37 -6.67
CA LEU C 375 11.64 39.72 -5.47
C LEU C 375 11.39 41.22 -5.38
N THR C 376 12.37 42.04 -5.74
CA THR C 376 12.15 43.48 -5.77
C THR C 376 11.12 43.85 -6.84
N PHE C 377 11.16 43.16 -7.98
CA PHE C 377 10.14 43.39 -9.01
C PHE C 377 8.74 43.08 -8.49
N LEU C 378 8.60 41.97 -7.78
CA LEU C 378 7.29 41.62 -7.21
C LEU C 378 6.87 42.61 -6.14
N PHE C 379 7.83 43.09 -5.35
CA PHE C 379 7.53 44.10 -4.34
C PHE C 379 7.02 45.38 -4.98
N MET C 380 7.64 45.80 -6.10
CA MET C 380 7.15 46.96 -6.81
C MET C 380 5.78 46.71 -7.42
N LEU C 381 5.53 45.49 -7.91
CA LEU C 381 4.20 45.15 -8.41
C LEU C 381 3.15 45.29 -7.31
N LEU C 382 3.47 44.82 -6.11
CA LEU C 382 2.57 44.99 -4.98
C LEU C 382 2.36 46.47 -4.65
N LEU C 383 3.44 47.25 -4.66
CA LEU C 383 3.33 48.68 -4.36
C LEU C 383 2.55 49.44 -5.43
N ALA C 384 2.47 48.91 -6.65
CA ALA C 384 1.81 49.61 -7.75
C ALA C 384 0.31 49.75 -7.55
N SER C 385 -0.27 49.23 -6.47
CA SER C 385 -1.70 49.31 -6.22
C SER C 385 -2.01 50.01 -4.91
N GLN C 386 -1.12 50.91 -4.47
CA GLN C 386 -1.28 51.63 -3.22
C GLN C 386 -1.85 53.03 -3.47
N ASP C 392 -5.37 60.00 -8.48
CA ASP C 392 -6.55 60.28 -9.30
C ASP C 392 -6.74 59.14 -10.29
N LEU C 393 -7.95 58.58 -10.31
CA LEU C 393 -8.28 57.45 -11.18
C LEU C 393 -9.23 57.81 -12.31
N HIS C 394 -9.68 59.07 -12.38
CA HIS C 394 -10.63 59.48 -13.40
C HIS C 394 -9.96 59.91 -14.71
N VAL C 395 -8.63 59.96 -14.75
CA VAL C 395 -7.93 60.39 -15.96
C VAL C 395 -7.96 59.26 -16.98
N GLN C 396 -8.42 59.58 -18.19
CA GLN C 396 -8.46 58.61 -19.28
C GLN C 396 -7.09 58.57 -19.95
N GLY C 397 -6.41 57.44 -19.82
CA GLY C 397 -5.06 57.30 -20.33
C GLY C 397 -4.07 58.19 -19.61
N PRO C 398 -3.86 57.94 -18.32
CA PRO C 398 -2.95 58.78 -17.54
C PRO C 398 -1.49 58.47 -17.86
N PRO C 399 -0.59 59.42 -17.64
CA PRO C 399 0.83 59.11 -17.80
C PRO C 399 1.28 58.11 -16.76
N PRO C 400 2.26 57.28 -17.08
CA PRO C 400 2.75 56.29 -16.10
C PRO C 400 3.30 56.97 -14.86
N THR C 401 3.06 56.35 -13.70
CA THR C 401 3.49 56.89 -12.43
C THR C 401 4.95 56.50 -12.17
N VAL C 402 5.46 56.92 -11.00
CA VAL C 402 6.84 56.61 -10.64
C VAL C 402 7.03 55.11 -10.49
N VAL C 403 6.07 54.43 -9.87
CA VAL C 403 6.17 52.98 -9.70
C VAL C 403 6.14 52.28 -11.06
N GLU C 404 5.27 52.73 -11.96
CA GLU C 404 5.24 52.15 -13.30
C GLU C 404 6.53 52.45 -14.06
N TRP C 405 7.10 53.65 -13.87
CA TRP C 405 8.36 53.97 -14.51
C TRP C 405 9.50 53.11 -13.99
N MET C 406 9.45 52.72 -12.71
CA MET C 406 10.43 51.77 -12.17
C MET C 406 10.16 50.35 -12.64
N ILE C 407 8.90 50.00 -12.87
CA ILE C 407 8.55 48.66 -13.32
C ILE C 407 8.99 48.44 -14.76
N LEU C 408 8.88 49.47 -15.60
CA LEU C 408 9.17 49.33 -17.03
C LEU C 408 10.53 48.73 -17.34
N PRO C 409 11.65 49.18 -16.74
CA PRO C 409 12.94 48.55 -17.06
C PRO C 409 13.00 47.07 -16.73
N TRP C 410 12.31 46.63 -15.66
CA TRP C 410 12.28 45.20 -15.36
C TRP C 410 11.57 44.41 -16.47
N VAL C 411 10.46 44.95 -16.98
CA VAL C 411 9.75 44.28 -18.08
C VAL C 411 10.62 44.24 -19.32
N LEU C 412 11.29 45.36 -19.63
CA LEU C 412 12.19 45.38 -20.78
C LEU C 412 13.31 44.37 -20.62
N GLY C 413 13.87 44.26 -19.41
CA GLY C 413 14.90 43.27 -19.17
C GLY C 413 14.40 41.85 -19.31
N PHE C 414 13.18 41.59 -18.85
CA PHE C 414 12.59 40.26 -19.02
C PHE C 414 12.46 39.91 -20.50
N ILE C 415 11.93 40.85 -21.30
CA ILE C 415 11.75 40.58 -22.72
C ILE C 415 13.11 40.39 -23.41
N TRP C 416 14.08 41.24 -23.09
CA TRP C 416 15.40 41.12 -23.70
C TRP C 416 16.07 39.82 -23.31
N GLY C 417 15.94 39.40 -22.06
CA GLY C 417 16.51 38.13 -21.64
C GLY C 417 15.86 36.95 -22.34
N GLU C 418 14.53 36.99 -22.50
CA GLU C 418 13.85 35.90 -23.19
C GLU C 418 14.30 35.81 -24.65
N ILE C 419 14.38 36.95 -25.34
CA ILE C 419 14.77 36.89 -26.75
C ILE C 419 16.25 36.54 -26.87
N LYS C 420 17.09 36.95 -25.92
CA LYS C 420 18.50 36.56 -25.94
C LYS C 420 18.67 35.07 -25.72
N GLU C 421 17.89 34.49 -24.80
CA GLU C 421 17.92 33.05 -24.61
C GLU C 421 17.46 32.32 -25.86
N MET C 422 16.42 32.83 -26.52
CA MET C 422 15.96 32.24 -27.77
C MET C 422 17.04 32.31 -28.84
N TRP C 423 17.74 33.44 -28.93
CA TRP C 423 18.77 33.62 -29.94
C TRP C 423 19.99 32.74 -29.68
N ASP C 424 20.36 32.57 -28.41
CA ASP C 424 21.58 31.84 -28.07
C ASP C 424 21.35 30.33 -27.98
N GLY C 425 20.44 29.90 -27.09
CA GLY C 425 20.25 28.47 -26.87
C GLY C 425 19.71 27.75 -28.08
N GLY C 426 18.70 28.33 -28.74
CA GLY C 426 18.07 27.73 -29.90
C GLY C 426 16.57 27.70 -29.73
N PHE C 427 15.92 26.90 -30.56
CA PHE C 427 14.46 26.77 -30.55
C PHE C 427 13.98 25.55 -29.78
N THR C 428 14.57 24.38 -30.03
CA THR C 428 14.15 23.18 -29.32
C THR C 428 14.45 23.27 -27.83
N GLU C 429 15.62 23.81 -27.48
CA GLU C 429 15.95 23.99 -26.07
C GLU C 429 15.03 24.99 -25.40
N TYR C 430 14.64 26.04 -26.14
CA TYR C 430 13.73 27.04 -25.58
C TYR C 430 12.35 26.45 -25.27
N ILE C 431 11.85 25.59 -26.17
CA ILE C 431 10.52 25.01 -25.97
C ILE C 431 10.53 23.76 -25.09
N HIS C 432 11.70 23.18 -24.83
CA HIS C 432 11.77 22.03 -23.93
C HIS C 432 11.66 22.43 -22.47
N ASP C 433 11.86 23.71 -22.14
CA ASP C 433 11.81 24.14 -20.76
C ASP C 433 10.42 23.95 -20.15
N TRP C 434 9.38 24.32 -20.90
CA TRP C 434 7.97 24.26 -20.48
C TRP C 434 7.67 25.32 -19.42
N TRP C 435 8.70 26.02 -18.94
CA TRP C 435 8.51 27.22 -18.14
C TRP C 435 8.57 28.49 -18.97
N ASN C 436 9.14 28.43 -20.17
CA ASN C 436 9.16 29.56 -21.07
C ASN C 436 7.78 29.89 -21.62
N LEU C 437 6.82 28.99 -21.49
CA LEU C 437 5.45 29.30 -21.92
C LEU C 437 4.84 30.38 -21.03
N MET C 438 4.98 30.23 -19.72
CA MET C 438 4.49 31.27 -18.80
C MET C 438 5.25 32.57 -18.98
N ASP C 439 6.56 32.49 -19.23
CA ASP C 439 7.33 33.70 -19.48
C ASP C 439 6.85 34.40 -20.75
N PHE C 440 6.58 33.64 -21.81
CA PHE C 440 6.05 34.21 -23.03
C PHE C 440 4.69 34.86 -22.80
N ALA C 441 3.83 34.18 -22.04
CA ALA C 441 2.52 34.75 -21.73
C ALA C 441 2.66 36.06 -20.94
N MET C 442 3.56 36.08 -19.95
CA MET C 442 3.80 37.30 -19.18
C MET C 442 4.30 38.43 -20.06
N ASN C 443 5.27 38.13 -20.93
CA ASN C 443 5.83 39.17 -21.78
C ASN C 443 4.79 39.69 -22.76
N SER C 444 3.98 38.80 -23.34
CA SER C 444 2.94 39.24 -24.26
C SER C 444 1.90 40.09 -23.56
N LEU C 445 1.49 39.69 -22.35
CA LEU C 445 0.52 40.48 -21.60
C LEU C 445 1.08 41.84 -21.21
N TYR C 446 2.36 41.90 -20.81
CA TYR C 446 2.98 43.19 -20.49
C TYR C 446 3.08 44.07 -21.72
N LEU C 447 3.43 43.50 -22.87
CA LEU C 447 3.51 44.28 -24.10
C LEU C 447 2.13 44.80 -24.50
N ALA C 448 1.10 43.98 -24.36
CA ALA C 448 -0.25 44.44 -24.62
C ALA C 448 -0.66 45.54 -23.65
N THR C 449 -0.26 45.42 -22.38
CA THR C 449 -0.56 46.46 -21.40
C THR C 449 0.10 47.78 -21.80
N ILE C 450 1.36 47.73 -22.23
CA ILE C 450 2.06 48.94 -22.63
C ILE C 450 1.41 49.54 -23.88
N SER C 451 1.06 48.70 -24.84
CA SER C 451 0.41 49.19 -26.06
C SER C 451 -0.92 49.87 -25.74
N LEU C 452 -1.72 49.26 -24.88
CA LEU C 452 -3.02 49.84 -24.54
C LEU C 452 -2.85 51.12 -23.72
N LYS C 453 -1.83 51.17 -22.84
CA LYS C 453 -1.55 52.41 -22.14
C LYS C 453 -1.19 53.53 -23.10
N ILE C 454 -0.36 53.23 -24.10
CA ILE C 454 0.01 54.22 -25.10
C ILE C 454 -1.21 54.67 -25.89
N VAL C 455 -2.06 53.72 -26.28
CA VAL C 455 -3.26 54.05 -27.05
C VAL C 455 -4.17 54.96 -26.24
N ALA C 456 -4.41 54.63 -24.98
CA ALA C 456 -5.27 55.45 -24.14
C ALA C 456 -4.65 56.80 -23.85
N TYR C 457 -3.31 56.89 -23.80
CA TYR C 457 -2.66 58.17 -23.57
C TYR C 457 -2.77 59.08 -24.79
N VAL C 458 -2.62 58.52 -25.99
CA VAL C 458 -2.62 59.35 -27.20
C VAL C 458 -3.98 59.42 -27.87
N LYS C 459 -5.01 58.79 -27.30
CA LYS C 459 -6.37 58.89 -27.83
C LYS C 459 -7.36 59.54 -26.87
N TYR C 460 -6.96 59.79 -25.62
CA TYR C 460 -7.86 60.41 -24.64
C TYR C 460 -7.09 61.49 -23.89
N ASN C 461 -7.76 62.61 -23.64
CA ASN C 461 -7.15 63.71 -22.92
C ASN C 461 -8.02 64.15 -21.75
N GLY C 462 -9.34 64.06 -21.92
CA GLY C 462 -10.25 64.50 -20.89
C GLY C 462 -10.26 63.56 -19.69
N SER C 463 -10.80 64.08 -18.58
CA SER C 463 -10.90 63.34 -17.32
C SER C 463 -12.38 63.06 -17.05
N ARG C 464 -12.86 61.94 -17.58
CA ARG C 464 -14.24 61.47 -17.42
C ARG C 464 -14.31 60.42 -16.33
N PRO C 465 -15.31 60.48 -15.45
CA PRO C 465 -15.41 59.49 -14.37
C PRO C 465 -15.57 58.07 -14.91
N ARG C 466 -14.99 57.11 -14.18
CA ARG C 466 -14.97 55.73 -14.64
C ARG C 466 -16.36 55.11 -14.73
N GLU C 467 -17.35 55.68 -14.03
CA GLU C 467 -18.68 55.10 -14.02
C GLU C 467 -19.30 55.09 -15.41
N GLU C 468 -19.03 56.12 -16.21
CA GLU C 468 -19.61 56.24 -17.55
C GLU C 468 -18.63 55.89 -18.65
N TRP C 469 -17.51 55.25 -18.32
CA TRP C 469 -16.59 54.78 -19.35
C TRP C 469 -17.22 53.64 -20.15
N GLU C 470 -16.69 53.44 -21.35
CA GLU C 470 -17.12 52.32 -22.17
C GLU C 470 -16.70 51.00 -21.53
N MET C 471 -17.47 49.94 -21.83
CA MET C 471 -17.11 48.62 -21.32
C MET C 471 -15.75 48.18 -21.85
N TRP C 472 -15.46 48.45 -23.13
CA TRP C 472 -14.20 48.09 -23.75
C TRP C 472 -13.25 49.27 -23.84
N HIS C 473 -13.27 50.13 -22.84
CA HIS C 473 -12.34 51.26 -22.80
C HIS C 473 -10.91 50.74 -22.72
N PRO C 474 -9.96 51.37 -23.42
CA PRO C 474 -8.58 50.85 -23.42
C PRO C 474 -7.95 50.77 -22.04
N THR C 475 -8.26 51.73 -21.16
CA THR C 475 -7.67 51.72 -19.83
C THR C 475 -8.11 50.50 -19.03
N LEU C 476 -9.40 50.15 -19.12
CA LEU C 476 -9.91 49.00 -18.38
C LEU C 476 -9.28 47.70 -18.85
N ILE C 477 -9.16 47.53 -20.17
CA ILE C 477 -8.53 46.33 -20.72
C ILE C 477 -7.05 46.27 -20.33
N ALA C 478 -6.37 47.42 -20.37
CA ALA C 478 -4.97 47.46 -19.98
C ALA C 478 -4.80 47.08 -18.51
N GLU C 479 -5.68 47.58 -17.63
CA GLU C 479 -5.59 47.25 -16.22
C GLU C 479 -5.87 45.77 -15.99
N ALA C 480 -6.86 45.21 -16.69
CA ALA C 480 -7.13 43.78 -16.55
C ALA C 480 -5.94 42.93 -16.99
N LEU C 481 -5.33 43.29 -18.12
CA LEU C 481 -4.16 42.57 -18.59
C LEU C 481 -3.00 42.69 -17.61
N PHE C 482 -2.81 43.89 -17.04
CA PHE C 482 -1.74 44.08 -16.06
C PHE C 482 -1.98 43.24 -14.81
N ALA C 483 -3.24 43.15 -14.36
CA ALA C 483 -3.55 42.32 -13.20
C ALA C 483 -3.27 40.85 -13.48
N ILE C 484 -3.66 40.36 -14.66
CA ILE C 484 -3.38 38.97 -15.03
C ILE C 484 -1.88 38.74 -15.08
N SER C 485 -1.13 39.72 -15.62
CA SER C 485 0.32 39.62 -15.68
C SER C 485 0.91 39.57 -14.28
N ASN C 486 0.37 40.36 -13.34
CA ASN C 486 0.84 40.32 -11.97
C ASN C 486 0.63 38.95 -11.36
N ILE C 487 -0.54 38.35 -11.60
CA ILE C 487 -0.81 37.00 -11.11
C ILE C 487 0.23 36.03 -11.66
N LEU C 488 0.47 36.09 -12.96
CA LEU C 488 1.42 35.16 -13.58
C LEU C 488 2.84 35.39 -13.08
N SER C 489 3.23 36.64 -12.91
CA SER C 489 4.57 36.96 -12.42
C SER C 489 4.78 36.41 -11.01
N SER C 490 3.79 36.61 -10.13
CA SER C 490 3.93 36.09 -8.78
C SER C 490 3.89 34.57 -8.76
N LEU C 491 3.13 33.96 -9.67
CA LEU C 491 3.09 32.50 -9.75
C LEU C 491 4.37 31.93 -10.35
N ARG C 492 5.15 32.74 -11.05
CA ARG C 492 6.39 32.28 -11.66
C ARG C 492 7.42 31.83 -10.61
N LEU C 493 7.23 32.22 -9.34
CA LEU C 493 8.15 31.84 -8.28
C LEU C 493 8.13 30.35 -7.95
N ILE C 494 7.18 29.59 -8.52
CA ILE C 494 7.12 28.15 -8.25
C ILE C 494 8.39 27.47 -8.71
N SER C 495 8.96 27.94 -9.83
CA SER C 495 10.14 27.29 -10.39
C SER C 495 11.35 27.36 -9.48
N LEU C 496 11.35 28.25 -8.49
CA LEU C 496 12.45 28.37 -7.55
C LEU C 496 12.36 27.39 -6.39
N PHE C 497 11.25 26.66 -6.26
CA PHE C 497 11.17 25.60 -5.25
C PHE C 497 12.16 24.49 -5.53
N THR C 498 12.69 24.41 -6.74
CA THR C 498 13.65 23.37 -7.09
C THR C 498 14.94 23.52 -6.28
N ALA C 499 15.36 24.76 -6.04
CA ALA C 499 16.62 25.01 -5.35
C ALA C 499 16.60 24.55 -3.90
N ASN C 500 15.43 24.29 -3.33
CA ASN C 500 15.29 23.95 -1.93
C ASN C 500 15.20 22.44 -1.74
N SER C 501 15.77 21.96 -0.63
CA SER C 501 15.73 20.53 -0.33
C SER C 501 14.34 20.08 0.08
N HIS C 502 13.64 20.90 0.87
CA HIS C 502 12.32 20.55 1.37
C HIS C 502 11.20 20.84 0.39
N LEU C 503 11.38 21.83 -0.49
CA LEU C 503 10.34 22.23 -1.42
C LEU C 503 10.50 21.61 -2.81
N GLY C 504 11.67 21.06 -3.14
CA GLY C 504 11.93 20.54 -4.46
C GLY C 504 11.16 19.28 -4.80
N PRO C 505 11.37 18.21 -4.04
CA PRO C 505 10.62 16.97 -4.30
C PRO C 505 9.11 17.13 -4.19
N LEU C 506 8.64 18.01 -3.30
CA LEU C 506 7.21 18.30 -3.23
C LEU C 506 6.72 18.93 -4.54
N GLN C 507 7.49 19.88 -5.09
CA GLN C 507 7.11 20.47 -6.36
C GLN C 507 7.10 19.42 -7.47
N ILE C 508 8.08 18.51 -7.46
CA ILE C 508 8.10 17.43 -8.45
C ILE C 508 6.83 16.59 -8.34
N SER C 509 6.46 16.22 -7.12
CA SER C 509 5.28 15.39 -6.91
C SER C 509 4.01 16.09 -7.39
N LEU C 510 3.86 17.38 -7.06
CA LEU C 510 2.68 18.11 -7.48
C LEU C 510 2.64 18.26 -9.00
N GLY C 511 3.80 18.53 -9.62
CA GLY C 511 3.83 18.63 -11.07
C GLY C 511 3.45 17.34 -11.75
N ARG C 512 3.89 16.20 -11.20
CA ARG C 512 3.54 14.92 -11.82
C ARG C 512 2.10 14.50 -11.52
N MET C 513 1.49 15.00 -10.45
CA MET C 513 0.05 14.79 -10.24
C MET C 513 -0.81 15.71 -11.11
N LEU C 514 -0.25 16.81 -11.58
CA LEU C 514 -0.98 17.64 -12.53
C LEU C 514 -1.39 16.85 -13.78
N LEU C 515 -0.64 15.80 -14.13
CA LEU C 515 -1.01 14.97 -15.27
C LEU C 515 -2.31 14.21 -15.00
N ASP C 516 -2.45 13.64 -13.81
CA ASP C 516 -3.71 12.99 -13.44
C ASP C 516 -4.85 14.00 -13.42
N ILE C 517 -4.57 15.21 -12.92
CA ILE C 517 -5.59 16.26 -12.94
C ILE C 517 -6.03 16.54 -14.37
N LEU C 518 -5.07 16.66 -15.28
CA LEU C 518 -5.39 16.92 -16.68
C LEU C 518 -6.21 15.79 -17.28
N LYS C 519 -5.88 14.55 -16.95
CA LYS C 519 -6.64 13.41 -17.47
C LYS C 519 -8.09 13.46 -16.99
N PHE C 520 -8.30 13.78 -15.71
CA PHE C 520 -9.64 13.92 -15.16
C PHE C 520 -10.39 15.12 -15.75
N LEU C 521 -9.64 16.12 -16.24
CA LEU C 521 -10.26 17.32 -16.80
C LEU C 521 -11.16 17.00 -17.98
N PHE C 522 -10.74 16.07 -18.84
CA PHE C 522 -11.53 15.76 -20.04
C PHE C 522 -12.90 15.19 -19.69
N ILE C 523 -12.94 14.20 -18.79
CA ILE C 523 -14.20 13.60 -18.41
C ILE C 523 -15.08 14.61 -17.67
N TYR C 524 -14.46 15.43 -16.79
CA TYR C 524 -15.27 16.45 -16.14
C TYR C 524 -15.87 17.41 -17.16
N CYS C 525 -15.08 17.83 -18.15
CA CYS C 525 -15.57 18.80 -19.13
C CYS C 525 -16.68 18.19 -19.98
N LEU C 526 -16.58 16.91 -20.32
CA LEU C 526 -17.66 16.26 -21.07
C LEU C 526 -18.94 16.27 -20.26
N VAL C 527 -18.86 15.90 -18.98
CA VAL C 527 -20.07 15.89 -18.13
C VAL C 527 -20.64 17.30 -18.00
N LEU C 528 -19.75 18.29 -17.80
CA LEU C 528 -20.18 19.67 -17.63
C LEU C 528 -20.90 20.17 -18.88
N LEU C 529 -20.33 19.90 -20.06
CA LEU C 529 -20.97 20.34 -21.29
C LEU C 529 -22.30 19.66 -21.51
N ALA C 530 -22.39 18.36 -21.20
CA ALA C 530 -23.65 17.64 -21.35
C ALA C 530 -24.76 18.27 -20.50
N PHE C 531 -24.48 18.46 -19.21
CA PHE C 531 -25.52 19.00 -18.35
C PHE C 531 -25.79 20.47 -18.65
N ALA C 532 -24.79 21.21 -19.12
CA ALA C 532 -25.03 22.58 -19.54
C ALA C 532 -25.98 22.62 -20.72
N ASN C 533 -25.78 21.72 -21.68
CA ASN C 533 -26.68 21.64 -22.83
C ASN C 533 -28.10 21.33 -22.38
N GLY C 534 -28.25 20.36 -21.48
CA GLY C 534 -29.58 20.01 -21.01
C GLY C 534 -30.27 21.15 -20.26
N LEU C 535 -29.55 21.78 -19.33
CA LEU C 535 -30.12 22.86 -18.55
C LEU C 535 -30.47 24.07 -19.41
N ASN C 536 -29.59 24.42 -20.37
CA ASN C 536 -29.90 25.53 -21.26
C ASN C 536 -31.12 25.21 -22.12
N GLN C 537 -31.18 23.99 -22.68
CA GLN C 537 -32.33 23.60 -23.47
C GLN C 537 -33.62 23.73 -22.66
N LEU C 538 -33.55 23.36 -21.37
CA LEU C 538 -34.76 23.43 -20.55
C LEU C 538 -35.14 24.87 -20.20
N TYR C 539 -34.16 25.71 -19.89
CA TYR C 539 -34.44 26.98 -19.24
C TYR C 539 -34.38 28.20 -20.16
N PHE C 540 -33.97 28.05 -21.42
CA PHE C 540 -33.79 29.26 -22.24
C PHE C 540 -35.11 29.93 -22.61
N TYR C 541 -36.26 29.28 -22.35
CA TYR C 541 -37.53 29.90 -22.70
C TYR C 541 -37.90 31.02 -21.73
N TYR C 542 -37.47 30.94 -20.48
CA TYR C 542 -37.87 31.88 -19.44
C TYR C 542 -36.84 32.98 -19.21
N GLU C 543 -36.06 33.32 -20.23
CA GLU C 543 -35.07 34.36 -20.10
C GLU C 543 -35.75 35.71 -19.87
N THR C 544 -35.21 36.48 -18.93
CA THR C 544 -35.80 37.76 -18.53
C THR C 544 -34.81 38.89 -18.76
N ARG C 545 -35.32 40.06 -19.09
CA ARG C 545 -34.48 41.23 -19.30
C ARG C 545 -33.91 41.73 -17.98
N ALA C 546 -32.78 42.44 -18.07
CA ALA C 546 -32.14 42.97 -16.89
C ALA C 546 -33.00 44.02 -16.19
N ILE C 547 -33.85 44.71 -16.93
CA ILE C 547 -34.73 45.73 -16.34
C ILE C 547 -35.71 45.09 -15.37
N ASP C 548 -36.22 43.90 -15.71
CA ASP C 548 -37.16 43.20 -14.85
C ASP C 548 -36.54 42.77 -13.53
N GLU C 549 -35.21 42.68 -13.46
CA GLU C 549 -34.55 42.25 -12.24
C GLU C 549 -34.68 43.33 -11.15
N PRO C 550 -34.67 42.93 -9.88
CA PRO C 550 -34.91 43.90 -8.80
C PRO C 550 -33.91 45.05 -8.76
N ASN C 551 -32.65 44.80 -9.13
CA ASN C 551 -31.62 45.84 -9.06
C ASN C 551 -31.01 46.11 -10.43
N ASN C 552 -31.71 45.78 -11.51
CA ASN C 552 -31.21 45.92 -12.88
C ASN C 552 -29.93 45.12 -13.09
N CYS C 553 -29.75 44.05 -12.33
CA CYS C 553 -28.59 43.18 -12.42
C CYS C 553 -29.04 41.82 -12.91
N LYS C 554 -28.44 41.34 -14.00
CA LYS C 554 -28.78 40.06 -14.60
C LYS C 554 -27.57 39.13 -14.52
N GLY C 555 -27.84 37.86 -14.23
CA GLY C 555 -26.81 36.85 -14.14
C GLY C 555 -26.68 36.28 -12.74
N ILE C 556 -25.61 35.52 -12.54
CA ILE C 556 -25.40 34.85 -11.26
C ILE C 556 -24.50 35.61 -10.31
N ARG C 557 -23.84 36.68 -10.78
CA ARG C 557 -22.97 37.48 -9.93
C ARG C 557 -23.71 38.63 -9.27
N CYS C 558 -25.04 38.56 -9.20
CA CYS C 558 -25.85 39.55 -8.51
C CYS C 558 -26.18 39.06 -7.10
N GLU C 559 -26.65 39.98 -6.26
CA GLU C 559 -26.99 39.62 -4.89
C GLU C 559 -28.11 38.58 -4.87
N LYS C 560 -29.12 38.75 -5.71
CA LYS C 560 -30.12 37.72 -5.96
C LYS C 560 -29.82 37.12 -7.33
N GLN C 561 -29.34 35.88 -7.33
CA GLN C 561 -28.97 35.22 -8.58
C GLN C 561 -30.20 34.99 -9.45
N ASN C 562 -30.03 35.21 -10.76
CA ASN C 562 -31.12 35.04 -11.71
C ASN C 562 -30.54 34.69 -13.07
N ASN C 563 -31.39 34.12 -13.93
CA ASN C 563 -31.00 33.73 -15.28
C ASN C 563 -29.76 32.85 -15.27
N ALA C 564 -29.74 31.88 -14.35
CA ALA C 564 -28.56 31.02 -14.20
C ALA C 564 -28.35 30.16 -15.44
N PHE C 565 -29.43 29.68 -16.06
CA PHE C 565 -29.33 28.76 -17.18
C PHE C 565 -29.97 29.31 -18.45
N SER C 566 -30.12 30.63 -18.55
CA SER C 566 -30.83 31.21 -19.68
C SER C 566 -30.01 31.08 -20.98
N THR C 567 -28.70 31.26 -20.89
CA THR C 567 -27.83 31.13 -22.05
C THR C 567 -26.77 30.08 -21.75
N LEU C 568 -26.18 29.54 -22.83
CA LEU C 568 -25.20 28.47 -22.67
C LEU C 568 -23.96 28.95 -21.93
N PHE C 569 -23.49 30.16 -22.22
CA PHE C 569 -22.34 30.71 -21.52
C PHE C 569 -22.63 30.88 -20.02
N GLU C 570 -23.79 31.46 -19.70
CA GLU C 570 -24.18 31.60 -18.32
C GLU C 570 -24.42 30.24 -17.67
N THR C 571 -24.97 29.29 -18.42
CA THR C 571 -25.18 27.94 -17.87
C THR C 571 -23.85 27.29 -17.52
N LEU C 572 -22.85 27.44 -18.38
CA LEU C 572 -21.53 26.89 -18.10
C LEU C 572 -20.94 27.53 -16.84
N GLN C 573 -21.06 28.85 -16.72
CA GLN C 573 -20.54 29.51 -15.51
C GLN C 573 -21.29 29.05 -14.27
N SER C 574 -22.61 28.89 -14.36
CA SER C 574 -23.40 28.45 -13.21
C SER C 574 -23.03 27.04 -12.78
N LEU C 575 -22.84 26.13 -13.73
CA LEU C 575 -22.43 24.79 -13.38
C LEU C 575 -21.01 24.78 -12.82
N PHE C 576 -20.16 25.70 -13.27
CA PHE C 576 -18.84 25.83 -12.66
C PHE C 576 -18.93 26.25 -11.20
N TRP C 577 -19.71 27.31 -10.92
CA TRP C 577 -19.77 27.83 -9.56
C TRP C 577 -20.54 26.93 -8.60
N SER C 578 -21.37 26.03 -9.11
CA SER C 578 -22.06 25.09 -8.23
C SER C 578 -21.10 24.06 -7.66
N VAL C 579 -19.93 23.87 -8.28
CA VAL C 579 -18.92 22.98 -7.73
C VAL C 579 -18.44 23.50 -6.38
N PHE C 580 -18.33 24.82 -6.24
CA PHE C 580 -17.87 25.44 -5.01
C PHE C 580 -19.03 25.88 -4.11
N GLY C 581 -20.26 25.55 -4.48
CA GLY C 581 -21.42 25.84 -3.67
C GLY C 581 -21.89 27.27 -3.70
N LEU C 582 -21.40 28.09 -4.63
CA LEU C 582 -21.78 29.49 -4.69
C LEU C 582 -23.03 29.74 -5.51
N LEU C 583 -23.58 28.72 -6.15
CA LEU C 583 -24.84 28.85 -6.88
C LEU C 583 -25.99 28.47 -5.96
N ASN C 584 -26.91 29.40 -5.73
CA ASN C 584 -28.02 29.14 -4.84
C ASN C 584 -29.09 28.29 -5.52
N LEU C 585 -29.93 27.65 -4.72
CA LEU C 585 -30.89 26.69 -5.26
C LEU C 585 -32.05 27.37 -5.99
N TYR C 586 -32.45 28.56 -5.54
CA TYR C 586 -33.62 29.21 -6.12
C TYR C 586 -33.41 29.59 -7.57
N VAL C 587 -32.18 29.50 -8.09
CA VAL C 587 -31.96 29.74 -9.51
C VAL C 587 -32.65 28.69 -10.37
N THR C 588 -33.06 27.56 -9.78
CA THR C 588 -33.83 26.55 -10.50
C THR C 588 -35.33 26.85 -10.50
N ASN C 589 -35.73 28.10 -10.25
CA ASN C 589 -37.13 28.48 -10.14
C ASN C 589 -37.45 29.50 -11.22
N VAL C 590 -38.69 29.42 -11.74
CA VAL C 590 -39.15 30.32 -12.79
C VAL C 590 -40.41 31.03 -12.32
N LYS C 591 -40.67 32.19 -12.93
CA LYS C 591 -41.82 33.00 -12.53
C LYS C 591 -43.14 32.30 -12.84
N ALA C 592 -43.22 31.58 -13.97
CA ALA C 592 -44.42 30.85 -14.30
C ALA C 592 -44.61 29.68 -13.34
N ARG C 593 -45.86 29.24 -13.21
CA ARG C 593 -46.18 28.11 -12.33
C ARG C 593 -46.00 26.77 -13.04
N HIS C 594 -44.83 26.57 -13.63
CA HIS C 594 -44.49 25.33 -14.32
C HIS C 594 -43.70 24.46 -13.35
N GLU C 595 -44.41 23.84 -12.42
CA GLU C 595 -43.75 23.08 -11.37
C GLU C 595 -43.05 21.84 -11.92
N PHE C 596 -43.59 21.23 -12.97
CA PHE C 596 -42.90 20.10 -13.58
C PHE C 596 -41.57 20.54 -14.20
N THR C 597 -41.57 21.66 -14.91
CA THR C 597 -40.33 22.16 -15.50
C THR C 597 -39.31 22.51 -14.42
N GLU C 598 -39.77 23.16 -13.35
CA GLU C 598 -38.87 23.51 -12.26
C GLU C 598 -38.29 22.26 -11.60
N PHE C 599 -39.12 21.24 -11.38
CA PHE C 599 -38.62 20.01 -10.77
C PHE C 599 -37.64 19.29 -11.69
N VAL C 600 -37.91 19.27 -12.99
CA VAL C 600 -36.99 18.60 -13.93
C VAL C 600 -35.65 19.34 -13.97
N GLY C 601 -35.68 20.67 -14.02
CA GLY C 601 -34.44 21.43 -13.97
C GLY C 601 -33.68 21.21 -12.67
N ALA C 602 -34.42 21.18 -11.55
CA ALA C 602 -33.80 20.91 -10.25
C ALA C 602 -33.19 19.52 -10.20
N THR C 603 -33.84 18.54 -10.83
CA THR C 603 -33.30 17.19 -10.86
C THR C 603 -32.06 17.11 -11.72
N MET C 604 -32.05 17.79 -12.87
CA MET C 604 -30.83 17.87 -13.67
C MET C 604 -29.69 18.49 -12.88
N PHE C 605 -29.98 19.59 -12.19
CA PHE C 605 -28.97 20.26 -11.37
C PHE C 605 -28.49 19.35 -10.24
N GLY C 606 -29.40 18.62 -9.61
CA GLY C 606 -29.01 17.71 -8.55
C GLY C 606 -28.17 16.55 -9.05
N THR C 607 -28.51 16.00 -10.22
CA THR C 607 -27.70 14.93 -10.80
C THR C 607 -26.32 15.44 -11.17
N TYR C 608 -26.23 16.66 -11.71
CA TYR C 608 -24.92 17.25 -11.97
C TYR C 608 -24.13 17.39 -10.69
N ASN C 609 -24.77 17.86 -9.62
CA ASN C 609 -24.09 17.96 -8.34
C ASN C 609 -23.59 16.61 -7.88
N VAL C 610 -24.45 15.60 -7.94
CA VAL C 610 -24.09 14.26 -7.47
C VAL C 610 -22.86 13.77 -8.22
N ILE C 611 -22.91 13.82 -9.55
CA ILE C 611 -21.79 13.34 -10.35
C ILE C 611 -20.55 14.15 -9.97
N SER C 612 -20.57 15.46 -10.26
CA SER C 612 -19.35 16.27 -10.21
C SER C 612 -18.72 16.26 -8.83
N LEU C 613 -19.51 16.14 -7.76
CA LEU C 613 -18.94 16.18 -6.41
C LEU C 613 -18.77 14.80 -5.81
N VAL C 614 -19.83 14.01 -5.70
CA VAL C 614 -19.75 12.73 -5.01
C VAL C 614 -18.91 11.75 -5.83
N VAL C 615 -19.15 11.66 -7.14
CA VAL C 615 -18.53 10.61 -7.93
C VAL C 615 -17.20 11.07 -8.52
N LEU C 616 -17.19 12.22 -9.20
CA LEU C 616 -15.99 12.64 -9.93
C LEU C 616 -14.89 13.13 -8.99
N LEU C 617 -15.24 13.89 -7.96
CA LEU C 617 -14.22 14.46 -7.09
C LEU C 617 -13.55 13.39 -6.24
N ASN C 618 -14.33 12.41 -5.75
CA ASN C 618 -13.74 11.32 -5.00
C ASN C 618 -12.87 10.42 -5.88
N MET C 619 -13.29 10.21 -7.13
CA MET C 619 -12.45 9.47 -8.07
C MET C 619 -11.15 10.22 -8.35
N LEU C 620 -11.23 11.55 -8.45
CA LEU C 620 -10.01 12.35 -8.58
C LEU C 620 -9.10 12.19 -7.38
N ILE C 621 -9.68 12.18 -6.17
CA ILE C 621 -8.88 11.98 -4.96
C ILE C 621 -8.20 10.62 -4.99
N ALA C 622 -8.93 9.57 -5.40
CA ALA C 622 -8.34 8.24 -5.47
C ALA C 622 -7.21 8.18 -6.49
N MET C 623 -7.41 8.79 -7.66
CA MET C 623 -6.36 8.83 -8.67
C MET C 623 -5.12 9.55 -8.15
N MET C 624 -5.32 10.69 -7.46
CA MET C 624 -4.19 11.43 -6.92
C MET C 624 -3.45 10.61 -5.87
N ASN C 625 -4.20 9.90 -5.01
CA ASN C 625 -3.55 9.05 -4.00
C ASN C 625 -2.67 8.00 -4.67
N ASN C 626 -3.21 7.31 -5.67
CA ASN C 626 -2.44 6.26 -6.33
C ASN C 626 -1.21 6.84 -7.02
N SER C 627 -1.38 7.95 -7.74
CA SER C 627 -0.26 8.54 -8.47
C SER C 627 0.82 9.04 -7.52
N TYR C 628 0.42 9.67 -6.42
CA TYR C 628 1.40 10.18 -5.47
C TYR C 628 2.16 9.04 -4.78
N GLN C 629 1.46 7.94 -4.46
CA GLN C 629 2.16 6.78 -3.93
C GLN C 629 3.13 6.20 -4.96
N LEU C 630 2.73 6.19 -6.23
CA LEU C 630 3.61 5.67 -7.27
C LEU C 630 4.86 6.53 -7.43
N ILE C 631 4.71 7.87 -7.38
CA ILE C 631 5.82 8.76 -7.68
C ILE C 631 6.60 9.18 -6.44
N ALA C 632 6.25 8.67 -5.26
CA ALA C 632 6.99 9.01 -4.05
C ALA C 632 8.34 8.30 -3.97
N ASP C 633 8.49 7.17 -4.65
CA ASP C 633 9.76 6.44 -4.60
C ASP C 633 10.86 7.16 -5.35
N HIS C 634 10.53 7.75 -6.51
CA HIS C 634 11.51 8.37 -7.38
C HIS C 634 11.55 9.88 -7.24
N ALA C 635 10.97 10.43 -6.18
CA ALA C 635 10.93 11.88 -6.01
C ALA C 635 12.32 12.47 -5.89
N ASP C 636 13.20 11.81 -5.13
CA ASP C 636 14.54 12.35 -4.89
C ASP C 636 15.35 12.43 -6.18
N ILE C 637 15.32 11.39 -6.99
CA ILE C 637 16.10 11.37 -8.23
C ILE C 637 15.60 12.44 -9.19
N GLU C 638 14.28 12.55 -9.35
CA GLU C 638 13.73 13.57 -10.23
C GLU C 638 14.07 14.96 -9.74
N TRP C 639 13.97 15.18 -8.42
CA TRP C 639 14.31 16.49 -7.88
C TRP C 639 15.78 16.82 -8.10
N LYS C 640 16.66 15.84 -7.91
CA LYS C 640 18.08 16.10 -8.11
C LYS C 640 18.39 16.40 -9.58
N PHE C 641 17.69 15.73 -10.49
CA PHE C 641 17.85 16.03 -11.91
C PHE C 641 17.40 17.47 -12.22
N ALA C 642 16.23 17.86 -11.70
CA ALA C 642 15.74 19.21 -11.93
C ALA C 642 16.67 20.26 -11.31
N ARG C 643 17.17 20.00 -10.10
CA ARG C 643 18.07 20.94 -9.46
C ARG C 643 19.41 21.01 -10.18
N THR C 644 19.88 19.90 -10.73
CA THR C 644 21.09 19.96 -11.53
C THR C 644 20.88 20.83 -12.76
N LYS C 645 19.74 20.69 -13.41
CA LYS C 645 19.45 21.57 -14.55
C LYS C 645 19.42 23.03 -14.12
N LEU C 646 18.80 23.32 -12.96
CA LEU C 646 18.77 24.69 -12.47
C LEU C 646 20.16 25.22 -12.18
N TRP C 647 21.00 24.42 -11.51
CA TRP C 647 22.36 24.85 -11.20
C TRP C 647 23.17 25.09 -12.46
N MET C 648 23.04 24.19 -13.44
CA MET C 648 23.79 24.34 -14.68
C MET C 648 23.32 25.54 -15.49
N SER C 649 22.05 25.94 -15.34
CA SER C 649 21.59 27.14 -16.02
C SER C 649 22.34 28.39 -15.56
N TYR C 650 22.94 28.36 -14.37
CA TYR C 650 23.71 29.48 -13.85
C TYR C 650 25.22 29.28 -14.00
N PHE C 651 25.65 28.27 -14.75
CA PHE C 651 27.08 28.08 -15.02
C PHE C 651 27.57 28.88 -16.21
N ASP C 652 26.68 29.38 -17.06
CA ASP C 652 27.06 30.02 -18.30
C ASP C 652 27.36 31.50 -18.10
N GLU C 653 28.24 32.04 -18.94
CA GLU C 653 28.56 33.45 -18.89
C GLU C 653 27.35 34.31 -19.25
N GLY C 654 26.59 33.89 -20.26
CA GLY C 654 25.45 34.70 -20.69
C GLY C 654 24.36 34.75 -19.63
N GLY C 655 23.69 35.90 -19.58
CA GLY C 655 22.63 36.10 -18.60
C GLY C 655 23.11 36.32 -17.18
N THR C 656 24.37 36.74 -17.01
CA THR C 656 24.90 36.97 -15.67
C THR C 656 24.14 38.08 -14.94
N LEU C 657 23.89 39.19 -15.63
CA LEU C 657 23.22 40.33 -15.03
C LEU C 657 21.72 40.11 -15.01
N PRO C 658 21.07 40.16 -13.86
CA PRO C 658 19.60 40.05 -13.83
C PRO C 658 18.97 41.35 -14.33
N PRO C 659 17.68 41.31 -14.68
CA PRO C 659 17.01 42.55 -15.06
C PRO C 659 16.92 43.49 -13.87
N PRO C 660 16.95 44.82 -14.11
CA PRO C 660 16.99 45.45 -15.44
C PRO C 660 18.40 45.70 -15.95
N PHE C 661 19.42 45.20 -15.25
CA PHE C 661 20.80 45.47 -15.62
C PHE C 661 21.24 44.76 -16.89
N ASN C 662 20.46 43.82 -17.42
CA ASN C 662 20.83 43.12 -18.63
C ASN C 662 20.67 43.96 -19.89
N ILE C 663 19.89 45.06 -19.83
CA ILE C 663 19.68 45.90 -21.00
C ILE C 663 20.62 47.10 -21.04
N ILE C 664 21.31 47.41 -19.95
CA ILE C 664 22.25 48.53 -19.92
C ILE C 664 23.48 48.16 -20.76
N SER C 706 43.09 16.99 -27.62
CA SER C 706 42.00 16.04 -27.79
C SER C 706 42.50 14.59 -27.69
N LEU C 707 43.67 14.32 -28.26
CA LEU C 707 44.21 12.96 -28.22
C LEU C 707 44.56 12.54 -26.79
N ILE C 708 45.20 13.42 -26.02
CA ILE C 708 45.55 13.07 -24.65
C ILE C 708 44.30 12.96 -23.78
N GLN C 709 43.30 13.81 -24.04
CA GLN C 709 42.03 13.68 -23.34
C GLN C 709 41.37 12.33 -23.65
N ASN C 710 41.40 11.92 -24.91
CA ASN C 710 40.83 10.62 -25.28
C ASN C 710 41.59 9.48 -24.62
N GLN C 711 42.92 9.58 -24.55
CA GLN C 711 43.70 8.53 -23.90
C GLN C 711 43.38 8.43 -22.41
N HIS C 712 43.29 9.58 -21.74
CA HIS C 712 42.95 9.58 -20.32
C HIS C 712 41.54 9.01 -20.11
N TYR C 713 40.60 9.40 -20.96
CA TYR C 713 39.25 8.85 -20.85
C TYR C 713 39.24 7.35 -21.08
N GLN C 714 40.05 6.88 -22.04
CA GLN C 714 40.10 5.45 -22.32
C GLN C 714 40.66 4.67 -21.15
N GLU C 715 41.73 5.16 -20.51
CA GLU C 715 42.29 4.43 -19.38
C GLU C 715 41.32 4.45 -18.19
N VAL C 716 40.67 5.58 -17.94
CA VAL C 716 39.68 5.64 -16.87
C VAL C 716 38.53 4.68 -17.16
N ILE C 717 38.09 4.61 -18.42
CA ILE C 717 36.99 3.72 -18.79
C ILE C 717 37.41 2.26 -18.64
N ARG C 718 38.66 1.94 -18.98
CA ARG C 718 39.15 0.57 -18.80
C ARG C 718 39.12 0.18 -17.33
N ASN C 719 39.60 1.08 -16.46
CA ASN C 719 39.55 0.80 -15.03
C ASN C 719 38.10 0.63 -14.54
N LEU C 720 37.20 1.51 -15.01
CA LEU C 720 35.80 1.42 -14.60
C LEU C 720 35.18 0.10 -15.05
N VAL C 721 35.48 -0.33 -16.27
CA VAL C 721 34.90 -1.57 -16.78
C VAL C 721 35.42 -2.76 -15.99
N LYS C 722 36.73 -2.79 -15.70
CA LYS C 722 37.26 -3.87 -14.87
C LYS C 722 36.55 -3.92 -13.52
N ARG C 723 36.45 -2.77 -12.86
CA ARG C 723 35.83 -2.72 -11.53
C ARG C 723 34.37 -3.14 -11.60
N TYR C 724 33.64 -2.67 -12.62
CA TYR C 724 32.23 -3.01 -12.76
C TYR C 724 32.03 -4.50 -13.00
N VAL C 725 32.86 -5.10 -13.85
CA VAL C 725 32.74 -6.52 -14.12
C VAL C 725 33.00 -7.32 -12.85
N ALA C 726 34.06 -6.98 -12.13
CA ALA C 726 34.35 -7.68 -10.88
C ALA C 726 33.22 -7.53 -9.87
N ALA C 727 32.71 -6.30 -9.73
CA ALA C 727 31.65 -6.05 -8.75
C ALA C 727 30.38 -6.80 -9.10
N MET C 728 30.02 -6.84 -10.39
CA MET C 728 28.78 -7.50 -10.79
C MET C 728 28.90 -9.01 -10.70
N ILE C 729 30.08 -9.57 -11.01
CA ILE C 729 30.30 -10.99 -10.80
C ILE C 729 30.19 -11.33 -9.32
N ARG C 730 30.79 -10.50 -8.47
CA ARG C 730 30.70 -10.70 -7.02
C ARG C 730 29.24 -10.64 -6.55
N ASN C 731 28.48 -9.67 -7.07
CA ASN C 731 27.08 -9.53 -6.66
C ASN C 731 26.26 -10.74 -7.10
N SER C 732 26.48 -11.22 -8.32
CA SER C 732 25.76 -12.39 -8.80
C SER C 732 26.11 -13.63 -7.98
N LYS C 733 27.39 -13.81 -7.65
CA LYS C 733 27.79 -14.95 -6.83
C LYS C 733 27.23 -14.86 -5.42
N THR C 734 27.22 -13.67 -4.83
CA THR C 734 26.71 -13.48 -3.47
C THR C 734 25.20 -13.30 -3.42
N THR C 739 18.80 -22.64 -7.08
CA THR C 739 18.02 -23.26 -8.15
C THR C 739 17.97 -24.77 -7.95
N GLU C 740 16.91 -25.37 -8.50
CA GLU C 740 16.80 -26.83 -8.54
C GLU C 740 17.90 -27.45 -9.40
N GLU C 741 18.33 -26.74 -10.45
CA GLU C 741 19.40 -27.25 -11.30
C GLU C 741 20.70 -27.41 -10.54
N ASN C 742 20.95 -26.57 -9.53
CA ASN C 742 22.15 -26.73 -8.71
C ASN C 742 22.11 -28.05 -7.95
N PHE C 743 20.96 -28.39 -7.37
CA PHE C 743 20.84 -29.67 -6.68
C PHE C 743 20.92 -30.83 -7.66
N LYS C 744 20.38 -30.66 -8.86
CA LYS C 744 20.51 -31.70 -9.88
C LYS C 744 21.98 -31.92 -10.24
N GLU C 745 22.75 -30.84 -10.38
CA GLU C 745 24.17 -30.96 -10.66
C GLU C 745 24.92 -31.63 -9.51
N LEU C 746 24.55 -31.29 -8.27
CA LEU C 746 25.17 -31.94 -7.11
C LEU C 746 24.88 -33.44 -7.11
N LYS C 747 23.63 -33.82 -7.37
CA LYS C 747 23.28 -35.24 -7.45
C LYS C 747 24.05 -35.92 -8.58
N GLN C 748 24.19 -35.23 -9.72
CA GLN C 748 24.93 -35.80 -10.84
C GLN C 748 26.40 -36.03 -10.48
N ASP C 749 27.01 -35.06 -9.81
CA ASP C 749 28.41 -35.22 -9.40
C ASP C 749 28.56 -36.38 -8.42
N ILE C 750 27.66 -36.47 -7.44
CA ILE C 750 27.75 -37.54 -6.45
C ILE C 750 27.56 -38.90 -7.13
N SER C 751 26.60 -39.01 -8.04
CA SER C 751 26.34 -40.28 -8.71
C SER C 751 27.51 -40.67 -9.62
N SER C 752 28.10 -39.70 -10.33
CA SER C 752 29.25 -40.01 -11.17
C SER C 752 30.43 -40.48 -10.33
N PHE C 753 30.69 -39.81 -9.21
CA PHE C 753 31.74 -40.25 -8.29
C PHE C 753 31.45 -41.66 -7.78
N ARG C 754 30.19 -41.93 -7.43
CA ARG C 754 29.81 -43.24 -6.91
C ARG C 754 30.05 -44.33 -7.95
N TYR C 755 29.64 -44.08 -9.20
CA TYR C 755 29.82 -45.07 -10.25
C TYR C 755 31.31 -45.30 -10.52
N GLU C 756 32.11 -44.23 -10.54
CA GLU C 756 33.55 -44.40 -10.75
C GLU C 756 34.18 -45.23 -9.64
N VAL C 757 33.82 -44.95 -8.38
CA VAL C 757 34.38 -45.70 -7.26
C VAL C 757 33.95 -47.16 -7.32
N LEU C 758 32.67 -47.40 -7.62
CA LEU C 758 32.18 -48.78 -7.70
C LEU C 758 32.87 -49.54 -8.80
N ASP C 759 33.06 -48.92 -9.97
CA ASP C 759 33.77 -49.59 -11.06
C ASP C 759 35.21 -49.89 -10.67
N LEU C 760 35.90 -48.92 -10.06
CA LEU C 760 37.29 -49.13 -9.68
C LEU C 760 37.42 -50.25 -8.65
N LEU C 761 36.52 -50.31 -7.68
CA LEU C 761 36.59 -51.34 -6.65
C LEU C 761 36.14 -52.71 -7.18
N ARG D 17 1.64 -28.18 38.78
CA ARG D 17 2.23 -29.00 37.73
C ARG D 17 1.17 -29.58 36.84
N ILE D 18 1.51 -29.73 35.56
CA ILE D 18 0.62 -30.29 34.57
C ILE D 18 1.25 -31.58 34.08
N PRO D 19 0.61 -32.74 34.33
CA PRO D 19 1.23 -33.98 33.86
C PRO D 19 1.08 -34.10 32.38
N LEU D 20 2.10 -34.53 31.67
CA LEU D 20 1.97 -34.64 30.24
C LEU D 20 2.15 -36.08 29.84
N GLN D 21 1.16 -36.65 29.16
CA GLN D 21 1.33 -38.03 28.74
C GLN D 21 0.79 -38.19 27.33
N ILE D 22 0.62 -39.44 26.89
CA ILE D 22 0.08 -39.71 25.56
C ILE D 22 -1.39 -40.10 25.65
N VAL D 23 -2.27 -39.13 25.40
CA VAL D 23 -3.71 -39.36 25.46
C VAL D 23 -4.17 -40.44 24.47
N ARG D 24 -3.78 -40.30 23.22
CA ARG D 24 -4.16 -41.24 22.19
C ARG D 24 -2.91 -42.07 22.02
N ALA D 25 -2.88 -43.26 22.58
CA ALA D 25 -1.69 -44.08 22.49
C ALA D 25 -1.65 -44.90 21.23
N GLU D 26 -0.47 -45.39 20.89
CA GLU D 26 -0.34 -46.26 19.73
C GLU D 26 0.52 -47.46 20.09
N THR D 27 0.89 -48.24 19.08
CA THR D 27 1.71 -49.41 19.26
C THR D 27 3.15 -49.07 18.96
N GLU D 28 3.99 -49.13 19.98
CA GLU D 28 5.40 -48.82 19.83
C GLU D 28 6.19 -49.85 19.05
N LEU D 29 7.22 -49.38 18.35
CA LEU D 29 8.10 -50.26 17.62
C LEU D 29 9.00 -51.02 18.59
N SER D 30 9.49 -52.19 18.16
CA SER D 30 10.39 -52.99 18.96
C SER D 30 11.83 -52.49 18.80
N ALA D 31 12.77 -53.02 19.56
CA ALA D 31 14.12 -52.49 19.41
C ALA D 31 14.67 -52.77 18.01
N GLU D 32 14.44 -53.97 17.48
CA GLU D 32 14.85 -54.29 16.12
C GLU D 32 14.08 -53.50 15.07
N GLU D 33 12.77 -53.38 15.26
CA GLU D 33 11.94 -52.66 14.31
C GLU D 33 12.38 -51.24 14.21
N LYS D 34 13.03 -50.73 15.24
CA LYS D 34 13.55 -49.37 15.19
C LYS D 34 14.92 -49.32 14.52
N ALA D 35 15.78 -50.30 14.80
CA ALA D 35 17.08 -50.36 14.15
C ALA D 35 16.93 -50.57 12.64
N PHE D 36 16.00 -51.43 12.24
CA PHE D 36 15.74 -51.66 10.82
C PHE D 36 15.25 -50.39 10.13
N LEU D 37 14.32 -49.66 10.77
CA LEU D 37 13.84 -48.42 10.19
C LEU D 37 14.93 -47.37 10.13
N ASN D 38 15.80 -47.31 11.14
CA ASN D 38 16.93 -46.38 11.11
C ASN D 38 17.89 -46.73 9.98
N ALA D 39 18.13 -48.02 9.76
CA ALA D 39 18.98 -48.45 8.65
C ALA D 39 18.37 -48.05 7.31
N VAL D 40 17.06 -48.21 7.18
CA VAL D 40 16.38 -47.79 5.95
C VAL D 40 16.52 -46.28 5.76
N GLU D 41 16.34 -45.51 6.83
CA GLU D 41 16.46 -44.06 6.74
C GLU D 41 17.87 -43.64 6.33
N LYS D 42 18.88 -44.26 6.92
CA LYS D 42 20.27 -43.91 6.60
C LYS D 42 20.69 -44.43 5.23
N GLY D 43 19.92 -45.33 4.61
CA GLY D 43 20.24 -45.81 3.30
C GLY D 43 21.25 -46.93 3.24
N ASP D 44 21.59 -47.54 4.37
CA ASP D 44 22.55 -48.63 4.40
C ASP D 44 21.92 -49.86 3.77
N TYR D 45 22.28 -50.13 2.51
CA TYR D 45 21.66 -51.23 1.77
C TYR D 45 21.99 -52.58 2.39
N ALA D 46 23.23 -52.76 2.86
CA ALA D 46 23.66 -54.06 3.36
C ALA D 46 22.87 -54.48 4.60
N THR D 47 22.72 -53.56 5.57
CA THR D 47 22.01 -53.91 6.79
C THR D 47 20.53 -54.13 6.53
N VAL D 48 19.93 -53.34 5.64
CA VAL D 48 18.52 -53.54 5.29
C VAL D 48 18.33 -54.90 4.63
N LYS D 49 19.23 -55.26 3.72
CA LYS D 49 19.13 -56.57 3.07
C LYS D 49 19.30 -57.70 4.07
N GLN D 50 20.24 -57.55 5.01
CA GLN D 50 20.43 -58.57 6.04
C GLN D 50 19.19 -58.70 6.91
N ALA D 51 18.58 -57.58 7.29
CA ALA D 51 17.37 -57.64 8.10
C ALA D 51 16.23 -58.30 7.34
N LEU D 52 16.08 -57.97 6.05
CA LEU D 52 15.02 -58.60 5.25
C LEU D 52 15.24 -60.09 5.13
N GLN D 53 16.49 -60.53 4.92
CA GLN D 53 16.77 -61.95 4.82
C GLN D 53 16.57 -62.66 6.15
N GLU D 54 16.88 -61.99 7.26
CA GLU D 54 16.71 -62.60 8.57
C GLU D 54 15.24 -62.67 8.99
N ALA D 55 14.42 -61.74 8.52
CA ALA D 55 13.00 -61.75 8.86
C ALA D 55 12.29 -62.95 8.24
N GLU D 56 12.74 -63.42 7.08
CA GLU D 56 12.12 -64.58 6.46
C GLU D 56 12.35 -65.85 7.26
N ILE D 57 13.48 -65.94 7.95
CA ILE D 57 13.84 -67.15 8.69
C ILE D 57 13.35 -67.08 10.13
N TYR D 58 13.59 -65.97 10.82
CA TYR D 58 13.30 -65.87 12.24
C TYR D 58 11.97 -65.19 12.55
N TYR D 59 11.43 -64.41 11.62
CA TYR D 59 10.16 -63.70 11.80
C TYR D 59 10.20 -62.81 13.05
N ASN D 60 11.33 -62.15 13.27
CA ASN D 60 11.52 -61.29 14.42
C ASN D 60 11.22 -59.82 14.14
N VAL D 61 11.25 -59.39 12.89
CA VAL D 61 11.02 -58.00 12.52
C VAL D 61 9.84 -57.95 11.56
N ASN D 62 8.88 -57.07 11.87
CA ASN D 62 7.74 -56.84 10.98
C ASN D 62 8.15 -55.84 9.92
N ILE D 63 8.24 -56.29 8.67
CA ILE D 63 8.72 -55.44 7.59
C ILE D 63 7.73 -54.33 7.26
N ASN D 64 6.48 -54.44 7.72
CA ASN D 64 5.45 -53.45 7.43
C ASN D 64 5.21 -52.51 8.61
N CYS D 65 6.09 -52.51 9.60
CA CYS D 65 5.90 -51.67 10.78
C CYS D 65 6.01 -50.19 10.42
N MET D 66 5.22 -49.37 11.09
CA MET D 66 5.25 -47.93 10.88
C MET D 66 6.34 -47.30 11.74
N ASP D 67 6.39 -45.98 11.71
CA ASP D 67 7.30 -45.21 12.56
C ASP D 67 6.46 -44.27 13.41
N PRO D 68 7.03 -43.49 14.33
CA PRO D 68 6.22 -42.52 15.07
C PRO D 68 5.51 -41.51 14.18
N LEU D 69 5.96 -41.33 12.93
CA LEU D 69 5.30 -40.45 11.98
C LEU D 69 4.33 -41.20 11.06
N GLY D 70 4.19 -42.51 11.22
CA GLY D 70 3.27 -43.29 10.41
C GLY D 70 3.85 -43.87 9.13
N ARG D 71 5.08 -43.48 8.76
CA ARG D 71 5.70 -43.99 7.55
C ARG D 71 6.25 -45.39 7.76
N SER D 72 6.06 -46.24 6.75
CA SER D 72 6.62 -47.59 6.77
C SER D 72 8.01 -47.55 6.13
N ALA D 73 8.62 -48.72 5.95
CA ALA D 73 9.93 -48.76 5.30
C ALA D 73 9.85 -48.32 3.84
N LEU D 74 8.80 -48.76 3.13
CA LEU D 74 8.65 -48.38 1.73
C LEU D 74 8.43 -46.87 1.59
N LEU D 75 7.63 -46.28 2.48
CA LEU D 75 7.42 -44.84 2.43
C LEU D 75 8.70 -44.07 2.73
N ILE D 76 9.50 -44.57 3.67
CA ILE D 76 10.80 -43.94 3.95
C ILE D 76 11.70 -44.01 2.72
N ALA D 77 11.75 -45.19 2.07
CA ALA D 77 12.59 -45.34 0.89
C ALA D 77 12.12 -44.42 -0.23
N ILE D 78 10.81 -44.31 -0.43
CA ILE D 78 10.27 -43.41 -1.46
C ILE D 78 10.63 -41.97 -1.15
N GLU D 79 10.48 -41.57 0.12
CA GLU D 79 10.72 -40.18 0.48
C GLU D 79 12.18 -39.78 0.32
N ASN D 80 13.10 -40.74 0.42
CA ASN D 80 14.52 -40.47 0.27
C ASN D 80 15.03 -40.65 -1.15
N GLU D 81 14.14 -40.98 -2.09
CA GLU D 81 14.51 -41.22 -3.49
C GLU D 81 15.59 -42.30 -3.59
N ASN D 82 15.49 -43.32 -2.75
CA ASN D 82 16.43 -44.43 -2.74
C ASN D 82 15.81 -45.57 -3.56
N LEU D 83 16.13 -45.59 -4.85
CA LEU D 83 15.55 -46.59 -5.73
C LEU D 83 16.04 -47.99 -5.42
N GLU D 84 17.30 -48.12 -4.99
CA GLU D 84 17.85 -49.45 -4.70
C GLU D 84 17.13 -50.09 -3.52
N ILE D 85 17.02 -49.36 -2.41
CA ILE D 85 16.35 -49.90 -1.23
C ILE D 85 14.87 -50.10 -1.51
N MET D 86 14.28 -49.24 -2.32
CA MET D 86 12.87 -49.36 -2.67
C MET D 86 12.66 -50.66 -3.39
N GLU D 87 13.47 -50.88 -4.42
CA GLU D 87 13.35 -52.09 -5.21
C GLU D 87 13.63 -53.33 -4.38
N LEU D 88 14.58 -53.23 -3.44
CA LEU D 88 14.85 -54.35 -2.54
C LEU D 88 13.63 -54.68 -1.69
N LEU D 89 12.95 -53.64 -1.17
CA LEU D 89 11.74 -53.87 -0.40
C LEU D 89 10.63 -54.46 -1.26
N LEU D 90 10.50 -53.98 -2.51
CA LEU D 90 9.48 -54.53 -3.40
C LEU D 90 9.74 -55.99 -3.71
N ASN D 91 11.00 -56.37 -3.91
CA ASN D 91 11.33 -57.77 -4.17
C ASN D 91 11.04 -58.68 -2.99
N HIS D 92 10.94 -58.12 -1.79
CA HIS D 92 10.60 -58.89 -0.59
C HIS D 92 9.12 -58.86 -0.27
N SER D 93 8.31 -58.30 -1.17
CA SER D 93 6.84 -58.31 -1.06
C SER D 93 6.38 -57.63 0.24
N VAL D 94 6.67 -56.33 0.33
CA VAL D 94 6.18 -55.51 1.42
C VAL D 94 4.82 -54.95 1.02
N TYR D 95 4.06 -54.49 2.02
CA TYR D 95 2.78 -53.86 1.75
C TYR D 95 3.00 -52.61 0.90
N VAL D 96 2.22 -52.49 -0.18
CA VAL D 96 2.42 -51.44 -1.18
C VAL D 96 1.20 -50.54 -1.31
N GLY D 97 0.17 -50.74 -0.50
CA GLY D 97 -1.04 -49.94 -0.58
C GLY D 97 -0.81 -48.45 -0.45
N ASP D 98 -1.32 -47.68 -1.42
CA ASP D 98 -1.21 -46.22 -1.48
C ASP D 98 0.22 -45.72 -1.60
N ALA D 99 1.20 -46.61 -1.81
CA ALA D 99 2.57 -46.16 -2.03
C ALA D 99 2.69 -45.41 -3.35
N LEU D 100 1.89 -45.81 -4.35
CA LEU D 100 1.92 -45.11 -5.64
C LEU D 100 1.54 -43.65 -5.48
N LEU D 101 0.57 -43.36 -4.61
CA LEU D 101 0.16 -41.98 -4.40
C LEU D 101 1.29 -41.15 -3.79
N TYR D 102 2.01 -41.72 -2.82
CA TYR D 102 3.16 -41.02 -2.24
C TYR D 102 4.25 -40.81 -3.28
N ALA D 103 4.50 -41.83 -4.12
CA ALA D 103 5.51 -41.68 -5.17
C ALA D 103 5.12 -40.58 -6.16
N ILE D 104 3.85 -40.51 -6.53
CA ILE D 104 3.38 -39.51 -7.47
C ILE D 104 3.46 -38.12 -6.84
N ARG D 105 3.06 -37.98 -5.58
CA ARG D 105 3.12 -36.67 -4.92
C ARG D 105 4.56 -36.21 -4.77
N LYS D 106 5.47 -37.14 -4.47
CA LYS D 106 6.89 -36.80 -4.36
C LYS D 106 7.47 -36.32 -5.68
N GLU D 107 6.77 -36.57 -6.80
CA GLU D 107 7.22 -36.15 -8.13
C GLU D 107 8.59 -36.74 -8.47
N VAL D 108 8.74 -38.02 -8.15
CA VAL D 108 9.95 -38.77 -8.45
C VAL D 108 9.63 -39.78 -9.54
N VAL D 109 10.33 -39.68 -10.67
CA VAL D 109 10.09 -40.57 -11.81
C VAL D 109 10.37 -42.05 -11.53
N GLY D 110 11.43 -42.32 -10.77
CA GLY D 110 11.81 -43.69 -10.46
C GLY D 110 10.80 -44.49 -9.65
N ALA D 111 10.17 -43.85 -8.68
CA ALA D 111 9.20 -44.51 -7.81
C ALA D 111 7.97 -45.02 -8.56
N VAL D 112 7.46 -44.24 -9.51
CA VAL D 112 6.28 -44.61 -10.27
C VAL D 112 6.47 -45.84 -11.16
N GLU D 113 7.47 -45.72 -12.04
CA GLU D 113 7.84 -46.77 -12.96
C GLU D 113 8.15 -48.02 -12.17
N LEU D 114 8.86 -47.88 -11.07
CA LEU D 114 9.15 -49.04 -10.26
C LEU D 114 7.87 -49.60 -9.72
N LEU D 115 7.04 -48.74 -9.17
CA LEU D 115 5.79 -49.17 -8.58
C LEU D 115 4.77 -49.61 -9.61
N LEU D 116 4.79 -48.97 -10.76
CA LEU D 116 3.89 -49.29 -11.86
C LEU D 116 4.12 -50.69 -12.38
N SER D 117 5.38 -51.10 -12.42
CA SER D 117 5.75 -52.43 -12.87
C SER D 117 5.68 -53.47 -11.76
N TYR D 118 5.39 -53.04 -10.53
CA TYR D 118 5.25 -53.92 -9.37
C TYR D 118 6.45 -54.82 -9.13
N THR D 134 -8.66 -50.44 7.29
CA THR D 134 -8.46 -49.13 6.69
C THR D 134 -7.36 -48.35 7.43
N GLN D 135 -6.14 -48.44 6.92
CA GLN D 135 -5.03 -47.75 7.54
C GLN D 135 -5.10 -46.25 7.28
N PHE D 136 -4.33 -45.50 8.05
CA PHE D 136 -4.25 -44.06 7.86
C PHE D 136 -3.55 -43.72 6.55
N SER D 137 -4.10 -42.74 5.84
CA SER D 137 -3.53 -42.28 4.58
C SER D 137 -3.60 -40.76 4.53
N GLU D 138 -2.63 -40.17 3.84
CA GLU D 138 -2.62 -38.72 3.63
C GLU D 138 -3.47 -38.29 2.45
N PHE D 139 -4.08 -39.24 1.74
CA PHE D 139 -4.89 -38.96 0.56
C PHE D 139 -6.31 -39.44 0.80
N THR D 140 -7.28 -38.63 0.37
CA THR D 140 -8.68 -38.98 0.51
C THR D 140 -9.01 -40.19 -0.36
N PRO D 141 -10.05 -40.95 0.00
CA PRO D 141 -10.37 -42.18 -0.75
C PRO D 141 -10.70 -41.93 -2.22
N ASP D 142 -11.17 -40.73 -2.58
CA ASP D 142 -11.54 -40.47 -3.97
C ASP D 142 -10.33 -40.15 -4.85
N ILE D 143 -9.14 -40.01 -4.28
CA ILE D 143 -7.95 -39.73 -5.08
C ILE D 143 -7.51 -40.99 -5.80
N THR D 144 -7.32 -40.88 -7.11
CA THR D 144 -6.79 -41.93 -7.95
C THR D 144 -5.42 -41.53 -8.48
N PRO D 145 -4.61 -42.49 -8.95
CA PRO D 145 -3.26 -42.13 -9.41
C PRO D 145 -3.25 -41.07 -10.51
N ILE D 146 -4.14 -41.18 -11.49
CA ILE D 146 -4.17 -40.20 -12.57
C ILE D 146 -4.64 -38.84 -12.04
N MET D 147 -5.63 -38.85 -11.13
CA MET D 147 -6.10 -37.60 -10.54
C MET D 147 -5.00 -36.91 -9.75
N LEU D 148 -4.27 -37.66 -8.93
CA LEU D 148 -3.18 -37.07 -8.16
C LEU D 148 -2.07 -36.57 -9.09
N ALA D 149 -1.74 -37.33 -10.13
CA ALA D 149 -0.72 -36.88 -11.08
C ALA D 149 -1.15 -35.58 -11.75
N ALA D 150 -2.44 -35.47 -12.12
CA ALA D 150 -2.94 -34.23 -12.69
C ALA D 150 -2.86 -33.09 -11.66
N HIS D 151 -3.11 -33.40 -10.39
CA HIS D 151 -2.97 -32.38 -9.36
C HIS D 151 -1.54 -31.87 -9.27
N THR D 152 -0.56 -32.78 -9.38
CA THR D 152 0.83 -32.35 -9.33
C THR D 152 1.25 -31.60 -10.58
N ASN D 153 0.52 -31.74 -11.68
CA ASN D 153 0.83 -31.08 -12.95
C ASN D 153 2.24 -31.44 -13.41
N ASN D 154 2.61 -32.70 -13.25
CA ASN D 154 3.92 -33.21 -13.65
C ASN D 154 3.76 -33.94 -14.98
N TYR D 155 4.36 -33.38 -16.04
CA TYR D 155 4.11 -33.87 -17.38
C TYR D 155 4.60 -35.31 -17.56
N GLU D 156 5.74 -35.65 -16.96
CA GLU D 156 6.32 -36.98 -17.13
C GLU D 156 5.41 -38.05 -16.53
N ILE D 157 5.00 -37.87 -15.28
CA ILE D 157 4.17 -38.87 -14.61
C ILE D 157 2.77 -38.92 -15.22
N ILE D 158 2.22 -37.75 -15.58
CA ILE D 158 0.92 -37.72 -16.24
C ILE D 158 0.98 -38.48 -17.56
N LYS D 159 2.05 -38.28 -18.34
CA LYS D 159 2.21 -39.00 -19.59
C LYS D 159 2.36 -40.50 -19.35
N LEU D 160 3.11 -40.88 -18.31
CA LEU D 160 3.27 -42.29 -17.99
C LEU D 160 1.93 -42.94 -17.67
N LEU D 161 1.08 -42.24 -16.91
CA LEU D 161 -0.21 -42.80 -16.55
C LEU D 161 -1.19 -42.80 -17.71
N VAL D 162 -1.12 -41.79 -18.58
CA VAL D 162 -1.99 -41.76 -19.76
C VAL D 162 -1.55 -42.77 -20.80
N GLN D 163 -0.30 -43.23 -20.74
CA GLN D 163 0.14 -44.31 -21.64
C GLN D 163 -0.72 -45.56 -21.47
N LYS D 164 -1.22 -45.80 -20.26
CA LYS D 164 -2.14 -46.90 -20.00
C LYS D 164 -3.56 -46.46 -20.34
N ARG D 165 -4.55 -47.25 -19.95
CA ARG D 165 -5.95 -46.92 -20.17
C ARG D 165 -6.53 -46.42 -18.85
N VAL D 166 -6.42 -45.12 -18.62
CA VAL D 166 -6.92 -44.50 -17.40
C VAL D 166 -8.03 -43.53 -17.77
N THR D 167 -8.96 -43.34 -16.84
CA THR D 167 -10.11 -42.47 -17.05
C THR D 167 -10.35 -41.63 -15.80
N ILE D 168 -11.00 -40.50 -16.00
CA ILE D 168 -11.38 -39.59 -14.92
C ILE D 168 -12.90 -39.43 -14.98
N PRO D 169 -13.61 -39.58 -13.85
CA PRO D 169 -15.07 -39.49 -13.90
C PRO D 169 -15.55 -38.13 -14.39
N ARG D 170 -16.63 -38.15 -15.16
CA ARG D 170 -17.20 -36.93 -15.71
C ARG D 170 -18.04 -36.23 -14.65
N PRO D 171 -17.71 -34.99 -14.28
CA PRO D 171 -18.60 -34.25 -13.37
C PRO D 171 -19.93 -33.93 -14.04
N HIS D 172 -20.99 -33.92 -13.24
CA HIS D 172 -22.33 -33.66 -13.75
C HIS D 172 -22.48 -32.17 -14.02
N GLN D 173 -23.70 -31.76 -14.38
CA GLN D 173 -23.97 -30.35 -14.64
C GLN D 173 -23.82 -29.53 -13.36
N ILE D 174 -23.48 -28.25 -13.53
CA ILE D 174 -23.33 -27.34 -12.41
C ILE D 174 -24.62 -27.28 -11.59
N ARG D 175 -25.76 -27.24 -12.28
CA ARG D 175 -27.08 -27.23 -11.64
C ARG D 175 -27.82 -28.53 -11.92
N CYS D 176 -27.11 -29.65 -11.88
CA CYS D 176 -27.72 -30.95 -12.11
C CYS D 176 -28.66 -31.32 -10.98
N ASN D 177 -29.77 -31.97 -11.33
CA ASN D 177 -30.79 -32.37 -10.34
C ASN D 177 -31.14 -33.84 -10.49
N CYS D 178 -30.20 -34.66 -10.92
CA CYS D 178 -30.47 -36.09 -11.05
C CYS D 178 -30.49 -36.75 -9.67
N VAL D 179 -30.97 -37.99 -9.64
CA VAL D 179 -31.12 -38.70 -8.38
C VAL D 179 -29.77 -38.95 -7.72
N GLU D 180 -28.76 -39.27 -8.52
CA GLU D 180 -27.44 -39.58 -7.96
C GLU D 180 -26.83 -38.37 -7.27
N CYS D 181 -26.91 -37.19 -7.90
CA CYS D 181 -26.30 -36.00 -7.33
C CYS D 181 -26.96 -35.62 -6.01
N VAL D 182 -28.29 -35.60 -5.96
CA VAL D 182 -28.98 -35.23 -4.73
C VAL D 182 -28.77 -36.27 -3.66
N SER D 183 -28.74 -37.56 -4.04
CA SER D 183 -28.49 -38.61 -3.07
C SER D 183 -27.11 -38.47 -2.45
N SER D 184 -26.09 -38.23 -3.27
CA SER D 184 -24.74 -38.05 -2.75
C SER D 184 -24.64 -36.80 -1.89
N SER D 185 -25.31 -35.72 -2.30
CA SER D 185 -25.27 -34.49 -1.53
C SER D 185 -25.92 -34.66 -0.16
N GLU D 186 -27.05 -35.37 -0.10
CA GLU D 186 -27.74 -35.56 1.18
C GLU D 186 -27.00 -36.55 2.06
N VAL D 187 -26.47 -37.63 1.47
CA VAL D 187 -25.77 -38.64 2.28
C VAL D 187 -24.49 -38.07 2.86
N ASP D 188 -23.69 -37.39 2.04
CA ASP D 188 -22.44 -36.81 2.51
C ASP D 188 -22.12 -35.60 1.63
N SER D 189 -22.44 -34.40 2.12
CA SER D 189 -22.16 -33.19 1.36
C SER D 189 -20.67 -32.90 1.28
N LEU D 190 -19.95 -33.13 2.39
CA LEU D 190 -18.52 -32.87 2.42
C LEU D 190 -17.78 -33.76 1.41
N ARG D 191 -18.10 -35.06 1.42
CA ARG D 191 -17.42 -35.98 0.51
C ARG D 191 -17.73 -35.64 -0.94
N HIS D 192 -18.99 -35.33 -1.24
CA HIS D 192 -19.38 -35.00 -2.62
C HIS D 192 -18.68 -33.74 -3.10
N SER D 193 -18.66 -32.70 -2.26
CA SER D 193 -18.00 -31.46 -2.63
C SER D 193 -16.50 -31.67 -2.83
N ARG D 194 -15.87 -32.45 -1.94
CA ARG D 194 -14.45 -32.72 -2.07
C ARG D 194 -14.16 -33.48 -3.36
N SER D 195 -14.99 -34.48 -3.68
CA SER D 195 -14.79 -35.25 -4.90
C SER D 195 -14.93 -34.37 -6.14
N ARG D 196 -15.94 -33.51 -6.16
CA ARG D 196 -16.11 -32.62 -7.30
C ARG D 196 -14.92 -31.68 -7.46
N LEU D 197 -14.45 -31.11 -6.35
CA LEU D 197 -13.31 -30.21 -6.41
C LEU D 197 -12.06 -30.94 -6.89
N ASN D 198 -11.84 -32.16 -6.41
CA ASN D 198 -10.68 -32.94 -6.86
C ASN D 198 -10.76 -33.24 -8.35
N ILE D 199 -11.95 -33.61 -8.84
CA ILE D 199 -12.11 -33.89 -10.27
C ILE D 199 -11.79 -32.64 -11.09
N TYR D 200 -12.31 -31.48 -10.67
CA TYR D 200 -12.05 -30.27 -11.45
C TYR D 200 -10.59 -29.82 -11.33
N LYS D 201 -9.94 -30.11 -10.21
CA LYS D 201 -8.50 -29.87 -10.12
C LYS D 201 -7.74 -30.74 -11.09
N ALA D 202 -8.15 -32.01 -11.23
CA ALA D 202 -7.51 -32.91 -12.18
C ALA D 202 -7.70 -32.42 -13.61
N LEU D 203 -8.94 -32.06 -13.97
CA LEU D 203 -9.23 -31.69 -15.35
C LEU D 203 -8.58 -30.36 -15.73
N ALA D 204 -8.46 -29.42 -14.79
CA ALA D 204 -7.88 -28.11 -15.07
C ALA D 204 -6.35 -28.13 -15.03
N SER D 205 -5.73 -29.30 -15.11
CA SER D 205 -4.27 -29.38 -15.12
C SER D 205 -3.74 -28.97 -16.49
N PRO D 206 -2.84 -27.99 -16.56
CA PRO D 206 -2.29 -27.60 -17.88
C PRO D 206 -1.63 -28.74 -18.62
N SER D 207 -0.93 -29.64 -17.90
CA SER D 207 -0.31 -30.78 -18.58
C SER D 207 -1.35 -31.76 -19.08
N LEU D 208 -2.38 -32.04 -18.27
CA LEU D 208 -3.42 -32.97 -18.70
C LEU D 208 -4.26 -32.41 -19.83
N ILE D 209 -4.27 -31.08 -20.00
CA ILE D 209 -4.92 -30.50 -21.17
C ILE D 209 -3.98 -30.51 -22.37
N ALA D 210 -2.67 -30.35 -22.14
CA ALA D 210 -1.70 -30.43 -23.22
C ALA D 210 -1.75 -31.80 -23.89
N LEU D 211 -1.83 -32.86 -23.10
CA LEU D 211 -2.13 -34.19 -23.62
C LEU D 211 -3.64 -34.40 -23.63
N SER D 212 -4.06 -35.48 -24.29
CA SER D 212 -5.43 -36.01 -24.18
C SER D 212 -6.48 -34.93 -24.34
N SER D 213 -6.31 -34.07 -25.35
CA SER D 213 -7.28 -33.02 -25.61
C SER D 213 -7.16 -32.63 -27.08
N GLU D 214 -8.27 -32.73 -27.82
CA GLU D 214 -8.24 -32.41 -29.25
C GLU D 214 -7.85 -30.96 -29.47
N ASP D 215 -8.54 -30.03 -28.81
CA ASP D 215 -8.29 -28.60 -28.94
C ASP D 215 -7.98 -28.04 -27.56
N PRO D 216 -6.71 -27.93 -27.19
CA PRO D 216 -6.36 -27.41 -25.86
C PRO D 216 -6.87 -26.00 -25.61
N ILE D 217 -6.90 -25.13 -26.62
CA ILE D 217 -7.32 -23.76 -26.42
C ILE D 217 -8.81 -23.70 -26.09
N LEU D 218 -9.63 -24.38 -26.90
CA LEU D 218 -11.07 -24.40 -26.65
C LEU D 218 -11.39 -25.10 -25.33
N THR D 219 -10.68 -26.20 -25.05
CA THR D 219 -10.87 -26.90 -23.78
C THR D 219 -10.57 -25.97 -22.61
N ALA D 220 -9.47 -25.23 -22.68
CA ALA D 220 -9.13 -24.29 -21.62
C ALA D 220 -10.19 -23.21 -21.48
N PHE D 221 -10.67 -22.67 -22.61
CA PHE D 221 -11.70 -21.63 -22.55
C PHE D 221 -12.95 -22.13 -21.84
N ARG D 222 -13.49 -23.27 -22.29
CA ARG D 222 -14.76 -23.74 -21.73
C ARG D 222 -14.59 -24.24 -20.31
N LEU D 223 -13.44 -24.86 -20.00
CA LEU D 223 -13.18 -25.32 -18.64
C LEU D 223 -13.07 -24.14 -17.68
N GLY D 224 -12.37 -23.08 -18.09
CA GLY D 224 -12.30 -21.89 -17.25
C GLY D 224 -13.66 -21.24 -17.05
N TRP D 225 -14.47 -21.20 -18.12
CA TRP D 225 -15.82 -20.66 -17.98
C TRP D 225 -16.64 -21.47 -16.97
N GLU D 226 -16.59 -22.80 -17.09
CA GLU D 226 -17.33 -23.65 -16.17
C GLU D 226 -16.83 -23.50 -14.74
N LEU D 227 -15.51 -23.35 -14.57
CA LEU D 227 -14.96 -23.15 -13.23
C LEU D 227 -15.41 -21.82 -12.63
N LYS D 228 -15.49 -20.77 -13.45
CA LYS D 228 -16.02 -19.49 -12.97
C LYS D 228 -17.48 -19.62 -12.57
N GLU D 229 -18.26 -20.35 -13.37
CA GLU D 229 -19.67 -20.57 -13.01
C GLU D 229 -19.80 -21.35 -11.70
N LEU D 230 -18.95 -22.37 -11.51
CA LEU D 230 -18.94 -23.11 -10.26
C LEU D 230 -18.56 -22.21 -9.09
N SER D 231 -17.58 -21.33 -9.29
CA SER D 231 -17.19 -20.38 -8.25
C SER D 231 -18.37 -19.50 -7.86
N LYS D 232 -19.13 -19.05 -8.84
CA LYS D 232 -20.35 -18.30 -8.54
C LYS D 232 -21.33 -19.15 -7.73
N VAL D 233 -21.60 -20.37 -8.20
CA VAL D 233 -22.62 -21.20 -7.57
C VAL D 233 -22.17 -21.65 -6.18
N GLU D 234 -20.93 -22.14 -6.06
CA GLU D 234 -20.42 -22.66 -4.79
C GLU D 234 -19.96 -21.48 -3.93
N ASN D 235 -20.79 -21.10 -2.96
CA ASN D 235 -20.44 -20.00 -2.07
C ASN D 235 -19.17 -20.30 -1.30
N GLU D 236 -19.05 -21.52 -0.79
CA GLU D 236 -17.79 -22.00 -0.25
C GLU D 236 -16.96 -22.60 -1.37
N PHE D 237 -15.66 -22.75 -1.12
CA PHE D 237 -14.70 -23.19 -2.14
C PHE D 237 -14.62 -22.21 -3.32
N LYS D 238 -15.07 -20.98 -3.13
CA LYS D 238 -15.08 -20.00 -4.20
C LYS D 238 -13.67 -19.65 -4.65
N ALA D 239 -12.74 -19.49 -3.71
CA ALA D 239 -11.39 -19.10 -4.05
C ALA D 239 -10.68 -20.18 -4.87
N GLU D 240 -10.92 -21.46 -4.54
CA GLU D 240 -10.26 -22.54 -5.26
C GLU D 240 -10.75 -22.62 -6.71
N TYR D 241 -12.05 -22.50 -6.92
CA TYR D 241 -12.56 -22.50 -8.29
C TYR D 241 -12.10 -21.27 -9.05
N GLU D 242 -12.02 -20.12 -8.37
CA GLU D 242 -11.50 -18.91 -9.03
C GLU D 242 -10.05 -19.11 -9.47
N GLU D 243 -9.23 -19.71 -8.62
CA GLU D 243 -7.83 -19.89 -8.99
C GLU D 243 -7.68 -20.95 -10.07
N LEU D 244 -8.53 -21.98 -10.07
CA LEU D 244 -8.49 -22.97 -11.15
C LEU D 244 -8.86 -22.33 -12.49
N SER D 245 -9.91 -21.51 -12.49
CA SER D 245 -10.29 -20.80 -13.71
C SER D 245 -9.18 -19.88 -14.19
N GLN D 246 -8.56 -19.14 -13.27
CA GLN D 246 -7.46 -18.25 -13.64
C GLN D 246 -6.30 -19.04 -14.21
N GLN D 247 -6.03 -20.23 -13.64
CA GLN D 247 -4.97 -21.09 -14.14
C GLN D 247 -5.25 -21.54 -15.57
N CYS D 248 -6.50 -21.91 -15.86
CA CYS D 248 -6.84 -22.29 -17.23
C CYS D 248 -6.68 -21.11 -18.19
N LYS D 249 -7.10 -19.91 -17.76
CA LYS D 249 -6.93 -18.72 -18.59
C LYS D 249 -5.46 -18.46 -18.88
N LEU D 250 -4.61 -18.58 -17.87
CA LEU D 250 -3.17 -18.38 -18.06
C LEU D 250 -2.59 -19.45 -18.97
N PHE D 251 -3.08 -20.69 -18.88
CA PHE D 251 -2.60 -21.73 -19.80
C PHE D 251 -2.93 -21.40 -21.24
N ALA D 252 -4.15 -20.92 -21.50
CA ALA D 252 -4.50 -20.49 -22.85
C ALA D 252 -3.60 -19.35 -23.33
N LYS D 253 -3.37 -18.37 -22.45
CA LYS D 253 -2.52 -17.23 -22.82
C LYS D 253 -1.10 -17.68 -23.12
N ASP D 254 -0.57 -18.64 -22.36
CA ASP D 254 0.79 -19.12 -22.58
C ASP D 254 0.89 -19.94 -23.87
N LEU D 255 -0.11 -20.77 -24.14
CA LEU D 255 -0.17 -21.45 -25.43
C LEU D 255 -0.12 -20.46 -26.58
N LEU D 256 -0.87 -19.36 -26.47
CA LEU D 256 -0.79 -18.32 -27.50
C LEU D 256 0.59 -17.69 -27.53
N ASP D 257 1.21 -17.50 -26.36
CA ASP D 257 2.55 -16.93 -26.29
C ASP D 257 3.58 -17.77 -27.03
N GLN D 258 3.36 -19.08 -27.12
CA GLN D 258 4.36 -19.90 -27.79
C GLN D 258 4.37 -19.75 -29.32
N ALA D 259 3.46 -18.97 -29.90
CA ALA D 259 3.45 -18.78 -31.34
C ALA D 259 4.70 -18.01 -31.80
N ARG D 260 5.28 -18.45 -32.92
CA ARG D 260 6.54 -17.90 -33.38
C ARG D 260 6.46 -17.20 -34.74
N SER D 261 5.32 -17.23 -35.41
CA SER D 261 5.19 -16.56 -36.70
C SER D 261 3.76 -16.06 -36.85
N SER D 262 3.58 -15.10 -37.76
CA SER D 262 2.24 -14.56 -38.01
C SER D 262 1.33 -15.58 -38.67
N ARG D 263 1.89 -16.49 -39.47
CA ARG D 263 1.08 -17.53 -40.08
C ARG D 263 0.44 -18.41 -39.01
N GLU D 264 1.22 -18.81 -38.01
CA GLU D 264 0.67 -19.62 -36.92
C GLU D 264 -0.41 -18.88 -36.16
N LEU D 265 -0.17 -17.60 -35.85
CA LEU D 265 -1.15 -16.82 -35.10
C LEU D 265 -2.45 -16.66 -35.88
N GLU D 266 -2.36 -16.41 -37.19
CA GLU D 266 -3.55 -16.32 -38.02
C GLU D 266 -4.29 -17.65 -38.04
N ILE D 267 -3.56 -18.76 -38.18
CA ILE D 267 -4.20 -20.08 -38.20
C ILE D 267 -4.93 -20.32 -36.90
N ILE D 268 -4.32 -19.94 -35.78
CA ILE D 268 -4.94 -20.16 -34.47
C ILE D 268 -6.20 -19.33 -34.32
N LEU D 269 -6.10 -18.03 -34.64
CA LEU D 269 -7.22 -17.13 -34.38
C LEU D 269 -8.37 -17.34 -35.34
N ASN D 270 -8.09 -17.84 -36.55
CA ASN D 270 -9.11 -18.02 -37.57
C ASN D 270 -9.73 -19.41 -37.57
N HIS D 271 -9.34 -20.28 -36.63
CA HIS D 271 -9.85 -21.65 -36.63
C HIS D 271 -11.31 -21.69 -36.24
N ARG D 272 -12.08 -22.52 -36.94
CA ARG D 272 -13.51 -22.71 -36.69
C ARG D 272 -13.72 -24.11 -36.12
N ASP D 273 -14.35 -24.18 -34.96
CA ASP D 273 -14.63 -25.46 -34.32
C ASP D 273 -15.83 -26.14 -34.98
N ASP D 286 -14.01 -13.88 -40.24
CA ASP D 286 -12.73 -14.42 -39.80
C ASP D 286 -12.55 -14.17 -38.30
N LEU D 287 -11.38 -14.56 -37.78
CA LEU D 287 -11.08 -14.46 -36.36
C LEU D 287 -12.13 -15.17 -35.51
N ALA D 288 -12.52 -16.38 -35.94
CA ALA D 288 -13.57 -17.12 -35.24
C ALA D 288 -13.15 -17.47 -33.82
N LYS D 289 -11.95 -18.02 -33.66
CA LYS D 289 -11.50 -18.39 -32.32
C LYS D 289 -11.28 -17.17 -31.43
N LEU D 290 -10.90 -16.03 -32.02
CA LEU D 290 -10.84 -14.80 -31.25
C LEU D 290 -12.21 -14.41 -30.72
N LYS D 291 -13.24 -14.55 -31.56
CA LYS D 291 -14.60 -14.29 -31.11
C LYS D 291 -15.02 -15.24 -30.01
N VAL D 292 -14.63 -16.52 -30.12
CA VAL D 292 -14.94 -17.48 -29.07
C VAL D 292 -14.24 -17.09 -27.77
N ALA D 293 -12.99 -16.63 -27.86
CA ALA D 293 -12.28 -16.17 -26.67
C ALA D 293 -12.98 -14.97 -26.05
N ILE D 294 -13.43 -14.02 -26.87
CA ILE D 294 -14.14 -12.86 -26.35
C ILE D 294 -15.43 -13.29 -25.67
N LYS D 295 -16.11 -14.30 -26.22
CA LYS D 295 -17.35 -14.77 -25.62
C LYS D 295 -17.12 -15.32 -24.22
N TYR D 296 -16.02 -16.05 -24.02
CA TYR D 296 -15.71 -16.64 -22.72
C TYR D 296 -14.96 -15.70 -21.79
N HIS D 297 -14.86 -14.41 -22.15
CA HIS D 297 -14.20 -13.41 -21.31
C HIS D 297 -12.76 -13.81 -20.98
N GLN D 298 -12.02 -14.19 -22.03
CA GLN D 298 -10.61 -14.56 -21.90
C GLN D 298 -9.78 -13.30 -22.13
N LYS D 299 -9.74 -12.46 -21.09
CA LYS D 299 -9.14 -11.13 -21.24
C LYS D 299 -7.65 -11.21 -21.51
N GLU D 300 -6.93 -12.08 -20.81
CA GLU D 300 -5.49 -12.20 -21.03
C GLU D 300 -5.17 -12.72 -22.42
N PHE D 301 -5.97 -13.69 -22.89
CA PHE D 301 -5.78 -14.22 -24.24
C PHE D 301 -6.00 -13.15 -25.30
N VAL D 302 -7.03 -12.31 -25.11
CA VAL D 302 -7.32 -11.26 -26.08
C VAL D 302 -6.26 -10.17 -26.03
N ALA D 303 -5.80 -9.82 -24.83
CA ALA D 303 -4.80 -8.77 -24.66
C ALA D 303 -3.37 -9.24 -24.95
N GLN D 304 -3.22 -10.39 -25.61
CA GLN D 304 -1.90 -10.87 -26.00
C GLN D 304 -1.25 -9.86 -26.94
N PRO D 305 0.03 -9.52 -26.74
CA PRO D 305 0.66 -8.51 -27.61
C PRO D 305 0.64 -8.86 -29.08
N ASN D 306 0.82 -10.14 -29.43
CA ASN D 306 0.74 -10.52 -30.85
C ASN D 306 -0.69 -10.44 -31.37
N CYS D 307 -1.65 -10.85 -30.54
CA CYS D 307 -3.05 -10.71 -30.91
C CYS D 307 -3.40 -9.24 -31.12
N GLN D 308 -2.94 -8.37 -30.21
CA GLN D 308 -3.20 -6.95 -30.35
C GLN D 308 -2.51 -6.37 -31.59
N GLN D 309 -1.31 -6.84 -31.90
CA GLN D 309 -0.61 -6.36 -33.09
C GLN D 309 -1.36 -6.74 -34.36
N LEU D 310 -1.84 -7.98 -34.43
CA LEU D 310 -2.65 -8.39 -35.58
C LEU D 310 -3.94 -7.59 -35.67
N LEU D 311 -4.61 -7.39 -34.54
CA LEU D 311 -5.83 -6.59 -34.54
C LEU D 311 -5.57 -5.16 -34.95
N ALA D 312 -4.41 -4.62 -34.60
CA ALA D 312 -4.08 -3.25 -35.00
C ALA D 312 -3.80 -3.18 -36.50
N THR D 313 -3.11 -4.18 -37.04
CA THR D 313 -2.90 -4.20 -38.49
C THR D 313 -4.23 -4.29 -39.23
N LEU D 314 -5.20 -5.02 -38.68
CA LEU D 314 -6.53 -5.03 -39.27
C LEU D 314 -7.26 -3.69 -39.07
N TRP D 315 -7.03 -3.05 -37.93
CA TRP D 315 -7.73 -1.81 -37.59
C TRP D 315 -7.35 -0.67 -38.54
N TYR D 316 -6.05 -0.53 -38.84
CA TYR D 316 -5.59 0.48 -39.79
C TYR D 316 -5.39 -0.16 -41.16
N ASP D 317 -6.51 -0.55 -41.77
CA ASP D 317 -6.46 -1.16 -43.09
C ASP D 317 -5.95 -0.17 -44.13
N GLY D 318 -6.48 1.06 -44.12
CA GLY D 318 -6.10 2.03 -45.13
C GLY D 318 -4.68 2.55 -44.95
N PHE D 319 -4.31 2.88 -43.72
CA PHE D 319 -3.02 3.52 -43.46
C PHE D 319 -1.99 2.47 -43.07
N PRO D 320 -0.95 2.25 -43.87
CA PRO D 320 0.04 1.21 -43.54
C PRO D 320 1.03 1.64 -42.47
N GLY D 321 1.27 2.95 -42.38
CA GLY D 321 2.27 3.45 -41.45
C GLY D 321 1.73 4.36 -40.37
N TRP D 322 0.54 4.06 -39.87
CA TRP D 322 -0.04 4.85 -38.79
C TRP D 322 0.72 4.68 -37.48
N ARG D 323 1.44 3.57 -37.32
CA ARG D 323 2.18 3.34 -36.08
C ARG D 323 3.26 4.38 -35.87
N ARG D 324 3.96 4.76 -36.94
CA ARG D 324 5.05 5.73 -36.88
C ARG D 324 4.60 7.02 -37.58
N LYS D 325 3.92 7.88 -36.81
CA LYS D 325 3.49 9.18 -37.29
C LYS D 325 3.48 10.16 -36.14
N HIS D 326 3.55 11.45 -36.46
CA HIS D 326 3.53 12.48 -35.45
C HIS D 326 2.11 12.77 -34.99
N TRP D 327 2.00 13.41 -33.83
CA TRP D 327 0.69 13.75 -33.28
C TRP D 327 -0.08 14.69 -34.19
N VAL D 328 0.60 15.70 -34.76
CA VAL D 328 -0.06 16.66 -35.63
C VAL D 328 -0.57 15.98 -36.89
N VAL D 329 0.21 15.06 -37.46
CA VAL D 329 -0.20 14.39 -38.69
C VAL D 329 -1.44 13.53 -38.42
N LYS D 330 -1.43 12.79 -37.32
CA LYS D 330 -2.59 11.97 -36.98
C LYS D 330 -3.83 12.83 -36.74
N LEU D 331 -3.67 13.93 -36.01
CA LEU D 331 -4.81 14.81 -35.73
C LEU D 331 -5.37 15.41 -37.01
N LEU D 332 -4.49 15.87 -37.90
CA LEU D 332 -4.95 16.45 -39.17
C LEU D 332 -5.65 15.41 -40.02
N THR D 333 -5.11 14.19 -40.08
CA THR D 333 -5.74 13.13 -40.86
C THR D 333 -7.12 12.79 -40.29
N CYS D 334 -7.23 12.70 -38.97
CA CYS D 334 -8.52 12.41 -38.35
C CYS D 334 -9.53 13.52 -38.64
N MET D 335 -9.10 14.78 -38.53
CA MET D 335 -10.01 15.89 -38.82
C MET D 335 -10.45 15.88 -40.28
N THR D 336 -9.52 15.63 -41.20
CA THR D 336 -9.86 15.60 -42.62
C THR D 336 -10.84 14.47 -42.94
N ILE D 337 -10.61 13.28 -42.37
CA ILE D 337 -11.52 12.17 -42.62
C ILE D 337 -12.89 12.44 -42.00
N GLY D 338 -12.91 13.01 -40.80
CA GLY D 338 -14.18 13.30 -40.15
C GLY D 338 -15.00 14.33 -40.88
N PHE D 339 -14.34 15.40 -41.36
CA PHE D 339 -15.06 16.44 -42.10
C PHE D 339 -15.61 15.95 -43.43
N LEU D 340 -15.12 14.82 -43.93
CA LEU D 340 -15.56 14.27 -45.22
C LEU D 340 -16.47 13.05 -45.05
N PHE D 341 -17.02 12.83 -43.85
CA PHE D 341 -17.88 11.67 -43.64
C PHE D 341 -19.13 11.66 -44.53
N PRO D 342 -19.84 12.79 -44.76
CA PRO D 342 -20.98 12.70 -45.69
C PRO D 342 -20.57 12.28 -47.09
N MET D 343 -19.40 12.74 -47.56
CA MET D 343 -18.94 12.36 -48.89
C MET D 343 -18.67 10.86 -48.97
N LEU D 344 -18.02 10.29 -47.95
CA LEU D 344 -17.75 8.86 -47.94
C LEU D 344 -19.05 8.05 -47.85
N SER D 345 -20.00 8.52 -47.04
CA SER D 345 -21.28 7.82 -46.94
C SER D 345 -22.03 7.84 -48.27
N ILE D 346 -22.04 8.99 -48.95
CA ILE D 346 -22.72 9.09 -50.24
C ILE D 346 -22.01 8.22 -51.28
N ALA D 347 -20.67 8.21 -51.25
CA ALA D 347 -19.93 7.37 -52.20
C ALA D 347 -20.23 5.90 -51.98
N TYR D 348 -20.31 5.46 -50.73
CA TYR D 348 -20.69 4.08 -50.45
C TYR D 348 -22.12 3.80 -50.92
N LEU D 349 -23.03 4.76 -50.72
CA LEU D 349 -24.41 4.57 -51.15
C LEU D 349 -24.51 4.43 -52.67
N ILE D 350 -23.78 5.25 -53.41
CA ILE D 350 -23.90 5.27 -54.87
C ILE D 350 -23.18 4.07 -55.49
N SER D 351 -21.87 3.99 -55.30
CA SER D 351 -21.06 2.93 -55.88
C SER D 351 -20.09 2.39 -54.82
N PRO D 352 -20.43 1.27 -54.18
CA PRO D 352 -19.52 0.71 -53.16
C PRO D 352 -18.16 0.30 -53.71
N ARG D 353 -18.05 0.05 -55.01
CA ARG D 353 -16.80 -0.42 -55.61
C ARG D 353 -16.11 0.76 -56.27
N SER D 354 -15.36 1.51 -55.47
CA SER D 354 -14.59 2.65 -55.95
C SER D 354 -13.56 3.03 -54.89
N ASN D 355 -12.69 3.96 -55.25
CA ASN D 355 -11.67 4.42 -54.30
C ASN D 355 -12.31 5.08 -53.08
N LEU D 356 -13.51 5.63 -53.24
CA LEU D 356 -14.24 6.22 -52.12
C LEU D 356 -15.41 5.38 -51.64
N GLY D 357 -15.95 4.51 -52.48
CA GLY D 357 -17.09 3.69 -52.06
C GLY D 357 -16.72 2.69 -50.97
N LEU D 358 -15.60 1.99 -51.15
CA LEU D 358 -15.15 1.01 -50.17
C LEU D 358 -14.14 1.57 -49.18
N PHE D 359 -13.81 2.87 -49.28
CA PHE D 359 -12.90 3.48 -48.32
C PHE D 359 -13.55 3.61 -46.95
N ILE D 360 -14.88 3.58 -46.86
CA ILE D 360 -15.54 3.69 -45.57
C ILE D 360 -15.64 2.33 -44.87
N LYS D 361 -15.54 1.23 -45.61
CA LYS D 361 -15.59 -0.09 -44.99
C LYS D 361 -14.37 -0.40 -44.14
N LYS D 362 -13.30 0.39 -44.25
CA LYS D 362 -12.14 0.20 -43.41
C LYS D 362 -12.50 0.52 -41.95
N PRO D 363 -12.02 -0.28 -41.00
CA PRO D 363 -12.52 -0.15 -39.62
C PRO D 363 -12.24 1.21 -38.99
N PHE D 364 -11.00 1.70 -39.07
CA PHE D 364 -10.67 2.99 -38.48
C PHE D 364 -11.44 4.12 -39.18
N ILE D 365 -11.55 4.05 -40.51
CA ILE D 365 -12.30 5.06 -41.26
C ILE D 365 -13.77 5.03 -40.88
N LYS D 366 -14.34 3.82 -40.76
CA LYS D 366 -15.73 3.70 -40.37
C LYS D 366 -15.96 4.28 -38.97
N PHE D 367 -15.04 3.99 -38.04
CA PHE D 367 -15.16 4.56 -36.70
C PHE D 367 -15.10 6.08 -36.74
N ILE D 368 -14.18 6.63 -37.54
CA ILE D 368 -14.07 8.09 -37.64
C ILE D 368 -15.35 8.69 -38.22
N CYS D 369 -15.92 8.05 -39.23
CA CYS D 369 -17.14 8.57 -39.84
C CYS D 369 -18.31 8.54 -38.86
N HIS D 370 -18.46 7.44 -38.10
CA HIS D 370 -19.54 7.37 -37.12
C HIS D 370 -19.33 8.40 -36.01
N THR D 371 -18.09 8.57 -35.55
CA THR D 371 -17.82 9.57 -34.51
C THR D 371 -18.11 10.98 -35.01
N ALA D 372 -17.72 11.28 -36.26
CA ALA D 372 -17.99 12.60 -36.82
C ALA D 372 -19.49 12.83 -36.98
N SER D 373 -20.23 11.79 -37.40
CA SER D 373 -21.67 11.91 -37.51
C SER D 373 -22.30 12.21 -36.15
N TYR D 374 -21.87 11.50 -35.11
CA TYR D 374 -22.40 11.76 -33.77
C TYR D 374 -22.03 13.15 -33.29
N LEU D 375 -20.82 13.61 -33.61
CA LEU D 375 -20.40 14.96 -33.21
C LEU D 375 -21.24 16.03 -33.91
N THR D 376 -21.54 15.83 -35.20
CA THR D 376 -22.41 16.78 -35.89
C THR D 376 -23.82 16.76 -35.29
N PHE D 377 -24.30 15.57 -34.91
CA PHE D 377 -25.60 15.48 -34.23
C PHE D 377 -25.61 16.28 -32.93
N LEU D 378 -24.54 16.14 -32.13
CA LEU D 378 -24.45 16.90 -30.88
C LEU D 378 -24.33 18.39 -31.15
N PHE D 379 -23.61 18.77 -32.21
CA PHE D 379 -23.51 20.18 -32.57
C PHE D 379 -24.87 20.75 -32.93
N MET D 380 -25.68 19.99 -33.67
CA MET D 380 -27.03 20.44 -33.99
C MET D 380 -27.90 20.49 -32.74
N LEU D 381 -27.71 19.55 -31.82
CA LEU D 381 -28.44 19.62 -30.55
C LEU D 381 -28.11 20.90 -29.78
N LEU D 382 -26.83 21.27 -29.76
CA LEU D 382 -26.44 22.53 -29.14
C LEU D 382 -27.05 23.72 -29.86
N LEU D 383 -27.04 23.70 -31.20
CA LEU D 383 -27.62 24.80 -31.96
C LEU D 383 -29.13 24.91 -31.80
N ALA D 384 -29.80 23.81 -31.43
CA ALA D 384 -31.25 23.81 -31.32
C ALA D 384 -31.78 24.70 -30.20
N SER D 385 -30.92 25.36 -29.43
CA SER D 385 -31.35 26.22 -28.33
C SER D 385 -30.86 27.66 -28.51
N GLN D 386 -30.65 28.07 -29.76
CA GLN D 386 -30.15 29.41 -30.05
C GLN D 386 -31.30 30.34 -30.44
N ASP D 392 -40.15 32.80 -31.84
CA ASP D 392 -41.37 32.95 -31.07
C ASP D 392 -41.59 31.70 -30.23
N LEU D 393 -41.80 31.89 -28.93
CA LEU D 393 -41.99 30.78 -28.00
C LEU D 393 -43.40 30.70 -27.45
N HIS D 394 -44.30 31.59 -27.85
CA HIS D 394 -45.67 31.60 -27.34
C HIS D 394 -46.60 30.68 -28.13
N VAL D 395 -46.13 30.09 -29.22
CA VAL D 395 -46.98 29.23 -30.04
C VAL D 395 -47.16 27.89 -29.33
N GLN D 396 -48.43 27.49 -29.17
CA GLN D 396 -48.74 26.21 -28.55
C GLN D 396 -48.68 25.13 -29.62
N GLY D 397 -47.71 24.23 -29.49
CA GLY D 397 -47.49 23.19 -30.48
C GLY D 397 -47.02 23.77 -31.80
N PRO D 398 -45.83 24.37 -31.83
CA PRO D 398 -45.33 24.98 -33.06
C PRO D 398 -44.83 23.92 -34.02
N PRO D 399 -44.80 24.23 -35.32
CA PRO D 399 -44.20 23.31 -36.28
C PRO D 399 -42.70 23.19 -36.03
N PRO D 400 -42.12 22.03 -36.32
CA PRO D 400 -40.66 21.87 -36.10
C PRO D 400 -39.87 22.85 -36.96
N THR D 401 -38.78 23.35 -36.38
CA THR D 401 -37.93 24.31 -37.05
C THR D 401 -36.95 23.61 -37.98
N VAL D 402 -36.09 24.40 -38.63
CA VAL D 402 -35.10 23.83 -39.56
C VAL D 402 -34.12 22.94 -38.81
N VAL D 403 -33.69 23.37 -37.63
CA VAL D 403 -32.75 22.57 -36.83
C VAL D 403 -33.42 21.27 -36.40
N GLU D 404 -34.68 21.34 -35.97
CA GLU D 404 -35.39 20.11 -35.60
C GLU D 404 -35.60 19.21 -36.81
N TRP D 405 -35.87 19.80 -37.98
CA TRP D 405 -36.01 19.00 -39.19
C TRP D 405 -34.71 18.31 -39.58
N MET D 406 -33.57 18.94 -39.30
CA MET D 406 -32.27 18.29 -39.51
C MET D 406 -31.98 17.25 -38.44
N ILE D 407 -32.48 17.46 -37.23
CA ILE D 407 -32.25 16.51 -36.14
C ILE D 407 -33.04 15.23 -36.36
N LEU D 408 -34.25 15.34 -36.90
CA LEU D 408 -35.13 14.19 -37.04
C LEU D 408 -34.51 13.00 -37.77
N PRO D 409 -33.85 13.17 -38.93
CA PRO D 409 -33.24 11.99 -39.58
C PRO D 409 -32.19 11.30 -38.74
N TRP D 410 -31.43 12.05 -37.93
CA TRP D 410 -30.46 11.41 -37.04
C TRP D 410 -31.16 10.52 -36.00
N VAL D 411 -32.27 11.01 -35.43
CA VAL D 411 -33.02 10.20 -34.47
C VAL D 411 -33.59 8.96 -35.14
N LEU D 412 -34.14 9.13 -36.35
CA LEU D 412 -34.66 7.98 -37.08
C LEU D 412 -33.55 6.97 -37.37
N GLY D 413 -32.37 7.45 -37.74
CA GLY D 413 -31.24 6.56 -37.98
C GLY D 413 -30.81 5.83 -36.72
N PHE D 414 -30.81 6.53 -35.58
CA PHE D 414 -30.48 5.89 -34.31
C PHE D 414 -31.46 4.75 -34.00
N ILE D 415 -32.76 5.03 -34.15
CA ILE D 415 -33.76 4.01 -33.85
C ILE D 415 -33.63 2.83 -34.81
N TRP D 416 -33.45 3.11 -36.10
CA TRP D 416 -33.32 2.05 -37.08
C TRP D 416 -32.07 1.21 -36.84
N GLY D 417 -30.97 1.85 -36.48
CA GLY D 417 -29.76 1.11 -36.17
C GLY D 417 -29.91 0.23 -34.94
N GLU D 418 -30.58 0.75 -33.90
CA GLU D 418 -30.80 -0.06 -32.71
C GLU D 418 -31.67 -1.28 -33.01
N ILE D 419 -32.76 -1.09 -33.76
CA ILE D 419 -33.62 -2.23 -34.04
C ILE D 419 -32.94 -3.19 -35.02
N LYS D 420 -32.11 -2.68 -35.92
CA LYS D 420 -31.36 -3.57 -36.82
C LYS D 420 -30.34 -4.40 -36.05
N GLU D 421 -29.65 -3.78 -35.09
CA GLU D 421 -28.73 -4.53 -34.23
C GLU D 421 -29.48 -5.60 -33.43
N MET D 422 -30.67 -5.25 -32.90
CA MET D 422 -31.47 -6.22 -32.19
C MET D 422 -31.87 -7.38 -33.10
N TRP D 423 -32.26 -7.08 -34.34
CA TRP D 423 -32.70 -8.11 -35.26
C TRP D 423 -31.55 -9.01 -35.72
N ASP D 424 -30.36 -8.44 -35.91
CA ASP D 424 -29.24 -9.20 -36.44
C ASP D 424 -28.47 -9.94 -35.34
N GLY D 425 -27.94 -9.20 -34.37
CA GLY D 425 -27.10 -9.82 -33.35
C GLY D 425 -27.85 -10.81 -32.48
N GLY D 426 -29.04 -10.45 -32.02
CA GLY D 426 -29.85 -11.29 -31.17
C GLY D 426 -30.31 -10.51 -29.95
N PHE D 427 -30.76 -11.26 -28.94
CA PHE D 427 -31.27 -10.67 -27.71
C PHE D 427 -30.25 -10.67 -26.59
N THR D 428 -29.58 -11.80 -26.36
CA THR D 428 -28.57 -11.87 -25.29
C THR D 428 -27.39 -10.96 -25.60
N GLU D 429 -26.94 -10.94 -26.85
CA GLU D 429 -25.84 -10.05 -27.22
C GLU D 429 -26.24 -8.59 -27.08
N TYR D 430 -27.50 -8.27 -27.40
CA TYR D 430 -27.97 -6.89 -27.28
C TYR D 430 -27.98 -6.42 -25.82
N ILE D 431 -28.40 -7.30 -24.91
CA ILE D 431 -28.48 -6.92 -23.50
C ILE D 431 -27.15 -7.09 -22.75
N HIS D 432 -26.18 -7.80 -23.32
CA HIS D 432 -24.88 -7.92 -22.69
C HIS D 432 -24.03 -6.67 -22.84
N ASP D 433 -24.38 -5.78 -23.77
CA ASP D 433 -23.60 -4.57 -24.00
C ASP D 433 -23.59 -3.67 -22.77
N TRP D 434 -24.76 -3.47 -22.15
CA TRP D 434 -24.98 -2.59 -21.00
C TRP D 434 -24.86 -1.12 -21.40
N TRP D 435 -24.46 -0.85 -22.64
CA TRP D 435 -24.57 0.49 -23.21
C TRP D 435 -25.84 0.68 -24.02
N ASN D 436 -26.48 -0.41 -24.44
CA ASN D 436 -27.75 -0.33 -25.14
C ASN D 436 -28.88 0.12 -24.24
N LEU D 437 -28.69 0.09 -22.92
CA LEU D 437 -29.72 0.62 -22.03
C LEU D 437 -29.86 2.12 -22.18
N MET D 438 -28.75 2.84 -22.21
CA MET D 438 -28.80 4.29 -22.43
C MET D 438 -29.32 4.61 -23.83
N ASP D 439 -28.94 3.81 -24.82
CA ASP D 439 -29.46 4.02 -26.17
C ASP D 439 -30.97 3.82 -26.21
N PHE D 440 -31.47 2.78 -25.54
CA PHE D 440 -32.91 2.55 -25.47
C PHE D 440 -33.62 3.71 -24.76
N ALA D 441 -33.04 4.20 -23.67
CA ALA D 441 -33.62 5.33 -22.97
C ALA D 441 -33.66 6.57 -23.86
N MET D 442 -32.58 6.84 -24.59
CA MET D 442 -32.54 7.97 -25.50
C MET D 442 -33.60 7.84 -26.59
N ASN D 443 -33.71 6.65 -27.19
CA ASN D 443 -34.67 6.46 -28.26
C ASN D 443 -36.10 6.59 -27.76
N SER D 444 -36.39 6.03 -26.57
CA SER D 444 -37.72 6.16 -26.00
C SER D 444 -38.06 7.61 -25.69
N LEU D 445 -37.09 8.36 -25.12
CA LEU D 445 -37.34 9.75 -24.82
C LEU D 445 -37.54 10.58 -26.08
N TYR D 446 -36.77 10.30 -27.14
CA TYR D 446 -36.96 11.01 -28.40
C TYR D 446 -38.31 10.67 -29.02
N LEU D 447 -38.72 9.41 -28.96
CA LEU D 447 -40.03 9.03 -29.49
C LEU D 447 -41.16 9.70 -28.71
N ALA D 448 -41.03 9.77 -27.39
CA ALA D 448 -42.00 10.48 -26.57
C ALA D 448 -42.02 11.97 -26.92
N THR D 449 -40.84 12.55 -27.15
CA THR D 449 -40.77 13.96 -27.56
C THR D 449 -41.51 14.19 -28.87
N ILE D 450 -41.30 13.31 -29.85
CA ILE D 450 -41.97 13.45 -31.14
C ILE D 450 -43.47 13.28 -30.98
N SER D 451 -43.89 12.29 -30.19
CA SER D 451 -45.33 12.08 -29.98
C SER D 451 -45.97 13.29 -29.33
N LEU D 452 -45.33 13.86 -28.31
CA LEU D 452 -45.89 15.02 -27.63
C LEU D 452 -45.89 16.25 -28.52
N LYS D 453 -44.85 16.40 -29.36
CA LYS D 453 -44.86 17.49 -30.34
C LYS D 453 -46.03 17.36 -31.31
N ILE D 454 -46.29 16.14 -31.79
CA ILE D 454 -47.42 15.91 -32.69
C ILE D 454 -48.74 16.20 -31.98
N VAL D 455 -48.87 15.77 -30.72
CA VAL D 455 -50.09 15.99 -29.97
C VAL D 455 -50.34 17.49 -29.79
N ALA D 456 -49.30 18.22 -29.40
CA ALA D 456 -49.45 19.66 -29.21
C ALA D 456 -49.70 20.38 -30.52
N TYR D 457 -49.18 19.86 -31.63
CA TYR D 457 -49.42 20.49 -32.93
C TYR D 457 -50.86 20.28 -33.38
N VAL D 458 -51.41 19.09 -33.18
CA VAL D 458 -52.75 18.78 -33.68
C VAL D 458 -53.83 18.99 -32.63
N LYS D 459 -53.48 19.46 -31.43
CA LYS D 459 -54.47 19.78 -30.41
C LYS D 459 -54.49 21.25 -30.00
N TYR D 460 -53.54 22.06 -30.46
CA TYR D 460 -53.48 23.47 -30.13
C TYR D 460 -53.17 24.27 -31.38
N ASN D 461 -53.85 25.41 -31.53
CA ASN D 461 -53.64 26.28 -32.68
C ASN D 461 -53.34 27.70 -32.24
N GLY D 462 -53.95 28.13 -31.13
CA GLY D 462 -53.76 29.49 -30.67
C GLY D 462 -52.39 29.73 -30.10
N SER D 463 -52.03 31.01 -29.98
CA SER D 463 -50.75 31.44 -29.45
C SER D 463 -50.99 32.12 -28.10
N ARG D 464 -50.98 31.32 -27.03
CA ARG D 464 -51.17 31.76 -25.66
C ARG D 464 -49.82 31.88 -24.96
N PRO D 465 -49.59 32.95 -24.19
CA PRO D 465 -48.30 33.12 -23.53
C PRO D 465 -48.02 31.99 -22.55
N ARG D 466 -46.74 31.62 -22.43
CA ARG D 466 -46.34 30.48 -21.61
C ARG D 466 -46.63 30.69 -20.14
N GLU D 467 -46.81 31.93 -19.69
CA GLU D 467 -47.02 32.19 -18.27
C GLU D 467 -48.31 31.54 -17.77
N GLU D 468 -49.36 31.52 -18.60
CA GLU D 468 -50.64 30.97 -18.23
C GLU D 468 -50.89 29.58 -18.80
N TRP D 469 -49.87 28.90 -19.30
CA TRP D 469 -50.02 27.53 -19.75
C TRP D 469 -50.27 26.60 -18.58
N GLU D 470 -50.85 25.45 -18.86
CA GLU D 470 -51.05 24.43 -17.85
C GLU D 470 -49.71 23.88 -17.39
N MET D 471 -49.68 23.39 -16.15
CA MET D 471 -48.46 22.77 -15.63
C MET D 471 -48.08 21.54 -16.47
N TRP D 472 -49.07 20.73 -16.84
CA TRP D 472 -48.84 19.53 -17.64
C TRP D 472 -49.15 19.75 -19.11
N HIS D 473 -48.87 20.94 -19.62
CA HIS D 473 -49.06 21.23 -21.04
C HIS D 473 -48.16 20.31 -21.87
N PRO D 474 -48.63 19.80 -23.00
CA PRO D 474 -47.81 18.87 -23.79
C PRO D 474 -46.48 19.45 -24.25
N THR D 475 -46.45 20.74 -24.58
CA THR D 475 -45.21 21.35 -25.04
C THR D 475 -44.14 21.35 -23.94
N LEU D 476 -44.54 21.66 -22.70
CA LEU D 476 -43.58 21.69 -21.61
C LEU D 476 -43.00 20.32 -21.33
N ILE D 477 -43.85 19.29 -21.33
CA ILE D 477 -43.37 17.93 -21.11
C ILE D 477 -42.46 17.48 -22.25
N ALA D 478 -42.84 17.84 -23.49
CA ALA D 478 -41.99 17.50 -24.64
C ALA D 478 -40.63 18.15 -24.53
N GLU D 479 -40.59 19.43 -24.14
CA GLU D 479 -39.32 20.12 -23.99
C GLU D 479 -38.47 19.52 -22.88
N ALA D 480 -39.10 19.16 -21.76
CA ALA D 480 -38.34 18.53 -20.67
C ALA D 480 -37.76 17.19 -21.12
N LEU D 481 -38.55 16.39 -21.83
CA LEU D 481 -38.06 15.10 -22.33
C LEU D 481 -36.93 15.31 -23.33
N PHE D 482 -37.05 16.31 -24.20
CA PHE D 482 -35.99 16.59 -25.17
C PHE D 482 -34.71 17.04 -24.47
N ALA D 483 -34.82 17.83 -23.42
CA ALA D 483 -33.64 18.25 -22.67
C ALA D 483 -32.95 17.05 -22.00
N ILE D 484 -33.75 16.17 -21.39
CA ILE D 484 -33.18 14.96 -20.79
C ILE D 484 -32.49 14.10 -21.85
N SER D 485 -33.12 14.00 -23.02
CA SER D 485 -32.53 13.24 -24.13
C SER D 485 -31.22 13.87 -24.57
N ASN D 486 -31.15 15.21 -24.61
CA ASN D 486 -29.90 15.88 -24.96
C ASN D 486 -28.81 15.56 -23.96
N ILE D 487 -29.14 15.57 -22.67
CA ILE D 487 -28.17 15.20 -21.65
C ILE D 487 -27.65 13.79 -21.89
N LEU D 488 -28.57 12.85 -22.11
CA LEU D 488 -28.16 11.46 -22.32
C LEU D 488 -27.34 11.29 -23.59
N SER D 489 -27.72 11.98 -24.66
CA SER D 489 -26.98 11.89 -25.92
C SER D 489 -25.55 12.40 -25.74
N SER D 490 -25.40 13.54 -25.08
CA SER D 490 -24.05 14.06 -24.88
C SER D 490 -23.25 13.19 -23.93
N LEU D 491 -23.91 12.56 -22.95
CA LEU D 491 -23.22 11.65 -22.05
C LEU D 491 -22.86 10.33 -22.72
N ARG D 492 -23.50 10.00 -23.83
CA ARG D 492 -23.21 8.77 -24.56
C ARG D 492 -21.79 8.74 -25.11
N LEU D 493 -21.11 9.89 -25.17
CA LEU D 493 -19.75 9.94 -25.69
C LEU D 493 -18.73 9.27 -24.77
N ILE D 494 -19.13 8.88 -23.56
CA ILE D 494 -18.19 8.22 -22.64
C ILE D 494 -17.67 6.93 -23.25
N SER D 495 -18.53 6.21 -23.98
CA SER D 495 -18.14 4.92 -24.54
C SER D 495 -17.01 5.02 -25.55
N LEU D 496 -16.75 6.22 -26.07
CA LEU D 496 -15.66 6.41 -27.03
C LEU D 496 -14.31 6.62 -26.37
N PHE D 497 -14.26 6.78 -25.04
CA PHE D 497 -12.98 6.85 -24.35
C PHE D 497 -12.21 5.54 -24.46
N THR D 498 -12.87 4.45 -24.84
CA THR D 498 -12.19 3.17 -24.98
C THR D 498 -11.16 3.21 -26.10
N ALA D 499 -11.46 3.93 -27.19
CA ALA D 499 -10.58 3.97 -28.34
C ALA D 499 -9.25 4.66 -28.04
N ASN D 500 -9.16 5.41 -26.94
CA ASN D 500 -7.98 6.19 -26.62
C ASN D 500 -7.07 5.45 -25.65
N SER D 501 -5.76 5.64 -25.81
CA SER D 501 -4.80 5.00 -24.92
C SER D 501 -4.81 5.63 -23.53
N HIS D 502 -4.92 6.96 -23.47
CA HIS D 502 -4.89 7.69 -22.21
C HIS D 502 -6.23 7.71 -21.49
N LEU D 503 -7.34 7.64 -22.23
CA LEU D 503 -8.67 7.73 -21.64
C LEU D 503 -9.32 6.37 -21.40
N GLY D 504 -8.81 5.29 -22.00
CA GLY D 504 -9.41 3.99 -21.89
C GLY D 504 -9.32 3.35 -20.52
N PRO D 505 -8.09 3.13 -20.04
CA PRO D 505 -7.94 2.54 -18.70
C PRO D 505 -8.54 3.39 -17.60
N LEU D 506 -8.52 4.72 -17.75
CA LEU D 506 -9.20 5.58 -16.78
C LEU D 506 -10.70 5.33 -16.77
N GLN D 507 -11.31 5.18 -17.95
CA GLN D 507 -12.73 4.87 -18.01
C GLN D 507 -13.01 3.51 -17.37
N ILE D 508 -12.14 2.53 -17.59
CA ILE D 508 -12.30 1.21 -16.97
C ILE D 508 -12.28 1.35 -15.45
N SER D 509 -11.32 2.10 -14.93
CA SER D 509 -11.20 2.27 -13.48
C SER D 509 -12.44 2.95 -12.90
N LEU D 510 -12.92 4.01 -13.56
CA LEU D 510 -14.09 4.71 -13.06
C LEU D 510 -15.33 3.81 -13.11
N GLY D 511 -15.46 3.04 -14.19
CA GLY D 511 -16.59 2.13 -14.29
C GLY D 511 -16.58 1.07 -13.21
N ARG D 512 -15.40 0.55 -12.87
CA ARG D 512 -15.33 -0.46 -11.83
C ARG D 512 -15.45 0.13 -10.42
N MET D 513 -15.16 1.41 -10.24
CA MET D 513 -15.46 2.07 -8.96
C MET D 513 -16.93 2.44 -8.82
N LEU D 514 -17.65 2.53 -9.94
CA LEU D 514 -19.09 2.73 -9.85
C LEU D 514 -19.77 1.62 -9.06
N LEU D 515 -19.19 0.42 -9.03
CA LEU D 515 -19.76 -0.67 -8.23
C LEU D 515 -19.67 -0.36 -6.73
N ASP D 516 -18.53 0.15 -6.27
CA ASP D 516 -18.41 0.57 -4.87
C ASP D 516 -19.38 1.70 -4.58
N ILE D 517 -19.54 2.63 -5.52
CA ILE D 517 -20.51 3.71 -5.35
C ILE D 517 -21.92 3.14 -5.16
N LEU D 518 -22.27 2.17 -6.00
CA LEU D 518 -23.59 1.54 -5.91
C LEU D 518 -23.77 0.84 -4.57
N LYS D 519 -22.73 0.16 -4.09
CA LYS D 519 -22.83 -0.51 -2.80
C LYS D 519 -23.07 0.48 -1.67
N PHE D 520 -22.36 1.61 -1.69
CA PHE D 520 -22.57 2.67 -0.70
C PHE D 520 -23.94 3.33 -0.84
N LEU D 521 -24.53 3.27 -2.03
CA LEU D 521 -25.83 3.90 -2.26
C LEU D 521 -26.91 3.34 -1.35
N PHE D 522 -26.90 2.02 -1.12
CA PHE D 522 -27.95 1.39 -0.31
C PHE D 522 -27.92 1.91 1.12
N ILE D 523 -26.75 1.92 1.75
CA ILE D 523 -26.65 2.38 3.13
C ILE D 523 -26.98 3.87 3.22
N TYR D 524 -26.50 4.66 2.25
CA TYR D 524 -26.88 6.08 2.26
C TYR D 524 -28.38 6.25 2.16
N CYS D 525 -29.03 5.49 1.28
CA CYS D 525 -30.47 5.64 1.10
C CYS D 525 -31.23 5.22 2.35
N LEU D 526 -30.77 4.18 3.02
CA LEU D 526 -31.42 3.78 4.28
C LEU D 526 -31.33 4.90 5.30
N VAL D 527 -30.14 5.49 5.47
CA VAL D 527 -29.99 6.59 6.43
C VAL D 527 -30.87 7.78 6.04
N LEU D 528 -30.87 8.10 4.75
CA LEU D 528 -31.65 9.23 4.25
C LEU D 528 -33.14 9.03 4.52
N LEU D 529 -33.66 7.84 4.22
CA LEU D 529 -35.06 7.57 4.47
C LEU D 529 -35.40 7.62 5.95
N ALA D 530 -34.52 7.08 6.80
CA ALA D 530 -34.75 7.12 8.24
C ALA D 530 -34.89 8.56 8.74
N PHE D 531 -33.91 9.40 8.41
CA PHE D 531 -33.97 10.76 8.92
C PHE D 531 -35.07 11.57 8.24
N ALA D 532 -35.42 11.25 6.99
CA ALA D 532 -36.55 11.90 6.36
C ALA D 532 -37.83 11.57 7.09
N ASN D 533 -38.00 10.30 7.47
CA ASN D 533 -39.19 9.91 8.24
C ASN D 533 -39.25 10.66 9.57
N GLY D 534 -38.12 10.74 10.27
CA GLY D 534 -38.11 11.44 11.54
C GLY D 534 -38.43 12.92 11.41
N LEU D 535 -37.77 13.60 10.46
CA LEU D 535 -37.98 15.02 10.28
C LEU D 535 -39.41 15.33 9.81
N ASN D 536 -39.96 14.51 8.91
CA ASN D 536 -41.34 14.73 8.48
C ASN D 536 -42.30 14.52 9.64
N GLN D 537 -42.10 13.44 10.42
CA GLN D 537 -42.95 13.21 11.58
C GLN D 537 -42.92 14.40 12.52
N LEU D 538 -41.74 15.00 12.70
CA LEU D 538 -41.64 16.13 13.63
C LEU D 538 -42.29 17.39 13.06
N TYR D 539 -42.10 17.66 11.77
CA TYR D 539 -42.40 18.98 11.22
C TYR D 539 -43.71 19.08 10.44
N PHE D 540 -44.41 17.97 10.21
CA PHE D 540 -45.59 18.07 9.35
C PHE D 540 -46.75 18.83 9.98
N TYR D 541 -46.68 19.12 11.29
CA TYR D 541 -47.77 19.84 11.94
C TYR D 541 -47.78 21.31 11.56
N TYR D 542 -46.63 21.90 11.26
CA TYR D 542 -46.50 23.33 11.03
C TYR D 542 -46.50 23.68 9.54
N GLU D 543 -47.13 22.85 8.71
CA GLU D 543 -47.19 23.12 7.28
C GLU D 543 -48.00 24.39 7.02
N THR D 544 -47.49 25.24 6.14
CA THR D 544 -48.09 26.52 5.84
C THR D 544 -48.46 26.60 4.36
N ARG D 545 -49.54 27.32 4.07
CA ARG D 545 -49.98 27.50 2.70
C ARG D 545 -49.02 28.41 1.94
N ALA D 546 -49.02 28.27 0.61
CA ALA D 546 -48.15 29.09 -0.23
C ALA D 546 -48.52 30.56 -0.17
N ILE D 547 -49.79 30.87 0.10
CA ILE D 547 -50.23 32.27 0.17
C ILE D 547 -49.55 32.97 1.36
N ASP D 548 -49.39 32.26 2.47
CA ASP D 548 -48.75 32.84 3.65
C ASP D 548 -47.28 33.17 3.42
N GLU D 549 -46.66 32.57 2.41
CA GLU D 549 -45.24 32.81 2.15
C GLU D 549 -45.05 34.24 1.60
N PRO D 550 -43.88 34.83 1.83
CA PRO D 550 -43.68 36.24 1.43
C PRO D 550 -43.86 36.51 -0.04
N ASN D 551 -43.50 35.55 -0.91
CA ASN D 551 -43.58 35.75 -2.35
C ASN D 551 -44.51 34.72 -3.01
N ASN D 552 -45.43 34.13 -2.24
CA ASN D 552 -46.33 33.09 -2.73
C ASN D 552 -45.55 31.89 -3.27
N CYS D 553 -44.34 31.67 -2.77
CA CYS D 553 -43.49 30.57 -3.18
C CYS D 553 -43.32 29.63 -1.99
N LYS D 554 -43.65 28.35 -2.20
CA LYS D 554 -43.56 27.34 -1.15
C LYS D 554 -42.53 26.29 -1.55
N GLY D 555 -41.75 25.84 -0.58
CA GLY D 555 -40.74 24.83 -0.80
C GLY D 555 -39.34 25.36 -0.56
N ILE D 556 -38.35 24.55 -0.95
CA ILE D 556 -36.96 24.90 -0.70
C ILE D 556 -36.29 25.58 -1.89
N ARG D 557 -36.94 25.61 -3.06
CA ARG D 557 -36.38 26.26 -4.23
C ARG D 557 -36.79 27.72 -4.34
N CYS D 558 -37.23 28.33 -3.23
CA CYS D 558 -37.55 29.74 -3.18
C CYS D 558 -36.37 30.52 -2.62
N GLU D 559 -36.41 31.84 -2.80
CA GLU D 559 -35.33 32.69 -2.30
C GLU D 559 -35.21 32.58 -0.78
N LYS D 560 -36.34 32.58 -0.08
CA LYS D 560 -36.38 32.25 1.34
C LYS D 560 -36.97 30.85 1.46
N GLN D 561 -36.12 29.89 1.81
CA GLN D 561 -36.56 28.50 1.91
C GLN D 561 -37.59 28.35 3.04
N ASN D 562 -38.62 27.53 2.77
CA ASN D 562 -39.67 27.30 3.74
C ASN D 562 -40.28 25.93 3.49
N ASN D 563 -40.96 25.39 4.50
CA ASN D 563 -41.62 24.10 4.42
C ASN D 563 -40.65 23.01 3.97
N ALA D 564 -39.44 23.03 4.53
CA ALA D 564 -38.41 22.08 4.10
C ALA D 564 -38.80 20.65 4.45
N PHE D 565 -39.44 20.44 5.61
CA PHE D 565 -39.75 19.11 6.10
C PHE D 565 -41.25 18.88 6.27
N SER D 566 -42.08 19.69 5.59
CA SER D 566 -43.52 19.60 5.80
C SER D 566 -44.09 18.30 5.23
N THR D 567 -43.61 17.87 4.07
CA THR D 567 -44.06 16.63 3.45
C THR D 567 -42.86 15.72 3.23
N LEU D 568 -43.15 14.42 3.08
CA LEU D 568 -42.08 13.44 2.95
C LEU D 568 -41.27 13.66 1.68
N PHE D 569 -41.95 13.98 0.57
CA PHE D 569 -41.25 14.26 -0.68
C PHE D 569 -40.33 15.47 -0.54
N GLU D 570 -40.86 16.55 0.03
CA GLU D 570 -40.05 17.73 0.26
C GLU D 570 -38.94 17.47 1.26
N THR D 571 -39.22 16.65 2.29
CA THR D 571 -38.18 16.29 3.25
C THR D 571 -37.05 15.53 2.59
N LEU D 572 -37.37 14.60 1.70
CA LEU D 572 -36.35 13.86 0.98
C LEU D 572 -35.50 14.81 0.14
N GLN D 573 -36.16 15.73 -0.58
CA GLN D 573 -35.39 16.69 -1.38
C GLN D 573 -34.52 17.58 -0.50
N SER D 574 -35.03 18.01 0.65
CA SER D 574 -34.25 18.87 1.54
C SER D 574 -33.03 18.15 2.09
N LEU D 575 -33.20 16.88 2.49
CA LEU D 575 -32.06 16.13 2.96
C LEU D 575 -31.07 15.85 1.84
N PHE D 576 -31.55 15.73 0.61
CA PHE D 576 -30.64 15.61 -0.53
C PHE D 576 -29.80 16.87 -0.69
N TRP D 577 -30.45 18.04 -0.71
CA TRP D 577 -29.73 19.28 -0.99
C TRP D 577 -28.85 19.72 0.17
N SER D 578 -29.10 19.22 1.39
CA SER D 578 -28.21 19.55 2.49
C SER D 578 -26.85 18.88 2.35
N VAL D 579 -26.75 17.82 1.53
CA VAL D 579 -25.46 17.20 1.26
C VAL D 579 -24.53 18.19 0.57
N PHE D 580 -25.08 19.02 -0.30
CA PHE D 580 -24.30 20.00 -1.04
C PHE D 580 -24.32 21.37 -0.38
N GLY D 581 -24.92 21.49 0.80
CA GLY D 581 -24.93 22.72 1.55
C GLY D 581 -25.89 23.77 1.07
N LEU D 582 -26.82 23.42 0.18
CA LEU D 582 -27.75 24.40 -0.37
C LEU D 582 -29.00 24.58 0.47
N LEU D 583 -29.17 23.78 1.53
CA LEU D 583 -30.29 23.95 2.45
C LEU D 583 -29.85 24.84 3.60
N ASN D 584 -30.53 25.97 3.78
CA ASN D 584 -30.17 26.91 4.83
C ASN D 584 -30.67 26.42 6.18
N LEU D 585 -30.06 26.95 7.25
CA LEU D 585 -30.35 26.45 8.59
C LEU D 585 -31.70 26.89 9.10
N TYR D 586 -32.16 28.09 8.71
CA TYR D 586 -33.40 28.62 9.26
C TYR D 586 -34.62 27.80 8.86
N VAL D 587 -34.47 26.84 7.94
CA VAL D 587 -35.57 25.95 7.60
C VAL D 587 -35.94 25.07 8.79
N THR D 588 -35.06 24.96 9.80
CA THR D 588 -35.38 24.23 11.01
C THR D 588 -36.13 25.09 12.03
N ASN D 589 -36.76 26.17 11.60
CA ASN D 589 -37.44 27.11 12.48
C ASN D 589 -38.92 27.15 12.14
N VAL D 590 -39.75 27.32 13.16
CA VAL D 590 -41.20 27.38 12.99
C VAL D 590 -41.72 28.68 13.57
N LYS D 591 -42.90 29.08 13.09
CA LYS D 591 -43.48 30.36 13.52
C LYS D 591 -43.87 30.32 14.98
N ALA D 592 -44.37 29.19 15.47
CA ALA D 592 -44.72 29.07 16.88
C ALA D 592 -43.45 29.09 17.74
N ARG D 593 -43.62 29.47 19.00
CA ARG D 593 -42.50 29.53 19.94
C ARG D 593 -42.25 28.17 20.61
N HIS D 594 -42.12 27.13 19.78
CA HIS D 594 -41.85 25.78 20.26
C HIS D 594 -40.35 25.54 20.14
N GLU D 595 -39.60 26.11 21.09
CA GLU D 595 -38.15 26.05 21.02
C GLU D 595 -37.63 24.62 21.20
N PHE D 596 -38.32 23.80 22.01
CA PHE D 596 -37.90 22.41 22.14
C PHE D 596 -38.06 21.66 20.82
N THR D 597 -39.19 21.87 20.14
CA THR D 597 -39.40 21.22 18.84
C THR D 597 -38.38 21.68 17.82
N GLU D 598 -38.09 22.98 17.79
CA GLU D 598 -37.10 23.51 16.87
C GLU D 598 -35.72 22.93 17.16
N PHE D 599 -35.35 22.84 18.44
CA PHE D 599 -34.04 22.29 18.78
C PHE D 599 -33.96 20.81 18.42
N VAL D 600 -35.03 20.05 18.65
CA VAL D 600 -35.01 18.63 18.32
C VAL D 600 -34.90 18.43 16.81
N GLY D 601 -35.65 19.21 16.03
CA GLY D 601 -35.52 19.14 14.59
C GLY D 601 -34.13 19.53 14.12
N ALA D 602 -33.56 20.58 14.73
CA ALA D 602 -32.20 20.99 14.38
C ALA D 602 -31.19 19.92 14.73
N THR D 603 -31.41 19.21 15.84
CA THR D 603 -30.49 18.14 16.23
C THR D 603 -30.59 16.96 15.28
N MET D 604 -31.82 16.61 14.86
CA MET D 604 -31.97 15.57 13.85
C MET D 604 -31.26 15.95 12.56
N PHE D 605 -31.43 17.21 12.13
CA PHE D 605 -30.77 17.69 10.93
C PHE D 605 -29.25 17.68 11.08
N GLY D 606 -28.76 18.06 12.25
CA GLY D 606 -27.32 18.04 12.50
C GLY D 606 -26.75 16.64 12.53
N THR D 607 -27.48 15.69 13.12
CA THR D 607 -27.02 14.31 13.11
C THR D 607 -27.02 13.73 11.70
N TYR D 608 -28.04 14.07 10.90
CA TYR D 608 -28.02 13.66 9.51
C TYR D 608 -26.82 14.23 8.78
N ASN D 609 -26.52 15.51 9.02
CA ASN D 609 -25.34 16.12 8.41
C ASN D 609 -24.08 15.38 8.82
N VAL D 610 -23.93 15.13 10.13
CA VAL D 610 -22.73 14.47 10.64
C VAL D 610 -22.55 13.13 9.96
N ILE D 611 -23.60 12.30 9.96
CA ILE D 611 -23.50 10.98 9.35
C ILE D 611 -23.14 11.16 7.87
N SER D 612 -24.06 11.75 7.11
CA SER D 612 -23.96 11.73 5.65
C SER D 612 -22.66 12.36 5.14
N LEU D 613 -22.11 13.34 5.86
CA LEU D 613 -20.90 14.00 5.38
C LEU D 613 -19.65 13.49 6.07
N VAL D 614 -19.58 13.57 7.40
CA VAL D 614 -18.35 13.22 8.10
C VAL D 614 -18.11 11.71 8.02
N VAL D 615 -19.14 10.90 8.26
CA VAL D 615 -18.93 9.48 8.39
C VAL D 615 -19.09 8.75 7.06
N LEU D 616 -20.20 8.99 6.36
CA LEU D 616 -20.49 8.22 5.16
C LEU D 616 -19.61 8.64 3.99
N LEU D 617 -19.38 9.94 3.81
CA LEU D 617 -18.62 10.39 2.64
C LEU D 617 -17.14 10.01 2.76
N ASN D 618 -16.57 10.10 3.96
CA ASN D 618 -15.19 9.68 4.15
C ASN D 618 -15.04 8.17 3.99
N MET D 619 -16.04 7.40 4.45
CA MET D 619 -16.01 5.95 4.23
C MET D 619 -16.10 5.64 2.75
N LEU D 620 -16.90 6.40 2.00
CA LEU D 620 -16.95 6.24 0.55
C LEU D 620 -15.60 6.53 -0.08
N ILE D 621 -14.91 7.58 0.39
CA ILE D 621 -13.59 7.91 -0.13
C ILE D 621 -12.62 6.76 0.15
N ALA D 622 -12.66 6.19 1.36
CA ALA D 622 -11.78 5.08 1.69
C ALA D 622 -12.06 3.86 0.82
N MET D 623 -13.33 3.54 0.61
CA MET D 623 -13.70 2.42 -0.25
C MET D 623 -13.19 2.65 -1.68
N MET D 624 -13.35 3.87 -2.19
CA MET D 624 -12.88 4.17 -3.55
C MET D 624 -11.37 4.04 -3.64
N ASN D 625 -10.65 4.52 -2.62
CA ASN D 625 -9.19 4.38 -2.61
C ASN D 625 -8.80 2.91 -2.69
N ASN D 626 -9.39 2.08 -1.84
CA ASN D 626 -9.03 0.67 -1.83
C ASN D 626 -9.36 0.01 -3.16
N SER D 627 -10.56 0.27 -3.70
CA SER D 627 -10.96 -0.37 -4.94
C SER D 627 -10.09 0.08 -6.11
N TYR D 628 -9.75 1.37 -6.17
CA TYR D 628 -8.91 1.86 -7.25
C TYR D 628 -7.50 1.29 -7.16
N GLN D 629 -6.95 1.15 -5.96
CA GLN D 629 -5.67 0.49 -5.81
C GLN D 629 -5.74 -0.97 -6.24
N LEU D 630 -6.84 -1.64 -5.92
CA LEU D 630 -7.01 -3.03 -6.31
C LEU D 630 -7.08 -3.18 -7.82
N ILE D 631 -7.80 -2.28 -8.50
CA ILE D 631 -8.06 -2.44 -9.93
C ILE D 631 -7.05 -1.72 -10.81
N ALA D 632 -6.03 -1.10 -10.21
CA ALA D 632 -5.00 -0.42 -11.00
C ALA D 632 -4.03 -1.41 -11.66
N ASP D 633 -3.88 -2.61 -11.10
CA ASP D 633 -2.95 -3.58 -11.67
C ASP D 633 -3.46 -4.14 -12.99
N HIS D 634 -4.76 -4.41 -13.08
CA HIS D 634 -5.36 -5.05 -14.24
C HIS D 634 -6.03 -4.07 -15.19
N ALA D 635 -5.76 -2.78 -15.05
CA ALA D 635 -6.42 -1.78 -15.89
C ALA D 635 -6.08 -1.97 -17.36
N ASP D 636 -4.81 -2.26 -17.66
CA ASP D 636 -4.38 -2.38 -19.05
C ASP D 636 -5.06 -3.54 -19.75
N ILE D 637 -5.14 -4.70 -19.09
CA ILE D 637 -5.75 -5.88 -19.72
C ILE D 637 -7.23 -5.65 -19.96
N GLU D 638 -7.93 -5.10 -18.98
CA GLU D 638 -9.36 -4.82 -19.14
C GLU D 638 -9.59 -3.80 -20.26
N TRP D 639 -8.75 -2.77 -20.31
CA TRP D 639 -8.89 -1.77 -21.37
C TRP D 639 -8.65 -2.39 -22.74
N LYS D 640 -7.64 -3.25 -22.85
CA LYS D 640 -7.37 -3.86 -24.15
C LYS D 640 -8.50 -4.79 -24.56
N PHE D 641 -9.11 -5.48 -23.60
CA PHE D 641 -10.27 -6.31 -23.92
C PHE D 641 -11.43 -5.45 -24.43
N ALA D 642 -11.72 -4.35 -23.73
CA ALA D 642 -12.80 -3.46 -24.15
C ALA D 642 -12.52 -2.85 -25.52
N ARG D 643 -11.28 -2.43 -25.76
CA ARG D 643 -10.93 -1.85 -27.05
C ARG D 643 -10.96 -2.88 -28.15
N THR D 644 -10.61 -4.13 -27.86
CA THR D 644 -10.76 -5.17 -28.87
C THR D 644 -12.22 -5.36 -29.23
N LYS D 645 -13.10 -5.36 -28.23
CA LYS D 645 -14.53 -5.46 -28.53
C LYS D 645 -14.99 -4.28 -29.40
N LEU D 646 -14.52 -3.06 -29.07
CA LEU D 646 -14.89 -1.90 -29.87
C LEU D 646 -14.40 -2.02 -31.30
N TRP D 647 -13.14 -2.43 -31.49
CA TRP D 647 -12.58 -2.59 -32.83
C TRP D 647 -13.34 -3.64 -33.62
N MET D 648 -13.65 -4.77 -32.98
CA MET D 648 -14.36 -5.84 -33.67
C MET D 648 -15.79 -5.44 -34.02
N SER D 649 -16.39 -4.54 -33.25
CA SER D 649 -17.71 -4.05 -33.59
C SER D 649 -17.73 -3.34 -34.95
N TYR D 650 -16.58 -2.84 -35.41
CA TYR D 650 -16.47 -2.17 -36.70
C TYR D 650 -15.88 -3.07 -37.79
N PHE D 651 -15.74 -4.36 -37.53
CA PHE D 651 -15.27 -5.30 -38.54
C PHE D 651 -16.39 -5.83 -39.42
N ASP D 652 -17.64 -5.69 -39.01
CA ASP D 652 -18.77 -6.30 -39.71
C ASP D 652 -19.27 -5.41 -40.83
N GLU D 653 -19.84 -6.05 -41.86
CA GLU D 653 -20.42 -5.30 -42.97
C GLU D 653 -21.63 -4.49 -42.53
N GLY D 654 -22.47 -5.05 -41.66
CA GLY D 654 -23.66 -4.35 -41.23
C GLY D 654 -23.33 -3.13 -40.40
N GLY D 655 -24.17 -2.10 -40.56
CA GLY D 655 -23.96 -0.86 -39.83
C GLY D 655 -22.82 0.00 -40.35
N THR D 656 -22.41 -0.20 -41.60
CA THR D 656 -21.31 0.59 -42.16
C THR D 656 -21.66 2.07 -42.22
N LEU D 657 -22.86 2.39 -42.70
CA LEU D 657 -23.28 3.78 -42.85
C LEU D 657 -23.75 4.33 -41.51
N PRO D 658 -23.17 5.42 -41.01
CA PRO D 658 -23.68 6.04 -39.78
C PRO D 658 -24.98 6.77 -40.05
N PRO D 659 -25.74 7.10 -39.01
CA PRO D 659 -26.96 7.89 -39.21
C PRO D 659 -26.60 9.28 -39.72
N PRO D 660 -27.46 9.90 -40.54
CA PRO D 660 -28.78 9.39 -40.95
C PRO D 660 -28.73 8.56 -42.23
N PHE D 661 -27.53 8.26 -42.73
CA PHE D 661 -27.40 7.56 -44.01
C PHE D 661 -27.80 6.09 -43.94
N ASN D 662 -28.02 5.54 -42.73
CA ASN D 662 -28.41 4.15 -42.61
C ASN D 662 -29.87 3.90 -43.00
N ILE D 663 -30.70 4.94 -43.03
CA ILE D 663 -32.11 4.76 -43.38
C ILE D 663 -32.39 5.03 -44.85
N ILE D 664 -31.47 5.63 -45.59
CA ILE D 664 -31.65 5.89 -47.00
C ILE D 664 -31.61 4.57 -47.76
N SER D 706 -12.48 -27.50 -44.68
CA SER D 706 -12.55 -27.69 -43.23
C SER D 706 -11.52 -28.71 -42.76
N LEU D 707 -11.33 -29.80 -43.53
CA LEU D 707 -10.36 -30.82 -43.15
C LEU D 707 -8.93 -30.29 -43.17
N ILE D 708 -8.56 -29.54 -44.21
CA ILE D 708 -7.21 -29.00 -44.28
C ILE D 708 -7.00 -27.92 -43.21
N GLN D 709 -8.05 -27.14 -42.92
CA GLN D 709 -7.96 -26.17 -41.82
C GLN D 709 -7.73 -26.88 -40.50
N ASN D 710 -8.46 -27.99 -40.26
CA ASN D 710 -8.28 -28.76 -39.04
C ASN D 710 -6.88 -29.35 -38.96
N GLN D 711 -6.35 -29.84 -40.08
CA GLN D 711 -5.00 -30.39 -40.07
C GLN D 711 -3.96 -29.32 -39.75
N HIS D 712 -4.09 -28.14 -40.37
CA HIS D 712 -3.16 -27.05 -40.09
C HIS D 712 -3.26 -26.62 -38.63
N TYR D 713 -4.48 -26.51 -38.10
CA TYR D 713 -4.65 -26.17 -36.70
C TYR D 713 -4.03 -27.22 -35.79
N GLN D 714 -4.18 -28.50 -36.15
CA GLN D 714 -3.62 -29.57 -35.34
C GLN D 714 -2.10 -29.51 -35.31
N GLU D 715 -1.47 -29.27 -36.46
CA GLU D 715 -0.01 -29.22 -36.46
C GLU D 715 0.49 -27.99 -35.70
N VAL D 716 -0.18 -26.85 -35.86
CA VAL D 716 0.20 -25.67 -35.10
C VAL D 716 0.03 -25.91 -33.60
N ILE D 717 -1.06 -26.59 -33.22
CA ILE D 717 -1.30 -26.87 -31.80
C ILE D 717 -0.25 -27.83 -31.26
N ARG D 718 0.16 -28.82 -32.06
CA ARG D 718 1.21 -29.74 -31.63
C ARG D 718 2.51 -28.99 -31.38
N ASN D 719 2.88 -28.09 -32.30
CA ASN D 719 4.08 -27.28 -32.09
C ASN D 719 3.96 -26.41 -30.83
N LEU D 720 2.79 -25.79 -30.64
CA LEU D 720 2.58 -24.95 -29.46
C LEU D 720 2.69 -25.75 -28.17
N VAL D 721 2.12 -26.95 -28.16
CA VAL D 721 2.16 -27.77 -26.95
C VAL D 721 3.59 -28.20 -26.64
N LYS D 722 4.35 -28.62 -27.67
CA LYS D 722 5.75 -28.95 -27.44
C LYS D 722 6.51 -27.77 -26.84
N ARG D 723 6.35 -26.59 -27.46
CA ARG D 723 7.08 -25.41 -26.99
C ARG D 723 6.67 -25.05 -25.57
N TYR D 724 5.36 -25.12 -25.27
CA TYR D 724 4.87 -24.77 -23.94
C TYR D 724 5.40 -25.72 -22.89
N VAL D 725 5.40 -27.02 -23.19
CA VAL D 725 5.91 -28.01 -22.23
C VAL D 725 7.39 -27.76 -21.96
N ALA D 726 8.18 -27.55 -23.02
CA ALA D 726 9.59 -27.29 -22.83
C ALA D 726 9.82 -26.02 -22.01
N ALA D 727 9.08 -24.96 -22.34
CA ALA D 727 9.25 -23.68 -21.65
C ALA D 727 8.88 -23.79 -20.18
N MET D 728 7.79 -24.50 -19.87
CA MET D 728 7.34 -24.61 -18.48
C MET D 728 8.26 -25.51 -17.67
N ILE D 729 8.78 -26.57 -18.27
CA ILE D 729 9.79 -27.39 -17.59
C ILE D 729 11.03 -26.57 -17.30
N ARG D 730 11.47 -25.78 -18.28
CA ARG D 730 12.62 -24.89 -18.09
C ARG D 730 12.36 -23.90 -16.96
N ASN D 731 11.16 -23.31 -16.93
CA ASN D 731 10.84 -22.33 -15.90
C ASN D 731 10.80 -22.96 -14.51
N SER D 732 10.24 -24.17 -14.41
CA SER D 732 10.21 -24.86 -13.12
C SER D 732 11.62 -25.22 -12.66
N LYS D 733 12.48 -25.68 -13.57
CA LYS D 733 13.85 -26.01 -13.21
C LYS D 733 14.63 -24.76 -12.80
N THR D 734 14.45 -23.66 -13.51
CA THR D 734 15.16 -22.42 -13.21
C THR D 734 14.50 -21.60 -12.12
N THR D 739 14.12 -26.73 -1.39
CA THR D 739 13.34 -27.46 -0.40
C THR D 739 14.26 -28.21 0.55
N GLU D 740 13.75 -28.46 1.75
CA GLU D 740 14.44 -29.31 2.72
C GLU D 740 14.56 -30.75 2.21
N GLU D 741 13.58 -31.20 1.44
CA GLU D 741 13.63 -32.55 0.90
C GLU D 741 14.80 -32.74 -0.05
N ASN D 742 15.22 -31.68 -0.75
CA ASN D 742 16.40 -31.78 -1.61
C ASN D 742 17.65 -32.05 -0.78
N PHE D 743 17.81 -31.34 0.34
CA PHE D 743 18.95 -31.60 1.21
C PHE D 743 18.87 -32.98 1.84
N LYS D 744 17.65 -33.43 2.17
CA LYS D 744 17.49 -34.79 2.69
C LYS D 744 17.92 -35.82 1.65
N GLU D 745 17.55 -35.61 0.38
CA GLU D 745 17.97 -36.51 -0.68
C GLU D 745 19.48 -36.49 -0.87
N LEU D 746 20.09 -35.30 -0.78
CA LEU D 746 21.55 -35.20 -0.88
C LEU D 746 22.23 -35.97 0.25
N LYS D 747 21.73 -35.80 1.48
CA LYS D 747 22.28 -36.55 2.61
C LYS D 747 22.10 -38.05 2.40
N GLN D 748 20.94 -38.46 1.88
CA GLN D 748 20.69 -39.87 1.62
C GLN D 748 21.67 -40.43 0.60
N ASP D 749 21.91 -39.68 -0.48
CA ASP D 749 22.85 -40.14 -1.50
C ASP D 749 24.26 -40.26 -0.92
N ILE D 750 24.69 -39.25 -0.15
CA ILE D 750 26.02 -39.29 0.43
C ILE D 750 26.16 -40.46 1.40
N SER D 751 25.15 -40.70 2.23
CA SER D 751 25.21 -41.79 3.20
C SER D 751 25.20 -43.15 2.50
N SER D 752 24.40 -43.30 1.44
CA SER D 752 24.39 -44.56 0.71
C SER D 752 25.74 -44.82 0.05
N PHE D 753 26.33 -43.79 -0.55
CA PHE D 753 27.67 -43.93 -1.13
C PHE D 753 28.68 -44.30 -0.05
N ARG D 754 28.58 -43.67 1.12
CA ARG D 754 29.51 -43.93 2.22
C ARG D 754 29.40 -45.38 2.68
N TYR D 755 28.16 -45.87 2.85
CA TYR D 755 27.98 -47.25 3.29
C TYR D 755 28.48 -48.23 2.25
N GLU D 756 28.23 -47.97 0.97
CA GLU D 756 28.73 -48.86 -0.08
C GLU D 756 30.26 -48.90 -0.08
N VAL D 757 30.91 -47.74 0.04
CA VAL D 757 32.37 -47.70 0.05
C VAL D 757 32.92 -48.42 1.27
N LEU D 758 32.32 -48.19 2.44
CA LEU D 758 32.79 -48.84 3.66
C LEU D 758 32.64 -50.35 3.56
N ASP D 759 31.51 -50.83 3.03
CA ASP D 759 31.33 -52.27 2.87
C ASP D 759 32.35 -52.85 1.90
N LEU D 760 32.58 -52.16 0.77
CA LEU D 760 33.53 -52.67 -0.22
C LEU D 760 34.94 -52.72 0.36
N LEU D 761 35.34 -51.70 1.11
CA LEU D 761 36.68 -51.68 1.68
C LEU D 761 36.82 -52.64 2.86
#